data_8GYY
#
_entry.id   8GYY
#
_cell.length_a   228.429
_cell.length_b   89.230
_cell.length_c   218.087
_cell.angle_alpha   90.00
_cell.angle_beta   90.00
_cell.angle_gamma   90.00
#
_symmetry.space_group_name_H-M   'P 21 21 2'
#
loop_
_entity.id
_entity.type
_entity.pdbx_description
1 polymer Beta-D-xylosidase/beta-D-glucosidase
2 branched 2-acetamido-2-deoxy-beta-D-glucopyranose-(1-4)-2-acetamido-2-deoxy-beta-D-glucopyranose
3 branched alpha-D-mannopyranose-(1-2)-alpha-D-mannopyranose-(1-3)-beta-D-mannopyranose-(1-4)-2-acetamido-2-deoxy-beta-D-glucopyranose-(1-4)-2-acetamido-2-deoxy-beta-D-glucopyranose
4 branched beta-D-mannopyranose-(1-3)-alpha-D-mannopyranose
5 branched 2-acetamido-2-deoxy-beta-D-glucopyranose-(1-4)-2-acetamido-2-deoxy-beta-D-glucopyranose-(1-4)-2-acetamido-2-deoxy-beta-D-glucopyranose
6 branched alpha-D-mannopyranose-(1-2)-beta-D-mannopyranose-(1-3)-1-deoxy-alpha-D-mannopyranose-(1-4)-2-acetamido-2-deoxy-beta-D-glucopyranose-(1-4)-2-acetamido-2-deoxy-beta-D-glucopyranose
7 branched alpha-D-mannopyranose-(1-4)-2-acetamido-2-deoxy-beta-D-glucopyranose-(1-4)-2-acetamido-2-deoxy-beta-D-glucopyranose
8 non-polymer Deacetyltaxol
9 non-polymer D-xylose
10 non-polymer alpha-D-mannopyranose
11 non-polymer 2-acetamido-2-deoxy-beta-D-glucopyranose
12 non-polymer beta-D-mannopyranose
13 water water
#
_entity_poly.entity_id   1
_entity_poly.type   'polypeptide(L)'
_entity_poly.pdbx_seq_one_letter_code
;MFPARLSLAVLFSVSPALAYFSGLGLGSERSIFRRDLNSTGDESNSTQWPAPLANGGKSWASAFKKAKATVTEMTVEELA
NITSGVIGLCSGVTGAVTRLGIPEFCLQDGPIGPRGVHGSSQFPAGLTVAATWDRTLMYARARGMGQEFHDQGVHLALAP
VTGGPLGRTPLNGRGWEGTFADPYACGEASYLSVKGLTDAGVATVSKHWIAYEQETSRNLYIDIDGVSQADIQLPISSNV
DDLTMHELYMWSFAEAVRAGTNHIMCSYNRINNTHSCSNAKGLNQLLKTELNFQGGVVSDWGGQWDSVPAAENGLDVAMP
GKGFLGALGDFWGATLVELINNGTVSEDLVRDKAVRILTGYYYLGQDTNPPPPFVYNTIGAPTLNATSGYRNVRKPGTAE
LIKEIGSASVTLLKNTGSLPLKHPQRIAVLGNDATYNVLGPNACGLANSACDIDNLNGTLTTGGGSGSALSPYTITPLEA
LQKRAIEDNAEIAAVVANSNTTTGAEDAIAALLPDADVTFVFLNRYSEEGADAPDFSLGGDGDNLMDLAVTYSSNVVVVI
HTTGVVDIEKWADNPNVTAILVAYLPGQEAGNSLVPVLYGDVAPSGKLPWTWGKSIDDYVPNGVVYTDAYSPQSNFTEGV
FIDYRWFDKMGITPRYEFGFGLSYTTFTYSNLIVDHGRWAKDYSSVMETAEPFAEWDGTNSLYDVIFTVFATITNTGNLT
GSEVAQLYISIPGDNQPVRQLRGFDKIKDLPVGDSAVVTFPIRRKDVSSWSVVDQLWYVPNGDFLISVGGSSRDLPLNTT
WTP
;
_entity_poly.pdbx_strand_id   B,A,C,D
#
loop_
_chem_comp.id
_chem_comp.type
_chem_comp.name
_chem_comp.formula
AH2 D-saccharide 1-deoxy-alpha-D-mannopyranose 'C6 H12 O5'
BKR non-polymer Deacetyltaxol 'C45 H49 N O13'
BMA D-saccharide, beta linking beta-D-mannopyranose 'C6 H12 O6'
MAN D-saccharide, alpha linking alpha-D-mannopyranose 'C6 H12 O6'
NAG D-saccharide, beta linking 2-acetamido-2-deoxy-beta-D-glucopyranose 'C8 H15 N O6'
XLS D-saccharide D-xylose 'C5 H10 O5'
#
# COMPACT_ATOMS: atom_id res chain seq x y z
N GLN A 48 -7.17 -40.85 2.81
CA GLN A 48 -6.82 -39.69 3.66
C GLN A 48 -8.13 -39.12 4.18
N TRP A 49 -8.64 -38.04 3.55
CA TRP A 49 -9.92 -37.44 3.94
C TRP A 49 -10.66 -37.05 2.66
N PRO A 50 -11.64 -37.86 2.21
CA PRO A 50 -12.26 -37.62 0.91
C PRO A 50 -13.27 -36.47 0.94
N ALA A 51 -13.67 -36.02 -0.25
CA ALA A 51 -14.47 -34.83 -0.44
C ALA A 51 -15.96 -35.15 -0.40
N PRO A 52 -16.70 -34.85 0.71
CA PRO A 52 -18.11 -35.24 0.82
C PRO A 52 -18.95 -34.39 -0.13
N LEU A 53 -19.85 -35.01 -0.89
CA LEU A 53 -20.58 -34.26 -1.90
C LEU A 53 -21.62 -33.34 -1.24
N ALA A 54 -21.84 -32.19 -1.87
CA ALA A 54 -22.88 -31.29 -1.43
C ALA A 54 -24.23 -31.98 -1.64
N ASN A 55 -25.17 -31.70 -0.72
CA ASN A 55 -26.54 -32.16 -0.84
C ASN A 55 -27.57 -31.05 -0.59
N GLY A 56 -27.14 -29.84 -0.24
CA GLY A 56 -28.07 -28.73 -0.01
C GLY A 56 -28.46 -28.52 1.45
N GLY A 57 -28.14 -29.46 2.37
CA GLY A 57 -28.40 -29.28 3.80
C GLY A 57 -29.88 -29.05 4.12
N LYS A 58 -30.15 -28.32 5.20
CA LYS A 58 -31.51 -27.99 5.62
C LYS A 58 -32.12 -26.93 4.70
N SER A 59 -31.66 -25.67 4.76
CA SER A 59 -32.40 -24.60 4.10
C SER A 59 -32.15 -24.51 2.60
N TRP A 60 -31.09 -25.14 2.04
CA TRP A 60 -30.72 -24.88 0.65
C TRP A 60 -31.20 -26.00 -0.26
N ALA A 61 -32.16 -26.80 0.21
CA ALA A 61 -32.51 -28.04 -0.48
C ALA A 61 -32.92 -27.75 -1.92
N SER A 62 -33.76 -26.75 -2.13
CA SER A 62 -34.27 -26.51 -3.47
C SER A 62 -33.22 -25.81 -4.31
N ALA A 63 -32.34 -25.08 -3.62
CA ALA A 63 -31.32 -24.31 -4.31
C ALA A 63 -30.25 -25.26 -4.82
N PHE A 64 -29.81 -26.18 -3.94
CA PHE A 64 -28.94 -27.28 -4.35
C PHE A 64 -29.46 -27.93 -5.64
N LYS A 65 -30.76 -28.26 -5.67
CA LYS A 65 -31.29 -29.04 -6.78
C LYS A 65 -31.28 -28.21 -8.06
N LYS A 66 -31.54 -26.91 -7.99
CA LYS A 66 -31.38 -26.07 -9.17
C LYS A 66 -29.91 -26.00 -9.59
N ALA A 67 -29.01 -25.96 -8.60
CA ALA A 67 -27.57 -25.90 -8.84
C ALA A 67 -27.09 -27.15 -9.59
N LYS A 68 -27.32 -28.35 -9.01
CA LYS A 68 -27.06 -29.63 -9.69
C LYS A 68 -27.59 -29.63 -11.12
N ALA A 69 -28.83 -29.27 -11.30
CA ALA A 69 -29.40 -29.25 -12.62
C ALA A 69 -28.54 -28.41 -13.55
N THR A 70 -28.24 -27.16 -13.18
CA THR A 70 -27.46 -26.28 -14.03
C THR A 70 -26.06 -26.86 -14.31
N VAL A 71 -25.40 -27.39 -13.27
CA VAL A 71 -24.04 -27.86 -13.38
C VAL A 71 -23.99 -29.04 -14.34
N THR A 72 -24.96 -29.96 -14.18
CA THR A 72 -25.13 -31.07 -15.10
C THR A 72 -25.02 -30.64 -16.57
N GLU A 73 -25.39 -29.41 -16.93
CA GLU A 73 -25.41 -29.03 -18.34
C GLU A 73 -24.05 -28.46 -18.79
N MET A 74 -23.09 -28.37 -17.88
CA MET A 74 -21.94 -27.51 -18.11
C MET A 74 -20.79 -28.32 -18.73
N THR A 75 -20.15 -27.71 -19.74
CA THR A 75 -18.93 -28.28 -20.30
C THR A 75 -17.79 -28.10 -19.32
N VAL A 76 -16.70 -28.84 -19.54
CA VAL A 76 -15.48 -28.70 -18.76
C VAL A 76 -14.95 -27.24 -18.76
N GLU A 77 -15.03 -26.54 -19.89
CA GLU A 77 -14.60 -25.16 -20.00
C GLU A 77 -15.45 -24.30 -19.05
N GLU A 78 -16.78 -24.51 -19.11
CA GLU A 78 -17.72 -23.80 -18.27
C GLU A 78 -17.40 -24.06 -16.80
N LEU A 79 -17.12 -25.32 -16.44
CA LEU A 79 -16.79 -25.59 -15.05
C LEU A 79 -15.58 -24.76 -14.60
N ALA A 80 -14.56 -24.65 -15.45
CA ALA A 80 -13.34 -23.95 -15.09
C ALA A 80 -13.52 -22.44 -15.19
N ASN A 81 -14.51 -22.06 -15.94
CA ASN A 81 -14.81 -20.63 -16.07
C ASN A 81 -15.38 -20.11 -14.75
N ILE A 82 -16.25 -20.88 -14.14
CA ILE A 82 -16.95 -20.38 -12.96
C ILE A 82 -16.11 -20.63 -11.68
N THR A 83 -15.24 -21.62 -11.70
CA THR A 83 -14.46 -21.93 -10.51
C THR A 83 -13.19 -21.09 -10.43
N SER A 84 -12.99 -20.10 -11.33
CA SER A 84 -11.77 -19.32 -11.27
C SER A 84 -12.02 -17.86 -11.62
N GLY A 85 -11.32 -16.97 -10.92
CA GLY A 85 -11.54 -15.53 -11.02
C GLY A 85 -11.24 -15.01 -12.42
N VAL A 86 -12.03 -14.03 -12.87
CA VAL A 86 -11.69 -13.27 -14.06
C VAL A 86 -11.53 -11.80 -13.69
N ILE A 87 -11.30 -10.98 -14.73
CA ILE A 87 -11.01 -9.55 -14.58
C ILE A 87 -12.33 -8.80 -14.55
N GLY A 88 -12.45 -7.86 -13.59
CA GLY A 88 -13.54 -6.91 -13.56
C GLY A 88 -13.40 -5.99 -12.36
N LEU A 89 -14.45 -5.23 -12.06
CA LEU A 89 -14.39 -4.07 -11.17
C LEU A 89 -14.39 -4.46 -9.69
N CYS A 90 -14.84 -5.68 -9.37
CA CYS A 90 -14.95 -6.10 -7.98
C CYS A 90 -13.68 -6.77 -7.50
N SER A 91 -13.53 -6.95 -6.20
CA SER A 91 -12.33 -7.57 -5.66
C SER A 91 -12.03 -8.89 -6.36
N GLY A 92 -13.06 -9.73 -6.53
CA GLY A 92 -13.00 -10.91 -7.39
C GLY A 92 -14.23 -11.02 -8.29
N VAL A 93 -14.10 -11.78 -9.38
CA VAL A 93 -15.22 -12.01 -10.28
C VAL A 93 -15.15 -13.43 -10.85
N THR A 94 -16.22 -14.23 -10.66
CA THR A 94 -16.34 -15.55 -11.27
C THR A 94 -16.67 -15.39 -12.75
N GLY A 95 -16.09 -16.27 -13.58
CA GLY A 95 -16.45 -16.27 -14.99
C GLY A 95 -17.93 -16.62 -15.16
N ALA A 96 -18.57 -16.01 -16.16
CA ALA A 96 -19.94 -16.33 -16.49
C ALA A 96 -20.02 -17.76 -17.00
N VAL A 97 -21.22 -18.36 -16.98
CA VAL A 97 -21.50 -19.49 -17.86
C VAL A 97 -22.48 -18.98 -18.91
N THR A 98 -21.95 -18.28 -19.92
CA THR A 98 -22.79 -17.35 -20.63
C THR A 98 -23.82 -18.10 -21.47
N ARG A 99 -23.59 -19.37 -21.76
CA ARG A 99 -24.49 -20.13 -22.64
C ARG A 99 -25.74 -20.58 -21.86
N LEU A 100 -25.61 -20.80 -20.54
CA LEU A 100 -26.72 -21.04 -19.64
C LEU A 100 -27.18 -19.75 -18.91
N GLY A 101 -26.79 -18.58 -19.41
CA GLY A 101 -27.20 -17.32 -18.83
C GLY A 101 -26.84 -17.15 -17.35
N ILE A 102 -25.83 -17.86 -16.83
CA ILE A 102 -25.28 -17.54 -15.52
C ILE A 102 -24.29 -16.39 -15.69
N PRO A 103 -24.42 -15.29 -14.95
CA PRO A 103 -23.52 -14.15 -15.14
C PRO A 103 -22.35 -14.21 -14.17
N GLU A 104 -21.39 -13.30 -14.40
CA GLU A 104 -20.27 -13.13 -13.50
C GLU A 104 -20.81 -12.80 -12.12
N PHE A 105 -20.25 -13.39 -11.06
CA PHE A 105 -20.56 -12.96 -9.71
C PHE A 105 -19.53 -11.97 -9.21
N CYS A 106 -20.01 -10.84 -8.66
CA CYS A 106 -19.16 -9.81 -8.08
C CYS A 106 -18.88 -10.25 -6.66
N LEU A 107 -17.61 -10.58 -6.34
CA LEU A 107 -17.18 -10.74 -4.96
C LEU A 107 -16.53 -9.44 -4.53
N GLN A 108 -16.95 -8.88 -3.39
CA GLN A 108 -16.52 -7.55 -2.98
C GLN A 108 -16.20 -7.51 -1.48
N ASP A 109 -15.00 -7.01 -1.16
CA ASP A 109 -14.70 -6.55 0.18
C ASP A 109 -15.73 -5.49 0.59
N GLY A 110 -15.94 -5.32 1.91
CA GLY A 110 -15.26 -6.06 2.96
C GLY A 110 -16.11 -6.06 4.23
N PRO A 111 -15.59 -6.46 5.39
CA PRO A 111 -16.44 -6.63 6.58
C PRO A 111 -16.97 -5.42 7.34
N ILE A 112 -16.79 -4.19 6.81
CA ILE A 112 -17.54 -3.05 7.33
C ILE A 112 -18.50 -2.53 6.27
N GLY A 113 -18.56 -3.18 5.11
CA GLY A 113 -19.39 -2.70 4.02
C GLY A 113 -18.61 -2.70 2.73
N PRO A 114 -19.27 -2.46 1.58
CA PRO A 114 -18.59 -2.48 0.29
C PRO A 114 -17.44 -1.46 0.25
N ARG A 115 -16.25 -1.95 -0.13
CA ARG A 115 -15.02 -1.17 -0.11
C ARG A 115 -14.72 -0.63 -1.50
N GLY A 116 -14.22 0.60 -1.55
CA GLY A 116 -13.82 1.22 -2.80
C GLY A 116 -15.00 1.72 -3.62
N VAL A 117 -16.14 1.94 -2.97
CA VAL A 117 -17.31 2.50 -3.62
C VAL A 117 -17.60 3.92 -3.08
N HIS A 118 -18.14 4.75 -3.95
CA HIS A 118 -18.74 6.01 -3.52
C HIS A 118 -20.23 5.74 -3.31
N GLY A 119 -20.90 6.66 -2.61
CA GLY A 119 -22.33 6.59 -2.45
C GLY A 119 -22.77 5.64 -1.35
N SER A 120 -21.84 5.28 -0.44
CA SER A 120 -22.12 4.35 0.64
C SER A 120 -21.73 4.98 1.95
N SER A 121 -21.90 4.23 3.03
CA SER A 121 -21.65 4.71 4.38
C SER A 121 -20.52 3.89 4.96
N GLN A 122 -19.79 4.50 5.87
CA GLN A 122 -18.69 3.81 6.53
C GLN A 122 -19.20 3.35 7.88
N PHE A 123 -19.41 2.03 8.02
CA PHE A 123 -19.97 1.52 9.26
C PHE A 123 -18.86 1.31 10.27
N PRO A 124 -19.21 1.14 11.57
CA PRO A 124 -18.22 0.84 12.58
C PRO A 124 -17.68 -0.55 12.36
N ALA A 125 -16.53 -0.83 12.95
CA ALA A 125 -15.86 -2.08 12.75
C ALA A 125 -16.53 -3.13 13.61
N GLY A 126 -16.29 -4.41 13.26
CA GLY A 126 -16.70 -5.53 14.07
C GLY A 126 -16.29 -5.31 15.52
N LEU A 127 -15.07 -4.82 15.70
CA LEU A 127 -14.58 -4.57 17.05
C LEU A 127 -15.56 -3.68 17.81
N THR A 128 -16.12 -2.70 17.08
CA THR A 128 -16.98 -1.68 17.67
C THR A 128 -18.33 -2.28 18.08
N VAL A 129 -19.05 -3.01 17.20
CA VAL A 129 -20.29 -3.69 17.62
C VAL A 129 -20.02 -4.65 18.77
N ALA A 130 -18.93 -5.42 18.70
CA ALA A 130 -18.67 -6.35 19.79
C ALA A 130 -18.83 -5.62 21.11
N ALA A 131 -18.26 -4.42 21.21
CA ALA A 131 -18.25 -3.65 22.45
C ALA A 131 -19.65 -3.20 22.88
N THR A 132 -20.62 -3.20 21.96
CA THR A 132 -21.99 -2.89 22.34
C THR A 132 -22.60 -4.01 23.18
N TRP A 133 -22.10 -5.24 22.98
CA TRP A 133 -22.64 -6.44 23.58
C TRP A 133 -24.15 -6.48 23.35
N ASP A 134 -24.58 -6.02 22.15
CA ASP A 134 -25.97 -5.87 21.81
C ASP A 134 -26.28 -6.66 20.53
N ARG A 135 -27.00 -7.79 20.70
CA ARG A 135 -27.33 -8.66 19.59
C ARG A 135 -28.13 -7.94 18.50
N THR A 136 -29.04 -7.05 18.91
CA THR A 136 -29.87 -6.28 17.99
C THR A 136 -29.02 -5.41 17.09
N LEU A 137 -28.03 -4.75 17.68
CA LEU A 137 -27.14 -3.89 16.92
C LEU A 137 -26.27 -4.76 16.00
N MET A 138 -25.81 -5.92 16.50
CA MET A 138 -24.92 -6.74 15.67
C MET A 138 -25.68 -7.13 14.40
N TYR A 139 -26.95 -7.47 14.56
CA TYR A 139 -27.76 -7.87 13.43
C TYR A 139 -28.03 -6.66 12.52
N ALA A 140 -28.50 -5.54 13.09
CA ALA A 140 -28.90 -4.42 12.26
C ALA A 140 -27.69 -3.86 11.48
N ARG A 141 -26.52 -3.81 12.13
CA ARG A 141 -25.28 -3.47 11.44
C ARG A 141 -25.16 -4.26 10.14
N ALA A 142 -25.27 -5.60 10.26
CA ALA A 142 -24.99 -6.47 9.12
C ALA A 142 -26.07 -6.28 8.05
N ARG A 143 -27.29 -6.01 8.51
CA ARG A 143 -28.44 -5.93 7.63
C ARG A 143 -28.28 -4.68 6.78
N GLY A 144 -27.90 -3.59 7.45
CA GLY A 144 -27.55 -2.34 6.78
C GLY A 144 -26.36 -2.50 5.83
N MET A 145 -25.25 -3.13 6.30
CA MET A 145 -24.13 -3.40 5.40
C MET A 145 -24.66 -4.16 4.19
N GLY A 146 -25.58 -5.08 4.48
CA GLY A 146 -26.16 -5.94 3.47
C GLY A 146 -26.91 -5.17 2.39
N GLN A 147 -27.80 -4.23 2.77
CA GLN A 147 -28.53 -3.52 1.72
C GLN A 147 -27.57 -2.72 0.84
N GLU A 148 -26.53 -2.17 1.45
CA GLU A 148 -25.58 -1.38 0.69
C GLU A 148 -24.78 -2.28 -0.27
N PHE A 149 -24.40 -3.48 0.17
CA PHE A 149 -23.75 -4.43 -0.73
C PHE A 149 -24.66 -4.83 -1.89
N HIS A 150 -25.90 -5.22 -1.56
CA HIS A 150 -26.84 -5.62 -2.58
C HIS A 150 -27.03 -4.48 -3.57
N ASP A 151 -27.29 -3.27 -3.06
CA ASP A 151 -27.71 -2.16 -3.91
C ASP A 151 -26.54 -1.60 -4.72
N GLN A 152 -25.31 -1.86 -4.26
CA GLN A 152 -24.13 -1.59 -5.09
C GLN A 152 -23.88 -2.68 -6.12
N GLY A 153 -24.50 -3.84 -5.96
CA GLY A 153 -24.46 -4.84 -7.04
C GLY A 153 -23.58 -6.05 -6.74
N VAL A 154 -23.31 -6.30 -5.45
CA VAL A 154 -22.42 -7.35 -5.02
C VAL A 154 -23.23 -8.62 -4.82
N HIS A 155 -22.77 -9.73 -5.42
CA HIS A 155 -23.33 -11.05 -5.17
C HIS A 155 -22.74 -11.66 -3.90
N LEU A 156 -21.42 -11.56 -3.72
CA LEU A 156 -20.77 -12.18 -2.57
C LEU A 156 -20.04 -11.11 -1.80
N ALA A 157 -20.35 -11.03 -0.52
CA ALA A 157 -19.66 -10.13 0.36
C ALA A 157 -18.51 -10.91 0.97
N LEU A 158 -17.29 -10.38 0.83
CA LEU A 158 -16.15 -10.96 1.49
C LEU A 158 -16.18 -10.53 2.95
N ALA A 159 -17.18 -11.09 3.65
CA ALA A 159 -17.47 -10.77 5.04
C ALA A 159 -18.47 -11.80 5.53
N PRO A 160 -18.66 -11.96 6.85
CA PRO A 160 -17.92 -11.23 7.87
C PRO A 160 -16.69 -11.99 8.29
N VAL A 161 -15.98 -11.45 9.29
CA VAL A 161 -14.85 -12.12 9.88
C VAL A 161 -15.40 -12.84 11.11
N THR A 162 -15.32 -14.18 11.07
CA THR A 162 -16.01 -15.04 12.01
C THR A 162 -14.99 -15.95 12.69
N GLY A 163 -13.99 -15.35 13.34
CA GLY A 163 -13.09 -16.12 14.19
C GLY A 163 -11.72 -16.41 13.57
N GLY A 164 -11.38 -15.77 12.43
CA GLY A 164 -10.02 -15.81 11.89
C GLY A 164 -9.58 -14.47 11.28
N PRO A 165 -8.84 -13.60 12.01
CA PRO A 165 -8.32 -13.88 13.34
C PRO A 165 -9.31 -13.72 14.48
N LEU A 166 -9.13 -14.54 15.52
CA LEU A 166 -9.98 -14.54 16.69
C LEU A 166 -9.35 -13.71 17.81
N GLY A 167 -8.03 -13.83 18.01
CA GLY A 167 -7.30 -12.91 18.89
C GLY A 167 -6.28 -13.57 19.81
N ARG A 168 -5.48 -14.48 19.25
CA ARG A 168 -4.38 -15.10 20.03
C ARG A 168 -3.38 -14.00 20.40
N THR A 169 -3.18 -13.01 19.51
CA THR A 169 -2.29 -11.91 19.85
C THR A 169 -3.05 -10.60 19.82
N PRO A 170 -2.88 -9.74 20.85
CA PRO A 170 -3.47 -8.40 20.85
C PRO A 170 -2.79 -7.41 19.92
N LEU A 171 -1.74 -7.87 19.21
CA LEU A 171 -1.02 -7.05 18.24
C LEU A 171 -1.51 -7.34 16.81
N ASN A 172 -2.46 -8.26 16.65
CA ASN A 172 -2.86 -8.63 15.32
C ASN A 172 -3.30 -7.38 14.59
N GLY A 173 -2.61 -7.09 13.48
CA GLY A 173 -2.88 -5.90 12.68
C GLY A 173 -4.32 -5.79 12.22
N ARG A 174 -4.98 -6.91 11.89
CA ARG A 174 -6.36 -6.84 11.42
C ARG A 174 -7.34 -7.44 12.44
N GLY A 175 -6.98 -7.46 13.73
CA GLY A 175 -7.86 -8.07 14.71
C GLY A 175 -9.18 -7.31 14.85
N TRP A 176 -9.14 -6.01 14.52
CA TRP A 176 -10.29 -5.13 14.61
C TRP A 176 -11.47 -5.55 13.71
N GLU A 177 -11.20 -6.38 12.69
CA GLU A 177 -12.21 -6.74 11.70
C GLU A 177 -13.15 -7.81 12.26
N GLY A 178 -12.64 -8.56 13.24
CA GLY A 178 -13.37 -9.57 13.98
C GLY A 178 -14.23 -8.89 15.05
N THR A 179 -14.41 -9.53 16.19
CA THR A 179 -15.34 -9.05 17.19
C THR A 179 -14.69 -9.23 18.55
N PHE A 180 -14.99 -10.34 19.24
CA PHE A 180 -14.46 -10.57 20.56
C PHE A 180 -13.26 -11.52 20.51
N ALA A 181 -12.44 -11.47 21.57
CA ALA A 181 -11.34 -12.41 21.76
C ALA A 181 -11.84 -13.57 22.61
N ASP A 182 -12.91 -14.20 22.10
CA ASP A 182 -13.70 -15.16 22.86
C ASP A 182 -14.56 -15.93 21.88
N PRO A 183 -14.47 -17.28 21.88
CA PRO A 183 -15.23 -18.09 20.92
C PRO A 183 -16.74 -17.93 21.07
N TYR A 184 -17.24 -17.92 22.32
CA TYR A 184 -18.69 -17.84 22.55
C TYR A 184 -19.21 -16.53 21.94
N ALA A 185 -18.74 -15.40 22.47
CA ALA A 185 -19.20 -14.11 22.03
C ALA A 185 -18.94 -13.92 20.54
N CYS A 186 -17.78 -14.34 20.04
CA CYS A 186 -17.50 -14.22 18.61
C CYS A 186 -18.47 -15.06 17.79
N GLY A 187 -18.79 -16.28 18.25
CA GLY A 187 -19.79 -17.12 17.61
C GLY A 187 -21.16 -16.43 17.48
N GLU A 188 -21.64 -15.84 18.58
CA GLU A 188 -22.89 -15.10 18.62
C GLU A 188 -22.89 -13.96 17.59
N ALA A 189 -21.85 -13.11 17.62
CA ALA A 189 -21.79 -11.97 16.73
C ALA A 189 -21.70 -12.44 15.28
N SER A 190 -21.03 -13.58 15.08
CA SER A 190 -20.79 -14.14 13.76
C SER A 190 -22.09 -14.66 13.20
N TYR A 191 -22.81 -15.45 14.03
CA TYR A 191 -24.14 -15.90 13.65
C TYR A 191 -24.92 -14.70 13.12
N LEU A 192 -25.05 -13.68 13.96
CA LEU A 192 -25.94 -12.55 13.67
C LEU A 192 -25.43 -11.75 12.49
N SER A 193 -24.10 -11.62 12.36
CA SER A 193 -23.50 -10.90 11.25
C SER A 193 -23.82 -11.61 9.93
N VAL A 194 -23.77 -12.94 9.95
CA VAL A 194 -24.06 -13.70 8.74
C VAL A 194 -25.53 -13.54 8.37
N LYS A 195 -26.41 -13.71 9.36
CA LYS A 195 -27.86 -13.60 9.12
C LYS A 195 -28.22 -12.25 8.52
N GLY A 196 -27.63 -11.16 9.07
CA GLY A 196 -27.92 -9.82 8.59
C GLY A 196 -27.65 -9.64 7.11
N LEU A 197 -26.43 -10.08 6.68
CA LEU A 197 -26.03 -9.96 5.29
C LEU A 197 -26.89 -10.87 4.41
N THR A 198 -27.16 -12.11 4.86
CA THR A 198 -27.90 -13.02 4.00
C THR A 198 -29.36 -12.57 3.89
N ASP A 199 -29.98 -12.15 5.01
CA ASP A 199 -31.36 -11.62 4.95
C ASP A 199 -31.46 -10.47 3.97
N ALA A 200 -30.34 -9.78 3.68
CA ALA A 200 -30.36 -8.60 2.83
C ALA A 200 -30.15 -9.01 1.37
N GLY A 201 -29.94 -10.30 1.12
CA GLY A 201 -29.87 -10.82 -0.25
C GLY A 201 -28.44 -10.90 -0.81
N VAL A 202 -27.43 -10.99 0.08
CA VAL A 202 -26.06 -11.07 -0.36
CA VAL A 202 -26.03 -11.02 -0.28
C VAL A 202 -25.43 -12.30 0.28
N ALA A 203 -24.82 -13.12 -0.58
CA ALA A 203 -24.13 -14.32 -0.13
C ALA A 203 -22.93 -13.89 0.70
N THR A 204 -22.67 -14.59 1.78
CA THR A 204 -21.54 -14.23 2.61
C THR A 204 -20.39 -15.19 2.29
N VAL A 205 -19.16 -14.73 2.54
CA VAL A 205 -17.98 -15.56 2.53
C VAL A 205 -17.29 -15.34 3.88
N SER A 206 -17.61 -16.16 4.87
CA SER A 206 -17.04 -15.96 6.20
C SER A 206 -15.55 -16.28 6.15
N LYS A 207 -14.77 -15.50 6.90
CA LYS A 207 -13.32 -15.55 6.77
C LYS A 207 -12.69 -15.30 8.15
N HIS A 208 -11.44 -15.77 8.37
CA HIS A 208 -10.66 -16.59 7.46
C HIS A 208 -10.45 -17.97 8.08
N TRP A 209 -10.83 -19.05 7.37
CA TRP A 209 -10.62 -20.39 7.91
C TRP A 209 -9.21 -20.87 7.62
N ILE A 210 -8.37 -21.15 8.64
CA ILE A 210 -8.64 -21.06 10.06
C ILE A 210 -7.30 -20.98 10.77
N ALA A 211 -7.28 -20.63 12.06
CA ALA A 211 -6.05 -20.48 12.84
C ALA A 211 -5.16 -19.38 12.26
N TYR A 212 -5.79 -18.35 11.69
CA TYR A 212 -5.12 -17.25 11.02
C TYR A 212 -4.91 -16.12 12.01
N GLU A 213 -3.86 -16.26 12.85
CA GLU A 213 -3.69 -15.50 14.08
C GLU A 213 -2.51 -14.51 14.05
N GLN A 214 -1.86 -14.35 12.89
CA GLN A 214 -0.88 -13.27 12.75
C GLN A 214 -0.75 -12.88 11.29
N GLU A 215 -0.51 -11.59 11.08
CA GLU A 215 -0.31 -11.05 9.76
C GLU A 215 1.12 -11.30 9.31
N THR A 216 2.05 -11.22 10.26
CA THR A 216 3.46 -11.44 10.00
C THR A 216 3.70 -12.78 9.29
N SER A 217 4.28 -12.70 8.09
CA SER A 217 4.76 -13.84 7.33
C SER A 217 3.59 -14.72 6.96
N ARG A 218 2.44 -14.08 6.68
CA ARG A 218 1.29 -14.86 6.12
C ARG A 218 1.77 -15.23 4.72
N ASN A 219 2.53 -14.35 4.06
CA ASN A 219 3.23 -14.72 2.84
C ASN A 219 2.25 -15.24 1.82
N LEU A 220 1.39 -14.37 1.37
CA LEU A 220 0.51 -14.75 0.29
C LEU A 220 1.34 -15.02 -0.95
N TYR A 221 0.73 -15.80 -1.84
CA TYR A 221 1.37 -16.27 -3.03
C TYR A 221 1.35 -15.12 -4.01
N ILE A 222 2.55 -14.77 -4.43
CA ILE A 222 2.74 -13.71 -5.39
C ILE A 222 4.03 -14.01 -6.14
N ASP A 223 3.90 -13.91 -7.46
CA ASP A 223 4.94 -14.18 -8.43
C ASP A 223 4.98 -12.93 -9.32
N ILE A 224 5.52 -11.84 -8.75
CA ILE A 224 5.56 -10.52 -9.37
C ILE A 224 7.04 -10.21 -9.57
N ASP A 225 7.34 -9.44 -10.62
CA ASP A 225 8.71 -9.31 -11.07
C ASP A 225 9.09 -10.71 -11.58
N GLY A 226 10.37 -11.08 -11.39
CA GLY A 226 10.81 -12.46 -11.50
C GLY A 226 10.50 -13.26 -10.24
N VAL A 227 10.68 -12.61 -9.08
CA VAL A 227 10.70 -13.26 -7.79
C VAL A 227 9.32 -13.90 -7.45
N SER A 228 9.34 -14.92 -6.58
CA SER A 228 8.18 -15.67 -6.16
C SER A 228 8.24 -15.84 -4.64
N GLN A 229 7.09 -15.65 -4.00
CA GLN A 229 7.03 -15.89 -2.57
C GLN A 229 7.36 -17.36 -2.27
N ALA A 230 7.03 -18.24 -3.21
CA ALA A 230 7.23 -19.67 -3.00
C ALA A 230 8.73 -20.00 -2.89
N ASP A 231 9.60 -19.24 -3.60
CA ASP A 231 11.05 -19.33 -3.44
C ASP A 231 11.53 -18.68 -2.15
N ILE A 232 10.85 -17.62 -1.69
CA ILE A 232 11.32 -16.76 -0.62
C ILE A 232 11.02 -17.33 0.76
N GLN A 233 9.73 -17.59 1.05
CA GLN A 233 9.36 -18.04 2.39
C GLN A 233 7.92 -18.52 2.37
N LEU A 234 7.71 -19.70 2.98
CA LEU A 234 6.40 -20.32 3.13
C LEU A 234 5.62 -19.55 4.20
N PRO A 235 4.27 -19.60 4.17
CA PRO A 235 3.45 -18.95 5.20
C PRO A 235 3.72 -19.52 6.58
N ILE A 236 3.64 -18.66 7.58
CA ILE A 236 3.64 -19.08 8.96
C ILE A 236 2.71 -20.31 9.09
N SER A 237 3.15 -21.35 9.79
CA SER A 237 2.35 -22.56 9.97
C SER A 237 1.81 -22.53 11.38
N SER A 238 0.47 -22.41 11.48
CA SER A 238 -0.22 -22.52 12.75
C SER A 238 -0.31 -24.01 13.08
N ASN A 239 0.26 -24.41 14.21
CA ASN A 239 0.30 -25.84 14.53
C ASN A 239 -0.55 -26.04 15.77
N VAL A 240 -1.69 -26.70 15.57
CA VAL A 240 -2.80 -26.61 16.51
C VAL A 240 -3.28 -28.02 16.85
N ASP A 241 -3.32 -28.34 18.13
CA ASP A 241 -3.78 -29.66 18.55
C ASP A 241 -5.29 -29.75 18.25
N ASP A 242 -5.88 -30.92 18.51
CA ASP A 242 -7.24 -31.21 18.05
C ASP A 242 -8.30 -30.66 19.03
N LEU A 243 -8.03 -30.67 20.34
CA LEU A 243 -8.89 -30.06 21.33
C LEU A 243 -9.03 -28.54 21.05
N THR A 244 -7.89 -27.87 20.90
CA THR A 244 -7.82 -26.44 20.67
C THR A 244 -8.54 -26.08 19.37
N MET A 245 -8.33 -26.87 18.33
CA MET A 245 -8.97 -26.53 17.10
C MET A 245 -10.48 -26.58 17.36
N HIS A 246 -10.94 -27.59 18.12
CA HIS A 246 -12.37 -27.84 18.25
C HIS A 246 -13.03 -26.79 19.14
N GLU A 247 -12.44 -26.61 20.32
CA GLU A 247 -13.04 -25.85 21.40
C GLU A 247 -12.82 -24.34 21.26
N LEU A 248 -11.80 -23.92 20.50
CA LEU A 248 -11.50 -22.50 20.39
C LEU A 248 -11.74 -21.99 18.96
N TYR A 249 -11.03 -22.51 17.97
CA TYR A 249 -11.04 -21.84 16.67
C TYR A 249 -12.27 -22.23 15.83
N MET A 250 -12.76 -23.46 15.92
CA MET A 250 -13.86 -23.89 15.05
C MET A 250 -15.21 -23.34 15.52
N TRP A 251 -15.27 -22.98 16.81
CA TRP A 251 -16.52 -22.62 17.47
C TRP A 251 -17.26 -21.51 16.73
N SER A 252 -16.60 -20.39 16.39
CA SER A 252 -17.26 -19.30 15.67
C SER A 252 -17.66 -19.72 14.25
N PHE A 253 -16.89 -20.61 13.63
CA PHE A 253 -17.18 -20.99 12.25
C PHE A 253 -18.38 -21.93 12.22
N ALA A 254 -18.58 -22.67 13.32
CA ALA A 254 -19.72 -23.56 13.43
C ALA A 254 -21.01 -22.73 13.42
N GLU A 255 -20.99 -21.69 14.26
CA GLU A 255 -22.03 -20.66 14.31
C GLU A 255 -22.27 -20.03 12.94
N ALA A 256 -21.19 -19.80 12.20
CA ALA A 256 -21.29 -19.17 10.89
C ALA A 256 -22.01 -20.09 9.92
N VAL A 257 -21.65 -21.37 9.99
CA VAL A 257 -22.25 -22.38 9.13
C VAL A 257 -23.73 -22.49 9.49
N ARG A 258 -24.03 -22.57 10.79
CA ARG A 258 -25.42 -22.72 11.25
C ARG A 258 -26.31 -21.54 10.80
N ALA A 259 -25.73 -20.33 10.70
CA ALA A 259 -26.43 -19.14 10.30
C ALA A 259 -26.67 -19.15 8.79
N GLY A 260 -26.01 -20.06 8.08
CA GLY A 260 -26.21 -20.16 6.63
C GLY A 260 -25.17 -19.41 5.78
N THR A 261 -23.95 -19.24 6.32
CA THR A 261 -22.95 -18.63 5.47
C THR A 261 -22.85 -19.48 4.22
N ASN A 262 -22.96 -18.81 3.07
CA ASN A 262 -22.98 -19.47 1.78
C ASN A 262 -21.60 -20.04 1.38
N HIS A 263 -20.52 -19.38 1.85
CA HIS A 263 -19.16 -19.73 1.49
C HIS A 263 -18.24 -19.47 2.68
N ILE A 264 -17.02 -20.04 2.62
CA ILE A 264 -15.99 -19.73 3.60
C ILE A 264 -14.72 -19.46 2.82
N MET A 265 -13.91 -18.52 3.33
CA MET A 265 -12.62 -18.23 2.71
C MET A 265 -11.55 -18.90 3.54
N CYS A 266 -10.75 -19.71 2.87
CA CYS A 266 -9.58 -20.33 3.49
C CYS A 266 -8.43 -19.33 3.54
N SER A 267 -7.68 -19.39 4.66
CA SER A 267 -6.73 -18.38 5.09
C SER A 267 -5.34 -18.57 4.44
N TYR A 268 -4.44 -17.61 4.66
CA TYR A 268 -3.11 -17.57 4.07
C TYR A 268 -2.13 -18.48 4.81
N ASN A 269 -2.29 -18.58 6.13
CA ASN A 269 -1.42 -19.42 6.93
C ASN A 269 -1.56 -20.89 6.52
N ARG A 270 -0.52 -21.61 6.95
CA ARG A 270 -0.55 -23.07 6.78
C ARG A 270 -0.89 -23.62 8.16
N ILE A 271 -1.54 -24.78 8.23
CA ILE A 271 -1.87 -25.45 9.47
C ILE A 271 -1.11 -26.77 9.47
N ASN A 272 -0.37 -27.04 10.55
CA ASN A 272 0.55 -28.15 10.56
C ASN A 272 1.29 -28.28 9.23
N ASN A 273 1.84 -27.17 8.74
CA ASN A 273 2.73 -27.17 7.58
C ASN A 273 2.02 -27.56 6.28
N THR A 274 0.69 -27.47 6.25
CA THR A 274 -0.04 -27.51 4.99
C THR A 274 -0.92 -26.27 4.82
N HIS A 275 -0.91 -25.72 3.61
CA HIS A 275 -1.66 -24.52 3.29
C HIS A 275 -3.12 -24.76 3.69
N SER A 276 -3.77 -23.72 4.22
CA SER A 276 -5.14 -23.86 4.66
C SER A 276 -6.01 -24.19 3.47
N CYS A 277 -5.68 -23.60 2.32
CA CYS A 277 -6.52 -23.72 1.15
C CYS A 277 -6.32 -25.06 0.45
N SER A 278 -5.41 -25.90 0.94
CA SER A 278 -5.30 -27.24 0.39
C SER A 278 -5.05 -28.23 1.52
N ASN A 279 -5.56 -27.90 2.71
CA ASN A 279 -5.48 -28.79 3.87
C ASN A 279 -6.71 -29.71 3.92
N ALA A 280 -6.54 -31.01 3.61
CA ALA A 280 -7.65 -31.94 3.48
C ALA A 280 -8.35 -32.17 4.82
N LYS A 281 -7.57 -32.35 5.89
CA LYS A 281 -8.12 -32.48 7.22
C LYS A 281 -9.02 -31.28 7.55
N GLY A 282 -8.55 -30.08 7.22
CA GLY A 282 -9.20 -28.82 7.60
C GLY A 282 -10.46 -28.55 6.79
N LEU A 283 -10.36 -28.67 5.45
CA LEU A 283 -11.48 -28.35 4.56
C LEU A 283 -12.40 -29.56 4.35
N ASN A 284 -11.86 -30.73 3.98
CA ASN A 284 -12.69 -31.84 3.56
C ASN A 284 -13.26 -32.52 4.80
N GLN A 285 -12.49 -32.61 5.89
CA GLN A 285 -12.95 -33.35 7.05
C GLN A 285 -13.59 -32.39 8.06
N LEU A 286 -12.82 -31.46 8.63
CA LEU A 286 -13.35 -30.62 9.69
C LEU A 286 -14.54 -29.76 9.23
N LEU A 287 -14.42 -29.15 8.05
CA LEU A 287 -15.41 -28.19 7.60
C LEU A 287 -16.55 -28.88 6.89
N LYS A 288 -16.18 -29.60 5.82
CA LYS A 288 -17.18 -30.12 4.88
C LYS A 288 -17.84 -31.40 5.39
N THR A 289 -17.31 -32.02 6.46
CA THR A 289 -17.84 -33.28 6.96
C THR A 289 -18.41 -33.05 8.35
N GLU A 290 -17.53 -32.76 9.32
CA GLU A 290 -17.98 -32.56 10.69
C GLU A 290 -18.92 -31.34 10.81
N LEU A 291 -18.55 -30.16 10.28
CA LEU A 291 -19.44 -29.00 10.30
C LEU A 291 -20.45 -29.06 9.15
N ASN A 292 -20.37 -30.11 8.32
CA ASN A 292 -21.38 -30.44 7.32
C ASN A 292 -21.62 -29.27 6.38
N PHE A 293 -20.57 -28.49 6.13
CA PHE A 293 -20.66 -27.27 5.35
C PHE A 293 -21.05 -27.58 3.91
N GLN A 294 -22.09 -26.89 3.41
CA GLN A 294 -22.67 -27.23 2.13
C GLN A 294 -22.28 -26.23 1.05
N GLY A 295 -21.51 -25.21 1.42
CA GLY A 295 -21.21 -24.13 0.51
C GLY A 295 -19.78 -24.20 -0.02
N GLY A 296 -19.32 -23.10 -0.61
CA GLY A 296 -18.08 -23.08 -1.36
C GLY A 296 -16.91 -22.53 -0.52
N VAL A 297 -15.71 -23.08 -0.76
CA VAL A 297 -14.51 -22.56 -0.13
C VAL A 297 -13.81 -21.67 -1.15
N VAL A 298 -13.71 -20.38 -0.81
CA VAL A 298 -13.03 -19.39 -1.65
C VAL A 298 -11.62 -19.20 -1.11
N SER A 299 -10.64 -19.22 -2.04
CA SER A 299 -9.27 -18.91 -1.67
C SER A 299 -9.24 -17.45 -1.20
N ASP A 300 -8.51 -17.16 -0.12
CA ASP A 300 -7.96 -15.82 0.02
C ASP A 300 -7.15 -15.47 -1.24
N TRP A 301 -6.87 -14.19 -1.41
CA TRP A 301 -6.30 -13.69 -2.64
C TRP A 301 -4.81 -14.00 -2.62
N GLY A 302 -4.41 -15.09 -3.29
CA GLY A 302 -3.08 -15.66 -3.18
C GLY A 302 -2.96 -16.68 -2.05
N GLY A 303 -4.09 -17.24 -1.60
CA GLY A 303 -4.02 -18.27 -0.56
C GLY A 303 -3.94 -19.67 -1.18
N GLN A 304 -4.18 -19.76 -2.50
CA GLN A 304 -4.03 -20.96 -3.29
C GLN A 304 -2.61 -21.00 -3.87
N TRP A 305 -1.87 -22.09 -3.53
CA TRP A 305 -0.46 -22.30 -3.85
C TRP A 305 -0.24 -23.41 -4.90
N ASP A 306 -1.26 -24.17 -5.27
CA ASP A 306 -1.06 -25.31 -6.16
C ASP A 306 -2.36 -25.66 -6.89
N SER A 307 -2.29 -26.56 -7.87
CA SER A 307 -3.44 -26.91 -8.70
C SER A 307 -4.16 -28.15 -8.18
N VAL A 308 -3.43 -29.26 -8.02
CA VAL A 308 -4.08 -30.54 -7.82
C VAL A 308 -4.44 -30.73 -6.35
N PRO A 309 -3.52 -30.53 -5.39
CA PRO A 309 -3.89 -30.69 -3.99
C PRO A 309 -5.11 -29.81 -3.63
N ALA A 310 -5.12 -28.58 -4.10
CA ALA A 310 -6.22 -27.67 -3.88
C ALA A 310 -7.52 -28.30 -4.39
N ALA A 311 -7.49 -28.86 -5.61
CA ALA A 311 -8.70 -29.42 -6.19
C ALA A 311 -9.17 -30.64 -5.39
N GLU A 312 -8.24 -31.34 -4.76
CA GLU A 312 -8.55 -32.60 -4.12
C GLU A 312 -8.91 -32.38 -2.65
N ASN A 313 -8.44 -31.29 -2.04
CA ASN A 313 -8.44 -31.22 -0.59
C ASN A 313 -9.38 -30.16 -0.03
N GLY A 314 -10.22 -29.55 -0.89
CA GLY A 314 -11.35 -28.80 -0.36
C GLY A 314 -11.66 -27.47 -1.05
N LEU A 315 -10.77 -26.93 -1.87
CA LEU A 315 -11.01 -25.62 -2.43
C LEU A 315 -12.05 -25.71 -3.55
N ASP A 316 -12.96 -24.73 -3.64
CA ASP A 316 -13.96 -24.70 -4.69
C ASP A 316 -13.81 -23.49 -5.60
N VAL A 317 -13.26 -22.36 -5.09
CA VAL A 317 -13.08 -21.20 -5.96
C VAL A 317 -11.67 -20.65 -5.88
N ALA A 318 -11.09 -20.42 -7.07
CA ALA A 318 -9.78 -19.81 -7.22
C ALA A 318 -9.89 -18.30 -7.39
N MET A 319 -9.39 -17.57 -6.39
CA MET A 319 -9.42 -16.11 -6.47
C MET A 319 -8.01 -15.56 -6.21
N PRO A 320 -7.62 -14.45 -6.90
CA PRO A 320 -8.47 -13.77 -7.87
C PRO A 320 -8.35 -14.17 -9.33
N GLY A 321 -7.55 -15.21 -9.61
CA GLY A 321 -7.45 -15.71 -10.97
C GLY A 321 -6.76 -14.72 -11.91
N LYS A 322 -7.44 -14.34 -12.99
CA LYS A 322 -6.89 -13.44 -13.99
C LYS A 322 -6.78 -12.00 -13.46
N GLY A 323 -7.44 -11.71 -12.34
CA GLY A 323 -7.38 -10.40 -11.73
C GLY A 323 -6.00 -10.15 -11.15
N PHE A 324 -5.65 -8.86 -11.03
CA PHE A 324 -4.37 -8.47 -10.47
C PHE A 324 -3.24 -9.03 -11.32
N LEU A 325 -3.41 -8.94 -12.65
CA LEU A 325 -2.36 -9.25 -13.62
C LEU A 325 -1.90 -10.70 -13.50
N GLY A 326 -2.71 -11.55 -12.86
CA GLY A 326 -2.36 -12.93 -12.58
C GLY A 326 -1.23 -13.06 -11.55
N ALA A 327 -0.90 -11.99 -10.85
CA ALA A 327 0.31 -11.97 -10.03
C ALA A 327 0.17 -12.84 -8.78
N LEU A 328 -1.08 -13.20 -8.43
CA LEU A 328 -1.36 -13.80 -7.13
C LEU A 328 -1.59 -15.31 -7.27
N GLY A 329 -1.08 -15.84 -8.39
CA GLY A 329 -1.30 -17.21 -8.75
C GLY A 329 -2.52 -17.33 -9.65
N ASP A 330 -2.48 -18.29 -10.58
CA ASP A 330 -3.56 -18.56 -11.50
C ASP A 330 -3.55 -20.06 -11.83
N PHE A 331 -3.80 -20.87 -10.81
CA PHE A 331 -3.50 -22.29 -10.84
C PHE A 331 -4.60 -23.15 -11.50
N TRP A 332 -5.82 -22.62 -11.65
CA TRP A 332 -6.89 -23.35 -12.31
C TRP A 332 -7.17 -22.69 -13.65
N GLY A 333 -8.42 -22.36 -13.96
CA GLY A 333 -8.71 -21.89 -15.31
C GLY A 333 -8.22 -22.91 -16.34
N ALA A 334 -7.39 -22.45 -17.29
CA ALA A 334 -6.89 -23.29 -18.37
C ALA A 334 -6.15 -24.53 -17.83
N THR A 335 -5.44 -24.38 -16.70
CA THR A 335 -4.75 -25.49 -16.05
C THR A 335 -5.74 -26.55 -15.57
N LEU A 336 -6.91 -26.12 -15.07
CA LEU A 336 -7.87 -27.09 -14.55
C LEU A 336 -8.54 -27.78 -15.71
N VAL A 337 -8.84 -27.04 -16.79
CA VAL A 337 -9.32 -27.68 -18.00
C VAL A 337 -8.40 -28.83 -18.43
N GLU A 338 -7.08 -28.57 -18.48
CA GLU A 338 -6.10 -29.56 -18.92
C GLU A 338 -6.13 -30.78 -18.01
N LEU A 339 -6.13 -30.54 -16.69
CA LEU A 339 -6.08 -31.59 -15.68
C LEU A 339 -7.33 -32.49 -15.76
N ILE A 340 -8.48 -31.90 -16.12
CA ILE A 340 -9.69 -32.68 -16.27
C ILE A 340 -9.57 -33.48 -17.55
N ASN A 341 -9.27 -32.79 -18.65
CA ASN A 341 -9.24 -33.45 -19.95
C ASN A 341 -8.20 -34.57 -20.02
N ASN A 342 -7.22 -34.63 -19.11
CA ASN A 342 -6.18 -35.64 -19.20
C ASN A 342 -6.30 -36.62 -18.05
N GLY A 343 -7.38 -36.53 -17.26
CA GLY A 343 -7.73 -37.62 -16.37
C GLY A 343 -7.13 -37.46 -14.99
N THR A 344 -6.42 -36.36 -14.74
CA THR A 344 -5.75 -36.23 -13.44
C THR A 344 -6.77 -35.90 -12.36
N VAL A 345 -7.72 -35.01 -12.70
CA VAL A 345 -8.77 -34.52 -11.82
C VAL A 345 -10.12 -34.96 -12.39
N SER A 346 -10.95 -35.59 -11.56
CA SER A 346 -12.28 -36.03 -11.97
C SER A 346 -13.20 -34.84 -12.26
N GLU A 347 -13.90 -34.85 -13.39
CA GLU A 347 -14.88 -33.82 -13.71
C GLU A 347 -15.91 -33.68 -12.59
N ASP A 348 -16.33 -34.80 -11.96
CA ASP A 348 -17.36 -34.76 -10.95
C ASP A 348 -16.85 -34.05 -9.69
N LEU A 349 -15.52 -34.06 -9.51
CA LEU A 349 -14.92 -33.39 -8.38
C LEU A 349 -15.13 -31.88 -8.57
N VAL A 350 -15.02 -31.45 -9.82
CA VAL A 350 -15.15 -30.04 -10.14
C VAL A 350 -16.61 -29.63 -10.26
N ARG A 351 -17.49 -30.58 -10.56
CA ARG A 351 -18.92 -30.29 -10.59
C ARG A 351 -19.42 -29.99 -9.18
N ASP A 352 -18.89 -30.67 -8.16
CA ASP A 352 -19.27 -30.38 -6.80
C ASP A 352 -18.91 -28.93 -6.47
N LYS A 353 -17.75 -28.46 -6.92
CA LYS A 353 -17.30 -27.10 -6.66
C LYS A 353 -18.33 -26.12 -7.23
N ALA A 354 -18.62 -26.28 -8.53
CA ALA A 354 -19.58 -25.43 -9.21
C ALA A 354 -20.97 -25.50 -8.57
N VAL A 355 -21.40 -26.69 -8.12
CA VAL A 355 -22.66 -26.80 -7.41
C VAL A 355 -22.63 -25.93 -6.15
N ARG A 356 -21.54 -26.03 -5.37
CA ARG A 356 -21.44 -25.27 -4.13
C ARG A 356 -21.52 -23.77 -4.43
N ILE A 357 -21.00 -23.35 -5.58
CA ILE A 357 -21.01 -21.94 -5.92
C ILE A 357 -22.44 -21.52 -6.25
N LEU A 358 -23.12 -22.28 -7.14
CA LEU A 358 -24.45 -21.90 -7.60
C LEU A 358 -25.50 -22.02 -6.48
N THR A 359 -25.24 -22.79 -5.42
CA THR A 359 -26.25 -23.02 -4.39
C THR A 359 -26.69 -21.68 -3.81
N GLY A 360 -25.71 -20.85 -3.42
CA GLY A 360 -25.97 -19.49 -2.91
C GLY A 360 -26.72 -18.59 -3.90
N TYR A 361 -26.28 -18.64 -5.17
CA TYR A 361 -26.94 -17.89 -6.25
C TYR A 361 -28.44 -18.12 -6.18
N TYR A 362 -28.86 -19.39 -6.19
CA TYR A 362 -30.26 -19.76 -6.32
C TYR A 362 -30.98 -19.56 -5.00
N TYR A 363 -30.35 -19.91 -3.87
CA TYR A 363 -30.99 -19.76 -2.57
C TYR A 363 -31.38 -18.31 -2.25
N LEU A 364 -30.49 -17.35 -2.56
CA LEU A 364 -30.74 -15.95 -2.25
C LEU A 364 -31.43 -15.28 -3.43
N GLY A 365 -31.81 -16.04 -4.44
CA GLY A 365 -32.75 -15.58 -5.44
C GLY A 365 -32.14 -14.60 -6.43
N GLN A 366 -30.81 -14.70 -6.62
CA GLN A 366 -30.10 -13.80 -7.52
C GLN A 366 -30.40 -14.13 -8.98
N ASP A 367 -31.04 -15.29 -9.24
CA ASP A 367 -31.41 -15.70 -10.59
C ASP A 367 -32.62 -14.93 -11.12
N THR A 368 -33.68 -14.83 -10.30
CA THR A 368 -34.94 -14.18 -10.68
C THR A 368 -34.99 -12.75 -10.13
N ASN A 369 -34.06 -12.40 -9.24
CA ASN A 369 -33.95 -11.04 -8.74
C ASN A 369 -32.48 -10.62 -8.75
N PRO A 370 -31.85 -10.42 -9.94
CA PRO A 370 -30.42 -10.16 -10.02
C PRO A 370 -30.02 -8.86 -9.32
N PRO A 371 -28.82 -8.76 -8.70
CA PRO A 371 -28.38 -7.49 -8.15
C PRO A 371 -28.17 -6.52 -9.32
N PRO A 372 -28.17 -5.20 -9.07
CA PRO A 372 -27.94 -4.23 -10.14
C PRO A 372 -26.47 -4.27 -10.55
N PRO A 373 -26.10 -3.64 -11.69
CA PRO A 373 -24.70 -3.59 -12.13
C PRO A 373 -23.78 -2.94 -11.08
N PHE A 374 -22.58 -3.49 -10.93
CA PHE A 374 -21.57 -2.88 -10.08
C PHE A 374 -20.81 -1.88 -10.93
N VAL A 375 -20.51 -0.70 -10.38
CA VAL A 375 -20.30 0.45 -11.25
C VAL A 375 -18.93 1.12 -10.97
N TYR A 376 -18.27 0.72 -9.87
CA TYR A 376 -17.02 1.31 -9.42
C TYR A 376 -15.85 0.36 -9.72
N ASN A 377 -14.74 0.96 -10.17
CA ASN A 377 -13.45 0.31 -10.28
C ASN A 377 -12.78 0.29 -8.91
N THR A 378 -12.85 -0.83 -8.19
CA THR A 378 -12.30 -0.93 -6.84
C THR A 378 -10.89 -1.51 -6.83
N ILE A 379 -10.39 -1.88 -8.01
CA ILE A 379 -9.08 -2.53 -8.12
C ILE A 379 -8.01 -1.43 -8.12
N GLY A 380 -8.16 -0.50 -9.07
CA GLY A 380 -7.36 0.69 -9.16
C GLY A 380 -6.39 0.59 -10.33
N ALA A 381 -6.21 1.71 -11.04
CA ALA A 381 -5.22 1.86 -12.11
C ALA A 381 -3.84 1.94 -11.47
N PRO A 382 -2.75 1.50 -12.15
CA PRO A 382 -2.83 0.93 -13.50
C PRO A 382 -3.20 -0.57 -13.55
N THR A 383 -3.39 -1.18 -12.39
CA THR A 383 -3.79 -2.59 -12.38
C THR A 383 -5.07 -2.83 -13.20
N LEU A 384 -6.09 -1.99 -13.00
CA LEU A 384 -7.27 -2.03 -13.86
C LEU A 384 -7.58 -0.62 -14.33
N ASN A 385 -7.61 -0.47 -15.65
CA ASN A 385 -7.90 0.79 -16.29
C ASN A 385 -9.34 0.70 -16.76
N ALA A 386 -10.24 1.02 -15.84
CA ALA A 386 -11.67 1.12 -16.15
C ALA A 386 -12.23 2.36 -15.44
N THR A 387 -13.11 3.04 -16.16
CA THR A 387 -13.85 4.18 -15.62
C THR A 387 -14.88 3.68 -14.61
N SER A 388 -15.29 4.57 -13.70
CA SER A 388 -16.29 4.31 -12.67
C SER A 388 -17.57 5.06 -12.99
N GLY A 389 -18.73 4.43 -12.71
CA GLY A 389 -19.98 5.16 -12.66
C GLY A 389 -20.16 5.85 -11.31
N TYR A 390 -21.43 6.14 -10.98
CA TYR A 390 -21.82 6.60 -9.67
C TYR A 390 -23.20 6.03 -9.31
N ARG A 391 -23.33 5.67 -8.03
CA ARG A 391 -24.61 5.18 -7.48
C ARG A 391 -24.68 5.60 -6.01
N ASN A 392 -25.76 6.24 -5.60
CA ASN A 392 -25.94 6.59 -4.21
C ASN A 392 -26.89 5.57 -3.58
N VAL A 393 -26.40 4.93 -2.54
CA VAL A 393 -27.00 3.76 -1.93
C VAL A 393 -27.36 4.04 -0.47
N ARG A 394 -27.01 5.22 0.04
CA ARG A 394 -27.26 5.60 1.42
C ARG A 394 -28.77 5.80 1.62
N LYS A 395 -29.30 5.21 2.69
CA LYS A 395 -30.74 5.21 2.93
C LYS A 395 -31.00 5.87 4.28
N PRO A 396 -32.18 6.51 4.45
CA PRO A 396 -32.51 7.12 5.74
C PRO A 396 -32.41 5.99 6.76
N GLY A 397 -31.92 6.32 7.96
CA GLY A 397 -31.81 5.31 9.01
C GLY A 397 -30.38 4.84 9.22
N THR A 398 -29.56 4.82 8.14
CA THR A 398 -28.24 4.23 8.25
C THR A 398 -27.33 5.08 9.14
N ALA A 399 -27.33 6.40 8.94
CA ALA A 399 -26.49 7.29 9.72
C ALA A 399 -26.79 7.16 11.22
N GLU A 400 -28.07 7.06 11.57
CA GLU A 400 -28.46 6.99 12.98
C GLU A 400 -28.18 5.60 13.57
N LEU A 401 -28.23 4.54 12.75
CA LEU A 401 -27.77 3.23 13.19
C LEU A 401 -26.28 3.26 13.54
N ILE A 402 -25.50 3.90 12.65
CA ILE A 402 -24.06 4.01 12.85
C ILE A 402 -23.78 4.83 14.12
N LYS A 403 -24.51 5.94 14.27
CA LYS A 403 -24.41 6.74 15.48
C LYS A 403 -24.67 5.89 16.72
N GLU A 404 -25.77 5.11 16.68
CA GLU A 404 -26.22 4.36 17.84
C GLU A 404 -25.23 3.26 18.18
N ILE A 405 -24.65 2.62 17.16
CA ILE A 405 -23.61 1.64 17.41
C ILE A 405 -22.46 2.29 18.16
N GLY A 406 -22.09 3.52 17.76
CA GLY A 406 -21.07 4.29 18.47
C GLY A 406 -21.39 4.56 19.95
N SER A 407 -22.63 5.07 20.22
CA SER A 407 -23.10 5.40 21.58
C SER A 407 -23.21 4.17 22.46
N ALA A 408 -23.54 3.02 21.86
CA ALA A 408 -23.71 1.79 22.64
C ALA A 408 -22.37 1.10 22.91
N SER A 409 -21.33 1.46 22.12
CA SER A 409 -20.02 0.82 22.17
C SER A 409 -19.02 1.59 23.04
N VAL A 410 -19.09 2.91 23.07
CA VAL A 410 -18.00 3.63 23.72
C VAL A 410 -17.92 3.16 25.17
N THR A 411 -16.71 2.81 25.59
CA THR A 411 -16.48 2.08 26.82
C THR A 411 -15.73 2.99 27.78
N LEU A 412 -16.29 3.18 28.97
CA LEU A 412 -15.71 4.08 29.96
C LEU A 412 -14.82 3.26 30.88
N LEU A 413 -13.54 3.62 30.99
CA LEU A 413 -12.58 2.77 31.70
C LEU A 413 -12.23 3.37 33.07
N LYS A 414 -12.23 4.70 33.15
CA LYS A 414 -11.95 5.41 34.39
C LYS A 414 -12.86 6.63 34.47
N ASN A 415 -13.34 6.94 35.70
CA ASN A 415 -14.06 8.18 35.96
C ASN A 415 -13.92 8.57 37.42
N THR A 416 -13.11 9.60 37.69
CA THR A 416 -12.94 10.10 39.04
C THR A 416 -14.03 11.07 39.47
N GLY A 417 -14.93 11.45 38.56
CA GLY A 417 -15.99 12.38 38.90
C GLY A 417 -16.29 13.39 37.81
N SER A 418 -15.47 13.42 36.76
CA SER A 418 -15.55 14.50 35.79
C SER A 418 -16.64 14.25 34.76
N LEU A 419 -17.11 13.01 34.63
CA LEU A 419 -18.18 12.75 33.69
C LEU A 419 -19.41 12.21 34.42
N PRO A 420 -20.64 12.51 33.95
CA PRO A 420 -20.83 13.28 32.73
C PRO A 420 -20.54 14.77 32.91
N LEU A 421 -20.24 15.45 31.80
CA LEU A 421 -20.13 16.90 31.77
C LEU A 421 -21.49 17.53 32.00
N LYS A 422 -21.48 18.63 32.75
CA LYS A 422 -22.66 19.47 32.90
C LYS A 422 -22.70 20.47 31.75
N HIS A 423 -22.20 21.69 31.96
CA HIS A 423 -22.22 22.70 30.91
C HIS A 423 -20.91 23.50 30.95
N PRO A 424 -19.74 22.87 30.88
CA PRO A 424 -18.49 23.61 31.08
C PRO A 424 -18.39 24.78 30.12
N GLN A 425 -17.71 25.85 30.59
CA GLN A 425 -17.70 27.14 29.92
C GLN A 425 -16.45 27.31 29.05
N ARG A 426 -15.36 26.66 29.45
CA ARG A 426 -14.11 26.73 28.67
C ARG A 426 -13.55 25.33 28.40
N ILE A 427 -13.53 24.97 27.11
CA ILE A 427 -13.18 23.63 26.68
C ILE A 427 -11.92 23.67 25.81
N ALA A 428 -10.93 22.85 26.20
CA ALA A 428 -9.72 22.60 25.44
C ALA A 428 -9.70 21.16 24.89
N VAL A 429 -9.30 21.04 23.60
CA VAL A 429 -9.18 19.80 22.87
C VAL A 429 -7.76 19.67 22.31
N LEU A 430 -7.17 18.47 22.45
CA LEU A 430 -5.82 18.08 21.99
C LEU A 430 -5.90 16.83 21.11
N GLY A 431 -5.20 16.83 19.98
CA GLY A 431 -4.98 15.65 19.17
C GLY A 431 -5.56 15.80 17.76
N ASN A 432 -4.80 15.40 16.72
CA ASN A 432 -5.32 15.44 15.36
C ASN A 432 -6.48 14.45 15.20
N ASP A 433 -6.60 13.49 16.14
CA ASP A 433 -7.68 12.52 16.11
C ASP A 433 -9.02 13.22 16.32
N ALA A 434 -8.98 14.45 16.87
CA ALA A 434 -10.18 15.23 17.09
C ALA A 434 -10.72 15.78 15.79
N THR A 435 -9.93 15.81 14.72
CA THR A 435 -10.45 16.47 13.53
C THR A 435 -10.16 15.64 12.30
N TYR A 436 -10.36 16.23 11.11
CA TYR A 436 -10.24 15.53 9.84
C TYR A 436 -8.79 15.18 9.49
N ASN A 437 -8.66 14.12 8.69
CA ASN A 437 -7.47 13.87 7.92
C ASN A 437 -7.16 15.15 7.12
N VAL A 438 -5.93 15.67 7.25
CA VAL A 438 -5.53 16.90 6.59
C VAL A 438 -5.52 16.71 5.07
N LEU A 439 -5.48 15.46 4.59
CA LEU A 439 -5.52 15.24 3.15
C LEU A 439 -6.91 14.86 2.63
N GLY A 440 -7.90 14.81 3.53
CA GLY A 440 -9.23 14.37 3.15
C GLY A 440 -9.55 12.99 3.72
N PRO A 441 -10.82 12.72 4.10
CA PRO A 441 -11.17 11.45 4.78
C PRO A 441 -10.73 10.18 4.03
N ASN A 442 -10.80 10.17 2.70
CA ASN A 442 -10.44 8.99 1.91
C ASN A 442 -9.08 9.13 1.25
N ALA A 443 -8.25 10.06 1.73
CA ALA A 443 -6.96 10.34 1.14
C ALA A 443 -6.07 9.11 1.16
N CYS A 444 -6.21 8.26 2.19
CA CYS A 444 -5.39 7.06 2.25
C CYS A 444 -5.80 6.02 1.19
N GLY A 445 -6.82 6.32 0.39
CA GLY A 445 -7.13 5.54 -0.81
C GLY A 445 -8.05 4.37 -0.54
N LEU A 446 -8.08 3.48 -1.55
CA LEU A 446 -9.00 2.36 -1.68
C LEU A 446 -8.95 1.38 -0.50
N ALA A 447 -7.85 1.34 0.25
CA ALA A 447 -7.72 0.40 1.35
C ALA A 447 -7.26 1.09 2.64
N ASN A 448 -7.39 2.42 2.66
CA ASN A 448 -7.07 3.20 3.84
C ASN A 448 -5.65 2.89 4.33
N SER A 449 -4.71 2.81 3.39
CA SER A 449 -3.38 2.36 3.73
C SER A 449 -2.26 3.14 3.00
N ALA A 450 -2.58 4.08 2.11
CA ALA A 450 -1.58 4.66 1.21
C ALA A 450 -1.04 5.99 1.73
N CYS A 451 -1.53 6.52 2.86
CA CYS A 451 -0.95 7.76 3.40
C CYS A 451 0.40 7.46 4.03
N ASP A 452 1.23 8.50 4.10
CA ASP A 452 2.56 8.48 4.68
C ASP A 452 2.48 8.13 6.17
N ILE A 453 3.53 7.49 6.68
CA ILE A 453 3.59 7.03 8.06
C ILE A 453 3.43 8.14 9.08
N ASP A 454 3.66 9.40 8.70
CA ASP A 454 3.52 10.48 9.68
C ASP A 454 2.27 11.33 9.41
N ASN A 455 1.52 11.00 8.36
CA ASN A 455 0.38 11.82 8.00
C ASN A 455 -0.60 11.89 9.18
N LEU A 456 -1.10 13.11 9.42
CA LEU A 456 -2.16 13.36 10.37
C LEU A 456 -3.48 12.90 9.75
N ASN A 457 -3.83 11.62 10.01
CA ASN A 457 -4.98 11.02 9.36
C ASN A 457 -6.28 11.37 10.06
N GLY A 458 -6.20 12.08 11.19
CA GLY A 458 -7.40 12.56 11.81
C GLY A 458 -8.09 11.42 12.54
N THR A 459 -9.43 11.48 12.65
CA THR A 459 -10.15 10.59 13.54
C THR A 459 -10.06 9.21 12.91
N LEU A 460 -9.65 8.22 13.70
CA LEU A 460 -9.50 6.87 13.22
C LEU A 460 -10.87 6.20 13.28
N THR A 461 -11.57 6.22 12.14
CA THR A 461 -12.94 5.74 12.10
C THR A 461 -12.97 4.28 11.64
N THR A 462 -11.82 3.76 11.20
CA THR A 462 -11.65 2.40 10.71
C THR A 462 -10.16 2.13 10.52
N GLY A 463 -9.81 0.84 10.36
CA GLY A 463 -8.42 0.43 10.22
C GLY A 463 -8.03 0.38 8.75
N GLY A 464 -6.79 -0.07 8.48
CA GLY A 464 -6.32 -0.19 7.12
C GLY A 464 -6.50 -1.59 6.57
N GLY A 465 -6.77 -1.66 5.25
CA GLY A 465 -6.69 -2.90 4.51
C GLY A 465 -7.97 -3.17 3.73
N SER A 466 -8.10 -4.44 3.33
CA SER A 466 -9.25 -4.94 2.57
C SER A 466 -10.56 -4.72 3.33
N GLY A 467 -10.50 -4.62 4.66
CA GLY A 467 -11.71 -4.46 5.44
C GLY A 467 -12.11 -3.03 5.79
N SER A 468 -11.46 -2.04 5.19
CA SER A 468 -11.83 -0.63 5.35
C SER A 468 -12.95 -0.28 4.38
N ALA A 469 -13.32 0.99 4.36
CA ALA A 469 -14.22 1.52 3.34
C ALA A 469 -14.12 3.04 3.27
N LEU A 470 -14.49 3.61 2.11
CA LEU A 470 -14.59 5.03 1.96
C LEU A 470 -15.65 5.57 2.94
N SER A 471 -15.57 6.88 3.13
CA SER A 471 -16.39 7.64 4.05
C SER A 471 -17.02 8.80 3.27
N PRO A 472 -18.33 9.07 3.41
CA PRO A 472 -18.93 10.21 2.71
C PRO A 472 -18.60 11.53 3.42
N TYR A 473 -18.20 11.43 4.68
CA TYR A 473 -17.78 12.56 5.49
C TYR A 473 -17.25 11.99 6.79
N THR A 474 -16.71 12.85 7.66
CA THR A 474 -16.46 12.46 9.04
C THR A 474 -17.05 13.52 9.95
N ILE A 475 -17.85 13.07 10.89
CA ILE A 475 -18.35 13.93 11.91
C ILE A 475 -17.27 13.88 12.98
N THR A 476 -16.42 14.88 13.00
CA THR A 476 -15.27 14.88 13.89
C THR A 476 -15.71 15.07 15.33
N PRO A 477 -14.98 14.53 16.33
CA PRO A 477 -15.20 14.94 17.72
C PRO A 477 -15.20 16.45 17.95
N LEU A 478 -14.30 17.19 17.28
CA LEU A 478 -14.24 18.63 17.52
C LEU A 478 -15.56 19.30 17.13
N GLU A 479 -16.08 19.00 15.93
CA GLU A 479 -17.31 19.57 15.41
C GLU A 479 -18.49 19.19 16.31
N ALA A 480 -18.45 18.00 16.90
CA ALA A 480 -19.57 17.60 17.73
C ALA A 480 -19.48 18.28 19.08
N LEU A 481 -18.27 18.39 19.63
CA LEU A 481 -18.10 19.05 20.92
C LEU A 481 -18.41 20.55 20.81
N GLN A 482 -18.14 21.13 19.63
CA GLN A 482 -18.32 22.55 19.43
C GLN A 482 -19.82 22.86 19.44
N LYS A 483 -20.62 22.01 18.76
CA LYS A 483 -22.06 22.19 18.73
C LYS A 483 -22.61 22.29 20.14
N ARG A 484 -22.11 21.46 21.05
CA ARG A 484 -22.57 21.49 22.46
C ARG A 484 -22.02 22.76 23.12
N ALA A 485 -20.73 23.04 22.93
CA ALA A 485 -20.15 24.28 23.39
C ALA A 485 -21.07 25.46 23.07
N ILE A 486 -21.47 25.57 21.81
CA ILE A 486 -22.25 26.72 21.37
C ILE A 486 -23.58 26.73 22.13
N GLU A 487 -24.24 25.58 22.26
CA GLU A 487 -25.52 25.55 22.94
C GLU A 487 -25.36 26.03 24.38
N ASP A 488 -24.20 25.77 25.00
CA ASP A 488 -23.97 26.15 26.38
C ASP A 488 -23.37 27.56 26.48
N ASN A 489 -23.34 28.28 25.35
CA ASN A 489 -22.74 29.61 25.23
C ASN A 489 -21.29 29.63 25.73
N ALA A 490 -20.52 28.61 25.34
CA ALA A 490 -19.18 28.38 25.89
C ALA A 490 -18.16 28.61 24.78
N GLU A 491 -16.88 28.53 25.16
CA GLU A 491 -15.80 28.60 24.19
C GLU A 491 -15.02 27.28 24.13
N ILE A 492 -14.52 26.98 22.93
CA ILE A 492 -13.84 25.73 22.68
C ILE A 492 -12.71 26.02 21.70
N ALA A 493 -11.54 25.41 21.98
CA ALA A 493 -10.35 25.59 21.16
C ALA A 493 -9.57 24.28 21.06
N ALA A 494 -9.10 23.96 19.84
CA ALA A 494 -8.40 22.70 19.61
C ALA A 494 -7.01 22.92 19.05
N VAL A 495 -6.03 22.26 19.68
CA VAL A 495 -4.70 22.06 19.13
C VAL A 495 -4.64 20.69 18.47
N VAL A 496 -4.67 20.66 17.13
CA VAL A 496 -4.81 19.44 16.37
C VAL A 496 -3.62 19.22 15.44
N ALA A 497 -2.53 19.97 15.66
CA ALA A 497 -1.32 19.71 14.89
C ALA A 497 -0.52 18.61 15.58
N ASN A 498 0.59 18.23 14.94
CA ASN A 498 1.57 17.37 15.57
C ASN A 498 2.26 18.20 16.64
N SER A 499 2.12 17.77 17.89
CA SER A 499 2.63 18.54 18.99
C SER A 499 4.16 18.48 19.14
N ASN A 500 4.83 17.57 18.43
CA ASN A 500 6.28 17.43 18.56
C ASN A 500 7.01 18.05 17.37
N THR A 501 6.33 18.31 16.25
CA THR A 501 7.03 18.73 15.05
C THR A 501 6.54 20.10 14.55
N THR A 502 5.48 20.66 15.11
CA THR A 502 4.91 21.91 14.60
C THR A 502 5.37 23.06 15.48
N THR A 503 5.94 24.08 14.83
CA THR A 503 6.45 25.25 15.54
C THR A 503 5.26 25.92 16.24
N GLY A 504 5.33 25.97 17.57
CA GLY A 504 4.38 26.71 18.40
C GLY A 504 3.44 25.79 19.17
N ALA A 505 3.27 24.57 18.68
CA ALA A 505 2.25 23.67 19.20
C ALA A 505 2.35 23.57 20.71
N GLU A 506 3.55 23.32 21.21
CA GLU A 506 3.74 23.07 22.63
C GLU A 506 3.45 24.32 23.46
N ASP A 507 3.77 25.49 22.92
CA ASP A 507 3.59 26.73 23.66
C ASP A 507 2.08 27.01 23.75
N ALA A 508 1.38 26.83 22.62
CA ALA A 508 -0.06 27.00 22.49
C ALA A 508 -0.82 26.09 23.45
N ILE A 509 -0.42 24.83 23.52
CA ILE A 509 -0.96 23.90 24.49
C ILE A 509 -0.75 24.44 25.91
N ALA A 510 0.46 24.91 26.22
CA ALA A 510 0.78 25.45 27.53
C ALA A 510 -0.05 26.70 27.88
N ALA A 511 -0.38 27.51 26.88
CA ALA A 511 -1.14 28.73 27.11
C ALA A 511 -2.64 28.44 27.23
N LEU A 512 -3.10 27.31 26.65
CA LEU A 512 -4.53 27.04 26.52
C LEU A 512 -5.04 26.20 27.68
N LEU A 513 -4.30 25.18 28.08
CA LEU A 513 -4.86 24.21 29.01
C LEU A 513 -5.18 24.85 30.36
N PRO A 514 -4.28 25.61 31.01
CA PRO A 514 -4.48 25.95 32.43
C PRO A 514 -5.81 26.64 32.75
N ASP A 515 -6.43 27.32 31.78
CA ASP A 515 -7.68 28.04 32.01
C ASP A 515 -8.90 27.21 31.63
N ALA A 516 -8.72 26.07 30.95
CA ALA A 516 -9.84 25.26 30.46
C ALA A 516 -10.52 24.58 31.64
N ASP A 517 -11.85 24.45 31.58
CA ASP A 517 -12.62 23.75 32.59
C ASP A 517 -12.40 22.23 32.47
N VAL A 518 -12.29 21.76 31.23
CA VAL A 518 -11.97 20.38 30.92
C VAL A 518 -11.05 20.35 29.70
N THR A 519 -10.09 19.41 29.74
CA THR A 519 -9.21 19.13 28.61
C THR A 519 -9.42 17.72 28.06
N PHE A 520 -9.87 17.63 26.81
CA PHE A 520 -10.02 16.38 26.12
C PHE A 520 -8.75 16.09 25.32
N VAL A 521 -8.20 14.87 25.44
CA VAL A 521 -7.18 14.40 24.51
C VAL A 521 -7.69 13.20 23.71
N PHE A 522 -7.73 13.39 22.39
CA PHE A 522 -8.05 12.38 21.41
C PHE A 522 -6.77 11.71 20.92
N LEU A 523 -6.69 10.39 21.13
CA LEU A 523 -5.55 9.55 20.83
C LEU A 523 -5.98 8.53 19.80
N ASN A 524 -5.05 8.05 18.95
CA ASN A 524 -5.39 6.93 18.10
C ASN A 524 -4.19 5.99 17.94
N ARG A 525 -4.43 4.89 17.21
CA ARG A 525 -3.45 3.85 16.97
C ARG A 525 -3.94 3.06 15.75
N TYR A 526 -3.58 3.55 14.55
CA TYR A 526 -3.85 2.84 13.32
C TYR A 526 -3.10 1.51 13.33
N SER A 527 -3.70 0.53 12.68
CA SER A 527 -3.03 -0.68 12.26
C SER A 527 -3.75 -1.16 11.00
N GLU A 528 -3.21 -2.19 10.35
CA GLU A 528 -3.73 -2.61 9.05
C GLU A 528 -3.40 -4.07 8.77
N GLU A 529 -4.17 -4.65 7.82
CA GLU A 529 -3.85 -5.90 7.17
C GLU A 529 -2.40 -5.84 6.68
N GLY A 530 -1.67 -6.94 6.86
CA GLY A 530 -0.39 -7.09 6.20
C GLY A 530 0.77 -6.89 7.16
N ALA A 531 0.46 -6.50 8.41
CA ALA A 531 1.50 -6.23 9.38
C ALA A 531 0.90 -6.29 10.77
N ASP A 532 1.71 -6.50 11.80
CA ASP A 532 1.19 -6.52 13.15
C ASP A 532 1.72 -5.28 13.87
N ALA A 533 0.99 -4.79 14.87
CA ALA A 533 1.50 -3.77 15.76
C ALA A 533 2.80 -4.26 16.36
N PRO A 534 3.88 -3.44 16.37
CA PRO A 534 5.15 -3.86 16.96
C PRO A 534 5.10 -3.85 18.48
N ASP A 535 4.16 -3.08 19.03
CA ASP A 535 3.96 -3.05 20.47
C ASP A 535 2.65 -2.34 20.70
N PHE A 536 2.40 -1.93 21.94
CA PHE A 536 1.17 -1.25 22.30
C PHE A 536 1.28 0.27 22.27
N SER A 537 2.27 0.86 21.58
CA SER A 537 2.45 2.29 21.78
C SER A 537 1.44 3.07 20.93
N LEU A 538 1.07 4.26 21.43
CA LEU A 538 0.09 5.10 20.78
C LEU A 538 0.60 5.53 19.42
N GLY A 539 -0.29 5.75 18.48
CA GLY A 539 0.09 6.27 17.18
C GLY A 539 0.51 7.75 17.25
N GLY A 540 1.24 8.21 16.21
CA GLY A 540 1.57 9.62 16.05
C GLY A 540 2.18 10.19 17.32
N ASP A 541 1.76 11.41 17.70
CA ASP A 541 2.36 12.15 18.81
C ASP A 541 1.59 11.92 20.12
N GLY A 542 0.88 10.80 20.25
CA GLY A 542 -0.03 10.58 21.37
C GLY A 542 0.67 10.61 22.72
N ASP A 543 1.88 10.07 22.81
CA ASP A 543 2.58 9.99 24.08
C ASP A 543 2.89 11.40 24.56
N ASN A 544 3.25 12.26 23.60
CA ASN A 544 3.64 13.64 23.86
C ASN A 544 2.41 14.44 24.32
N LEU A 545 1.29 14.30 23.59
CA LEU A 545 0.05 14.97 23.96
C LEU A 545 -0.28 14.64 25.41
N MET A 546 -0.08 13.39 25.81
CA MET A 546 -0.49 12.97 27.14
C MET A 546 0.47 13.51 28.21
N ASP A 547 1.76 13.60 27.86
CA ASP A 547 2.70 14.27 28.74
C ASP A 547 2.31 15.74 28.92
N LEU A 548 2.03 16.42 27.81
CA LEU A 548 1.67 17.83 27.88
C LEU A 548 0.40 18.01 28.69
N ALA A 549 -0.62 17.20 28.40
CA ALA A 549 -1.95 17.45 28.93
C ALA A 549 -1.91 17.45 30.45
N VAL A 550 -1.29 16.40 31.04
CA VAL A 550 -1.28 16.24 32.49
C VAL A 550 -0.32 17.22 33.15
N THR A 551 0.47 17.94 32.34
CA THR A 551 1.37 18.95 32.86
C THR A 551 0.60 20.22 33.18
N TYR A 552 -0.34 20.59 32.30
CA TYR A 552 -1.02 21.89 32.33
C TYR A 552 -2.51 21.82 32.68
N SER A 553 -3.04 20.63 33.00
CA SER A 553 -4.46 20.52 33.27
C SER A 553 -4.75 19.39 34.25
N SER A 554 -5.66 19.67 35.19
CA SER A 554 -6.08 18.73 36.23
C SER A 554 -7.39 18.05 35.89
N ASN A 555 -7.96 18.33 34.71
CA ASN A 555 -9.24 17.74 34.32
C ASN A 555 -9.13 17.25 32.88
N VAL A 556 -8.29 16.21 32.71
CA VAL A 556 -8.04 15.62 31.42
C VAL A 556 -8.96 14.40 31.25
N VAL A 557 -9.65 14.39 30.10
CA VAL A 557 -10.51 13.30 29.70
C VAL A 557 -9.96 12.73 28.40
N VAL A 558 -9.67 11.43 28.38
CA VAL A 558 -8.97 10.81 27.25
C VAL A 558 -9.94 9.93 26.46
N VAL A 559 -9.92 10.10 25.15
CA VAL A 559 -10.74 9.31 24.24
C VAL A 559 -9.83 8.64 23.19
N ILE A 560 -9.94 7.30 23.10
CA ILE A 560 -9.03 6.51 22.28
C ILE A 560 -9.81 5.90 21.12
N HIS A 561 -9.41 6.27 19.90
CA HIS A 561 -9.82 5.60 18.68
C HIS A 561 -8.72 4.61 18.27
N THR A 562 -9.02 3.31 18.31
CA THR A 562 -7.98 2.31 18.17
C THR A 562 -8.50 1.01 17.54
N THR A 563 -7.54 0.28 16.94
CA THR A 563 -7.76 -1.07 16.44
C THR A 563 -7.50 -2.12 17.53
N GLY A 564 -6.96 -1.71 18.69
CA GLY A 564 -6.74 -2.64 19.78
C GLY A 564 -6.15 -1.99 21.05
N VAL A 565 -5.65 -2.84 21.96
CA VAL A 565 -5.11 -2.38 23.23
C VAL A 565 -3.94 -1.45 22.94
N VAL A 566 -3.84 -0.38 23.74
CA VAL A 566 -2.70 0.53 23.69
C VAL A 566 -2.17 0.67 25.11
N ASP A 567 -0.93 1.18 25.19
CA ASP A 567 -0.19 1.40 26.42
C ASP A 567 -0.45 2.81 26.95
N ILE A 568 -1.13 2.90 28.09
CA ILE A 568 -1.41 4.17 28.73
C ILE A 568 -1.00 4.08 30.19
N GLU A 569 -0.12 3.13 30.50
CA GLU A 569 0.35 2.90 31.85
C GLU A 569 1.02 4.14 32.47
N LYS A 570 1.48 5.09 31.66
CA LYS A 570 2.20 6.22 32.22
C LYS A 570 1.23 7.20 32.88
N TRP A 571 -0.03 7.21 32.42
CA TRP A 571 -0.99 8.28 32.67
C TRP A 571 -2.25 7.79 33.39
N ALA A 572 -2.58 6.50 33.25
CA ALA A 572 -3.89 5.98 33.65
C ALA A 572 -4.10 6.09 35.16
N ASP A 573 -3.01 6.12 35.94
CA ASP A 573 -3.13 6.27 37.38
C ASP A 573 -2.70 7.66 37.82
N ASN A 574 -2.53 8.57 36.86
CA ASN A 574 -2.34 9.97 37.16
C ASN A 574 -3.68 10.62 37.53
N PRO A 575 -3.80 11.27 38.71
CA PRO A 575 -5.09 11.86 39.13
C PRO A 575 -5.56 13.04 38.27
N ASN A 576 -4.70 13.58 37.42
CA ASN A 576 -5.08 14.62 36.48
C ASN A 576 -5.85 14.05 35.29
N VAL A 577 -5.76 12.72 35.10
CA VAL A 577 -6.58 12.05 34.11
C VAL A 577 -7.87 11.60 34.77
N THR A 578 -8.94 12.34 34.55
CA THR A 578 -10.14 12.15 35.37
C THR A 578 -11.05 11.13 34.69
N ALA A 579 -10.95 10.99 33.37
CA ALA A 579 -11.74 10.00 32.66
C ALA A 579 -11.03 9.52 31.40
N ILE A 580 -11.24 8.21 31.12
CA ILE A 580 -10.65 7.49 30.00
C ILE A 580 -11.77 6.67 29.38
N LEU A 581 -11.97 6.84 28.07
CA LEU A 581 -12.90 6.05 27.31
C LEU A 581 -12.17 5.49 26.10
N VAL A 582 -12.61 4.33 25.63
CA VAL A 582 -12.16 3.85 24.33
C VAL A 582 -13.36 3.78 23.41
N ALA A 583 -13.26 4.35 22.22
CA ALA A 583 -14.37 4.37 21.28
C ALA A 583 -14.07 3.51 20.05
N TYR A 584 -12.94 2.79 20.05
CA TYR A 584 -12.73 1.76 19.05
C TYR A 584 -12.70 2.45 17.68
N LEU A 585 -13.47 1.94 16.71
CA LEU A 585 -13.51 2.44 15.35
C LEU A 585 -14.97 2.71 14.99
N PRO A 586 -15.48 3.94 15.25
CA PRO A 586 -16.92 4.23 15.17
C PRO A 586 -17.48 4.58 13.80
N GLY A 587 -16.65 4.48 12.76
CA GLY A 587 -17.16 4.82 11.44
C GLY A 587 -17.46 6.32 11.35
N GLN A 588 -18.29 6.69 10.36
CA GLN A 588 -18.47 8.07 9.91
C GLN A 588 -19.13 8.96 10.95
N GLU A 589 -19.81 8.38 11.96
CA GLU A 589 -20.52 9.19 12.95
C GLU A 589 -19.73 9.25 14.27
N ALA A 590 -18.46 9.63 14.18
CA ALA A 590 -17.54 9.51 15.31
C ALA A 590 -17.87 10.45 16.45
N GLY A 591 -18.02 11.75 16.13
CA GLY A 591 -18.21 12.77 17.15
C GLY A 591 -19.63 12.78 17.72
N ASN A 592 -20.63 12.64 16.87
CA ASN A 592 -22.00 12.75 17.34
C ASN A 592 -22.43 11.50 18.12
N SER A 593 -21.66 10.41 18.00
CA SER A 593 -21.92 9.23 18.81
C SER A 593 -21.34 9.42 20.21
N LEU A 594 -20.21 10.13 20.30
CA LEU A 594 -19.43 10.19 21.55
C LEU A 594 -19.95 11.28 22.50
N VAL A 595 -20.35 12.43 21.95
CA VAL A 595 -20.59 13.63 22.76
C VAL A 595 -21.84 13.46 23.61
N PRO A 596 -22.92 12.85 23.10
CA PRO A 596 -24.06 12.51 23.97
C PRO A 596 -23.67 11.73 25.22
N VAL A 597 -22.56 10.97 25.18
CA VAL A 597 -22.20 10.12 26.31
C VAL A 597 -21.43 10.94 27.35
N LEU A 598 -20.47 11.71 26.85
CA LEU A 598 -19.69 12.65 27.67
C LEU A 598 -20.61 13.60 28.43
N TYR A 599 -21.61 14.17 27.72
CA TYR A 599 -22.51 15.17 28.29
C TYR A 599 -23.62 14.52 29.10
N GLY A 600 -23.80 13.20 28.99
CA GLY A 600 -24.72 12.47 29.85
C GLY A 600 -26.16 12.39 29.32
N ASP A 601 -26.39 12.70 28.04
CA ASP A 601 -27.67 12.39 27.39
C ASP A 601 -27.93 10.89 27.42
N VAL A 602 -26.89 10.07 27.28
CA VAL A 602 -27.02 8.64 27.54
C VAL A 602 -25.78 8.19 28.29
N ALA A 603 -25.99 7.32 29.29
CA ALA A 603 -24.88 6.77 30.03
C ALA A 603 -24.10 5.83 29.12
N PRO A 604 -22.76 5.71 29.34
CA PRO A 604 -21.95 4.73 28.60
C PRO A 604 -22.32 3.30 29.00
N SER A 605 -22.41 2.41 28.01
CA SER A 605 -22.89 1.04 28.26
C SER A 605 -22.02 -0.02 27.58
N GLY A 606 -20.92 0.38 26.93
CA GLY A 606 -20.07 -0.56 26.26
C GLY A 606 -19.12 -1.23 27.24
N LYS A 607 -18.61 -2.41 26.84
CA LYS A 607 -17.62 -3.11 27.64
C LYS A 607 -16.58 -3.76 26.73
N LEU A 608 -15.39 -4.02 27.30
CA LEU A 608 -14.24 -4.44 26.50
C LEU A 608 -14.46 -5.84 25.88
N PRO A 609 -14.25 -6.01 24.56
CA PRO A 609 -14.40 -7.31 23.87
C PRO A 609 -13.12 -8.14 23.87
N TRP A 610 -12.10 -7.64 24.57
CA TRP A 610 -10.85 -8.33 24.85
C TRP A 610 -10.26 -7.78 26.15
N THR A 611 -9.10 -8.32 26.54
CA THR A 611 -8.44 -7.98 27.79
C THR A 611 -7.43 -6.84 27.54
N TRP A 612 -7.28 -5.96 28.54
CA TRP A 612 -6.40 -4.79 28.48
C TRP A 612 -5.34 -4.95 29.55
N GLY A 613 -4.25 -5.64 29.20
CA GLY A 613 -3.17 -5.94 30.13
C GLY A 613 -2.26 -4.74 30.34
N LYS A 614 -1.59 -4.72 31.49
CA LYS A 614 -0.67 -3.64 31.81
C LYS A 614 0.50 -3.65 30.83
N SER A 615 0.89 -4.85 30.37
CA SER A 615 2.07 -5.02 29.53
C SER A 615 1.83 -6.09 28.48
N ILE A 616 2.34 -5.88 27.25
CA ILE A 616 2.33 -6.88 26.18
C ILE A 616 2.91 -8.21 26.67
N ASP A 617 3.74 -8.19 27.74
CA ASP A 617 4.42 -9.38 28.24
C ASP A 617 3.46 -10.32 28.95
N ASP A 618 2.27 -9.83 29.28
CA ASP A 618 1.33 -10.56 30.11
C ASP A 618 0.49 -11.52 29.28
N TYR A 619 0.56 -11.42 27.94
CA TYR A 619 -0.28 -12.22 27.05
C TYR A 619 0.43 -13.53 26.67
N VAL A 620 -0.33 -14.38 25.97
CA VAL A 620 0.19 -15.63 25.40
C VAL A 620 1.55 -15.38 24.75
N PRO A 621 2.61 -16.13 25.17
CA PRO A 621 3.92 -16.02 24.56
C PRO A 621 3.89 -16.38 23.08
N ASN A 622 4.80 -15.76 22.34
CA ASN A 622 5.02 -16.07 20.93
C ASN A 622 3.76 -15.75 20.14
N GLY A 623 3.16 -14.59 20.46
CA GLY A 623 1.95 -14.17 19.78
C GLY A 623 2.19 -13.83 18.32
N VAL A 624 3.34 -13.22 18.02
CA VAL A 624 3.76 -12.97 16.65
C VAL A 624 5.12 -13.61 16.48
N VAL A 625 5.26 -14.58 15.58
CA VAL A 625 6.59 -15.10 15.35
C VAL A 625 7.21 -14.35 14.18
N TYR A 626 8.42 -13.86 14.50
CA TYR A 626 9.31 -13.16 13.58
C TYR A 626 10.51 -14.07 13.30
N THR A 627 10.63 -14.55 12.06
CA THR A 627 11.78 -15.34 11.65
C THR A 627 11.97 -15.24 10.13
N ASP A 628 13.21 -15.56 9.70
CA ASP A 628 13.56 -15.67 8.29
C ASP A 628 13.58 -17.12 7.79
N ALA A 629 13.43 -18.08 8.73
CA ALA A 629 13.32 -19.50 8.42
C ALA A 629 12.40 -19.71 7.22
N TYR A 630 12.81 -20.63 6.36
CA TYR A 630 12.10 -20.85 5.12
C TYR A 630 10.64 -21.29 5.41
N SER A 631 10.49 -22.09 6.47
CA SER A 631 9.22 -22.67 6.88
C SER A 631 8.92 -22.19 8.30
N PRO A 632 8.35 -20.99 8.46
CA PRO A 632 8.17 -20.40 9.78
C PRO A 632 7.06 -21.13 10.54
N GLN A 633 7.24 -21.26 11.86
CA GLN A 633 6.42 -22.14 12.68
C GLN A 633 5.80 -21.33 13.81
N SER A 634 4.48 -21.54 14.00
CA SER A 634 3.81 -21.02 15.18
C SER A 634 3.11 -22.17 15.89
N ASN A 635 3.64 -22.50 17.08
CA ASN A 635 3.20 -23.61 17.89
C ASN A 635 2.27 -23.07 18.96
N PHE A 636 0.98 -23.42 18.84
CA PHE A 636 -0.06 -22.94 19.74
C PHE A 636 -0.05 -23.79 21.00
N THR A 637 1.04 -23.72 21.79
CA THR A 637 1.19 -24.57 22.96
C THR A 637 0.29 -24.07 24.11
N GLU A 638 -0.17 -22.83 24.00
CA GLU A 638 -1.11 -22.24 24.95
C GLU A 638 -2.45 -23.01 24.97
N GLY A 639 -2.82 -23.62 23.84
CA GLY A 639 -4.08 -24.32 23.74
C GLY A 639 -5.23 -23.31 23.67
N VAL A 640 -6.30 -23.58 24.42
CA VAL A 640 -7.47 -22.74 24.43
C VAL A 640 -7.19 -21.47 25.24
N PHE A 641 -6.03 -21.38 25.91
CA PHE A 641 -5.81 -20.27 26.83
C PHE A 641 -5.29 -19.04 26.10
N ILE A 642 -6.15 -18.36 25.36
CA ILE A 642 -5.88 -17.05 24.83
C ILE A 642 -6.73 -16.02 25.58
N ASP A 643 -6.26 -14.77 25.57
CA ASP A 643 -6.91 -13.59 26.14
C ASP A 643 -7.14 -13.83 27.62
N TYR A 644 -8.39 -13.65 28.10
CA TYR A 644 -8.67 -13.71 29.54
C TYR A 644 -8.44 -15.12 30.07
N ARG A 645 -8.61 -16.15 29.24
CA ARG A 645 -8.29 -17.49 29.70
C ARG A 645 -6.83 -17.53 30.16
N TRP A 646 -5.93 -16.89 29.38
CA TRP A 646 -4.52 -16.82 29.73
C TRP A 646 -4.36 -16.10 31.06
N PHE A 647 -4.94 -14.90 31.19
CA PHE A 647 -4.73 -14.08 32.38
C PHE A 647 -5.24 -14.82 33.61
N ASP A 648 -6.44 -15.39 33.46
CA ASP A 648 -7.15 -16.07 34.54
C ASP A 648 -6.32 -17.26 35.04
N LYS A 649 -5.94 -18.15 34.11
CA LYS A 649 -5.28 -19.39 34.48
C LYS A 649 -3.92 -19.09 35.11
N MET A 650 -3.23 -18.05 34.61
CA MET A 650 -1.86 -17.74 34.98
C MET A 650 -1.81 -16.78 36.17
N GLY A 651 -2.96 -16.35 36.67
CA GLY A 651 -3.00 -15.50 37.86
C GLY A 651 -2.54 -14.06 37.57
N ILE A 652 -2.67 -13.61 36.32
CA ILE A 652 -2.23 -12.28 35.94
C ILE A 652 -3.40 -11.29 36.00
N THR A 653 -3.20 -10.15 36.67
CA THR A 653 -4.21 -9.12 36.78
C THR A 653 -4.09 -8.09 35.66
N PRO A 654 -5.12 -7.93 34.80
CA PRO A 654 -5.08 -6.93 33.75
C PRO A 654 -5.39 -5.57 34.33
N ARG A 655 -5.21 -4.52 33.53
CA ARG A 655 -5.66 -3.17 34.00
C ARG A 655 -7.18 -3.19 33.90
N TYR A 656 -7.74 -3.59 32.75
CA TYR A 656 -9.18 -3.72 32.60
C TYR A 656 -9.47 -5.07 31.97
N GLU A 657 -10.32 -5.85 32.65
CA GLU A 657 -10.59 -7.24 32.29
C GLU A 657 -11.55 -7.30 31.11
N PHE A 658 -11.59 -8.49 30.52
CA PHE A 658 -12.56 -8.78 29.49
C PHE A 658 -13.94 -8.55 30.09
N GLY A 659 -14.82 -7.89 29.31
CA GLY A 659 -16.18 -7.60 29.73
C GLY A 659 -16.30 -6.48 30.76
N PHE A 660 -15.27 -5.61 30.87
CA PHE A 660 -15.30 -4.47 31.75
C PHE A 660 -15.73 -3.23 31.00
N GLY A 661 -16.63 -2.47 31.64
CA GLY A 661 -16.93 -1.11 31.24
C GLY A 661 -17.83 -0.44 32.28
N LEU A 662 -17.52 0.81 32.65
CA LEU A 662 -18.26 1.52 33.69
C LEU A 662 -19.49 2.16 33.08
N SER A 663 -20.45 2.52 33.95
CA SER A 663 -21.61 3.32 33.60
C SER A 663 -21.53 4.64 34.37
N TYR A 664 -22.55 5.49 34.26
CA TYR A 664 -22.69 6.60 35.20
C TYR A 664 -23.57 6.21 36.40
N THR A 665 -23.90 4.93 36.57
CA THR A 665 -24.60 4.46 37.76
C THR A 665 -24.05 3.09 38.14
N THR A 666 -24.60 2.45 39.19
CA THR A 666 -24.16 1.12 39.57
C THR A 666 -25.31 0.12 39.58
N PHE A 667 -24.97 -1.17 39.43
CA PHE A 667 -25.93 -2.25 39.36
C PHE A 667 -25.58 -3.35 40.36
N THR A 668 -26.53 -3.72 41.23
CA THR A 668 -26.38 -4.82 42.17
C THR A 668 -27.11 -6.02 41.60
N TYR A 669 -26.50 -7.21 41.77
CA TYR A 669 -26.99 -8.46 41.21
C TYR A 669 -27.59 -9.27 42.35
N SER A 670 -28.64 -10.05 42.05
CA SER A 670 -29.31 -10.86 43.05
C SER A 670 -30.00 -12.04 42.38
N ASN A 671 -30.32 -13.06 43.21
CA ASN A 671 -31.36 -14.04 42.92
C ASN A 671 -30.99 -14.87 41.70
N LEU A 672 -29.85 -15.57 41.79
CA LEU A 672 -29.38 -16.44 40.73
C LEU A 672 -30.27 -17.67 40.71
N ILE A 673 -30.81 -17.98 39.54
CA ILE A 673 -31.68 -19.13 39.44
C ILE A 673 -31.21 -19.95 38.27
N VAL A 674 -31.03 -21.25 38.50
CA VAL A 674 -30.73 -22.18 37.43
C VAL A 674 -31.93 -23.10 37.30
N ASP A 675 -32.52 -23.09 36.11
CA ASP A 675 -33.80 -23.68 35.87
C ASP A 675 -33.63 -24.77 34.85
N HIS A 676 -33.58 -26.01 35.37
CA HIS A 676 -33.44 -27.19 34.53
C HIS A 676 -34.73 -27.54 33.81
N GLY A 677 -35.85 -26.89 34.16
CA GLY A 677 -37.10 -27.15 33.47
C GLY A 677 -37.23 -26.40 32.15
N ARG A 678 -36.35 -25.38 31.98
CA ARG A 678 -36.46 -24.42 30.89
C ARG A 678 -35.45 -24.81 29.80
N TRP A 679 -35.87 -25.81 29.02
CA TRP A 679 -35.06 -26.42 28.00
C TRP A 679 -35.84 -26.28 26.71
N ALA A 680 -35.18 -26.50 25.57
CA ALA A 680 -35.85 -26.33 24.30
C ALA A 680 -35.05 -27.02 23.19
N LYS A 681 -35.78 -27.58 22.26
CA LYS A 681 -35.21 -28.22 21.10
C LYS A 681 -34.76 -27.15 20.10
N ASP A 682 -33.68 -27.41 19.35
CA ASP A 682 -33.13 -26.46 18.39
C ASP A 682 -33.85 -26.61 17.05
N TYR A 683 -34.63 -25.59 16.65
N TYR A 683 -34.64 -25.60 16.66
CA TYR A 683 -35.35 -25.61 15.37
CA TYR A 683 -35.35 -25.60 15.38
C TYR A 683 -35.01 -24.37 14.53
C TYR A 683 -34.90 -24.45 14.48
N SER A 684 -34.21 -23.46 15.08
CA SER A 684 -34.07 -22.13 14.53
C SER A 684 -32.90 -21.98 13.53
N SER A 685 -31.91 -22.89 13.55
CA SER A 685 -30.73 -22.78 12.70
C SER A 685 -31.10 -22.84 11.21
N VAL A 686 -30.37 -22.10 10.39
CA VAL A 686 -30.58 -22.13 8.95
C VAL A 686 -30.06 -23.44 8.37
N MET A 687 -28.93 -23.93 8.92
CA MET A 687 -28.25 -25.15 8.48
C MET A 687 -27.70 -25.86 9.70
N GLU A 688 -27.33 -27.14 9.50
CA GLU A 688 -26.88 -27.96 10.61
C GLU A 688 -25.49 -28.51 10.39
N THR A 689 -24.76 -28.64 11.50
CA THR A 689 -23.46 -29.28 11.53
C THR A 689 -23.68 -30.78 11.70
N ALA A 690 -22.58 -31.54 11.72
CA ALA A 690 -22.67 -32.97 11.94
C ALA A 690 -21.69 -33.30 13.05
N GLU A 691 -21.57 -32.38 14.00
CA GLU A 691 -20.65 -32.54 15.10
C GLU A 691 -21.10 -33.71 15.94
N PRO A 692 -20.30 -34.78 16.08
CA PRO A 692 -20.68 -35.89 16.92
C PRO A 692 -20.69 -35.47 18.40
N PHE A 693 -21.65 -36.01 19.15
CA PHE A 693 -21.65 -35.87 20.59
C PHE A 693 -22.21 -37.14 21.25
N ALA A 694 -21.80 -37.33 22.51
CA ALA A 694 -22.00 -38.56 23.24
C ALA A 694 -23.47 -38.80 23.54
N GLU A 695 -24.22 -37.71 23.77
N GLU A 695 -24.24 -37.73 23.85
CA GLU A 695 -25.59 -37.79 24.22
CA GLU A 695 -25.64 -37.88 24.25
C GLU A 695 -26.53 -37.92 23.02
C GLU A 695 -26.54 -38.01 23.02
N TRP A 696 -25.99 -38.07 21.81
CA TRP A 696 -26.82 -38.13 20.61
C TRP A 696 -27.74 -39.36 20.64
N ASP A 697 -29.05 -39.14 20.63
CA ASP A 697 -29.99 -40.26 20.62
C ASP A 697 -30.75 -40.36 19.28
N GLY A 698 -30.26 -39.70 18.23
CA GLY A 698 -30.99 -39.66 16.96
C GLY A 698 -32.02 -38.52 16.86
N THR A 699 -32.48 -37.95 18.00
CA THR A 699 -33.62 -37.05 17.93
C THR A 699 -33.27 -35.68 18.52
N ASN A 700 -32.00 -35.47 18.86
CA ASN A 700 -31.61 -34.29 19.60
C ASN A 700 -30.45 -33.61 18.87
N SER A 701 -29.77 -32.68 19.57
CA SER A 701 -28.82 -31.78 18.93
C SER A 701 -27.88 -31.19 19.96
N LEU A 702 -26.62 -30.96 19.54
CA LEU A 702 -25.61 -30.36 20.38
C LEU A 702 -26.05 -28.95 20.80
N TYR A 703 -26.95 -28.34 20.01
CA TYR A 703 -27.40 -26.97 20.22
C TYR A 703 -28.79 -26.86 20.85
N ASP A 704 -29.35 -27.95 21.37
CA ASP A 704 -30.58 -27.84 22.14
C ASP A 704 -30.26 -27.02 23.38
N VAL A 705 -31.19 -26.16 23.84
CA VAL A 705 -30.95 -25.55 25.13
C VAL A 705 -31.46 -26.57 26.14
N ILE A 706 -30.63 -26.80 27.16
CA ILE A 706 -30.85 -27.85 28.15
C ILE A 706 -31.18 -27.22 29.49
N PHE A 707 -30.80 -25.96 29.71
CA PHE A 707 -31.33 -25.26 30.85
C PHE A 707 -31.16 -23.75 30.63
N THR A 708 -31.72 -22.97 31.56
CA THR A 708 -31.70 -21.53 31.42
C THR A 708 -31.36 -20.96 32.79
N VAL A 709 -30.47 -19.97 32.83
CA VAL A 709 -30.20 -19.36 34.11
C VAL A 709 -30.65 -17.91 34.06
N PHE A 710 -31.13 -17.47 35.23
CA PHE A 710 -31.69 -16.16 35.41
C PHE A 710 -30.99 -15.50 36.59
N ALA A 711 -30.92 -14.16 36.51
CA ALA A 711 -30.56 -13.35 37.65
C ALA A 711 -31.28 -12.02 37.53
N THR A 712 -31.13 -11.23 38.60
CA THR A 712 -31.80 -9.95 38.70
C THR A 712 -30.74 -8.87 38.92
N ILE A 713 -30.87 -7.78 38.17
CA ILE A 713 -30.05 -6.61 38.43
C ILE A 713 -30.94 -5.49 38.93
N THR A 714 -30.37 -4.67 39.83
CA THR A 714 -31.05 -3.47 40.29
C THR A 714 -30.11 -2.28 40.11
N ASN A 715 -30.67 -1.18 39.61
CA ASN A 715 -29.97 0.08 39.51
C ASN A 715 -29.89 0.69 40.90
N THR A 716 -28.71 0.64 41.51
CA THR A 716 -28.51 1.11 42.87
C THR A 716 -27.75 2.42 42.89
N GLY A 717 -27.69 3.10 41.74
CA GLY A 717 -27.07 4.42 41.69
C GLY A 717 -28.11 5.53 41.57
N ASN A 718 -27.73 6.61 40.87
CA ASN A 718 -28.55 7.81 40.83
C ASN A 718 -28.83 8.29 39.41
N LEU A 719 -28.52 7.49 38.39
CA LEU A 719 -28.85 7.83 37.02
C LEU A 719 -29.33 6.59 36.32
N THR A 720 -30.13 6.77 35.26
CA THR A 720 -30.50 5.68 34.38
C THR A 720 -29.25 5.11 33.69
N GLY A 721 -29.18 3.78 33.54
CA GLY A 721 -28.06 3.17 32.81
C GLY A 721 -28.46 1.86 32.14
N SER A 722 -27.78 1.52 31.03
CA SER A 722 -27.83 0.16 30.46
C SER A 722 -26.70 -0.70 31.05
N GLU A 723 -26.97 -1.99 31.23
CA GLU A 723 -26.02 -2.91 31.83
C GLU A 723 -25.92 -4.18 30.99
N VAL A 724 -24.68 -4.54 30.63
CA VAL A 724 -24.35 -5.83 30.06
C VAL A 724 -24.04 -6.83 31.17
N ALA A 725 -24.96 -7.78 31.43
CA ALA A 725 -24.75 -8.86 32.38
C ALA A 725 -24.13 -10.05 31.66
N GLN A 726 -23.17 -10.68 32.31
CA GLN A 726 -22.39 -11.74 31.69
C GLN A 726 -22.53 -13.00 32.53
N LEU A 727 -22.57 -14.15 31.84
CA LEU A 727 -22.52 -15.47 32.48
C LEU A 727 -21.28 -16.27 32.05
N TYR A 728 -20.58 -16.84 33.05
CA TYR A 728 -19.41 -17.69 32.84
C TYR A 728 -19.63 -19.06 33.48
N ILE A 729 -19.10 -20.10 32.84
CA ILE A 729 -19.15 -21.46 33.37
C ILE A 729 -17.72 -21.98 33.49
N SER A 730 -17.34 -22.43 34.70
CA SER A 730 -16.19 -23.29 34.92
C SER A 730 -16.53 -24.72 34.55
N ILE A 731 -16.18 -25.13 33.32
CA ILE A 731 -16.37 -26.51 32.89
C ILE A 731 -15.26 -27.37 33.52
N PRO A 732 -15.56 -28.50 34.19
CA PRO A 732 -14.54 -29.19 34.99
C PRO A 732 -13.67 -30.08 34.10
N GLY A 733 -12.49 -30.43 34.61
CA GLY A 733 -11.63 -31.31 33.84
C GLY A 733 -10.19 -30.85 33.87
N ASP A 734 -9.34 -31.65 33.20
CA ASP A 734 -7.90 -31.42 33.19
C ASP A 734 -7.61 -30.22 32.30
N ASN A 735 -6.86 -29.26 32.85
CA ASN A 735 -6.22 -28.23 32.02
C ASN A 735 -7.28 -27.33 31.39
N GLN A 736 -8.14 -26.82 32.27
CA GLN A 736 -9.39 -26.23 31.85
C GLN A 736 -9.37 -24.75 32.22
N PRO A 737 -9.91 -23.86 31.37
CA PRO A 737 -10.04 -22.46 31.76
C PRO A 737 -10.78 -22.26 33.07
N VAL A 738 -10.34 -21.28 33.86
CA VAL A 738 -10.89 -21.00 35.16
C VAL A 738 -12.38 -20.71 34.98
N ARG A 739 -12.71 -19.99 33.88
CA ARG A 739 -14.09 -19.76 33.51
C ARG A 739 -14.19 -19.34 32.05
N GLN A 740 -15.37 -19.58 31.48
CA GLN A 740 -15.65 -19.40 30.07
C GLN A 740 -17.02 -18.71 29.88
N LEU A 741 -17.04 -17.62 29.11
CA LEU A 741 -18.27 -16.89 28.81
C LEU A 741 -19.21 -17.83 28.08
N ARG A 742 -20.45 -17.97 28.60
CA ARG A 742 -21.48 -18.75 27.96
C ARG A 742 -22.80 -17.97 27.89
N GLY A 743 -22.78 -16.68 28.21
CA GLY A 743 -23.96 -15.86 27.98
C GLY A 743 -23.72 -14.38 28.26
N PHE A 744 -24.48 -13.55 27.53
CA PHE A 744 -24.56 -12.13 27.86
C PHE A 744 -25.96 -11.60 27.54
N ASP A 745 -26.41 -10.64 28.36
CA ASP A 745 -27.72 -10.01 28.20
C ASP A 745 -27.62 -8.53 28.56
N LYS A 746 -27.93 -7.64 27.60
CA LYS A 746 -27.86 -6.22 27.91
C LYS A 746 -29.23 -5.65 28.26
N ILE A 747 -29.44 -5.25 29.52
CA ILE A 747 -30.62 -4.50 29.92
C ILE A 747 -30.50 -3.04 29.45
N LYS A 748 -31.54 -2.50 28.79
CA LYS A 748 -31.55 -1.15 28.26
C LYS A 748 -32.29 -0.20 29.20
N ASP A 749 -31.60 0.90 29.58
CA ASP A 749 -32.13 2.09 30.23
C ASP A 749 -32.95 1.78 31.48
N LEU A 750 -32.30 1.12 32.44
CA LEU A 750 -32.92 0.73 33.70
C LEU A 750 -32.99 1.97 34.59
N PRO A 751 -34.19 2.48 34.95
CA PRO A 751 -34.28 3.64 35.85
C PRO A 751 -33.76 3.34 37.26
N VAL A 752 -33.44 4.43 37.99
CA VAL A 752 -32.98 4.35 39.37
C VAL A 752 -34.03 3.58 40.16
N GLY A 753 -33.55 2.62 40.97
CA GLY A 753 -34.39 1.87 41.88
C GLY A 753 -35.05 0.65 41.24
N ASP A 754 -35.15 0.62 39.90
CA ASP A 754 -35.87 -0.44 39.21
C ASP A 754 -35.00 -1.68 39.00
N SER A 755 -35.69 -2.82 38.85
CA SER A 755 -35.07 -4.12 38.71
C SER A 755 -35.46 -4.73 37.37
N ALA A 756 -34.58 -5.60 36.85
CA ALA A 756 -34.83 -6.32 35.61
C ALA A 756 -34.17 -7.68 35.69
N VAL A 757 -34.79 -8.63 34.98
CA VAL A 757 -34.32 -10.00 34.93
C VAL A 757 -33.51 -10.25 33.67
N VAL A 758 -32.41 -10.92 33.94
CA VAL A 758 -31.41 -11.23 32.94
C VAL A 758 -31.52 -12.74 32.70
N THR A 759 -31.58 -13.16 31.41
CA THR A 759 -31.82 -14.56 31.07
C THR A 759 -30.75 -15.09 30.11
N PHE A 760 -30.36 -16.35 30.32
CA PHE A 760 -29.19 -16.95 29.67
C PHE A 760 -29.47 -18.40 29.30
N PRO A 761 -29.93 -18.69 28.07
CA PRO A 761 -30.06 -20.06 27.60
C PRO A 761 -28.69 -20.70 27.45
N ILE A 762 -28.56 -21.92 27.94
CA ILE A 762 -27.34 -22.72 27.91
C ILE A 762 -27.57 -23.94 27.05
N ARG A 763 -26.82 -24.06 25.95
CA ARG A 763 -26.98 -25.18 25.03
C ARG A 763 -26.13 -26.34 25.51
N ARG A 764 -26.37 -27.55 25.00
CA ARG A 764 -25.58 -28.68 25.43
C ARG A 764 -24.10 -28.41 25.11
N LYS A 765 -23.85 -27.83 23.92
CA LYS A 765 -22.47 -27.55 23.49
C LYS A 765 -21.77 -26.58 24.43
N ASP A 766 -22.54 -25.72 25.12
CA ASP A 766 -22.01 -24.67 25.96
C ASP A 766 -21.44 -25.26 27.25
N VAL A 767 -21.63 -26.55 27.45
CA VAL A 767 -21.30 -27.11 28.74
C VAL A 767 -20.43 -28.36 28.53
N SER A 768 -20.02 -28.55 27.26
CA SER A 768 -19.35 -29.74 26.78
C SER A 768 -17.84 -29.51 26.60
N SER A 769 -17.10 -30.63 26.44
CA SER A 769 -15.68 -30.67 26.09
C SER A 769 -15.52 -31.53 24.85
N TRP A 770 -14.44 -31.31 24.09
CA TRP A 770 -14.13 -32.21 23.00
C TRP A 770 -13.27 -33.36 23.52
N SER A 771 -13.59 -34.59 23.08
CA SER A 771 -12.83 -35.80 23.40
C SER A 771 -11.93 -36.12 22.23
N VAL A 772 -10.62 -35.90 22.44
CA VAL A 772 -9.59 -36.25 21.47
C VAL A 772 -9.66 -37.76 21.21
N VAL A 773 -9.67 -38.53 22.30
CA VAL A 773 -9.72 -39.98 22.23
C VAL A 773 -10.94 -40.44 21.43
N ASP A 774 -12.15 -39.92 21.71
CA ASP A 774 -13.36 -40.46 21.09
C ASP A 774 -13.76 -39.74 19.81
N GLN A 775 -13.25 -38.52 19.60
CA GLN A 775 -13.61 -37.70 18.45
C GLN A 775 -15.09 -37.34 18.50
N LEU A 776 -15.54 -36.84 19.65
CA LEU A 776 -16.89 -36.32 19.73
C LEU A 776 -17.01 -35.39 20.92
N TRP A 777 -18.10 -34.63 21.00
CA TRP A 777 -18.28 -33.76 22.14
C TRP A 777 -19.05 -34.51 23.22
N TYR A 778 -18.78 -34.14 24.46
CA TYR A 778 -19.37 -34.81 25.61
C TYR A 778 -19.49 -33.80 26.73
N VAL A 779 -20.40 -34.04 27.67
CA VAL A 779 -20.54 -33.20 28.84
C VAL A 779 -19.72 -33.84 29.96
N PRO A 780 -18.64 -33.22 30.47
CA PRO A 780 -17.81 -33.89 31.46
C PRO A 780 -18.60 -34.15 32.74
N ASN A 781 -18.03 -35.03 33.57
CA ASN A 781 -18.46 -35.19 34.95
C ASN A 781 -17.68 -34.22 35.83
N GLY A 782 -18.29 -33.88 36.96
CA GLY A 782 -17.69 -32.95 37.90
C GLY A 782 -18.66 -31.82 38.15
N ASP A 783 -18.18 -30.85 38.92
CA ASP A 783 -18.90 -29.64 39.25
C ASP A 783 -18.65 -28.55 38.20
N PHE A 784 -19.74 -27.96 37.70
CA PHE A 784 -19.67 -26.76 36.90
C PHE A 784 -19.98 -25.57 37.80
N LEU A 785 -19.07 -24.60 37.90
CA LEU A 785 -19.40 -23.34 38.55
C LEU A 785 -20.06 -22.42 37.52
N ILE A 786 -21.28 -21.95 37.83
CA ILE A 786 -21.97 -20.93 37.06
C ILE A 786 -21.88 -19.59 37.79
N SER A 787 -21.43 -18.54 37.08
CA SER A 787 -21.14 -17.22 37.65
C SER A 787 -21.79 -16.13 36.82
N VAL A 788 -22.32 -15.10 37.48
CA VAL A 788 -22.97 -14.01 36.78
C VAL A 788 -22.51 -12.68 37.38
N GLY A 789 -22.33 -11.68 36.51
CA GLY A 789 -21.96 -10.35 36.96
C GLY A 789 -21.66 -9.39 35.82
N GLY A 790 -21.05 -8.26 36.17
CA GLY A 790 -20.79 -7.15 35.26
C GLY A 790 -19.48 -7.28 34.49
N SER A 791 -18.59 -8.23 34.85
CA SER A 791 -17.40 -8.47 34.04
C SER A 791 -16.84 -9.86 34.33
N SER A 792 -15.76 -10.21 33.62
CA SER A 792 -15.08 -11.48 33.82
C SER A 792 -14.42 -11.55 35.19
N ARG A 793 -14.32 -10.42 35.91
CA ARG A 793 -13.78 -10.49 37.26
C ARG A 793 -14.69 -9.84 38.29
N ASP A 794 -15.89 -9.43 37.89
CA ASP A 794 -16.85 -8.86 38.81
C ASP A 794 -18.09 -9.76 38.79
N LEU A 795 -18.08 -10.80 39.63
CA LEU A 795 -19.02 -11.91 39.48
C LEU A 795 -19.63 -12.17 40.85
N PRO A 796 -20.56 -11.29 41.26
CA PRO A 796 -21.22 -11.40 42.57
C PRO A 796 -22.00 -12.68 42.83
N LEU A 797 -22.51 -13.33 41.76
CA LEU A 797 -23.39 -14.47 41.87
C LEU A 797 -22.70 -15.71 41.34
N ASN A 798 -22.86 -16.83 42.05
CA ASN A 798 -22.48 -18.11 41.49
C ASN A 798 -23.22 -19.26 42.17
N THR A 799 -23.26 -20.37 41.45
CA THR A 799 -23.71 -21.61 42.04
C THR A 799 -23.05 -22.76 41.29
N THR A 800 -23.08 -23.95 41.88
CA THR A 800 -22.53 -25.14 41.25
C THR A 800 -23.64 -26.00 40.66
N TRP A 801 -23.43 -26.45 39.43
CA TRP A 801 -24.22 -27.50 38.82
C TRP A 801 -23.37 -28.77 38.75
N THR A 802 -23.91 -29.89 39.23
CA THR A 802 -23.24 -31.16 39.18
C THR A 802 -24.14 -32.18 38.49
N PRO A 803 -24.05 -32.40 37.15
CA PRO A 803 -24.84 -33.46 36.50
C PRO A 803 -24.48 -34.85 37.02
N THR B 47 5.64 -52.29 -25.21
CA THR B 47 5.99 -53.30 -26.24
C THR B 47 7.22 -54.06 -25.74
N GLN B 48 7.48 -54.00 -24.42
CA GLN B 48 8.53 -54.87 -23.84
C GLN B 48 7.87 -56.24 -23.78
N TRP B 49 6.66 -56.33 -24.33
CA TRP B 49 5.90 -57.59 -24.42
C TRP B 49 5.92 -57.98 -25.90
N PRO B 50 6.92 -58.77 -26.33
CA PRO B 50 7.02 -59.17 -27.75
C PRO B 50 5.87 -60.06 -28.23
N ALA B 51 5.59 -59.94 -29.53
CA ALA B 51 4.58 -60.72 -30.19
C ALA B 51 5.06 -62.16 -30.35
N PRO B 52 4.44 -63.16 -29.66
CA PRO B 52 4.87 -64.55 -29.74
C PRO B 52 4.32 -65.22 -31.00
N LEU B 53 5.14 -66.10 -31.60
CA LEU B 53 4.78 -66.66 -32.89
C LEU B 53 3.74 -67.73 -32.63
N ALA B 54 2.80 -67.85 -33.57
CA ALA B 54 1.84 -68.94 -33.53
C ALA B 54 2.61 -70.22 -33.78
N ASN B 55 2.13 -71.32 -33.19
CA ASN B 55 2.61 -72.66 -33.50
C ASN B 55 1.46 -73.63 -33.70
N GLY B 56 0.21 -73.20 -33.45
CA GLY B 56 -0.94 -74.05 -33.69
C GLY B 56 -1.38 -74.85 -32.45
N GLY B 57 -0.62 -74.75 -31.35
CA GLY B 57 -0.98 -75.38 -30.09
C GLY B 57 -1.43 -76.84 -30.25
N LYS B 58 -2.53 -77.21 -29.59
CA LYS B 58 -2.82 -78.62 -29.34
C LYS B 58 -3.60 -79.23 -30.51
N SER B 59 -4.78 -78.69 -30.82
CA SER B 59 -5.67 -79.33 -31.75
C SER B 59 -5.45 -78.84 -33.17
N TRP B 60 -4.76 -77.70 -33.34
CA TRP B 60 -4.66 -77.06 -34.64
C TRP B 60 -3.31 -77.32 -35.34
N ALA B 61 -2.47 -78.19 -34.80
CA ALA B 61 -1.14 -78.44 -35.36
C ALA B 61 -1.19 -78.59 -36.89
N SER B 62 -1.97 -79.53 -37.38
CA SER B 62 -2.17 -79.73 -38.80
C SER B 62 -2.53 -78.43 -39.53
N ALA B 63 -3.58 -77.75 -39.06
CA ALA B 63 -4.11 -76.55 -39.71
C ALA B 63 -3.07 -75.44 -39.79
N PHE B 64 -2.37 -75.24 -38.67
CA PHE B 64 -1.28 -74.28 -38.57
C PHE B 64 -0.23 -74.49 -39.66
N LYS B 65 0.22 -75.74 -39.81
CA LYS B 65 1.17 -76.11 -40.83
C LYS B 65 0.67 -75.74 -42.25
N LYS B 66 -0.59 -76.02 -42.59
CA LYS B 66 -1.07 -75.57 -43.90
C LYS B 66 -1.15 -74.04 -43.95
N ALA B 67 -1.36 -73.41 -42.79
CA ALA B 67 -1.47 -71.95 -42.75
C ALA B 67 -0.14 -71.34 -43.15
N LYS B 68 0.90 -71.71 -42.40
CA LYS B 68 2.26 -71.27 -42.65
C LYS B 68 2.68 -71.55 -44.10
N ALA B 69 2.43 -72.76 -44.59
CA ALA B 69 2.78 -73.09 -45.96
C ALA B 69 2.19 -72.06 -46.93
N THR B 70 0.89 -71.76 -46.77
CA THR B 70 0.19 -70.86 -47.69
C THR B 70 0.68 -69.42 -47.51
N VAL B 71 0.93 -69.01 -46.25
CA VAL B 71 1.29 -67.63 -45.98
C VAL B 71 2.69 -67.38 -46.54
N THR B 72 3.51 -68.43 -46.53
CA THR B 72 4.90 -68.28 -46.92
C THR B 72 4.96 -67.99 -48.41
N GLU B 73 3.94 -68.32 -49.17
CA GLU B 73 4.04 -68.03 -50.59
C GLU B 73 3.55 -66.63 -50.90
N MET B 74 3.07 -65.88 -49.89
CA MET B 74 2.29 -64.67 -50.16
C MET B 74 3.20 -63.47 -50.41
N THR B 75 2.85 -62.69 -51.45
CA THR B 75 3.40 -61.35 -51.65
C THR B 75 2.99 -60.45 -50.49
N VAL B 76 3.61 -59.28 -50.41
CA VAL B 76 3.31 -58.30 -49.39
C VAL B 76 1.89 -57.77 -49.55
N GLU B 77 1.45 -57.63 -50.79
CA GLU B 77 0.13 -57.16 -51.15
C GLU B 77 -0.94 -58.19 -50.71
N GLU B 78 -0.62 -59.47 -50.86
CA GLU B 78 -1.54 -60.49 -50.41
C GLU B 78 -1.58 -60.52 -48.87
N LEU B 79 -0.46 -60.25 -48.20
CA LEU B 79 -0.49 -60.23 -46.74
C LEU B 79 -1.43 -59.15 -46.27
N ALA B 80 -1.40 -58.01 -46.96
CA ALA B 80 -2.19 -56.86 -46.58
C ALA B 80 -3.67 -57.01 -46.93
N ASN B 81 -3.98 -57.77 -48.00
CA ASN B 81 -5.33 -57.95 -48.51
C ASN B 81 -6.17 -58.72 -47.47
N ILE B 82 -5.55 -59.72 -46.81
CA ILE B 82 -6.28 -60.66 -46.00
C ILE B 82 -6.39 -60.16 -44.57
N THR B 83 -5.47 -59.28 -44.17
CA THR B 83 -5.42 -58.78 -42.80
C THR B 83 -6.29 -57.52 -42.62
N SER B 84 -7.00 -57.11 -43.68
CA SER B 84 -7.82 -55.91 -43.59
C SER B 84 -9.15 -56.15 -44.30
N GLY B 85 -10.22 -55.52 -43.82
CA GLY B 85 -11.56 -55.76 -44.36
C GLY B 85 -11.79 -55.12 -45.73
N VAL B 86 -12.60 -55.78 -46.55
CA VAL B 86 -13.05 -55.28 -47.85
C VAL B 86 -14.57 -55.20 -47.89
N ILE B 87 -15.08 -54.61 -48.98
CA ILE B 87 -16.50 -54.38 -49.14
C ILE B 87 -17.20 -55.70 -49.41
N GLY B 88 -18.28 -55.95 -48.66
CA GLY B 88 -19.14 -57.07 -48.98
C GLY B 88 -20.43 -57.15 -48.14
N LEU B 89 -21.19 -58.21 -48.41
CA LEU B 89 -22.53 -58.44 -47.89
C LEU B 89 -22.53 -58.67 -46.38
N CYS B 90 -21.41 -59.12 -45.82
CA CYS B 90 -21.33 -59.52 -44.43
C CYS B 90 -20.84 -58.36 -43.59
N SER B 91 -21.01 -58.47 -42.26
CA SER B 91 -20.57 -57.47 -41.31
C SER B 91 -19.13 -57.05 -41.60
N GLY B 92 -18.26 -58.03 -41.86
CA GLY B 92 -16.91 -57.83 -42.30
C GLY B 92 -16.52 -58.88 -43.32
N VAL B 93 -15.54 -58.57 -44.17
CA VAL B 93 -15.05 -59.51 -45.18
C VAL B 93 -13.55 -59.34 -45.32
N THR B 94 -12.77 -60.43 -45.14
CA THR B 94 -11.34 -60.38 -45.40
C THR B 94 -11.12 -60.39 -46.90
N GLY B 95 -10.07 -59.70 -47.34
CA GLY B 95 -9.67 -59.74 -48.73
C GLY B 95 -9.32 -61.16 -49.12
N ALA B 96 -9.58 -61.52 -50.38
CA ALA B 96 -9.19 -62.81 -50.95
C ALA B 96 -7.68 -62.82 -51.23
N VAL B 97 -7.11 -64.03 -51.34
CA VAL B 97 -5.78 -64.21 -51.93
C VAL B 97 -5.99 -65.03 -53.18
N THR B 98 -6.33 -64.34 -54.27
CA THR B 98 -7.01 -65.02 -55.34
C THR B 98 -6.03 -65.96 -56.03
N ARG B 99 -4.78 -65.51 -56.16
CA ARG B 99 -3.70 -66.32 -56.72
C ARG B 99 -3.63 -67.69 -56.03
N LEU B 100 -3.67 -67.71 -54.70
CA LEU B 100 -3.50 -68.93 -53.94
C LEU B 100 -4.84 -69.63 -53.66
N GLY B 101 -5.92 -69.16 -54.29
CA GLY B 101 -7.23 -69.77 -54.12
C GLY B 101 -7.81 -69.63 -52.71
N ILE B 102 -7.35 -68.64 -51.94
CA ILE B 102 -7.99 -68.34 -50.67
C ILE B 102 -9.11 -67.34 -50.94
N PRO B 103 -10.37 -67.68 -50.63
CA PRO B 103 -11.50 -66.78 -50.90
C PRO B 103 -11.62 -65.72 -49.81
N GLU B 104 -12.45 -64.71 -50.09
CA GLU B 104 -13.01 -63.82 -49.06
C GLU B 104 -13.66 -64.65 -47.95
N PHE B 105 -13.37 -64.29 -46.69
CA PHE B 105 -14.05 -64.88 -45.55
C PHE B 105 -15.17 -63.96 -45.06
N CYS B 106 -16.38 -64.52 -44.85
CA CYS B 106 -17.53 -63.78 -44.36
C CYS B 106 -17.52 -63.80 -42.82
N LEU B 107 -17.24 -62.64 -42.21
CA LEU B 107 -17.34 -62.44 -40.76
C LEU B 107 -18.71 -61.84 -40.49
N GLN B 108 -19.53 -62.51 -39.70
CA GLN B 108 -20.93 -62.05 -39.55
C GLN B 108 -21.37 -61.99 -38.10
N ASP B 109 -22.09 -60.93 -37.77
CA ASP B 109 -22.57 -60.71 -36.39
C ASP B 109 -23.59 -61.75 -35.98
N GLY B 110 -23.65 -61.97 -34.67
CA GLY B 110 -24.55 -63.01 -34.23
C GLY B 110 -24.36 -63.70 -32.91
N PRO B 111 -24.21 -63.04 -31.75
CA PRO B 111 -24.23 -63.77 -30.48
C PRO B 111 -25.59 -64.47 -30.25
N ILE B 112 -26.61 -64.27 -31.10
CA ILE B 112 -27.83 -65.08 -31.05
C ILE B 112 -28.05 -65.76 -32.41
N GLY B 113 -27.09 -65.58 -33.32
CA GLY B 113 -27.17 -66.19 -34.63
C GLY B 113 -26.97 -65.16 -35.73
N PRO B 114 -26.93 -65.58 -37.01
CA PRO B 114 -26.68 -64.65 -38.09
C PRO B 114 -27.69 -63.50 -38.10
N ARG B 115 -27.19 -62.28 -37.87
CA ARG B 115 -27.97 -61.05 -37.95
C ARG B 115 -28.16 -60.59 -39.39
N GLY B 116 -29.32 -60.00 -39.65
CA GLY B 116 -29.56 -59.29 -40.89
C GLY B 116 -29.98 -60.20 -42.01
N VAL B 117 -30.28 -61.47 -41.68
CA VAL B 117 -30.67 -62.44 -42.67
C VAL B 117 -32.13 -62.88 -42.45
N HIS B 118 -32.77 -63.24 -43.56
CA HIS B 118 -34.05 -63.91 -43.51
C HIS B 118 -33.79 -65.40 -43.63
N GLY B 119 -34.82 -66.18 -43.34
CA GLY B 119 -34.74 -67.62 -43.48
C GLY B 119 -34.03 -68.28 -42.31
N SER B 120 -34.04 -67.61 -41.17
CA SER B 120 -33.39 -68.14 -40.00
C SER B 120 -34.34 -68.03 -38.80
N SER B 121 -33.82 -68.33 -37.61
CA SER B 121 -34.53 -68.46 -36.35
C SER B 121 -33.98 -67.41 -35.37
N GLN B 122 -34.85 -66.85 -34.54
CA GLN B 122 -34.35 -65.92 -33.54
C GLN B 122 -34.21 -66.70 -32.25
N PHE B 123 -32.98 -67.05 -31.90
CA PHE B 123 -32.72 -67.75 -30.67
C PHE B 123 -32.86 -66.84 -29.46
N PRO B 124 -33.02 -67.38 -28.24
CA PRO B 124 -32.87 -66.57 -27.03
C PRO B 124 -31.47 -65.97 -26.92
N ALA B 125 -31.37 -64.88 -26.18
CA ALA B 125 -30.10 -64.23 -25.92
C ALA B 125 -29.29 -65.02 -24.90
N GLY B 126 -28.00 -64.69 -24.80
CA GLY B 126 -27.14 -65.37 -23.85
C GLY B 126 -27.68 -65.28 -22.44
N LEU B 127 -28.23 -64.11 -22.09
CA LEU B 127 -28.89 -63.89 -20.80
C LEU B 127 -29.87 -65.01 -20.48
N THR B 128 -30.64 -65.36 -21.51
CA THR B 128 -31.70 -66.34 -21.38
C THR B 128 -31.13 -67.75 -21.20
N VAL B 129 -30.07 -68.17 -21.93
CA VAL B 129 -29.52 -69.49 -21.67
C VAL B 129 -28.88 -69.46 -20.30
N ALA B 130 -28.25 -68.37 -19.93
CA ALA B 130 -27.61 -68.41 -18.63
C ALA B 130 -28.62 -68.85 -17.57
N ALA B 131 -29.86 -68.33 -17.69
CA ALA B 131 -30.85 -68.47 -16.65
C ALA B 131 -31.35 -69.92 -16.56
N THR B 132 -31.17 -70.73 -17.61
CA THR B 132 -31.45 -72.16 -17.50
C THR B 132 -30.48 -72.88 -16.55
N TRP B 133 -29.22 -72.43 -16.47
CA TRP B 133 -28.17 -73.14 -15.74
C TRP B 133 -28.03 -74.56 -16.26
N ASP B 134 -28.28 -74.77 -17.56
CA ASP B 134 -28.30 -76.09 -18.17
C ASP B 134 -27.25 -76.17 -19.28
N ARG B 135 -26.11 -76.79 -18.94
CA ARG B 135 -25.00 -76.94 -19.88
C ARG B 135 -25.48 -77.57 -21.19
N THR B 136 -26.46 -78.46 -21.13
CA THR B 136 -26.97 -79.12 -22.32
C THR B 136 -27.56 -78.07 -23.25
N LEU B 137 -28.30 -77.13 -22.68
CA LEU B 137 -29.01 -76.15 -23.50
C LEU B 137 -28.01 -75.11 -24.03
N MET B 138 -27.06 -74.75 -23.17
CA MET B 138 -25.97 -73.91 -23.58
C MET B 138 -25.32 -74.46 -24.85
N TYR B 139 -24.94 -75.75 -24.90
CA TYR B 139 -24.22 -76.32 -26.04
C TYR B 139 -25.11 -76.32 -27.30
N ALA B 140 -26.38 -76.72 -27.11
CA ALA B 140 -27.28 -77.02 -28.19
C ALA B 140 -27.78 -75.74 -28.87
N ARG B 141 -27.94 -74.69 -28.04
CA ARG B 141 -28.22 -73.35 -28.57
C ARG B 141 -27.08 -72.94 -29.49
N ALA B 142 -25.82 -73.06 -29.02
CA ALA B 142 -24.70 -72.67 -29.86
C ALA B 142 -24.62 -73.56 -31.10
N ARG B 143 -24.92 -74.85 -30.93
CA ARG B 143 -24.83 -75.79 -32.04
C ARG B 143 -25.85 -75.41 -33.11
N GLY B 144 -27.07 -75.08 -32.67
CA GLY B 144 -28.12 -74.67 -33.59
C GLY B 144 -27.78 -73.38 -34.31
N MET B 145 -27.37 -72.38 -33.54
CA MET B 145 -26.85 -71.11 -34.05
C MET B 145 -25.76 -71.42 -35.09
N GLY B 146 -24.86 -72.35 -34.74
CA GLY B 146 -23.80 -72.78 -35.64
C GLY B 146 -24.32 -73.25 -36.99
N GLN B 147 -25.37 -74.11 -37.00
CA GLN B 147 -25.82 -74.67 -38.27
C GLN B 147 -26.36 -73.57 -39.15
N GLU B 148 -27.04 -72.58 -38.53
CA GLU B 148 -27.66 -71.50 -39.31
C GLU B 148 -26.58 -70.57 -39.87
N PHE B 149 -25.58 -70.25 -39.04
CA PHE B 149 -24.40 -69.52 -39.51
C PHE B 149 -23.77 -70.19 -40.74
N HIS B 150 -23.35 -71.44 -40.55
CA HIS B 150 -22.64 -72.18 -41.59
C HIS B 150 -23.49 -72.19 -42.86
N ASP B 151 -24.78 -72.55 -42.73
CA ASP B 151 -25.68 -72.74 -43.86
C ASP B 151 -26.08 -71.41 -44.53
N GLN B 152 -25.97 -70.29 -43.82
CA GLN B 152 -26.12 -69.01 -44.49
C GLN B 152 -24.81 -68.59 -45.16
N GLY B 153 -23.67 -69.17 -44.73
CA GLY B 153 -22.42 -69.05 -45.48
C GLY B 153 -21.36 -68.23 -44.77
N VAL B 154 -21.35 -68.29 -43.44
CA VAL B 154 -20.50 -67.46 -42.62
C VAL B 154 -19.25 -68.26 -42.28
N HIS B 155 -18.07 -67.65 -42.44
CA HIS B 155 -16.83 -68.33 -42.07
C HIS B 155 -16.53 -68.09 -40.59
N LEU B 156 -16.73 -66.82 -40.17
CA LEU B 156 -16.43 -66.39 -38.81
C LEU B 156 -17.72 -65.82 -38.23
N ALA B 157 -18.14 -66.38 -37.09
CA ALA B 157 -19.26 -65.84 -36.33
C ALA B 157 -18.68 -64.86 -35.33
N LEU B 158 -19.21 -63.64 -35.33
CA LEU B 158 -18.82 -62.65 -34.33
C LEU B 158 -19.64 -62.92 -33.08
N ALA B 159 -19.16 -63.93 -32.35
CA ALA B 159 -19.89 -64.64 -31.32
C ALA B 159 -18.97 -65.68 -30.73
N PRO B 160 -19.14 -66.11 -29.46
CA PRO B 160 -20.08 -65.52 -28.53
C PRO B 160 -19.48 -64.36 -27.71
N VAL B 161 -20.26 -63.89 -26.74
CA VAL B 161 -19.78 -62.93 -25.78
C VAL B 161 -19.32 -63.66 -24.53
N THR B 162 -18.00 -63.59 -24.27
CA THR B 162 -17.38 -64.49 -23.31
C THR B 162 -16.64 -63.69 -22.25
N GLY B 163 -17.32 -62.73 -21.62
CA GLY B 163 -16.75 -62.06 -20.46
C GLY B 163 -16.45 -60.57 -20.70
N GLY B 164 -16.93 -60.02 -21.82
CA GLY B 164 -16.86 -58.59 -22.05
C GLY B 164 -18.02 -58.07 -22.89
N PRO B 165 -19.03 -57.40 -22.30
CA PRO B 165 -19.11 -57.14 -20.85
C PRO B 165 -19.47 -58.34 -19.99
N LEU B 166 -18.90 -58.41 -18.78
CA LEU B 166 -19.18 -59.47 -17.84
C LEU B 166 -20.33 -59.08 -16.90
N GLY B 167 -20.32 -57.86 -16.34
CA GLY B 167 -21.42 -57.40 -15.49
C GLY B 167 -21.01 -56.52 -14.31
N ARG B 168 -20.13 -55.55 -14.56
CA ARG B 168 -19.69 -54.63 -13.53
C ARG B 168 -20.82 -53.64 -13.20
N THR B 169 -21.54 -53.22 -14.26
CA THR B 169 -22.73 -52.42 -14.11
C THR B 169 -23.95 -53.21 -14.57
N PRO B 170 -25.08 -53.17 -13.80
CA PRO B 170 -26.34 -53.80 -14.22
C PRO B 170 -27.09 -52.94 -15.22
N LEU B 171 -26.54 -51.77 -15.58
CA LEU B 171 -27.15 -50.85 -16.53
C LEU B 171 -26.58 -51.02 -17.92
N ASN B 172 -25.61 -51.94 -18.08
CA ASN B 172 -24.92 -52.07 -19.35
C ASN B 172 -25.93 -52.33 -20.47
N GLY B 173 -25.93 -51.49 -21.50
CA GLY B 173 -26.92 -51.59 -22.57
C GLY B 173 -26.88 -52.91 -23.32
N ARG B 174 -25.76 -53.62 -23.22
CA ARG B 174 -25.56 -54.83 -23.98
C ARG B 174 -25.15 -55.99 -23.08
N GLY B 175 -25.27 -55.85 -21.77
CA GLY B 175 -24.94 -56.96 -20.88
C GLY B 175 -25.67 -58.26 -21.25
N TRP B 176 -26.87 -58.10 -21.80
CA TRP B 176 -27.74 -59.19 -22.18
C TRP B 176 -27.10 -60.13 -23.19
N GLU B 177 -26.11 -59.68 -23.94
CA GLU B 177 -25.47 -60.53 -24.95
C GLU B 177 -24.61 -61.58 -24.25
N GLY B 178 -24.20 -61.28 -23.02
CA GLY B 178 -23.41 -62.17 -22.19
C GLY B 178 -24.23 -63.31 -21.58
N THR B 179 -23.77 -63.80 -20.43
CA THR B 179 -24.46 -64.86 -19.73
C THR B 179 -24.62 -64.42 -18.28
N PHE B 180 -23.69 -64.85 -17.41
CA PHE B 180 -23.79 -64.59 -15.99
C PHE B 180 -22.89 -63.42 -15.61
N ALA B 181 -23.25 -62.74 -14.53
CA ALA B 181 -22.35 -61.79 -13.88
C ALA B 181 -21.47 -62.54 -12.90
N ASP B 182 -20.72 -63.48 -13.45
CA ASP B 182 -19.91 -64.36 -12.62
C ASP B 182 -18.86 -65.01 -13.51
N PRO B 183 -17.57 -64.96 -13.12
CA PRO B 183 -16.50 -65.54 -13.96
C PRO B 183 -16.67 -67.05 -14.16
N TYR B 184 -16.89 -67.79 -13.06
CA TYR B 184 -17.02 -69.23 -13.16
C TYR B 184 -18.11 -69.61 -14.15
N ALA B 185 -19.33 -69.10 -13.91
CA ALA B 185 -20.47 -69.50 -14.70
C ALA B 185 -20.36 -68.97 -16.11
N CYS B 186 -19.91 -67.73 -16.27
CA CYS B 186 -19.64 -67.17 -17.59
C CYS B 186 -18.60 -68.06 -18.30
N GLY B 187 -17.61 -68.51 -17.53
CA GLY B 187 -16.63 -69.47 -18.02
C GLY B 187 -17.25 -70.69 -18.68
N GLU B 188 -18.17 -71.36 -17.95
CA GLU B 188 -18.72 -72.62 -18.40
C GLU B 188 -19.58 -72.40 -19.64
N ALA B 189 -20.37 -71.33 -19.64
CA ALA B 189 -21.24 -71.06 -20.76
C ALA B 189 -20.42 -70.61 -21.96
N SER B 190 -19.35 -69.85 -21.71
CA SER B 190 -18.43 -69.43 -22.73
C SER B 190 -17.77 -70.62 -23.42
N TYR B 191 -17.21 -71.54 -22.61
CA TYR B 191 -16.64 -72.78 -23.16
C TYR B 191 -17.65 -73.48 -24.07
N LEU B 192 -18.89 -73.69 -23.57
CA LEU B 192 -19.86 -74.50 -24.30
C LEU B 192 -20.39 -73.79 -25.55
N SER B 193 -20.52 -72.47 -25.49
CA SER B 193 -21.03 -71.71 -26.63
C SER B 193 -20.01 -71.78 -27.75
N VAL B 194 -18.73 -71.72 -27.36
CA VAL B 194 -17.64 -71.80 -28.32
C VAL B 194 -17.66 -73.19 -28.96
N LYS B 195 -17.69 -74.22 -28.11
CA LYS B 195 -17.67 -75.57 -28.63
C LYS B 195 -18.78 -75.80 -29.67
N GLY B 196 -20.01 -75.32 -29.38
CA GLY B 196 -21.16 -75.63 -30.22
C GLY B 196 -21.04 -74.99 -31.59
N LEU B 197 -20.50 -73.77 -31.58
CA LEU B 197 -20.31 -73.03 -32.81
C LEU B 197 -19.24 -73.73 -33.67
N THR B 198 -18.07 -74.02 -33.09
CA THR B 198 -16.98 -74.65 -33.82
C THR B 198 -17.39 -76.03 -34.32
N ASP B 199 -18.11 -76.80 -33.48
CA ASP B 199 -18.64 -78.10 -33.89
C ASP B 199 -19.62 -78.00 -35.06
N ALA B 200 -20.15 -76.81 -35.37
CA ALA B 200 -20.97 -76.67 -36.56
C ALA B 200 -20.12 -76.35 -37.77
N GLY B 201 -18.81 -76.14 -37.58
CA GLY B 201 -17.96 -75.73 -38.68
C GLY B 201 -18.04 -74.22 -38.95
N VAL B 202 -18.13 -73.46 -37.87
CA VAL B 202 -18.01 -72.02 -38.01
CA VAL B 202 -18.06 -72.01 -37.96
C VAL B 202 -16.97 -71.58 -37.00
N ALA B 203 -16.07 -70.69 -37.47
CA ALA B 203 -15.03 -70.17 -36.62
C ALA B 203 -15.63 -69.07 -35.76
N THR B 204 -15.21 -69.02 -34.49
CA THR B 204 -15.70 -68.09 -33.52
C THR B 204 -14.75 -66.91 -33.37
N VAL B 205 -15.35 -65.74 -33.05
CA VAL B 205 -14.61 -64.58 -32.60
C VAL B 205 -15.18 -64.20 -31.24
N SER B 206 -14.64 -64.80 -30.17
CA SER B 206 -15.11 -64.51 -28.83
C SER B 206 -14.83 -63.04 -28.51
N LYS B 207 -15.82 -62.35 -27.96
CA LYS B 207 -15.72 -60.92 -27.72
C LYS B 207 -16.26 -60.56 -26.34
N HIS B 208 -15.85 -59.40 -25.78
CA HIS B 208 -14.91 -58.46 -26.35
C HIS B 208 -13.76 -58.34 -25.36
N TRP B 209 -12.52 -58.61 -25.83
CA TRP B 209 -11.35 -58.60 -24.96
C TRP B 209 -10.93 -57.14 -24.84
N ILE B 210 -10.87 -56.53 -23.65
CA ILE B 210 -11.23 -57.03 -22.34
C ILE B 210 -11.54 -55.80 -21.45
N ALA B 211 -12.20 -56.04 -20.31
CA ALA B 211 -12.66 -55.01 -19.38
C ALA B 211 -13.59 -53.99 -20.05
N TYR B 212 -14.40 -54.49 -20.98
CA TYR B 212 -15.37 -53.71 -21.71
C TYR B 212 -16.68 -53.71 -20.91
N GLU B 213 -16.86 -52.68 -20.08
CA GLU B 213 -17.86 -52.73 -19.03
C GLU B 213 -18.73 -51.47 -18.99
N GLN B 214 -18.78 -50.69 -20.06
CA GLN B 214 -19.84 -49.73 -20.20
C GLN B 214 -19.92 -49.26 -21.64
N GLU B 215 -21.14 -49.00 -22.11
CA GLU B 215 -21.32 -48.56 -23.48
C GLU B 215 -20.96 -47.09 -23.60
N THR B 216 -21.16 -46.34 -22.51
CA THR B 216 -21.02 -44.89 -22.55
C THR B 216 -19.56 -44.56 -22.76
N SER B 217 -19.29 -43.69 -23.76
CA SER B 217 -17.93 -43.24 -24.06
C SER B 217 -17.06 -44.38 -24.59
N ARG B 218 -17.67 -45.46 -25.07
CA ARG B 218 -16.87 -46.50 -25.66
C ARG B 218 -16.15 -45.89 -26.89
N ASN B 219 -16.76 -44.88 -27.51
CA ASN B 219 -16.13 -44.08 -28.55
C ASN B 219 -15.33 -44.92 -29.54
N LEU B 220 -16.06 -45.61 -30.41
CA LEU B 220 -15.39 -46.27 -31.50
C LEU B 220 -14.82 -45.18 -32.40
N TYR B 221 -13.71 -45.53 -33.06
CA TYR B 221 -13.08 -44.63 -34.00
C TYR B 221 -13.97 -44.48 -35.22
N ILE B 222 -14.25 -43.22 -35.58
CA ILE B 222 -15.03 -42.93 -36.77
C ILE B 222 -14.61 -41.55 -37.27
N ASP B 223 -14.68 -41.38 -38.60
CA ASP B 223 -14.23 -40.18 -39.26
C ASP B 223 -15.12 -39.88 -40.47
N ILE B 224 -16.33 -39.32 -40.24
CA ILE B 224 -17.35 -39.13 -41.27
C ILE B 224 -18.11 -37.82 -41.02
N ASP B 225 -18.36 -37.07 -42.11
CA ASP B 225 -19.06 -35.78 -42.08
C ASP B 225 -18.13 -34.70 -41.53
N GLY B 226 -16.84 -34.78 -41.87
CA GLY B 226 -15.80 -33.85 -41.39
C GLY B 226 -15.51 -33.94 -39.89
N VAL B 227 -15.99 -34.99 -39.21
CA VAL B 227 -15.98 -35.07 -37.76
C VAL B 227 -15.31 -36.37 -37.32
N SER B 228 -14.11 -36.27 -36.74
CA SER B 228 -13.40 -37.41 -36.20
C SER B 228 -13.55 -37.52 -34.66
N GLN B 229 -13.63 -38.76 -34.18
CA GLN B 229 -13.82 -39.06 -32.77
C GLN B 229 -12.54 -38.77 -32.00
N ALA B 230 -11.42 -38.81 -32.72
CA ALA B 230 -10.12 -38.53 -32.12
C ALA B 230 -10.11 -37.11 -31.57
N ASP B 231 -10.90 -36.22 -32.21
CA ASP B 231 -10.92 -34.80 -31.87
C ASP B 231 -11.99 -34.48 -30.85
N ILE B 232 -12.71 -35.48 -30.33
CA ILE B 232 -13.78 -35.24 -29.38
C ILE B 232 -13.42 -35.88 -28.05
N GLN B 233 -13.21 -37.20 -28.05
CA GLN B 233 -12.99 -37.91 -26.80
C GLN B 233 -12.35 -39.26 -27.06
N LEU B 234 -11.44 -39.68 -26.20
CA LEU B 234 -10.88 -41.01 -26.32
C LEU B 234 -11.86 -41.98 -25.70
N PRO B 235 -11.77 -43.29 -25.99
CA PRO B 235 -12.61 -44.27 -25.31
C PRO B 235 -12.36 -44.29 -23.81
N ILE B 236 -13.39 -44.62 -23.04
CA ILE B 236 -13.26 -44.87 -21.62
C ILE B 236 -12.06 -45.79 -21.36
N SER B 237 -11.36 -45.52 -20.25
CA SER B 237 -10.18 -46.27 -19.87
C SER B 237 -10.47 -47.13 -18.64
N SER B 238 -10.68 -48.42 -18.88
CA SER B 238 -10.79 -49.37 -17.80
C SER B 238 -9.41 -49.50 -17.15
N ASN B 239 -9.29 -48.98 -15.94
CA ASN B 239 -8.02 -49.02 -15.26
C ASN B 239 -8.08 -50.12 -14.22
N VAL B 240 -7.55 -51.29 -14.59
CA VAL B 240 -7.78 -52.54 -13.88
C VAL B 240 -6.49 -53.06 -13.25
N ASP B 241 -6.51 -53.35 -11.94
CA ASP B 241 -5.33 -53.91 -11.31
C ASP B 241 -5.12 -55.35 -11.79
N ASP B 242 -3.97 -55.92 -11.40
CA ASP B 242 -3.48 -57.12 -12.03
C ASP B 242 -4.24 -58.32 -11.49
N LEU B 243 -4.45 -58.35 -10.18
CA LEU B 243 -5.20 -59.43 -9.56
C LEU B 243 -6.61 -59.50 -10.14
N THR B 244 -7.26 -58.34 -10.24
CA THR B 244 -8.62 -58.28 -10.76
C THR B 244 -8.68 -58.83 -12.17
N MET B 245 -7.73 -58.40 -13.01
CA MET B 245 -7.73 -58.77 -14.41
C MET B 245 -7.58 -60.30 -14.56
N HIS B 246 -6.90 -60.94 -13.60
CA HIS B 246 -6.67 -62.37 -13.68
C HIS B 246 -7.84 -63.13 -13.08
N GLU B 247 -8.29 -62.69 -11.90
CA GLU B 247 -9.31 -63.43 -11.17
C GLU B 247 -10.69 -63.20 -11.77
N LEU B 248 -10.94 -62.03 -12.39
CA LEU B 248 -12.28 -61.68 -12.82
C LEU B 248 -12.40 -61.71 -14.33
N TYR B 249 -11.72 -60.77 -15.01
CA TYR B 249 -12.01 -60.51 -16.41
C TYR B 249 -11.43 -61.60 -17.31
N MET B 250 -10.24 -62.14 -17.02
CA MET B 250 -9.60 -63.11 -17.93
C MET B 250 -10.24 -64.50 -17.84
N TRP B 251 -10.86 -64.84 -16.69
CA TRP B 251 -11.39 -66.17 -16.41
C TRP B 251 -12.16 -66.75 -17.59
N SER B 252 -13.15 -66.04 -18.09
CA SER B 252 -14.03 -66.60 -19.10
C SER B 252 -13.31 -66.66 -20.44
N PHE B 253 -12.32 -65.79 -20.64
CA PHE B 253 -11.53 -65.81 -21.86
C PHE B 253 -10.59 -67.01 -21.86
N ALA B 254 -10.07 -67.39 -20.69
CA ALA B 254 -9.30 -68.62 -20.59
C ALA B 254 -10.11 -69.81 -21.10
N GLU B 255 -11.38 -69.84 -20.66
CA GLU B 255 -12.31 -70.89 -21.03
C GLU B 255 -12.59 -70.85 -22.53
N ALA B 256 -12.79 -69.66 -23.10
CA ALA B 256 -13.03 -69.60 -24.55
C ALA B 256 -11.79 -70.07 -25.33
N VAL B 257 -10.58 -69.70 -24.85
CA VAL B 257 -9.33 -70.19 -25.43
C VAL B 257 -9.29 -71.73 -25.35
N ARG B 258 -9.47 -72.28 -24.15
CA ARG B 258 -9.44 -73.73 -23.94
C ARG B 258 -10.43 -74.42 -24.87
N ALA B 259 -11.59 -73.81 -25.14
CA ALA B 259 -12.62 -74.47 -25.94
C ALA B 259 -12.25 -74.44 -27.41
N GLY B 260 -11.15 -73.74 -27.75
CA GLY B 260 -10.70 -73.60 -29.13
C GLY B 260 -11.35 -72.46 -29.89
N THR B 261 -11.59 -71.31 -29.22
CA THR B 261 -12.05 -70.12 -29.96
C THR B 261 -11.00 -69.77 -31.01
N ASN B 262 -11.43 -69.63 -32.27
CA ASN B 262 -10.46 -69.48 -33.34
C ASN B 262 -9.87 -68.08 -33.29
N HIS B 263 -10.73 -67.10 -32.96
CA HIS B 263 -10.34 -65.71 -32.93
C HIS B 263 -10.87 -65.06 -31.66
N ILE B 264 -10.38 -63.86 -31.40
CA ILE B 264 -10.90 -63.05 -30.32
C ILE B 264 -10.96 -61.60 -30.79
N MET B 265 -12.00 -60.89 -30.33
CA MET B 265 -12.19 -59.50 -30.74
C MET B 265 -11.74 -58.58 -29.63
N CYS B 266 -10.85 -57.65 -29.99
CA CYS B 266 -10.40 -56.66 -29.03
C CYS B 266 -11.44 -55.56 -29.00
N SER B 267 -11.61 -55.00 -27.79
CA SER B 267 -12.71 -54.14 -27.38
C SER B 267 -12.46 -52.68 -27.72
N TYR B 268 -13.51 -51.86 -27.56
CA TYR B 268 -13.50 -50.45 -27.92
C TYR B 268 -12.81 -49.58 -26.86
N ASN B 269 -12.85 -50.04 -25.61
CA ASN B 269 -12.27 -49.30 -24.52
C ASN B 269 -10.73 -49.38 -24.53
N ARG B 270 -10.10 -48.34 -24.00
CA ARG B 270 -8.71 -48.40 -23.59
C ARG B 270 -8.63 -49.19 -22.28
N ILE B 271 -7.43 -49.73 -21.99
CA ILE B 271 -7.11 -50.29 -20.69
C ILE B 271 -5.82 -49.65 -20.20
N ASN B 272 -5.84 -49.09 -18.99
CA ASN B 272 -4.78 -48.23 -18.48
C ASN B 272 -4.35 -47.19 -19.50
N ASN B 273 -5.31 -46.58 -20.19
CA ASN B 273 -5.08 -45.48 -21.11
C ASN B 273 -4.43 -45.89 -22.41
N THR B 274 -4.44 -47.19 -22.74
CA THR B 274 -4.01 -47.66 -24.04
C THR B 274 -5.12 -48.48 -24.69
N HIS B 275 -5.48 -48.11 -25.93
CA HIS B 275 -6.46 -48.87 -26.68
C HIS B 275 -6.26 -50.36 -26.46
N SER B 276 -7.35 -51.12 -26.26
CA SER B 276 -7.28 -52.56 -26.11
C SER B 276 -6.66 -53.18 -27.35
N CYS B 277 -7.04 -52.67 -28.52
CA CYS B 277 -6.65 -53.26 -29.80
C CYS B 277 -5.18 -52.95 -30.13
N SER B 278 -4.50 -52.14 -29.33
CA SER B 278 -3.06 -51.96 -29.46
C SER B 278 -2.39 -51.97 -28.08
N ASN B 279 -2.93 -52.78 -27.17
CA ASN B 279 -2.37 -52.87 -25.85
C ASN B 279 -1.51 -54.13 -25.83
N ALA B 280 -0.17 -53.93 -25.75
CA ALA B 280 0.77 -55.04 -25.89
C ALA B 280 0.67 -55.96 -24.67
N LYS B 281 0.59 -55.40 -23.47
CA LYS B 281 0.45 -56.23 -22.27
C LYS B 281 -0.87 -57.00 -22.30
N GLY B 282 -1.91 -56.43 -22.93
CA GLY B 282 -3.18 -57.14 -23.05
C GLY B 282 -3.14 -58.23 -24.12
N LEU B 283 -2.75 -57.86 -25.34
CA LEU B 283 -2.80 -58.80 -26.43
C LEU B 283 -1.54 -59.68 -26.51
N ASN B 284 -0.34 -59.07 -26.47
CA ASN B 284 0.88 -59.85 -26.68
C ASN B 284 1.21 -60.69 -25.45
N GLN B 285 1.14 -60.13 -24.23
CA GLN B 285 1.48 -60.85 -23.01
C GLN B 285 0.30 -61.68 -22.44
N LEU B 286 -0.76 -61.06 -21.89
CA LEU B 286 -1.83 -61.82 -21.23
C LEU B 286 -2.52 -62.80 -22.19
N LEU B 287 -2.87 -62.37 -23.39
CA LEU B 287 -3.64 -63.26 -24.25
C LEU B 287 -2.75 -64.24 -25.04
N LYS B 288 -1.73 -63.74 -25.76
CA LYS B 288 -0.97 -64.57 -26.71
C LYS B 288 0.18 -65.32 -26.04
N THR B 289 0.58 -64.92 -24.82
CA THR B 289 1.59 -65.63 -24.05
C THR B 289 0.96 -66.41 -22.90
N GLU B 290 0.39 -65.71 -21.92
CA GLU B 290 -0.07 -66.43 -20.73
C GLU B 290 -1.20 -67.39 -21.05
N LEU B 291 -2.18 -66.94 -21.84
CA LEU B 291 -3.26 -67.83 -22.26
C LEU B 291 -2.86 -68.62 -23.52
N ASN B 292 -1.69 -68.32 -24.09
CA ASN B 292 -1.12 -69.11 -25.17
C ASN B 292 -2.06 -69.13 -26.36
N PHE B 293 -2.73 -68.01 -26.62
CA PHE B 293 -3.76 -67.98 -27.64
C PHE B 293 -3.13 -68.07 -29.03
N GLN B 294 -3.63 -68.96 -29.87
CA GLN B 294 -2.99 -69.32 -31.12
C GLN B 294 -3.75 -68.75 -32.31
N GLY B 295 -4.89 -68.10 -32.05
CA GLY B 295 -5.73 -67.65 -33.15
C GLY B 295 -5.61 -66.14 -33.38
N GLY B 296 -6.55 -65.58 -34.13
CA GLY B 296 -6.46 -64.18 -34.53
C GLY B 296 -7.15 -63.22 -33.57
N VAL B 297 -6.58 -62.01 -33.44
CA VAL B 297 -7.27 -60.90 -32.79
C VAL B 297 -7.89 -60.03 -33.87
N VAL B 298 -9.23 -59.89 -33.83
CA VAL B 298 -9.94 -59.08 -34.80
C VAL B 298 -10.35 -57.79 -34.11
N SER B 299 -10.20 -56.65 -34.79
CA SER B 299 -10.54 -55.38 -34.18
C SER B 299 -12.07 -55.35 -34.10
N ASP B 300 -12.60 -54.74 -33.03
CA ASP B 300 -14.00 -54.33 -33.12
C ASP B 300 -14.07 -53.28 -34.22
N TRP B 301 -15.28 -52.98 -34.67
CA TRP B 301 -15.48 -52.14 -35.85
C TRP B 301 -15.24 -50.68 -35.46
N GLY B 302 -14.06 -50.14 -35.78
CA GLY B 302 -13.63 -48.85 -35.29
C GLY B 302 -12.86 -49.01 -33.98
N GLY B 303 -12.46 -50.22 -33.66
CA GLY B 303 -11.66 -50.39 -32.44
C GLY B 303 -10.17 -50.18 -32.66
N GLN B 304 -9.75 -50.16 -33.93
CA GLN B 304 -8.36 -49.88 -34.27
C GLN B 304 -8.19 -48.37 -34.54
N TRP B 305 -7.21 -47.78 -33.87
CA TRP B 305 -7.00 -46.33 -33.82
C TRP B 305 -5.73 -45.90 -34.55
N ASP B 306 -4.81 -46.84 -34.80
CA ASP B 306 -3.54 -46.50 -35.45
C ASP B 306 -3.01 -47.68 -36.26
N SER B 307 -1.93 -47.43 -37.03
CA SER B 307 -1.37 -48.41 -37.94
C SER B 307 -0.29 -49.24 -37.26
N VAL B 308 0.74 -48.56 -36.76
CA VAL B 308 1.94 -49.24 -36.33
C VAL B 308 1.77 -49.86 -34.95
N PRO B 309 1.32 -49.19 -33.87
CA PRO B 309 1.18 -49.86 -32.57
C PRO B 309 0.27 -51.09 -32.59
N ALA B 310 -0.79 -51.01 -33.42
CA ALA B 310 -1.71 -52.12 -33.64
C ALA B 310 -0.93 -53.31 -34.22
N ALA B 311 -0.15 -53.05 -35.27
CA ALA B 311 0.67 -54.06 -35.93
C ALA B 311 1.68 -54.65 -34.97
N GLU B 312 2.18 -53.80 -34.08
CA GLU B 312 3.27 -54.18 -33.20
C GLU B 312 2.71 -54.87 -31.96
N ASN B 313 1.50 -54.48 -31.51
CA ASN B 313 1.11 -54.79 -30.13
C ASN B 313 0.03 -55.87 -30.01
N GLY B 314 -0.43 -56.49 -31.12
CA GLY B 314 -1.21 -57.70 -31.00
C GLY B 314 -2.38 -57.88 -31.98
N LEU B 315 -2.75 -56.82 -32.70
CA LEU B 315 -3.87 -56.93 -33.61
C LEU B 315 -3.50 -57.84 -34.78
N ASP B 316 -4.44 -58.68 -35.22
CA ASP B 316 -4.22 -59.49 -36.40
C ASP B 316 -5.07 -59.06 -37.57
N VAL B 317 -6.29 -58.54 -37.31
CA VAL B 317 -7.19 -58.24 -38.41
C VAL B 317 -7.86 -56.88 -38.21
N ALA B 318 -7.84 -56.08 -39.28
CA ALA B 318 -8.34 -54.72 -39.23
C ALA B 318 -9.71 -54.72 -39.87
N MET B 319 -10.73 -54.52 -39.02
CA MET B 319 -12.12 -54.49 -39.50
C MET B 319 -12.79 -53.18 -39.11
N PRO B 320 -13.68 -52.66 -39.96
CA PRO B 320 -14.03 -53.30 -41.23
C PRO B 320 -13.31 -52.87 -42.52
N GLY B 321 -12.25 -52.06 -42.37
CA GLY B 321 -11.46 -51.67 -43.51
C GLY B 321 -12.23 -50.81 -44.50
N LYS B 322 -12.41 -51.32 -45.72
CA LYS B 322 -13.05 -50.56 -46.77
C LYS B 322 -14.58 -50.63 -46.66
N GLY B 323 -15.04 -51.49 -45.73
CA GLY B 323 -16.45 -51.50 -45.35
C GLY B 323 -16.88 -50.21 -44.65
N PHE B 324 -18.17 -49.93 -44.72
CA PHE B 324 -18.76 -48.79 -44.05
C PHE B 324 -18.09 -47.51 -44.52
N LEU B 325 -17.88 -47.41 -45.84
CA LEU B 325 -17.30 -46.23 -46.45
C LEU B 325 -15.89 -45.92 -45.93
N GLY B 326 -15.25 -46.88 -45.26
CA GLY B 326 -13.98 -46.62 -44.61
C GLY B 326 -14.09 -45.65 -43.45
N ALA B 327 -15.32 -45.34 -43.02
CA ALA B 327 -15.56 -44.29 -42.04
C ALA B 327 -15.03 -44.65 -40.66
N LEU B 328 -14.79 -45.95 -40.40
CA LEU B 328 -14.44 -46.42 -39.06
C LEU B 328 -12.94 -46.65 -38.97
N GLY B 329 -12.22 -45.98 -39.86
CA GLY B 329 -10.77 -46.14 -39.93
C GLY B 329 -10.37 -47.28 -40.87
N ASP B 330 -9.24 -47.06 -41.56
CA ASP B 330 -8.68 -47.98 -42.52
C ASP B 330 -7.16 -47.86 -42.43
N PHE B 331 -6.61 -48.36 -41.32
CA PHE B 331 -5.26 -48.05 -40.89
C PHE B 331 -4.19 -48.97 -41.49
N TRP B 332 -4.61 -50.08 -42.12
CA TRP B 332 -3.71 -51.04 -42.76
C TRP B 332 -4.02 -51.05 -44.25
N GLY B 333 -4.16 -52.24 -44.87
CA GLY B 333 -4.29 -52.28 -46.32
C GLY B 333 -3.02 -51.73 -47.01
N ALA B 334 -3.23 -50.76 -47.91
CA ALA B 334 -2.14 -50.09 -48.62
C ALA B 334 -1.18 -49.45 -47.63
N THR B 335 -1.69 -49.02 -46.48
CA THR B 335 -0.80 -48.39 -45.52
C THR B 335 0.13 -49.43 -44.94
N LEU B 336 -0.33 -50.67 -44.80
CA LEU B 336 0.48 -51.71 -44.20
C LEU B 336 1.52 -52.20 -45.23
N VAL B 337 1.10 -52.25 -46.52
CA VAL B 337 2.01 -52.54 -47.61
C VAL B 337 3.24 -51.62 -47.53
N GLU B 338 3.00 -50.32 -47.43
CA GLU B 338 4.06 -49.32 -47.34
C GLU B 338 4.86 -49.47 -46.05
N LEU B 339 4.19 -49.77 -44.94
CA LEU B 339 4.92 -49.96 -43.71
C LEU B 339 5.86 -51.17 -43.79
N ILE B 340 5.50 -52.18 -44.61
CA ILE B 340 6.37 -53.34 -44.71
C ILE B 340 7.49 -52.99 -45.69
N ASN B 341 7.14 -52.47 -46.84
CA ASN B 341 8.14 -52.15 -47.84
C ASN B 341 9.20 -51.19 -47.30
N ASN B 342 8.84 -50.23 -46.46
CA ASN B 342 9.78 -49.21 -46.04
C ASN B 342 10.44 -49.56 -44.70
N GLY B 343 10.30 -50.79 -44.21
CA GLY B 343 11.09 -51.23 -43.07
C GLY B 343 10.48 -50.89 -41.70
N THR B 344 9.30 -50.27 -41.67
CA THR B 344 8.71 -49.87 -40.39
C THR B 344 8.13 -51.09 -39.64
N VAL B 345 7.44 -51.99 -40.36
CA VAL B 345 6.86 -53.18 -39.75
C VAL B 345 7.37 -54.42 -40.50
N SER B 346 7.84 -55.41 -39.75
CA SER B 346 8.47 -56.58 -40.34
C SER B 346 7.45 -57.47 -41.04
N GLU B 347 7.82 -58.00 -42.21
CA GLU B 347 7.03 -58.98 -42.91
C GLU B 347 6.75 -60.18 -42.01
N ASP B 348 7.66 -60.48 -41.09
CA ASP B 348 7.49 -61.60 -40.20
C ASP B 348 6.25 -61.36 -39.33
N LEU B 349 6.12 -60.14 -38.81
CA LEU B 349 5.05 -59.80 -37.88
C LEU B 349 3.69 -60.00 -38.56
N VAL B 350 3.61 -59.62 -39.83
CA VAL B 350 2.38 -59.68 -40.59
C VAL B 350 2.10 -61.10 -41.08
N ARG B 351 3.14 -61.89 -41.34
CA ARG B 351 2.96 -63.26 -41.74
C ARG B 351 2.28 -64.00 -40.60
N ASP B 352 2.65 -63.68 -39.35
CA ASP B 352 2.03 -64.30 -38.19
C ASP B 352 0.53 -63.98 -38.11
N LYS B 353 0.17 -62.72 -38.41
CA LYS B 353 -1.22 -62.29 -38.46
C LYS B 353 -1.95 -63.16 -39.46
N ALA B 354 -1.38 -63.33 -40.64
CA ALA B 354 -2.06 -64.05 -41.71
C ALA B 354 -2.20 -65.52 -41.33
N VAL B 355 -1.25 -66.03 -40.55
CA VAL B 355 -1.20 -67.44 -40.21
C VAL B 355 -2.31 -67.72 -39.20
N ARG B 356 -2.50 -66.76 -38.28
CA ARG B 356 -3.53 -66.86 -37.24
C ARG B 356 -4.90 -66.82 -37.89
N ILE B 357 -5.07 -65.98 -38.92
CA ILE B 357 -6.31 -65.95 -39.66
C ILE B 357 -6.61 -67.30 -40.27
N LEU B 358 -5.59 -67.90 -40.88
CA LEU B 358 -5.78 -68.98 -41.84
C LEU B 358 -5.81 -70.34 -41.14
N THR B 359 -5.33 -70.42 -39.89
CA THR B 359 -5.40 -71.62 -39.09
C THR B 359 -6.86 -72.06 -38.92
N GLY B 360 -7.73 -71.13 -38.51
CA GLY B 360 -9.14 -71.45 -38.34
C GLY B 360 -9.73 -72.02 -39.62
N TYR B 361 -9.40 -71.40 -40.74
CA TYR B 361 -9.95 -71.78 -42.04
C TYR B 361 -9.69 -73.26 -42.32
N TYR B 362 -8.44 -73.71 -42.10
CA TYR B 362 -8.00 -75.07 -42.42
C TYR B 362 -8.55 -76.04 -41.38
N TYR B 363 -8.48 -75.65 -40.11
CA TYR B 363 -8.86 -76.52 -39.02
C TYR B 363 -10.33 -76.93 -39.13
N LEU B 364 -11.23 -75.99 -39.48
CA LEU B 364 -12.65 -76.28 -39.66
C LEU B 364 -12.97 -76.74 -41.09
N GLY B 365 -11.96 -76.89 -41.93
CA GLY B 365 -12.15 -77.62 -43.16
C GLY B 365 -12.93 -76.84 -44.22
N GLN B 366 -12.80 -75.51 -44.16
CA GLN B 366 -13.52 -74.62 -45.05
C GLN B 366 -12.86 -74.60 -46.43
N ASP B 367 -11.64 -75.17 -46.55
CA ASP B 367 -10.95 -75.37 -47.82
C ASP B 367 -11.59 -76.52 -48.61
N THR B 368 -11.69 -77.70 -47.98
CA THR B 368 -12.20 -78.89 -48.64
C THR B 368 -13.72 -78.97 -48.53
N ASN B 369 -14.31 -78.17 -47.61
CA ASN B 369 -15.75 -78.16 -47.40
C ASN B 369 -16.23 -76.71 -47.27
N PRO B 370 -16.17 -75.93 -48.36
CA PRO B 370 -16.46 -74.50 -48.26
C PRO B 370 -17.91 -74.18 -47.87
N PRO B 371 -18.15 -73.16 -47.02
CA PRO B 371 -19.50 -72.67 -46.78
C PRO B 371 -20.19 -72.31 -48.09
N PRO B 372 -21.51 -72.38 -48.19
CA PRO B 372 -22.20 -71.87 -49.37
C PRO B 372 -22.06 -70.36 -49.47
N PRO B 373 -22.40 -69.74 -50.61
CA PRO B 373 -22.36 -68.27 -50.74
C PRO B 373 -23.34 -67.59 -49.77
N PHE B 374 -22.98 -66.38 -49.33
CA PHE B 374 -23.80 -65.58 -48.45
C PHE B 374 -24.58 -64.66 -49.37
N VAL B 375 -25.89 -64.50 -49.13
CA VAL B 375 -26.74 -63.94 -50.16
C VAL B 375 -27.50 -62.70 -49.67
N TYR B 376 -27.32 -62.29 -48.41
CA TYR B 376 -28.13 -61.20 -47.89
C TYR B 376 -27.26 -59.96 -47.70
N ASN B 377 -27.75 -58.81 -48.19
CA ASN B 377 -27.17 -57.51 -47.84
C ASN B 377 -27.49 -57.19 -46.37
N THR B 378 -26.53 -57.38 -45.47
CA THR B 378 -26.75 -57.12 -44.06
C THR B 378 -26.18 -55.78 -43.64
N ILE B 379 -25.64 -55.01 -44.58
CA ILE B 379 -25.07 -53.73 -44.23
C ILE B 379 -26.14 -52.64 -44.29
N GLY B 380 -26.80 -52.55 -45.47
CA GLY B 380 -28.00 -51.77 -45.69
C GLY B 380 -27.71 -50.59 -46.60
N ALA B 381 -28.53 -50.36 -47.62
CA ALA B 381 -28.41 -49.13 -48.37
C ALA B 381 -28.62 -47.92 -47.45
N PRO B 382 -28.01 -46.73 -47.69
CA PRO B 382 -27.14 -46.47 -48.84
C PRO B 382 -25.67 -46.84 -48.64
N THR B 383 -25.30 -47.23 -47.41
CA THR B 383 -23.95 -47.68 -47.11
C THR B 383 -23.47 -48.76 -48.09
N LEU B 384 -24.31 -49.77 -48.35
CA LEU B 384 -24.08 -50.72 -49.42
C LEU B 384 -25.37 -50.97 -50.20
N ASN B 385 -25.30 -50.71 -51.50
CA ASN B 385 -26.41 -50.85 -52.43
C ASN B 385 -26.24 -52.15 -53.18
N ALA B 386 -26.87 -53.21 -52.66
CA ALA B 386 -26.69 -54.53 -53.21
C ALA B 386 -27.96 -55.33 -52.90
N THR B 387 -28.46 -56.04 -53.91
CA THR B 387 -29.68 -56.83 -53.78
C THR B 387 -29.40 -58.00 -52.86
N SER B 388 -30.48 -58.62 -52.37
CA SER B 388 -30.36 -59.76 -51.50
C SER B 388 -30.92 -60.97 -52.22
N GLY B 389 -30.35 -62.14 -51.93
CA GLY B 389 -30.93 -63.42 -52.35
C GLY B 389 -31.94 -63.93 -51.33
N TYR B 390 -32.27 -65.23 -51.44
CA TYR B 390 -33.11 -65.85 -50.42
C TYR B 390 -32.60 -67.25 -50.16
N ARG B 391 -32.42 -67.57 -48.86
CA ARG B 391 -31.99 -68.93 -48.45
C ARG B 391 -32.70 -69.29 -47.12
N ASN B 392 -33.42 -70.42 -47.09
CA ASN B 392 -34.09 -70.85 -45.87
C ASN B 392 -33.23 -71.92 -45.22
N VAL B 393 -32.97 -71.76 -43.93
CA VAL B 393 -31.97 -72.49 -43.20
C VAL B 393 -32.59 -73.05 -41.90
N ARG B 394 -33.87 -72.75 -41.66
CA ARG B 394 -34.52 -73.24 -40.44
C ARG B 394 -34.74 -74.74 -40.55
N LYS B 395 -34.18 -75.51 -39.60
CA LYS B 395 -34.30 -76.95 -39.60
C LYS B 395 -35.35 -77.38 -38.59
N PRO B 396 -36.01 -78.53 -38.85
CA PRO B 396 -36.91 -79.10 -37.85
C PRO B 396 -36.05 -79.31 -36.61
N GLY B 397 -36.65 -79.04 -35.47
CA GLY B 397 -35.97 -79.15 -34.19
C GLY B 397 -35.63 -77.80 -33.56
N THR B 398 -35.34 -76.79 -34.39
CA THR B 398 -34.85 -75.52 -33.88
C THR B 398 -35.95 -74.79 -33.10
N ALA B 399 -37.13 -74.68 -33.68
CA ALA B 399 -38.21 -74.03 -32.95
C ALA B 399 -38.38 -74.64 -31.56
N GLU B 400 -38.38 -75.97 -31.47
CA GLU B 400 -38.65 -76.66 -30.21
C GLU B 400 -37.50 -76.47 -29.22
N LEU B 401 -36.27 -76.37 -29.74
CA LEU B 401 -35.12 -76.10 -28.90
C LEU B 401 -35.22 -74.67 -28.35
N ILE B 402 -35.63 -73.72 -29.21
CA ILE B 402 -35.83 -72.34 -28.75
C ILE B 402 -36.90 -72.27 -27.66
N LYS B 403 -38.02 -73.00 -27.87
CA LYS B 403 -39.06 -73.11 -26.86
C LYS B 403 -38.50 -73.65 -25.53
N GLU B 404 -37.71 -74.73 -25.60
CA GLU B 404 -37.24 -75.41 -24.41
C GLU B 404 -36.36 -74.47 -23.60
N ILE B 405 -35.51 -73.69 -24.29
CA ILE B 405 -34.61 -72.77 -23.61
C ILE B 405 -35.48 -71.78 -22.82
N GLY B 406 -36.54 -71.29 -23.48
CA GLY B 406 -37.53 -70.44 -22.82
C GLY B 406 -38.09 -71.06 -21.54
N SER B 407 -38.56 -72.31 -21.64
CA SER B 407 -39.30 -72.95 -20.56
C SER B 407 -38.37 -73.30 -19.40
N ALA B 408 -37.08 -73.55 -19.72
CA ALA B 408 -36.07 -73.89 -18.72
C ALA B 408 -35.49 -72.65 -18.05
N SER B 409 -35.66 -71.47 -18.71
CA SER B 409 -35.08 -70.21 -18.26
C SER B 409 -36.06 -69.38 -17.43
N VAL B 410 -37.34 -69.39 -17.81
CA VAL B 410 -38.25 -68.45 -17.16
C VAL B 410 -38.20 -68.67 -15.64
N THR B 411 -38.03 -67.57 -14.89
CA THR B 411 -37.61 -67.61 -13.50
C THR B 411 -38.71 -67.02 -12.62
N LEU B 412 -39.21 -67.84 -11.69
CA LEU B 412 -40.29 -67.43 -10.80
C LEU B 412 -39.69 -66.75 -9.58
N LEU B 413 -39.99 -65.45 -9.40
CA LEU B 413 -39.43 -64.65 -8.32
C LEU B 413 -40.39 -64.53 -7.15
N LYS B 414 -41.71 -64.51 -7.44
CA LYS B 414 -42.72 -64.40 -6.40
C LYS B 414 -43.88 -65.33 -6.72
N ASN B 415 -44.39 -66.06 -5.72
CA ASN B 415 -45.59 -66.84 -5.88
C ASN B 415 -46.28 -67.01 -4.53
N THR B 416 -47.38 -66.29 -4.31
CA THR B 416 -48.09 -66.36 -3.04
C THR B 416 -49.17 -67.43 -3.07
N GLY B 417 -49.39 -68.07 -4.23
CA GLY B 417 -50.36 -69.12 -4.36
C GLY B 417 -51.07 -69.16 -5.71
N SER B 418 -50.92 -68.14 -6.56
CA SER B 418 -51.71 -68.05 -7.77
C SER B 418 -51.22 -68.99 -8.86
N LEU B 419 -49.98 -69.49 -8.76
CA LEU B 419 -49.50 -70.39 -9.81
C LEU B 419 -49.16 -71.75 -9.21
N PRO B 420 -49.29 -72.85 -9.98
CA PRO B 420 -49.75 -72.81 -11.37
C PRO B 420 -51.24 -72.55 -11.54
N LEU B 421 -51.61 -72.09 -12.74
CA LEU B 421 -53.01 -71.89 -13.07
C LEU B 421 -53.66 -73.25 -13.22
N LYS B 422 -54.91 -73.32 -12.80
CA LYS B 422 -55.76 -74.46 -13.02
C LYS B 422 -56.48 -74.22 -14.35
N HIS B 423 -57.74 -73.76 -14.32
CA HIS B 423 -58.50 -73.53 -15.53
C HIS B 423 -59.35 -72.28 -15.40
N PRO B 424 -58.76 -71.09 -15.20
CA PRO B 424 -59.54 -69.87 -15.00
C PRO B 424 -60.40 -69.61 -16.23
N GLN B 425 -61.57 -69.03 -15.95
CA GLN B 425 -62.59 -68.86 -16.97
C GLN B 425 -62.54 -67.46 -17.55
N ARG B 426 -62.01 -66.50 -16.79
CA ARG B 426 -61.99 -65.11 -17.22
C ARG B 426 -60.58 -64.57 -17.01
N ILE B 427 -59.94 -64.22 -18.13
CA ILE B 427 -58.54 -63.86 -18.13
C ILE B 427 -58.40 -62.45 -18.68
N ALA B 428 -57.72 -61.58 -17.93
CA ALA B 428 -57.30 -60.28 -18.42
C ALA B 428 -55.79 -60.26 -18.69
N VAL B 429 -55.43 -59.54 -19.76
CA VAL B 429 -54.04 -59.33 -20.11
C VAL B 429 -53.78 -57.85 -20.36
N LEU B 430 -52.68 -57.34 -19.78
CA LEU B 430 -52.21 -55.95 -19.94
C LEU B 430 -50.77 -55.89 -20.47
N GLY B 431 -50.55 -55.07 -21.52
CA GLY B 431 -49.23 -54.62 -21.96
C GLY B 431 -49.03 -54.89 -23.46
N ASN B 432 -48.39 -53.96 -24.17
CA ASN B 432 -48.05 -54.19 -25.57
C ASN B 432 -47.04 -55.35 -25.70
N ASP B 433 -46.27 -55.62 -24.64
CA ASP B 433 -45.30 -56.73 -24.60
C ASP B 433 -45.98 -58.06 -24.85
N ALA B 434 -47.31 -58.10 -24.72
CA ALA B 434 -48.07 -59.34 -24.83
C ALA B 434 -48.36 -59.64 -26.30
N THR B 435 -48.19 -58.70 -27.21
CA THR B 435 -48.53 -58.95 -28.60
C THR B 435 -47.40 -58.45 -29.51
N TYR B 436 -47.69 -58.36 -30.79
CA TYR B 436 -46.73 -57.99 -31.80
C TYR B 436 -46.35 -56.52 -31.74
N ASN B 437 -45.10 -56.25 -32.09
CA ASN B 437 -44.68 -54.92 -32.52
C ASN B 437 -45.74 -54.44 -33.50
N VAL B 438 -46.17 -53.18 -33.39
CA VAL B 438 -47.31 -52.76 -34.19
C VAL B 438 -46.88 -52.52 -35.63
N LEU B 439 -45.56 -52.54 -35.87
CA LEU B 439 -44.99 -52.23 -37.16
C LEU B 439 -44.43 -53.50 -37.83
N GLY B 440 -44.50 -54.61 -37.08
CA GLY B 440 -44.02 -55.89 -37.57
C GLY B 440 -42.79 -56.32 -36.77
N PRO B 441 -42.53 -57.62 -36.63
CA PRO B 441 -41.48 -58.08 -35.72
C PRO B 441 -40.06 -57.66 -36.11
N ASN B 442 -39.80 -57.43 -37.40
CA ASN B 442 -38.50 -56.89 -37.82
C ASN B 442 -38.58 -55.44 -38.27
N ALA B 443 -39.58 -54.70 -37.78
CA ALA B 443 -39.75 -53.32 -38.18
C ALA B 443 -38.55 -52.47 -37.75
N CYS B 444 -37.92 -52.79 -36.61
CA CYS B 444 -36.84 -51.98 -36.10
C CYS B 444 -35.51 -52.22 -36.83
N GLY B 445 -35.54 -52.91 -37.99
CA GLY B 445 -34.44 -52.98 -38.93
C GLY B 445 -33.35 -54.02 -38.59
N LEU B 446 -32.27 -53.98 -39.39
CA LEU B 446 -31.12 -54.89 -39.30
C LEU B 446 -30.54 -55.02 -37.88
N ALA B 447 -30.66 -53.99 -37.03
CA ALA B 447 -30.04 -54.06 -35.72
C ALA B 447 -31.04 -53.89 -34.58
N ASN B 448 -32.33 -53.95 -34.92
CA ASN B 448 -33.40 -53.94 -33.93
C ASN B 448 -33.31 -52.68 -33.07
N SER B 449 -33.04 -51.54 -33.71
CA SER B 449 -32.75 -50.31 -32.97
C SER B 449 -33.30 -49.08 -33.65
N ALA B 450 -33.98 -49.24 -34.78
CA ALA B 450 -34.39 -48.09 -35.58
C ALA B 450 -35.84 -47.65 -35.34
N CYS B 451 -36.63 -48.32 -34.47
CA CYS B 451 -37.99 -47.82 -34.20
C CYS B 451 -37.95 -46.57 -33.31
N ASP B 452 -39.01 -45.76 -33.41
CA ASP B 452 -39.19 -44.56 -32.60
C ASP B 452 -39.17 -44.89 -31.12
N ILE B 453 -38.66 -43.95 -30.32
CA ILE B 453 -38.50 -44.09 -28.87
C ILE B 453 -39.79 -44.53 -28.19
N ASP B 454 -40.95 -44.27 -28.81
CA ASP B 454 -42.24 -44.53 -28.15
C ASP B 454 -43.01 -45.66 -28.84
N ASN B 455 -42.46 -46.23 -29.92
CA ASN B 455 -43.13 -47.34 -30.60
C ASN B 455 -43.38 -48.49 -29.63
N LEU B 456 -44.60 -49.00 -29.69
CA LEU B 456 -44.98 -50.26 -29.07
C LEU B 456 -44.33 -51.40 -29.87
N ASN B 457 -43.18 -51.88 -29.39
CA ASN B 457 -42.39 -52.85 -30.13
C ASN B 457 -42.88 -54.30 -29.92
N GLY B 458 -43.92 -54.50 -29.11
CA GLY B 458 -44.37 -55.84 -28.80
C GLY B 458 -43.42 -56.54 -27.82
N THR B 459 -43.50 -57.88 -27.81
CA THR B 459 -42.73 -58.72 -26.92
C THR B 459 -41.25 -58.47 -27.19
N LEU B 460 -40.50 -58.30 -26.11
CA LEU B 460 -39.09 -58.06 -26.24
C LEU B 460 -38.39 -59.41 -26.26
N THR B 461 -38.20 -59.92 -27.47
CA THR B 461 -37.66 -61.25 -27.68
C THR B 461 -36.14 -61.21 -27.85
N THR B 462 -35.61 -59.98 -28.04
CA THR B 462 -34.19 -59.75 -28.08
C THR B 462 -33.88 -58.29 -27.82
N GLY B 463 -32.59 -58.00 -27.51
CA GLY B 463 -32.13 -56.65 -27.31
C GLY B 463 -31.84 -55.95 -28.62
N GLY B 464 -31.34 -54.71 -28.52
CA GLY B 464 -30.94 -53.96 -29.70
C GLY B 464 -29.44 -54.00 -30.01
N GLY B 465 -29.13 -53.89 -31.30
CA GLY B 465 -27.76 -53.72 -31.76
C GLY B 465 -27.23 -54.94 -32.53
N SER B 466 -25.89 -55.02 -32.59
CA SER B 466 -25.18 -55.96 -33.45
C SER B 466 -25.47 -57.41 -33.05
N GLY B 467 -25.83 -57.63 -31.77
CA GLY B 467 -26.16 -58.93 -31.23
C GLY B 467 -27.65 -59.31 -31.31
N SER B 468 -28.40 -58.62 -32.15
CA SER B 468 -29.80 -58.93 -32.42
C SER B 468 -29.90 -59.78 -33.68
N ALA B 469 -31.13 -60.08 -34.12
CA ALA B 469 -31.38 -60.84 -35.33
C ALA B 469 -32.85 -60.75 -35.67
N LEU B 470 -33.20 -60.96 -36.94
CA LEU B 470 -34.57 -60.98 -37.40
C LEU B 470 -35.29 -62.24 -36.90
N SER B 471 -36.64 -62.18 -36.92
CA SER B 471 -37.57 -63.25 -36.56
C SER B 471 -38.41 -63.60 -37.76
N PRO B 472 -38.72 -64.89 -37.99
CA PRO B 472 -39.69 -65.24 -39.04
C PRO B 472 -41.14 -65.01 -38.56
N TYR B 473 -41.31 -64.91 -37.24
CA TYR B 473 -42.62 -64.67 -36.62
C TYR B 473 -42.39 -64.45 -35.13
N THR B 474 -43.42 -63.98 -34.42
CA THR B 474 -43.30 -64.03 -32.98
C THR B 474 -44.54 -64.77 -32.42
N ILE B 475 -44.27 -65.77 -31.56
CA ILE B 475 -45.34 -66.42 -30.83
C ILE B 475 -45.60 -65.51 -29.64
N THR B 476 -46.67 -64.73 -29.71
CA THR B 476 -46.90 -63.75 -28.67
C THR B 476 -47.41 -64.43 -27.41
N PRO B 477 -47.10 -63.91 -26.21
CA PRO B 477 -47.75 -64.42 -25.01
C PRO B 477 -49.28 -64.47 -25.11
N LEU B 478 -49.89 -63.50 -25.80
CA LEU B 478 -51.34 -63.41 -25.91
C LEU B 478 -51.90 -64.55 -26.75
N GLU B 479 -51.23 -64.94 -27.84
CA GLU B 479 -51.69 -66.12 -28.57
C GLU B 479 -51.68 -67.36 -27.67
N ALA B 480 -50.55 -67.59 -27.01
CA ALA B 480 -50.38 -68.85 -26.32
C ALA B 480 -51.42 -68.94 -25.21
N LEU B 481 -51.71 -67.79 -24.59
CA LEU B 481 -52.65 -67.73 -23.47
C LEU B 481 -54.06 -67.98 -23.98
N GLN B 482 -54.32 -67.48 -25.19
CA GLN B 482 -55.63 -67.59 -25.77
C GLN B 482 -55.88 -69.03 -26.16
N LYS B 483 -54.88 -69.71 -26.73
CA LYS B 483 -55.02 -71.09 -27.13
C LYS B 483 -55.48 -71.94 -25.95
N ARG B 484 -54.80 -71.75 -24.81
CA ARG B 484 -55.10 -72.44 -23.57
C ARG B 484 -56.47 -72.04 -23.03
N ALA B 485 -56.82 -70.75 -23.13
CA ALA B 485 -58.11 -70.27 -22.68
C ALA B 485 -59.22 -70.96 -23.46
N ILE B 486 -59.05 -71.04 -24.78
CA ILE B 486 -59.99 -71.72 -25.64
C ILE B 486 -60.13 -73.20 -25.28
N GLU B 487 -59.04 -73.86 -24.91
CA GLU B 487 -59.11 -75.26 -24.51
C GLU B 487 -59.95 -75.40 -23.25
N ASP B 488 -59.96 -74.37 -22.41
CA ASP B 488 -60.69 -74.39 -21.16
C ASP B 488 -62.08 -73.78 -21.28
N ASN B 489 -62.56 -73.52 -22.50
CA ASN B 489 -63.82 -72.86 -22.76
C ASN B 489 -63.93 -71.53 -21.96
N ALA B 490 -62.81 -70.78 -21.94
CA ALA B 490 -62.71 -69.55 -21.17
C ALA B 490 -62.80 -68.35 -22.11
N GLU B 491 -62.85 -67.15 -21.51
CA GLU B 491 -62.74 -65.91 -22.27
C GLU B 491 -61.45 -65.17 -21.86
N ILE B 492 -60.95 -64.40 -22.82
CA ILE B 492 -59.67 -63.73 -22.63
C ILE B 492 -59.71 -62.43 -23.40
N ALA B 493 -59.23 -61.38 -22.75
CA ALA B 493 -59.21 -60.06 -23.33
C ALA B 493 -57.91 -59.33 -22.95
N ALA B 494 -57.31 -58.61 -23.93
CA ALA B 494 -56.06 -57.88 -23.68
C ALA B 494 -56.19 -56.40 -24.08
N VAL B 495 -55.67 -55.53 -23.18
CA VAL B 495 -55.42 -54.15 -23.52
C VAL B 495 -53.93 -53.99 -23.87
N VAL B 496 -53.63 -53.76 -25.15
CA VAL B 496 -52.27 -53.79 -25.65
C VAL B 496 -51.79 -52.41 -26.09
N ALA B 497 -52.66 -51.39 -25.99
CA ALA B 497 -52.34 -50.03 -26.39
C ALA B 497 -51.40 -49.40 -25.38
N ASN B 498 -50.95 -48.19 -25.71
CA ASN B 498 -50.24 -47.38 -24.71
C ASN B 498 -51.24 -46.83 -23.74
N SER B 499 -51.14 -47.31 -22.48
CA SER B 499 -52.15 -47.03 -21.49
C SER B 499 -52.18 -45.53 -21.14
N ASN B 500 -51.07 -44.79 -21.35
CA ASN B 500 -51.02 -43.38 -20.97
C ASN B 500 -51.49 -42.45 -22.09
N THR B 501 -51.42 -42.85 -23.36
CA THR B 501 -51.64 -41.91 -24.45
C THR B 501 -52.74 -42.35 -25.38
N THR B 502 -53.34 -43.52 -25.14
CA THR B 502 -54.42 -43.98 -26.01
C THR B 502 -55.77 -43.68 -25.35
N THR B 503 -56.67 -43.03 -26.11
CA THR B 503 -57.94 -42.60 -25.55
C THR B 503 -58.75 -43.87 -25.30
N GLY B 504 -59.13 -44.03 -24.03
CA GLY B 504 -60.06 -45.04 -23.57
C GLY B 504 -59.34 -46.15 -22.81
N ALA B 505 -58.01 -46.14 -22.88
CA ALA B 505 -57.25 -47.31 -22.43
C ALA B 505 -57.43 -47.49 -20.93
N GLU B 506 -57.33 -46.41 -20.14
CA GLU B 506 -57.49 -46.57 -18.71
C GLU B 506 -58.92 -47.01 -18.37
N ASP B 507 -59.91 -46.50 -19.10
CA ASP B 507 -61.31 -46.84 -18.85
C ASP B 507 -61.50 -48.33 -19.15
N ALA B 508 -60.94 -48.75 -20.31
CA ALA B 508 -61.03 -50.13 -20.76
C ALA B 508 -60.42 -51.07 -19.74
N ILE B 509 -59.28 -50.68 -19.18
CA ILE B 509 -58.63 -51.45 -18.14
C ILE B 509 -59.50 -51.51 -16.89
N ALA B 510 -59.99 -50.36 -16.40
CA ALA B 510 -60.82 -50.33 -15.20
C ALA B 510 -62.07 -51.21 -15.34
N ALA B 511 -62.63 -51.30 -16.55
CA ALA B 511 -63.82 -52.08 -16.83
C ALA B 511 -63.53 -53.58 -16.86
N LEU B 512 -62.33 -53.97 -17.32
CA LEU B 512 -62.06 -55.36 -17.63
C LEU B 512 -61.55 -56.11 -16.40
N LEU B 513 -60.62 -55.55 -15.65
CA LEU B 513 -59.92 -56.29 -14.61
C LEU B 513 -60.85 -56.80 -13.51
N PRO B 514 -61.73 -55.98 -12.91
CA PRO B 514 -62.42 -56.40 -11.68
C PRO B 514 -63.05 -57.77 -11.77
N ASP B 515 -63.58 -58.14 -12.95
CA ASP B 515 -64.24 -59.43 -13.15
C ASP B 515 -63.28 -60.55 -13.58
N ALA B 516 -62.02 -60.23 -13.91
CA ALA B 516 -61.09 -61.24 -14.38
C ALA B 516 -60.68 -62.16 -13.22
N ASP B 517 -60.57 -63.47 -13.47
CA ASP B 517 -60.10 -64.40 -12.45
C ASP B 517 -58.62 -64.21 -12.19
N VAL B 518 -57.89 -63.86 -13.25
CA VAL B 518 -56.47 -63.56 -13.15
C VAL B 518 -56.13 -62.48 -14.17
N THR B 519 -55.23 -61.58 -13.77
CA THR B 519 -54.74 -60.55 -14.68
C THR B 519 -53.24 -60.75 -14.92
N PHE B 520 -52.88 -60.99 -16.18
CA PHE B 520 -51.48 -61.08 -16.55
C PHE B 520 -50.99 -59.71 -16.94
N VAL B 521 -49.84 -59.27 -16.41
CA VAL B 521 -49.24 -58.03 -16.91
C VAL B 521 -47.85 -58.30 -17.50
N PHE B 522 -47.71 -57.92 -18.78
CA PHE B 522 -46.49 -58.09 -19.57
C PHE B 522 -45.75 -56.76 -19.61
N LEU B 523 -44.58 -56.72 -18.95
CA LEU B 523 -43.67 -55.58 -18.92
C LEU B 523 -42.42 -55.87 -19.73
N ASN B 524 -41.79 -54.79 -20.19
CA ASN B 524 -40.53 -54.98 -20.90
C ASN B 524 -39.66 -53.75 -20.69
N ARG B 525 -38.39 -53.90 -21.11
CA ARG B 525 -37.34 -52.92 -20.91
C ARG B 525 -36.25 -53.18 -21.97
N TYR B 526 -36.48 -52.65 -23.17
CA TYR B 526 -35.49 -52.61 -24.23
C TYR B 526 -34.25 -51.84 -23.79
N SER B 527 -33.08 -52.40 -24.14
CA SER B 527 -31.83 -51.65 -24.12
C SER B 527 -31.03 -52.08 -25.35
N GLU B 528 -29.98 -51.32 -25.65
CA GLU B 528 -29.20 -51.57 -26.85
C GLU B 528 -27.72 -51.31 -26.62
N GLU B 529 -26.91 -51.97 -27.45
CA GLU B 529 -25.54 -51.56 -27.70
C GLU B 529 -25.51 -50.08 -28.04
N GLY B 530 -24.53 -49.37 -27.49
CA GLY B 530 -24.33 -47.99 -27.87
C GLY B 530 -24.73 -47.05 -26.74
N ALA B 531 -25.55 -47.56 -25.80
CA ALA B 531 -26.01 -46.78 -24.66
C ALA B 531 -26.14 -47.68 -23.45
N ASP B 532 -25.97 -47.08 -22.27
CA ASP B 532 -26.33 -47.77 -21.03
C ASP B 532 -27.73 -47.32 -20.63
N ALA B 533 -28.43 -48.18 -19.90
CA ALA B 533 -29.71 -47.76 -19.37
C ALA B 533 -29.46 -46.64 -18.36
N PRO B 534 -30.26 -45.54 -18.36
CA PRO B 534 -30.13 -44.48 -17.37
C PRO B 534 -30.47 -44.89 -15.96
N ASP B 535 -31.38 -45.86 -15.83
CA ASP B 535 -31.77 -46.36 -14.53
C ASP B 535 -32.48 -47.70 -14.74
N PHE B 536 -33.10 -48.20 -13.67
CA PHE B 536 -33.91 -49.41 -13.68
C PHE B 536 -35.35 -49.21 -14.14
N SER B 537 -35.77 -48.01 -14.55
CA SER B 537 -37.14 -47.78 -15.00
C SER B 537 -37.59 -48.87 -15.97
N LEU B 538 -38.80 -49.36 -15.76
CA LEU B 538 -39.51 -50.12 -16.77
C LEU B 538 -39.59 -49.33 -18.06
N GLY B 539 -39.65 -50.02 -19.19
CA GLY B 539 -39.83 -49.35 -20.45
C GLY B 539 -41.29 -48.98 -20.69
N GLY B 540 -41.51 -48.18 -21.75
CA GLY B 540 -42.83 -47.79 -22.18
C GLY B 540 -43.71 -47.36 -21.00
N ASP B 541 -44.94 -47.86 -20.99
CA ASP B 541 -45.93 -47.44 -20.00
C ASP B 541 -45.97 -48.41 -18.83
N GLY B 542 -44.88 -49.13 -18.59
CA GLY B 542 -44.84 -50.16 -17.57
C GLY B 542 -45.32 -49.70 -16.20
N ASP B 543 -44.84 -48.54 -15.72
CA ASP B 543 -45.13 -48.12 -14.36
C ASP B 543 -46.65 -47.90 -14.19
N ASN B 544 -47.26 -47.33 -15.23
CA ASN B 544 -48.69 -47.06 -15.29
C ASN B 544 -49.50 -48.36 -15.23
N LEU B 545 -49.19 -49.30 -16.14
CA LEU B 545 -49.83 -50.61 -16.22
C LEU B 545 -49.86 -51.27 -14.85
N MET B 546 -48.74 -51.22 -14.13
CA MET B 546 -48.69 -51.82 -12.80
C MET B 546 -49.55 -51.07 -11.80
N ASP B 547 -49.57 -49.74 -11.85
CA ASP B 547 -50.41 -48.97 -10.95
C ASP B 547 -51.88 -49.31 -11.16
N LEU B 548 -52.30 -49.40 -12.42
CA LEU B 548 -53.69 -49.65 -12.76
C LEU B 548 -54.07 -51.05 -12.32
N ALA B 549 -53.19 -52.01 -12.59
CA ALA B 549 -53.53 -53.41 -12.40
C ALA B 549 -53.70 -53.68 -10.91
N VAL B 550 -52.86 -53.10 -10.04
CA VAL B 550 -53.06 -53.37 -8.62
C VAL B 550 -54.30 -52.63 -8.06
N THR B 551 -54.80 -51.65 -8.81
CA THR B 551 -55.98 -50.90 -8.42
C THR B 551 -57.24 -51.75 -8.65
N TYR B 552 -57.34 -52.40 -9.82
CA TYR B 552 -58.56 -53.05 -10.26
C TYR B 552 -58.52 -54.58 -10.17
N SER B 553 -57.50 -55.17 -9.52
CA SER B 553 -57.35 -56.63 -9.47
C SER B 553 -56.49 -57.08 -8.29
N SER B 554 -56.90 -58.21 -7.72
CA SER B 554 -56.31 -58.82 -6.54
C SER B 554 -55.48 -60.05 -6.88
N ASN B 555 -55.44 -60.40 -8.17
CA ASN B 555 -54.68 -61.56 -8.62
C ASN B 555 -53.89 -61.21 -9.88
N VAL B 556 -52.85 -60.39 -9.69
CA VAL B 556 -52.02 -59.92 -10.80
C VAL B 556 -50.76 -60.77 -10.85
N VAL B 557 -50.55 -61.37 -12.02
CA VAL B 557 -49.36 -62.14 -12.33
C VAL B 557 -48.53 -61.32 -13.32
N VAL B 558 -47.30 -60.97 -12.92
CA VAL B 558 -46.43 -60.13 -13.73
C VAL B 558 -45.38 -60.96 -14.48
N VAL B 559 -45.27 -60.73 -15.81
CA VAL B 559 -44.21 -61.32 -16.61
C VAL B 559 -43.32 -60.22 -17.22
N ILE B 560 -42.01 -60.29 -16.95
CA ILE B 560 -41.07 -59.27 -17.38
C ILE B 560 -40.13 -59.85 -18.44
N HIS B 561 -40.24 -59.34 -19.68
CA HIS B 561 -39.25 -59.54 -20.73
C HIS B 561 -38.27 -58.36 -20.71
N THR B 562 -37.01 -58.63 -20.35
CA THR B 562 -36.04 -57.59 -20.07
C THR B 562 -34.60 -57.99 -20.48
N THR B 563 -33.77 -56.98 -20.77
CA THR B 563 -32.34 -57.13 -21.00
C THR B 563 -31.56 -57.06 -19.69
N GLY B 564 -32.25 -56.77 -18.59
CA GLY B 564 -31.58 -56.61 -17.32
C GLY B 564 -32.52 -56.29 -16.16
N VAL B 565 -31.90 -56.11 -15.00
CA VAL B 565 -32.63 -55.82 -13.77
C VAL B 565 -33.54 -54.60 -13.97
N VAL B 566 -34.76 -54.65 -13.42
CA VAL B 566 -35.66 -53.50 -13.46
C VAL B 566 -36.16 -53.17 -12.06
N ASP B 567 -36.73 -51.97 -11.97
CA ASP B 567 -37.25 -51.44 -10.70
C ASP B 567 -38.74 -51.83 -10.57
N ILE B 568 -39.03 -52.72 -9.61
CA ILE B 568 -40.39 -53.12 -9.31
C ILE B 568 -40.69 -52.86 -7.83
N GLU B 569 -39.88 -52.03 -7.16
CA GLU B 569 -40.03 -51.80 -5.73
C GLU B 569 -41.41 -51.26 -5.38
N LYS B 570 -42.08 -50.62 -6.34
CA LYS B 570 -43.35 -49.99 -6.05
C LYS B 570 -44.48 -51.01 -5.90
N TRP B 571 -44.29 -52.27 -6.35
CA TRP B 571 -45.39 -53.21 -6.56
C TRP B 571 -45.11 -54.59 -6.00
N ALA B 572 -43.83 -54.90 -5.75
CA ALA B 572 -43.41 -56.29 -5.55
C ALA B 572 -43.90 -56.83 -4.20
N ASP B 573 -44.08 -55.94 -3.23
CA ASP B 573 -44.60 -56.33 -1.92
C ASP B 573 -46.10 -56.08 -1.80
N ASN B 574 -46.74 -55.67 -2.89
CA ASN B 574 -48.17 -55.46 -2.89
C ASN B 574 -48.86 -56.83 -2.97
N PRO B 575 -49.75 -57.18 -2.02
CA PRO B 575 -50.41 -58.50 -2.05
C PRO B 575 -51.27 -58.76 -3.28
N ASN B 576 -51.65 -57.71 -4.03
CA ASN B 576 -52.42 -57.92 -5.25
C ASN B 576 -51.55 -58.52 -6.38
N VAL B 577 -50.23 -58.33 -6.32
CA VAL B 577 -49.30 -59.02 -7.21
C VAL B 577 -49.03 -60.38 -6.60
N THR B 578 -49.60 -61.44 -7.18
CA THR B 578 -49.54 -62.76 -6.56
C THR B 578 -48.32 -63.55 -7.05
N ALA B 579 -47.86 -63.26 -8.27
CA ALA B 579 -46.69 -63.92 -8.81
C ALA B 579 -45.94 -62.96 -9.72
N ILE B 580 -44.60 -63.07 -9.71
CA ILE B 580 -43.70 -62.31 -10.56
C ILE B 580 -42.74 -63.29 -11.24
N LEU B 581 -42.67 -63.21 -12.58
CA LEU B 581 -41.74 -63.99 -13.37
C LEU B 581 -40.94 -63.01 -14.25
N VAL B 582 -39.66 -63.37 -14.51
CA VAL B 582 -38.83 -62.72 -15.52
C VAL B 582 -38.47 -63.77 -16.58
N ALA B 583 -38.81 -63.47 -17.84
CA ALA B 583 -38.65 -64.37 -18.97
C ALA B 583 -37.45 -63.99 -19.86
N TYR B 584 -36.70 -62.97 -19.43
CA TYR B 584 -35.53 -62.50 -20.15
C TYR B 584 -35.87 -62.25 -21.62
N LEU B 585 -35.08 -62.82 -22.54
CA LEU B 585 -35.21 -62.53 -23.95
C LEU B 585 -35.32 -63.87 -24.66
N PRO B 586 -36.56 -64.37 -24.77
CA PRO B 586 -36.80 -65.74 -25.23
C PRO B 586 -36.85 -66.00 -26.74
N GLY B 587 -36.58 -65.00 -27.55
CA GLY B 587 -36.59 -65.22 -28.98
C GLY B 587 -37.99 -65.56 -29.49
N GLN B 588 -38.05 -66.19 -30.65
CA GLN B 588 -39.29 -66.21 -31.40
C GLN B 588 -40.38 -67.02 -30.70
N GLU B 589 -40.04 -67.85 -29.72
CA GLU B 589 -41.04 -68.72 -29.12
C GLU B 589 -41.37 -68.18 -27.72
N ALA B 590 -41.72 -66.91 -27.66
CA ALA B 590 -41.94 -66.24 -26.40
C ALA B 590 -43.16 -66.80 -25.67
N GLY B 591 -44.28 -66.93 -26.39
CA GLY B 591 -45.52 -67.28 -25.72
C GLY B 591 -45.60 -68.76 -25.37
N ASN B 592 -45.38 -69.62 -26.37
CA ASN B 592 -45.48 -71.06 -26.18
C ASN B 592 -44.43 -71.58 -25.20
N SER B 593 -43.37 -70.82 -24.89
CA SER B 593 -42.43 -71.24 -23.86
C SER B 593 -42.96 -70.90 -22.47
N LEU B 594 -43.73 -69.84 -22.40
CA LEU B 594 -44.11 -69.30 -21.13
C LEU B 594 -45.36 -70.02 -20.59
N VAL B 595 -46.36 -70.22 -21.43
CA VAL B 595 -47.68 -70.59 -20.95
C VAL B 595 -47.67 -71.98 -20.29
N PRO B 596 -47.03 -72.99 -20.90
CA PRO B 596 -46.77 -74.26 -20.18
C PRO B 596 -46.30 -74.15 -18.73
N VAL B 597 -45.51 -73.14 -18.40
CA VAL B 597 -45.04 -72.96 -17.03
C VAL B 597 -46.13 -72.32 -16.18
N LEU B 598 -46.87 -71.40 -16.80
CA LEU B 598 -47.92 -70.70 -16.08
C LEU B 598 -48.99 -71.72 -15.68
N TYR B 599 -49.26 -72.67 -16.58
CA TYR B 599 -50.35 -73.60 -16.37
C TYR B 599 -49.86 -74.86 -15.64
N GLY B 600 -48.59 -74.89 -15.24
CA GLY B 600 -48.05 -75.99 -14.43
C GLY B 600 -47.78 -77.28 -15.22
N ASP B 601 -47.88 -77.26 -16.56
CA ASP B 601 -47.49 -78.35 -17.44
C ASP B 601 -46.04 -78.74 -17.21
N VAL B 602 -45.22 -77.74 -16.88
CA VAL B 602 -43.86 -77.96 -16.38
C VAL B 602 -43.55 -76.89 -15.34
N ALA B 603 -42.92 -77.31 -14.23
CA ALA B 603 -42.55 -76.37 -13.19
C ALA B 603 -41.40 -75.44 -13.64
N PRO B 604 -41.37 -74.16 -13.18
CA PRO B 604 -40.25 -73.28 -13.49
C PRO B 604 -39.01 -73.79 -12.79
N SER B 605 -37.86 -73.73 -13.50
CA SER B 605 -36.58 -74.20 -12.99
C SER B 605 -35.46 -73.17 -13.18
N GLY B 606 -35.74 -72.12 -13.96
CA GLY B 606 -34.80 -71.03 -14.20
C GLY B 606 -34.39 -70.35 -12.90
N LYS B 607 -33.17 -69.81 -12.85
CA LYS B 607 -32.73 -68.97 -11.73
C LYS B 607 -31.93 -67.80 -12.25
N LEU B 608 -31.81 -66.77 -11.40
CA LEU B 608 -31.27 -65.48 -11.75
C LEU B 608 -29.76 -65.58 -12.00
N PRO B 609 -29.26 -65.11 -13.15
CA PRO B 609 -27.82 -65.07 -13.43
C PRO B 609 -27.10 -63.78 -13.04
N TRP B 610 -27.81 -62.91 -12.34
CA TRP B 610 -27.20 -61.76 -11.70
C TRP B 610 -28.00 -61.44 -10.45
N THR B 611 -27.59 -60.36 -9.77
CA THR B 611 -28.21 -59.93 -8.53
C THR B 611 -29.28 -58.89 -8.84
N TRP B 612 -30.49 -59.13 -8.30
CA TRP B 612 -31.62 -58.23 -8.37
C TRP B 612 -31.66 -57.37 -7.11
N GLY B 613 -30.99 -56.22 -7.17
CA GLY B 613 -31.01 -55.32 -6.03
C GLY B 613 -32.26 -54.45 -6.01
N LYS B 614 -32.56 -53.91 -4.84
CA LYS B 614 -33.71 -53.01 -4.68
C LYS B 614 -33.37 -51.66 -5.29
N SER B 615 -32.08 -51.29 -5.21
CA SER B 615 -31.69 -49.98 -5.69
C SER B 615 -30.38 -50.05 -6.49
N ILE B 616 -30.37 -49.39 -7.64
CA ILE B 616 -29.13 -49.17 -8.36
C ILE B 616 -28.04 -48.67 -7.42
N ASP B 617 -28.37 -47.95 -6.35
CA ASP B 617 -27.36 -47.40 -5.45
C ASP B 617 -26.69 -48.49 -4.62
N ASP B 618 -27.17 -49.74 -4.73
CA ASP B 618 -26.63 -50.85 -3.95
C ASP B 618 -25.48 -51.55 -4.69
N TYR B 619 -25.19 -51.16 -5.93
CA TYR B 619 -24.21 -51.87 -6.75
C TYR B 619 -22.85 -51.19 -6.63
N VAL B 620 -21.85 -51.79 -7.29
CA VAL B 620 -20.54 -51.19 -7.46
C VAL B 620 -20.67 -49.73 -7.91
N PRO B 621 -20.01 -48.78 -7.21
CA PRO B 621 -20.06 -47.37 -7.62
C PRO B 621 -19.39 -47.07 -8.97
N ASN B 622 -19.84 -45.98 -9.59
CA ASN B 622 -19.25 -45.50 -10.83
C ASN B 622 -19.27 -46.62 -11.83
N GLY B 623 -20.46 -47.25 -11.91
CA GLY B 623 -20.73 -48.32 -12.84
C GLY B 623 -20.77 -47.82 -14.28
N VAL B 624 -21.33 -46.63 -14.47
CA VAL B 624 -21.19 -45.97 -15.75
C VAL B 624 -20.60 -44.58 -15.51
N VAL B 625 -19.48 -44.25 -16.15
CA VAL B 625 -18.91 -42.93 -15.92
C VAL B 625 -19.36 -41.99 -17.04
N TYR B 626 -19.88 -40.86 -16.62
CA TYR B 626 -20.35 -39.82 -17.51
C TYR B 626 -19.41 -38.64 -17.35
N THR B 627 -18.75 -38.26 -18.46
CA THR B 627 -17.82 -37.15 -18.48
C THR B 627 -17.64 -36.72 -19.93
N ASP B 628 -17.30 -35.44 -20.13
CA ASP B 628 -16.89 -34.91 -21.42
C ASP B 628 -15.36 -34.82 -21.48
N ALA B 629 -14.69 -35.23 -20.39
CA ALA B 629 -13.24 -35.22 -20.32
C ALA B 629 -12.67 -35.93 -21.54
N TYR B 630 -11.70 -35.29 -22.22
CA TYR B 630 -11.08 -35.83 -23.43
C TYR B 630 -10.65 -37.28 -23.22
N SER B 631 -10.10 -37.57 -22.03
CA SER B 631 -9.57 -38.89 -21.72
C SER B 631 -10.32 -39.44 -20.52
N PRO B 632 -11.51 -40.03 -20.76
CA PRO B 632 -12.36 -40.55 -19.70
C PRO B 632 -11.77 -41.76 -19.01
N GLN B 633 -11.82 -41.74 -17.67
CA GLN B 633 -11.25 -42.79 -16.83
C GLN B 633 -12.36 -43.55 -16.11
N SER B 634 -12.15 -44.85 -15.88
CA SER B 634 -12.96 -45.63 -14.97
C SER B 634 -12.04 -46.51 -14.12
N ASN B 635 -11.82 -46.16 -12.85
CA ASN B 635 -10.93 -46.94 -12.01
C ASN B 635 -11.75 -48.06 -11.39
N PHE B 636 -11.39 -49.31 -11.68
CA PHE B 636 -12.09 -50.48 -11.19
C PHE B 636 -11.62 -50.78 -9.76
N THR B 637 -11.82 -49.82 -8.87
CA THR B 637 -11.21 -49.90 -7.54
C THR B 637 -11.94 -50.95 -6.69
N GLU B 638 -13.12 -51.41 -7.14
CA GLU B 638 -13.87 -52.46 -6.47
C GLU B 638 -13.16 -53.82 -6.57
N GLY B 639 -12.20 -53.92 -7.51
CA GLY B 639 -11.46 -55.14 -7.70
C GLY B 639 -12.37 -56.23 -8.24
N VAL B 640 -12.29 -57.40 -7.61
CA VAL B 640 -13.07 -58.56 -8.01
C VAL B 640 -14.53 -58.45 -7.56
N PHE B 641 -14.90 -57.40 -6.81
CA PHE B 641 -16.18 -57.40 -6.12
C PHE B 641 -17.23 -56.77 -7.01
N ILE B 642 -17.76 -57.57 -7.95
CA ILE B 642 -18.85 -57.14 -8.80
C ILE B 642 -20.07 -58.05 -8.59
N ASP B 643 -21.26 -57.57 -9.00
CA ASP B 643 -22.52 -58.26 -8.80
C ASP B 643 -22.56 -58.76 -7.36
N TYR B 644 -22.69 -60.07 -7.15
CA TYR B 644 -23.03 -60.59 -5.83
C TYR B 644 -21.86 -60.57 -4.85
N ARG B 645 -20.62 -60.55 -5.35
CA ARG B 645 -19.47 -60.43 -4.47
C ARG B 645 -19.47 -59.07 -3.79
N TRP B 646 -19.92 -58.01 -4.49
CA TRP B 646 -20.10 -56.69 -3.87
C TRP B 646 -21.11 -56.77 -2.73
N PHE B 647 -22.32 -57.26 -3.07
CA PHE B 647 -23.45 -57.34 -2.15
C PHE B 647 -23.01 -58.13 -0.92
N ASP B 648 -22.34 -59.29 -1.14
CA ASP B 648 -21.99 -60.19 -0.06
C ASP B 648 -20.98 -59.50 0.85
N LYS B 649 -19.96 -58.90 0.27
CA LYS B 649 -18.87 -58.36 1.06
C LYS B 649 -19.37 -57.16 1.87
N MET B 650 -20.27 -56.37 1.27
CA MET B 650 -20.68 -55.13 1.88
C MET B 650 -21.91 -55.34 2.77
N GLY B 651 -22.38 -56.58 2.91
CA GLY B 651 -23.55 -56.88 3.74
C GLY B 651 -24.85 -56.21 3.28
N ILE B 652 -25.03 -56.07 1.95
CA ILE B 652 -26.23 -55.53 1.34
C ILE B 652 -27.16 -56.67 0.93
N THR B 653 -28.43 -56.57 1.34
CA THR B 653 -29.42 -57.57 0.96
C THR B 653 -30.07 -57.16 -0.34
N PRO B 654 -30.07 -58.04 -1.36
CA PRO B 654 -30.81 -57.79 -2.59
C PRO B 654 -32.28 -58.14 -2.38
N ARG B 655 -33.10 -57.82 -3.38
CA ARG B 655 -34.47 -58.33 -3.41
C ARG B 655 -34.42 -59.82 -3.71
N TYR B 656 -33.77 -60.16 -4.83
CA TYR B 656 -33.59 -61.53 -5.24
C TYR B 656 -32.11 -61.71 -5.58
N GLU B 657 -31.49 -62.76 -5.00
CA GLU B 657 -30.04 -62.90 -5.05
C GLU B 657 -29.63 -63.64 -6.31
N PHE B 658 -28.35 -63.51 -6.64
CA PHE B 658 -27.75 -64.30 -7.68
C PHE B 658 -28.06 -65.77 -7.40
N GLY B 659 -28.59 -66.47 -8.40
CA GLY B 659 -28.85 -67.89 -8.28
C GLY B 659 -30.21 -68.22 -7.64
N PHE B 660 -31.10 -67.23 -7.51
CA PHE B 660 -32.42 -67.46 -6.93
C PHE B 660 -33.44 -67.73 -8.02
N GLY B 661 -34.38 -68.64 -7.72
CA GLY B 661 -35.50 -68.90 -8.61
C GLY B 661 -36.38 -70.01 -8.04
N LEU B 662 -37.70 -69.77 -7.99
CA LEU B 662 -38.61 -70.64 -7.26
C LEU B 662 -39.08 -71.76 -8.17
N SER B 663 -39.48 -72.87 -7.56
CA SER B 663 -40.19 -73.95 -8.25
C SER B 663 -41.68 -73.93 -7.86
N TYR B 664 -42.45 -74.93 -8.32
CA TYR B 664 -43.73 -75.26 -7.72
C TYR B 664 -43.57 -76.39 -6.70
N THR B 665 -42.35 -76.62 -6.22
CA THR B 665 -42.07 -77.60 -5.17
C THR B 665 -40.89 -77.09 -4.34
N THR B 666 -40.47 -77.85 -3.35
CA THR B 666 -39.28 -77.50 -2.58
C THR B 666 -38.29 -78.67 -2.62
N PHE B 667 -37.02 -78.36 -2.33
CA PHE B 667 -35.96 -79.34 -2.38
C PHE B 667 -35.13 -79.20 -1.10
N THR B 668 -34.91 -80.34 -0.41
CA THR B 668 -34.12 -80.37 0.81
C THR B 668 -32.74 -80.96 0.49
N TYR B 669 -31.70 -80.37 1.07
CA TYR B 669 -30.31 -80.71 0.73
C TYR B 669 -29.70 -81.51 1.88
N SER B 670 -29.05 -82.65 1.56
CA SER B 670 -28.44 -83.51 2.57
C SER B 670 -27.14 -84.15 2.09
N ASN B 671 -26.28 -84.56 3.03
CA ASN B 671 -25.26 -85.58 2.78
C ASN B 671 -24.19 -85.04 1.82
N LEU B 672 -23.58 -83.92 2.23
CA LEU B 672 -22.43 -83.30 1.59
C LEU B 672 -21.21 -84.22 1.74
N ILE B 673 -20.62 -84.62 0.61
CA ILE B 673 -19.43 -85.46 0.61
C ILE B 673 -18.33 -84.72 -0.15
N VAL B 674 -17.16 -84.54 0.47
CA VAL B 674 -15.97 -84.10 -0.26
C VAL B 674 -15.00 -85.27 -0.45
N ASP B 675 -14.91 -85.78 -1.70
CA ASP B 675 -14.17 -86.96 -2.10
C ASP B 675 -12.85 -86.54 -2.75
N HIS B 676 -11.79 -86.41 -1.93
CA HIS B 676 -10.47 -86.06 -2.43
C HIS B 676 -9.87 -87.16 -3.30
N GLY B 677 -10.44 -88.36 -3.29
CA GLY B 677 -9.97 -89.45 -4.13
C GLY B 677 -10.59 -89.41 -5.52
N ARG B 678 -11.50 -88.47 -5.72
CA ARG B 678 -12.16 -88.32 -7.04
C ARG B 678 -11.45 -87.20 -7.81
N TRP B 679 -10.34 -87.52 -8.45
CA TRP B 679 -9.55 -86.53 -9.18
C TRP B 679 -9.32 -87.05 -10.60
N ALA B 680 -9.06 -86.12 -11.52
CA ALA B 680 -8.85 -86.50 -12.90
C ALA B 680 -7.90 -85.50 -13.55
N LYS B 681 -7.01 -86.03 -14.41
CA LYS B 681 -6.14 -85.24 -15.25
C LYS B 681 -6.97 -84.58 -16.35
N ASP B 682 -6.66 -83.31 -16.68
CA ASP B 682 -7.34 -82.58 -17.75
C ASP B 682 -6.75 -83.01 -19.10
N TYR B 683 -7.57 -83.68 -19.94
CA TYR B 683 -7.14 -84.03 -21.30
C TYR B 683 -8.21 -83.61 -22.32
N SER B 684 -9.22 -82.90 -21.83
CA SER B 684 -10.48 -82.77 -22.54
C SER B 684 -10.52 -81.46 -23.34
N SER B 685 -9.76 -80.46 -22.91
CA SER B 685 -9.77 -79.16 -23.56
C SER B 685 -9.28 -79.28 -25.01
N VAL B 686 -9.68 -78.33 -25.85
CA VAL B 686 -9.29 -78.34 -27.25
C VAL B 686 -7.92 -77.69 -27.43
N MET B 687 -7.60 -76.67 -26.61
CA MET B 687 -6.32 -75.98 -26.66
C MET B 687 -5.86 -75.74 -25.24
N GLU B 688 -4.58 -75.46 -25.04
CA GLU B 688 -4.09 -75.29 -23.68
C GLU B 688 -3.63 -73.85 -23.52
N THR B 689 -3.75 -73.35 -22.29
CA THR B 689 -3.22 -72.06 -21.93
C THR B 689 -1.79 -72.32 -21.48
N ALA B 690 -1.10 -71.25 -21.05
CA ALA B 690 0.24 -71.36 -20.48
C ALA B 690 0.23 -70.64 -19.14
N GLU B 691 -0.87 -70.77 -18.42
CA GLU B 691 -1.04 -70.02 -17.20
C GLU B 691 -0.11 -70.60 -16.15
N PRO B 692 0.84 -69.82 -15.62
CA PRO B 692 1.80 -70.37 -14.67
C PRO B 692 1.16 -70.66 -13.31
N PHE B 693 1.56 -71.74 -12.64
CA PHE B 693 1.08 -72.05 -11.30
C PHE B 693 2.13 -72.77 -10.45
N ALA B 694 2.13 -72.46 -9.16
CA ALA B 694 3.14 -72.91 -8.21
C ALA B 694 3.31 -74.44 -8.16
N GLU B 695 2.32 -75.22 -8.58
CA GLU B 695 2.38 -76.66 -8.37
C GLU B 695 2.62 -77.37 -9.70
N TRP B 696 2.98 -76.61 -10.73
CA TRP B 696 3.35 -77.22 -11.99
C TRP B 696 4.56 -78.14 -11.73
N ASP B 697 4.37 -79.44 -11.96
CA ASP B 697 5.40 -80.43 -11.67
C ASP B 697 6.07 -80.81 -12.98
N GLY B 698 5.57 -80.24 -14.09
CA GLY B 698 6.07 -80.56 -15.40
C GLY B 698 5.08 -81.37 -16.22
N THR B 699 4.11 -82.00 -15.56
CA THR B 699 3.22 -82.99 -16.16
C THR B 699 1.73 -82.66 -15.98
N ASN B 700 1.38 -81.86 -14.95
CA ASN B 700 0.00 -81.64 -14.51
C ASN B 700 -0.54 -80.32 -15.07
N SER B 701 -1.79 -79.96 -14.73
CA SER B 701 -2.45 -78.80 -15.32
C SER B 701 -3.26 -78.01 -14.28
N LEU B 702 -3.46 -76.72 -14.59
CA LEU B 702 -4.25 -75.80 -13.77
C LEU B 702 -5.71 -76.24 -13.75
N TYR B 703 -6.09 -76.95 -14.82
CA TYR B 703 -7.44 -77.41 -15.07
C TYR B 703 -7.60 -78.91 -14.74
N ASP B 704 -6.63 -79.49 -14.03
CA ASP B 704 -6.84 -80.78 -13.41
C ASP B 704 -7.98 -80.66 -12.40
N VAL B 705 -8.86 -81.67 -12.35
CA VAL B 705 -9.83 -81.74 -11.26
C VAL B 705 -9.19 -82.51 -10.10
N ILE B 706 -9.10 -81.82 -8.95
CA ILE B 706 -8.32 -82.28 -7.80
C ILE B 706 -9.21 -82.96 -6.75
N PHE B 707 -10.48 -82.54 -6.60
CA PHE B 707 -11.47 -83.29 -5.82
C PHE B 707 -12.88 -83.09 -6.40
N THR B 708 -13.80 -83.97 -6.02
CA THR B 708 -15.18 -83.81 -6.44
C THR B 708 -16.08 -83.77 -5.21
N VAL B 709 -17.06 -82.87 -5.20
CA VAL B 709 -17.97 -82.80 -4.07
C VAL B 709 -19.36 -83.23 -4.52
N PHE B 710 -20.08 -83.86 -3.59
CA PHE B 710 -21.39 -84.42 -3.87
C PHE B 710 -22.41 -83.91 -2.86
N ALA B 711 -23.68 -84.05 -3.23
CA ALA B 711 -24.77 -83.76 -2.31
C ALA B 711 -26.01 -84.48 -2.80
N THR B 712 -26.99 -84.56 -1.90
CA THR B 712 -28.30 -85.13 -2.20
C THR B 712 -29.37 -84.05 -2.03
N ILE B 713 -30.20 -83.92 -3.08
CA ILE B 713 -31.41 -83.14 -2.97
C ILE B 713 -32.57 -84.12 -2.89
N THR B 714 -33.61 -83.75 -2.12
CA THR B 714 -34.84 -84.53 -2.09
C THR B 714 -36.04 -83.64 -2.43
N ASN B 715 -36.89 -84.10 -3.37
CA ASN B 715 -38.13 -83.41 -3.70
C ASN B 715 -39.11 -83.54 -2.52
N THR B 716 -39.21 -82.44 -1.77
CA THR B 716 -39.75 -82.41 -0.43
C THR B 716 -41.12 -81.68 -0.44
N GLY B 717 -41.68 -81.46 -1.64
CA GLY B 717 -42.97 -80.81 -1.82
C GLY B 717 -43.97 -81.76 -2.49
N ASN B 718 -44.90 -81.22 -3.29
CA ASN B 718 -46.03 -82.01 -3.74
C ASN B 718 -46.07 -82.10 -5.27
N LEU B 719 -45.03 -81.61 -5.95
CA LEU B 719 -45.03 -81.70 -7.40
C LEU B 719 -43.62 -82.03 -7.88
N THR B 720 -43.55 -82.61 -9.08
CA THR B 720 -42.31 -82.79 -9.80
C THR B 720 -41.71 -81.42 -10.13
N GLY B 721 -40.37 -81.31 -10.01
CA GLY B 721 -39.64 -80.10 -10.38
C GLY B 721 -38.17 -80.37 -10.70
N SER B 722 -37.58 -79.53 -11.56
CA SER B 722 -36.14 -79.55 -11.79
C SER B 722 -35.50 -78.56 -10.83
N GLU B 723 -34.26 -78.82 -10.37
CA GLU B 723 -33.58 -78.00 -9.37
C GLU B 723 -32.14 -77.75 -9.77
N VAL B 724 -31.69 -76.49 -9.65
CA VAL B 724 -30.33 -76.08 -9.95
C VAL B 724 -29.59 -76.04 -8.63
N ALA B 725 -28.72 -77.03 -8.39
CA ALA B 725 -27.88 -77.00 -7.20
C ALA B 725 -26.62 -76.23 -7.54
N GLN B 726 -26.10 -75.54 -6.51
CA GLN B 726 -25.03 -74.58 -6.65
C GLN B 726 -24.00 -74.89 -5.57
N LEU B 727 -22.71 -74.66 -5.90
CA LEU B 727 -21.61 -74.80 -4.96
C LEU B 727 -20.81 -73.53 -4.96
N TYR B 728 -20.52 -73.04 -3.75
CA TYR B 728 -19.72 -71.85 -3.59
C TYR B 728 -18.56 -72.22 -2.69
N ILE B 729 -17.39 -71.59 -2.92
CA ILE B 729 -16.22 -71.80 -2.11
C ILE B 729 -15.77 -70.44 -1.58
N SER B 730 -15.47 -70.40 -0.28
CA SER B 730 -14.78 -69.26 0.30
C SER B 730 -13.31 -69.62 0.32
N ILE B 731 -12.57 -68.96 -0.58
CA ILE B 731 -11.14 -69.17 -0.74
C ILE B 731 -10.46 -68.21 0.21
N PRO B 732 -9.61 -68.68 1.15
CA PRO B 732 -8.98 -67.77 2.11
C PRO B 732 -8.04 -66.81 1.41
N GLY B 733 -7.78 -65.68 2.09
CA GLY B 733 -6.89 -64.64 1.62
C GLY B 733 -7.39 -63.27 2.07
N ASP B 734 -6.62 -62.22 1.74
CA ASP B 734 -6.96 -60.86 2.11
C ASP B 734 -7.91 -60.24 1.10
N ASN B 735 -8.84 -59.44 1.62
CA ASN B 735 -9.75 -58.70 0.77
C ASN B 735 -10.29 -59.64 -0.31
N GLN B 736 -10.84 -60.75 0.15
CA GLN B 736 -11.30 -61.82 -0.69
C GLN B 736 -12.84 -61.86 -0.64
N PRO B 737 -13.53 -62.35 -1.71
CA PRO B 737 -14.98 -62.56 -1.65
C PRO B 737 -15.48 -63.51 -0.56
N VAL B 738 -16.67 -63.19 -0.04
CA VAL B 738 -17.30 -64.02 0.97
C VAL B 738 -17.44 -65.42 0.40
N ARG B 739 -17.83 -65.52 -0.88
CA ARG B 739 -17.99 -66.83 -1.48
C ARG B 739 -18.04 -66.68 -3.00
N GLN B 740 -17.67 -67.77 -3.69
CA GLN B 740 -17.49 -67.74 -5.13
C GLN B 740 -18.14 -68.99 -5.74
N LEU B 741 -18.97 -68.77 -6.76
CA LEU B 741 -19.57 -69.92 -7.42
C LEU B 741 -18.45 -70.75 -8.03
N ARG B 742 -18.47 -72.07 -7.77
CA ARG B 742 -17.51 -72.97 -8.39
C ARG B 742 -18.20 -74.23 -8.92
N GLY B 743 -19.53 -74.28 -8.92
CA GLY B 743 -20.20 -75.40 -9.57
C GLY B 743 -21.71 -75.26 -9.57
N PHE B 744 -22.33 -75.95 -10.51
CA PHE B 744 -23.78 -76.02 -10.59
C PHE B 744 -24.17 -77.27 -11.35
N ASP B 745 -25.30 -77.86 -10.96
CA ASP B 745 -25.80 -79.12 -11.48
C ASP B 745 -27.32 -79.05 -11.42
N LYS B 746 -27.96 -79.22 -12.57
CA LYS B 746 -29.41 -79.14 -12.68
C LYS B 746 -29.98 -80.54 -12.84
N ILE B 747 -30.71 -80.97 -11.80
CA ILE B 747 -31.44 -82.23 -11.80
C ILE B 747 -32.75 -82.01 -12.50
N LYS B 748 -33.11 -82.89 -13.44
CA LYS B 748 -34.31 -82.69 -14.25
C LYS B 748 -35.48 -83.56 -13.75
N ASP B 749 -36.65 -82.95 -13.55
CA ASP B 749 -37.91 -83.66 -13.37
C ASP B 749 -37.82 -84.70 -12.24
N LEU B 750 -37.34 -84.24 -11.07
CA LEU B 750 -37.23 -85.05 -9.86
C LEU B 750 -38.65 -85.28 -9.32
N PRO B 751 -39.14 -86.55 -9.24
CA PRO B 751 -40.50 -86.79 -8.76
C PRO B 751 -40.63 -86.56 -7.26
N VAL B 752 -41.88 -86.39 -6.81
CA VAL B 752 -42.14 -86.13 -5.40
C VAL B 752 -41.55 -87.30 -4.62
N GLY B 753 -40.91 -87.02 -3.50
CA GLY B 753 -40.40 -88.07 -2.63
C GLY B 753 -39.00 -88.55 -3.03
N ASP B 754 -38.62 -88.40 -4.30
CA ASP B 754 -37.38 -88.98 -4.80
C ASP B 754 -36.19 -88.12 -4.45
N SER B 755 -35.00 -88.73 -4.54
CA SER B 755 -33.74 -88.03 -4.34
C SER B 755 -32.87 -88.20 -5.57
N ALA B 756 -31.85 -87.34 -5.66
CA ALA B 756 -30.83 -87.44 -6.69
C ALA B 756 -29.55 -86.84 -6.15
N VAL B 757 -28.44 -87.42 -6.58
CA VAL B 757 -27.12 -86.95 -6.19
C VAL B 757 -26.71 -85.88 -7.17
N VAL B 758 -26.14 -84.83 -6.60
CA VAL B 758 -25.67 -83.70 -7.38
C VAL B 758 -24.15 -83.73 -7.25
N THR B 759 -23.42 -83.44 -8.33
CA THR B 759 -21.98 -83.68 -8.32
C THR B 759 -21.18 -82.56 -8.99
N PHE B 760 -20.12 -82.08 -8.29
CA PHE B 760 -19.37 -80.87 -8.63
C PHE B 760 -17.86 -81.14 -8.74
N PRO B 761 -17.29 -81.27 -9.96
CA PRO B 761 -15.83 -81.38 -10.13
C PRO B 761 -15.12 -80.09 -9.74
N ILE B 762 -14.04 -80.16 -8.97
CA ILE B 762 -13.32 -78.97 -8.54
C ILE B 762 -11.93 -78.98 -9.15
N ARG B 763 -11.65 -77.97 -9.99
CA ARG B 763 -10.37 -77.87 -10.67
C ARG B 763 -9.38 -77.12 -9.77
N ARG B 764 -8.10 -77.33 -10.02
CA ARG B 764 -7.05 -76.62 -9.24
C ARG B 764 -7.30 -75.12 -9.34
N LYS B 765 -7.65 -74.65 -10.53
CA LYS B 765 -7.86 -73.23 -10.73
C LYS B 765 -9.04 -72.73 -9.88
N ASP B 766 -10.04 -73.60 -9.71
CA ASP B 766 -11.24 -73.27 -8.96
C ASP B 766 -10.90 -72.91 -7.51
N VAL B 767 -9.69 -73.26 -7.06
CA VAL B 767 -9.35 -73.14 -5.66
C VAL B 767 -8.13 -72.22 -5.50
N SER B 768 -7.79 -71.52 -6.59
CA SER B 768 -6.54 -70.78 -6.67
C SER B 768 -6.77 -69.28 -6.59
N SER B 769 -5.66 -68.56 -6.35
CA SER B 769 -5.62 -67.12 -6.36
C SER B 769 -4.46 -66.69 -7.28
N TRP B 770 -4.47 -65.42 -7.71
CA TRP B 770 -3.35 -64.87 -8.45
C TRP B 770 -2.40 -64.18 -7.49
N SER B 771 -1.13 -64.61 -7.48
CA SER B 771 -0.08 -63.95 -6.73
C SER B 771 0.48 -62.84 -7.60
N VAL B 772 0.24 -61.59 -7.20
CA VAL B 772 0.70 -60.48 -8.02
C VAL B 772 2.22 -60.45 -7.99
N VAL B 773 2.78 -60.73 -6.81
CA VAL B 773 4.21 -60.69 -6.59
C VAL B 773 4.88 -61.76 -7.48
N ASP B 774 4.40 -63.00 -7.39
CA ASP B 774 5.06 -64.13 -8.02
C ASP B 774 4.57 -64.36 -9.44
N GLN B 775 3.51 -63.66 -9.86
CA GLN B 775 2.94 -63.75 -11.20
C GLN B 775 2.63 -65.19 -11.60
N LEU B 776 1.93 -65.91 -10.73
CA LEU B 776 1.40 -67.22 -11.09
C LEU B 776 0.19 -67.54 -10.21
N TRP B 777 -0.50 -68.62 -10.54
CA TRP B 777 -1.65 -69.06 -9.76
C TRP B 777 -1.14 -69.93 -8.62
N TYR B 778 -1.82 -69.91 -7.48
CA TYR B 778 -1.43 -70.77 -6.37
C TYR B 778 -2.61 -71.06 -5.44
N VAL B 779 -2.63 -72.26 -4.88
CA VAL B 779 -3.63 -72.62 -3.90
C VAL B 779 -3.21 -72.06 -2.55
N PRO B 780 -3.94 -71.08 -1.97
CA PRO B 780 -3.54 -70.47 -0.70
C PRO B 780 -3.63 -71.41 0.49
N ASN B 781 -3.04 -70.99 1.59
CA ASN B 781 -3.19 -71.71 2.85
C ASN B 781 -4.40 -71.15 3.58
N GLY B 782 -5.01 -72.01 4.40
CA GLY B 782 -6.11 -71.59 5.26
C GLY B 782 -7.32 -72.48 5.04
N ASP B 783 -8.48 -71.98 5.49
CA ASP B 783 -9.73 -72.73 5.47
C ASP B 783 -10.52 -72.37 4.22
N PHE B 784 -10.94 -73.40 3.50
CA PHE B 784 -11.84 -73.25 2.37
C PHE B 784 -13.22 -73.72 2.79
N LEU B 785 -14.15 -72.77 2.98
CA LEU B 785 -15.54 -73.13 3.21
C LEU B 785 -16.15 -73.55 1.88
N ILE B 786 -16.71 -74.76 1.85
CA ILE B 786 -17.42 -75.24 0.68
C ILE B 786 -18.91 -75.30 1.02
N SER B 787 -19.74 -74.64 0.20
CA SER B 787 -21.18 -74.52 0.45
C SER B 787 -21.99 -74.95 -0.77
N VAL B 788 -23.17 -75.53 -0.48
CA VAL B 788 -24.05 -76.09 -1.50
C VAL B 788 -25.51 -75.78 -1.18
N GLY B 789 -26.26 -75.40 -2.21
CA GLY B 789 -27.70 -75.28 -2.09
C GLY B 789 -28.34 -74.64 -3.32
N GLY B 790 -29.44 -73.92 -3.04
CA GLY B 790 -30.39 -73.52 -4.06
C GLY B 790 -30.15 -72.11 -4.57
N SER B 791 -29.32 -71.32 -3.87
CA SER B 791 -28.94 -70.00 -4.34
C SER B 791 -27.70 -69.52 -3.61
N SER B 792 -27.25 -68.31 -3.95
CA SER B 792 -26.09 -67.69 -3.34
C SER B 792 -26.35 -67.26 -1.90
N ARG B 793 -27.60 -67.36 -1.45
CA ARG B 793 -27.93 -66.97 -0.07
C ARG B 793 -28.54 -68.14 0.68
N ASP B 794 -28.96 -69.18 -0.06
CA ASP B 794 -29.68 -70.30 0.50
C ASP B 794 -28.78 -71.55 0.40
N LEU B 795 -27.90 -71.66 1.39
CA LEU B 795 -26.85 -72.66 1.40
C LEU B 795 -26.96 -73.51 2.65
N PRO B 796 -27.86 -74.52 2.71
CA PRO B 796 -27.94 -75.42 3.87
C PRO B 796 -26.74 -76.33 4.19
N LEU B 797 -25.89 -76.66 3.22
CA LEU B 797 -24.74 -77.54 3.47
C LEU B 797 -23.40 -76.77 3.45
N ASN B 798 -22.59 -76.94 4.49
CA ASN B 798 -21.28 -76.31 4.56
C ASN B 798 -20.26 -77.27 5.18
N THR B 799 -18.99 -77.14 4.76
CA THR B 799 -17.89 -77.91 5.29
C THR B 799 -16.57 -77.16 5.05
N THR B 800 -15.57 -77.43 5.89
CA THR B 800 -14.25 -76.84 5.73
C THR B 800 -13.29 -77.85 5.13
N TRP B 801 -12.57 -77.41 4.09
CA TRP B 801 -11.41 -78.09 3.55
C TRP B 801 -10.16 -77.27 3.86
N THR B 802 -9.07 -77.96 4.26
CA THR B 802 -7.85 -77.28 4.67
C THR B 802 -6.62 -78.06 4.21
N PRO B 803 -6.03 -77.78 3.02
CA PRO B 803 -4.97 -78.61 2.44
C PRO B 803 -3.77 -78.94 3.35
N GLN C 48 0.97 80.37 18.08
CA GLN C 48 0.24 80.95 16.91
C GLN C 48 -1.21 80.50 16.90
N TRP C 49 -1.41 79.18 16.96
CA TRP C 49 -2.71 78.55 16.86
C TRP C 49 -3.17 78.12 18.25
N PRO C 50 -3.99 78.93 18.97
CA PRO C 50 -4.22 78.69 20.39
C PRO C 50 -5.28 77.62 20.63
N ALA C 51 -5.28 77.10 21.86
CA ALA C 51 -6.05 75.94 22.27
C ALA C 51 -7.45 76.36 22.74
N PRO C 52 -8.49 76.36 21.86
CA PRO C 52 -9.82 76.80 22.29
C PRO C 52 -10.24 76.02 23.54
N LEU C 53 -10.95 76.70 24.44
CA LEU C 53 -11.41 76.09 25.67
C LEU C 53 -12.58 75.15 25.36
N ALA C 54 -12.74 74.15 26.22
CA ALA C 54 -13.90 73.28 26.17
C ALA C 54 -15.11 74.06 26.69
N ASN C 55 -16.07 74.33 25.78
CA ASN C 55 -17.32 74.97 26.17
C ASN C 55 -18.41 73.92 26.41
N GLY C 56 -18.23 72.71 25.90
CA GLY C 56 -19.19 71.63 26.13
C GLY C 56 -20.16 71.39 24.96
N GLY C 57 -20.09 72.23 23.91
CA GLY C 57 -20.80 71.98 22.66
C GLY C 57 -22.28 71.70 22.85
N LYS C 58 -22.88 71.02 21.86
CA LYS C 58 -24.32 70.89 21.75
C LYS C 58 -24.95 69.97 22.79
N SER C 59 -24.51 68.71 22.93
CA SER C 59 -25.26 67.77 23.77
C SER C 59 -24.58 67.58 25.12
N TRP C 60 -23.32 68.01 25.25
CA TRP C 60 -22.56 67.71 26.46
C TRP C 60 -22.74 68.81 27.50
N ALA C 61 -23.66 69.75 27.26
CA ALA C 61 -23.72 70.95 28.10
C ALA C 61 -23.60 70.59 29.58
N SER C 62 -24.51 69.76 30.09
CA SER C 62 -24.57 69.44 31.51
C SER C 62 -23.30 68.75 31.97
N ALA C 63 -22.70 67.99 31.06
CA ALA C 63 -21.61 67.10 31.39
C ALA C 63 -20.35 67.95 31.60
N PHE C 64 -20.05 68.78 30.59
CA PHE C 64 -19.01 69.81 30.65
C PHE C 64 -19.08 70.58 31.97
N LYS C 65 -20.24 71.15 32.27
CA LYS C 65 -20.45 71.90 33.51
C LYS C 65 -20.15 71.07 34.75
N LYS C 66 -20.56 69.79 34.76
CA LYS C 66 -20.22 68.88 35.85
C LYS C 66 -18.70 68.65 35.89
N ALA C 67 -18.08 68.60 34.70
CA ALA C 67 -16.66 68.34 34.58
C ALA C 67 -15.86 69.53 35.13
N LYS C 68 -15.95 70.67 34.43
CA LYS C 68 -15.49 71.98 34.90
C LYS C 68 -15.66 72.10 36.42
N ALA C 69 -16.86 71.81 36.93
CA ALA C 69 -17.12 71.81 38.36
C ALA C 69 -16.13 70.91 39.11
N THR C 70 -15.91 69.66 38.64
CA THR C 70 -15.07 68.74 39.38
C THR C 70 -13.60 69.05 39.14
N VAL C 71 -13.24 69.51 37.93
CA VAL C 71 -11.86 69.83 37.57
C VAL C 71 -11.34 70.95 38.49
N THR C 72 -12.21 71.93 38.78
CA THR C 72 -11.90 73.02 39.70
C THR C 72 -11.28 72.46 40.97
N GLU C 73 -11.97 71.56 41.67
CA GLU C 73 -11.53 71.07 42.97
C GLU C 73 -10.12 70.47 42.96
N MET C 74 -9.45 70.35 41.81
CA MET C 74 -8.35 69.39 41.68
C MET C 74 -6.99 70.05 41.92
N THR C 75 -6.16 69.42 42.75
CA THR C 75 -4.76 69.83 42.92
C THR C 75 -3.93 69.42 41.71
N VAL C 76 -2.67 69.89 41.68
CA VAL C 76 -1.83 69.82 40.50
C VAL C 76 -1.39 68.36 40.28
N GLU C 77 -1.08 67.66 41.38
CA GLU C 77 -0.93 66.21 41.38
C GLU C 77 -2.05 65.58 40.56
N GLU C 78 -3.29 65.92 40.92
CA GLU C 78 -4.48 65.25 40.44
C GLU C 78 -4.67 65.48 38.94
N LEU C 79 -4.33 66.66 38.43
CA LEU C 79 -4.53 66.91 37.01
C LEU C 79 -3.55 66.09 36.19
N ALA C 80 -2.35 65.84 36.72
CA ALA C 80 -1.31 65.14 35.98
C ALA C 80 -1.51 63.63 36.10
N ASN C 81 -2.29 63.23 37.12
CA ASN C 81 -2.69 61.85 37.35
C ASN C 81 -3.62 61.42 36.23
N ILE C 82 -4.68 62.19 36.00
CA ILE C 82 -5.75 61.81 35.11
C ILE C 82 -5.43 62.18 33.67
N THR C 83 -4.24 62.74 33.41
CA THR C 83 -3.86 63.06 32.05
C THR C 83 -2.77 62.10 31.55
N SER C 84 -2.19 61.31 32.46
CA SER C 84 -1.18 60.32 32.11
C SER C 84 -1.65 58.92 32.50
N GLY C 85 -1.32 57.93 31.67
CA GLY C 85 -1.72 56.55 31.90
C GLY C 85 -1.03 55.93 33.12
N VAL C 86 -1.73 55.02 33.80
CA VAL C 86 -1.12 54.21 34.85
C VAL C 86 -1.16 52.73 34.46
N ILE C 87 -0.55 51.92 35.34
CA ILE C 87 -0.49 50.46 35.20
C ILE C 87 -1.89 49.90 35.44
N GLY C 88 -2.32 48.96 34.59
CA GLY C 88 -3.55 48.23 34.86
C GLY C 88 -3.91 47.21 33.78
N LEU C 89 -5.10 46.60 33.95
CA LEU C 89 -5.50 45.43 33.19
C LEU C 89 -5.94 45.79 31.76
N CYS C 90 -6.28 47.05 31.50
CA CYS C 90 -6.69 47.46 30.17
C CYS C 90 -5.50 47.98 29.37
N SER C 91 -5.71 48.26 28.08
CA SER C 91 -4.67 48.79 27.20
C SER C 91 -4.03 50.02 27.85
N GLY C 92 -4.88 50.98 28.22
CA GLY C 92 -4.48 52.15 28.98
C GLY C 92 -5.48 52.41 30.10
N VAL C 93 -4.96 52.96 31.20
CA VAL C 93 -5.77 53.31 32.35
C VAL C 93 -5.38 54.71 32.83
N THR C 94 -6.37 55.60 33.00
CA THR C 94 -6.15 56.91 33.60
C THR C 94 -6.02 56.74 35.12
N GLY C 95 -5.18 57.58 35.73
CA GLY C 95 -5.10 57.68 37.18
C GLY C 95 -6.44 58.08 37.78
N ALA C 96 -6.69 57.59 39.01
CA ALA C 96 -7.85 58.00 39.77
C ALA C 96 -7.65 59.46 40.19
N VAL C 97 -8.75 60.12 40.58
CA VAL C 97 -8.68 61.27 41.45
C VAL C 97 -9.30 60.84 42.77
N THR C 98 -8.56 60.03 43.52
CA THR C 98 -9.07 59.32 44.68
C THR C 98 -9.91 60.24 45.57
N ARG C 99 -9.40 61.45 45.84
CA ARG C 99 -10.02 62.35 46.82
C ARG C 99 -11.40 62.81 46.37
N LEU C 100 -11.58 63.01 45.06
CA LEU C 100 -12.82 63.53 44.50
C LEU C 100 -13.80 62.41 44.14
N GLY C 101 -13.41 61.14 44.37
CA GLY C 101 -14.27 59.99 44.12
C GLY C 101 -14.38 59.63 42.64
N ILE C 102 -13.37 60.05 41.86
CA ILE C 102 -13.22 59.62 40.47
C ILE C 102 -12.41 58.34 40.48
N PRO C 103 -12.79 57.32 39.66
CA PRO C 103 -11.98 56.11 39.52
C PRO C 103 -11.07 56.10 38.29
N GLU C 104 -10.18 55.10 38.25
CA GLU C 104 -9.38 54.89 37.06
C GLU C 104 -10.32 54.54 35.91
N PHE C 105 -10.00 55.02 34.71
CA PHE C 105 -10.80 54.73 33.53
C PHE C 105 -10.13 53.61 32.74
N CYS C 106 -10.93 52.71 32.18
CA CYS C 106 -10.41 51.60 31.38
C CYS C 106 -10.43 51.98 29.90
N LEU C 107 -9.25 52.05 29.30
CA LEU C 107 -9.19 52.27 27.87
C LEU C 107 -8.84 50.94 27.20
N GLN C 108 -9.69 50.45 26.29
CA GLN C 108 -9.50 49.11 25.73
C GLN C 108 -9.65 49.10 24.21
N ASP C 109 -8.67 48.51 23.54
CA ASP C 109 -8.80 48.10 22.15
C ASP C 109 -10.03 47.21 22.03
N GLY C 110 -10.66 47.13 20.84
CA GLY C 110 -10.23 47.80 19.62
C GLY C 110 -11.44 47.85 18.69
N PRO C 111 -11.30 48.11 17.38
CA PRO C 111 -12.46 48.28 16.51
C PRO C 111 -13.25 47.07 16.02
N ILE C 112 -13.11 45.90 16.66
CA ILE C 112 -14.10 44.85 16.43
C ILE C 112 -14.72 44.43 17.76
N GLY C 113 -14.31 45.11 18.83
CA GLY C 113 -14.81 44.81 20.15
C GLY C 113 -13.62 44.61 21.06
N PRO C 114 -13.86 44.38 22.37
CA PRO C 114 -12.81 44.25 23.37
C PRO C 114 -11.81 43.13 23.07
N ARG C 115 -10.53 43.54 23.01
CA ARG C 115 -9.41 42.67 22.73
C ARG C 115 -8.85 42.10 24.03
N GLY C 116 -8.36 40.87 23.94
CA GLY C 116 -7.63 40.26 25.05
C GLY C 116 -8.56 39.73 26.12
N VAL C 117 -9.82 39.53 25.72
CA VAL C 117 -10.93 39.27 26.61
C VAL C 117 -11.59 37.93 26.25
N HIS C 118 -11.73 37.06 27.26
CA HIS C 118 -12.56 35.88 27.14
C HIS C 118 -13.98 36.24 27.55
N GLY C 119 -14.95 35.52 27.00
CA GLY C 119 -16.36 35.70 27.32
C GLY C 119 -17.09 36.60 26.31
N SER C 120 -16.47 36.88 25.18
CA SER C 120 -17.00 37.82 24.21
C SER C 120 -17.14 37.17 22.86
N SER C 121 -17.68 37.92 21.91
CA SER C 121 -17.82 37.52 20.52
C SER C 121 -16.75 38.23 19.68
N GLN C 122 -16.45 37.63 18.53
CA GLN C 122 -15.51 38.20 17.58
C GLN C 122 -16.30 38.72 16.40
N PHE C 123 -16.49 40.04 16.35
CA PHE C 123 -17.32 40.64 15.32
C PHE C 123 -16.51 40.69 14.04
N PRO C 124 -17.17 40.89 12.88
CA PRO C 124 -16.47 41.15 11.63
C PRO C 124 -15.77 42.51 11.68
N ALA C 125 -14.80 42.72 10.77
CA ALA C 125 -14.01 43.93 10.73
C ALA C 125 -14.81 45.03 10.03
N GLY C 126 -14.32 46.27 10.19
CA GLY C 126 -14.96 47.41 9.56
C GLY C 126 -15.08 47.21 8.06
N LEU C 127 -14.03 46.63 7.49
CA LEU C 127 -14.01 46.28 6.08
C LEU C 127 -15.25 45.49 5.73
N THR C 128 -15.67 44.59 6.64
CA THR C 128 -16.73 43.63 6.32
C THR C 128 -18.08 44.34 6.37
N VAL C 129 -18.34 45.15 7.43
CA VAL C 129 -19.58 45.92 7.50
C VAL C 129 -19.72 46.81 6.27
N ALA C 130 -18.58 47.37 5.83
CA ALA C 130 -18.60 48.34 4.75
C ALA C 130 -19.15 47.68 3.48
N ALA C 131 -18.74 46.44 3.24
CA ALA C 131 -19.13 45.73 2.03
C ALA C 131 -20.63 45.40 2.05
N THR C 132 -21.28 45.56 3.20
CA THR C 132 -22.71 45.36 3.28
C THR C 132 -23.46 46.54 2.70
N TRP C 133 -22.84 47.75 2.79
CA TRP C 133 -23.47 48.99 2.40
C TRP C 133 -24.81 49.16 3.12
N ASP C 134 -24.85 48.77 4.40
CA ASP C 134 -26.10 48.65 5.12
C ASP C 134 -25.96 49.40 6.45
N ARG C 135 -26.71 50.52 6.55
CA ARG C 135 -26.58 51.43 7.68
C ARG C 135 -27.03 50.73 8.95
N THR C 136 -28.12 49.95 8.86
CA THR C 136 -28.63 49.20 10.00
C THR C 136 -27.55 48.30 10.57
N LEU C 137 -26.83 47.64 9.66
CA LEU C 137 -25.83 46.64 10.01
C LEU C 137 -24.63 47.36 10.61
N MET C 138 -24.31 48.55 10.07
CA MET C 138 -23.24 49.36 10.60
C MET C 138 -23.53 49.72 12.06
N TYR C 139 -24.77 50.17 12.33
CA TYR C 139 -25.17 50.61 13.66
C TYR C 139 -25.23 49.40 14.61
N ALA C 140 -26.00 48.37 14.21
CA ALA C 140 -26.19 47.19 15.06
C ALA C 140 -24.84 46.61 15.47
N ARG C 141 -23.93 46.48 14.48
CA ARG C 141 -22.58 45.99 14.75
C ARG C 141 -21.92 46.74 15.90
N ALA C 142 -21.98 48.07 15.80
CA ALA C 142 -21.38 48.96 16.79
C ALA C 142 -22.12 48.91 18.12
N ARG C 143 -23.45 48.83 18.05
CA ARG C 143 -24.27 48.70 19.24
C ARG C 143 -23.94 47.42 20.01
N GLY C 144 -23.70 46.32 19.27
CA GLY C 144 -23.34 45.05 19.86
C GLY C 144 -21.94 45.09 20.49
N MET C 145 -20.97 45.57 19.70
CA MET C 145 -19.64 45.85 20.20
C MET C 145 -19.76 46.61 21.53
N GLY C 146 -20.58 47.68 21.47
CA GLY C 146 -20.96 48.48 22.62
C GLY C 146 -21.20 47.70 23.91
N GLN C 147 -22.24 46.83 23.94
CA GLN C 147 -22.64 46.21 25.21
C GLN C 147 -21.55 45.27 25.70
N GLU C 148 -20.80 44.66 24.77
CA GLU C 148 -19.73 43.78 25.20
C GLU C 148 -18.66 44.63 25.88
N PHE C 149 -18.28 45.74 25.23
CA PHE C 149 -17.40 46.73 25.82
C PHE C 149 -17.89 47.15 27.22
N HIS C 150 -19.15 47.61 27.26
CA HIS C 150 -19.72 48.07 28.51
C HIS C 150 -19.67 46.98 29.58
N ASP C 151 -20.08 45.75 29.22
CA ASP C 151 -20.30 44.71 30.22
C ASP C 151 -18.96 44.08 30.64
N GLN C 152 -17.90 44.32 29.85
CA GLN C 152 -16.56 43.93 30.24
C GLN C 152 -15.91 44.92 31.21
N GLY C 153 -16.46 46.14 31.27
CA GLY C 153 -16.07 47.15 32.25
C GLY C 153 -15.23 48.27 31.61
N VAL C 154 -15.50 48.54 30.34
CA VAL C 154 -14.69 49.44 29.54
C VAL C 154 -15.32 50.83 29.51
N HIS C 155 -14.63 51.82 30.10
CA HIS C 155 -15.02 53.23 30.06
C HIS C 155 -14.88 53.77 28.64
N LEU C 156 -13.66 53.65 28.08
CA LEU C 156 -13.34 54.18 26.76
C LEU C 156 -12.91 53.06 25.82
N ALA C 157 -13.42 53.13 24.60
CA ALA C 157 -13.18 52.12 23.59
C ALA C 157 -12.33 52.71 22.48
N LEU C 158 -11.13 52.16 22.30
CA LEU C 158 -10.19 52.66 21.30
C LEU C 158 -10.70 52.29 19.90
N ALA C 159 -11.82 52.92 19.52
CA ALA C 159 -12.56 52.61 18.30
C ALA C 159 -13.62 53.67 18.09
N PRO C 160 -14.21 53.84 16.89
CA PRO C 160 -13.85 53.09 15.71
C PRO C 160 -12.61 53.65 15.03
N VAL C 161 -12.38 53.15 13.82
CA VAL C 161 -11.43 53.74 12.91
C VAL C 161 -12.23 54.53 11.88
N THR C 162 -12.07 55.86 11.94
CA THR C 162 -13.00 56.80 11.34
C THR C 162 -12.33 57.59 10.22
N GLY C 163 -11.23 57.07 9.67
CA GLY C 163 -10.63 57.65 8.47
C GLY C 163 -9.11 57.76 8.55
N GLY C 164 -8.51 57.15 9.58
CA GLY C 164 -7.07 56.95 9.64
C GLY C 164 -6.70 55.50 9.98
N PRO C 165 -6.21 54.67 9.03
CA PRO C 165 -6.13 55.01 7.62
C PRO C 165 -7.48 55.07 6.93
N LEU C 166 -7.47 55.56 5.70
CA LEU C 166 -8.65 55.72 4.89
C LEU C 166 -8.51 54.93 3.60
N GLY C 167 -7.31 54.82 3.04
CA GLY C 167 -7.09 53.95 1.89
C GLY C 167 -6.27 54.60 0.78
N ARG C 168 -5.14 55.21 1.15
CA ARG C 168 -4.25 55.80 0.16
C ARG C 168 -3.54 54.67 -0.58
N THR C 169 -3.02 53.73 0.22
CA THR C 169 -2.39 52.53 -0.30
C THR C 169 -3.24 51.30 -0.03
N PRO C 170 -3.47 50.45 -1.05
CA PRO C 170 -4.22 49.20 -0.84
C PRO C 170 -3.40 48.11 -0.15
N LEU C 171 -2.14 48.38 0.23
CA LEU C 171 -1.27 47.44 0.91
C LEU C 171 -1.19 47.80 2.39
N ASN C 172 -2.05 48.70 2.81
CA ASN C 172 -2.02 49.15 4.19
C ASN C 172 -2.28 47.95 5.11
N GLY C 173 -1.24 47.56 5.85
CA GLY C 173 -1.32 46.49 6.81
C GLY C 173 -2.60 46.44 7.64
N ARG C 174 -3.09 47.60 8.10
CA ARG C 174 -4.23 47.67 9.01
C ARG C 174 -5.41 48.40 8.39
N GLY C 175 -5.43 48.52 7.06
CA GLY C 175 -6.55 49.16 6.38
C GLY C 175 -7.89 48.49 6.67
N TRP C 176 -7.89 47.16 6.78
CA TRP C 176 -9.08 46.39 7.10
C TRP C 176 -9.85 46.94 8.32
N GLU C 177 -9.14 47.60 9.27
CA GLU C 177 -9.79 48.10 10.48
C GLU C 177 -10.78 49.21 10.13
N GLY C 178 -10.53 49.90 9.03
CA GLY C 178 -11.41 50.98 8.62
C GLY C 178 -12.65 50.43 7.93
N THR C 179 -13.15 51.16 6.94
CA THR C 179 -14.36 50.81 6.22
C THR C 179 -14.06 51.01 4.75
N PHE C 180 -14.62 52.02 4.09
CA PHE C 180 -14.41 52.15 2.66
C PHE C 180 -13.23 53.10 2.37
N ALA C 181 -12.73 53.04 1.12
CA ALA C 181 -11.64 53.88 0.66
C ALA C 181 -12.23 55.07 -0.06
N ASP C 182 -13.08 55.80 0.68
CA ASP C 182 -13.95 56.82 0.11
C ASP C 182 -14.57 57.63 1.24
N PRO C 183 -14.29 58.95 1.29
CA PRO C 183 -14.60 59.76 2.46
C PRO C 183 -16.10 59.84 2.78
N TYR C 184 -16.96 59.85 1.74
CA TYR C 184 -18.39 59.93 1.97
C TYR C 184 -18.87 58.69 2.73
N ALA C 185 -18.61 57.51 2.14
CA ALA C 185 -18.99 56.22 2.71
C ALA C 185 -18.32 56.01 4.07
N CYS C 186 -16.99 56.18 4.15
CA CYS C 186 -16.32 56.07 5.43
C CYS C 186 -16.98 56.97 6.46
N GLY C 187 -17.44 58.14 5.99
CA GLY C 187 -18.09 59.12 6.85
C GLY C 187 -19.38 58.58 7.47
N GLU C 188 -20.28 58.13 6.61
CA GLU C 188 -21.54 57.55 7.07
C GLU C 188 -21.25 56.42 8.06
N ALA C 189 -20.34 55.50 7.70
CA ALA C 189 -20.01 54.35 8.53
C ALA C 189 -19.40 54.79 9.86
N SER C 190 -18.58 55.84 9.80
CA SER C 190 -17.94 56.37 10.98
C SER C 190 -19.01 56.86 11.94
N TYR C 191 -20.01 57.57 11.40
CA TYR C 191 -21.03 58.23 12.21
C TYR C 191 -21.82 57.16 12.96
N LEU C 192 -22.37 56.22 12.17
CA LEU C 192 -23.18 55.12 12.68
C LEU C 192 -22.38 54.28 13.68
N SER C 193 -21.11 53.99 13.35
CA SER C 193 -20.25 53.27 14.27
C SER C 193 -20.17 53.96 15.63
N VAL C 194 -19.85 55.26 15.60
CA VAL C 194 -19.69 56.03 16.82
C VAL C 194 -21.00 56.06 17.61
N LYS C 195 -22.09 56.31 16.87
CA LYS C 195 -23.41 56.30 17.45
C LYS C 195 -23.62 55.03 18.28
N GLY C 196 -23.56 53.87 17.58
CA GLY C 196 -23.75 52.57 18.22
C GLY C 196 -22.97 52.43 19.52
N LEU C 197 -21.68 52.78 19.50
CA LEU C 197 -20.85 52.54 20.65
C LEU C 197 -21.29 53.40 21.83
N THR C 198 -21.61 54.68 21.58
CA THR C 198 -21.99 55.61 22.66
C THR C 198 -23.43 55.33 23.11
N ASP C 199 -24.31 55.00 22.16
CA ASP C 199 -25.67 54.60 22.46
C ASP C 199 -25.64 53.49 23.50
N ALA C 200 -24.54 52.73 23.52
CA ALA C 200 -24.38 51.58 24.40
C ALA C 200 -23.82 51.97 25.78
N GLY C 201 -23.41 53.22 25.94
CA GLY C 201 -22.78 53.67 27.17
C GLY C 201 -21.26 53.53 27.15
N VAL C 202 -20.64 53.57 25.96
CA VAL C 202 -19.19 53.46 25.85
CA VAL C 202 -19.19 53.46 25.85
C VAL C 202 -18.64 54.70 25.16
N ALA C 203 -17.63 55.34 25.80
CA ALA C 203 -16.97 56.50 25.23
C ALA C 203 -16.09 56.05 24.08
N THR C 204 -16.24 56.69 22.92
CA THR C 204 -15.47 56.33 21.75
C THR C 204 -14.20 57.19 21.68
N VAL C 205 -13.12 56.59 21.18
CA VAL C 205 -11.88 57.26 20.83
C VAL C 205 -11.66 57.01 19.34
N SER C 206 -12.36 57.77 18.49
CA SER C 206 -12.24 57.62 17.05
C SER C 206 -10.78 57.80 16.64
N LYS C 207 -10.35 57.12 15.57
CA LYS C 207 -8.93 57.12 15.24
C LYS C 207 -8.76 56.83 13.76
N HIS C 208 -7.55 57.09 13.20
CA HIS C 208 -6.44 57.81 13.83
C HIS C 208 -6.26 59.20 13.20
N TRP C 209 -6.18 60.26 14.01
CA TRP C 209 -6.01 61.62 13.50
C TRP C 209 -4.52 61.90 13.33
N ILE C 210 -4.01 62.10 12.09
CA ILE C 210 -4.73 62.04 10.83
C ILE C 210 -3.68 61.82 9.74
N ALA C 211 -4.12 61.51 8.52
CA ALA C 211 -3.26 61.26 7.37
C ALA C 211 -2.30 60.09 7.63
N TYR C 212 -2.78 59.11 8.41
CA TYR C 212 -2.01 57.95 8.85
C TYR C 212 -2.21 56.81 7.85
N GLU C 213 -1.56 56.91 6.69
CA GLU C 213 -1.86 56.11 5.50
C GLU C 213 -0.75 55.12 5.16
N GLN C 214 0.17 54.82 6.10
CA GLN C 214 1.08 53.68 5.93
C GLN C 214 1.58 53.19 7.28
N GLU C 215 1.91 51.90 7.38
CA GLU C 215 2.37 51.30 8.62
C GLU C 215 3.89 51.36 8.73
N THR C 216 4.55 51.31 7.57
CA THR C 216 6.01 51.37 7.47
C THR C 216 6.56 52.70 7.99
N SER C 217 7.50 52.61 8.95
CA SER C 217 8.26 53.74 9.45
C SER C 217 7.38 54.64 10.32
N ARG C 218 6.26 54.11 10.80
CA ARG C 218 5.37 54.87 11.65
C ARG C 218 6.06 55.16 12.99
N ASN C 219 7.02 54.31 13.34
CA ASN C 219 8.00 54.55 14.39
C ASN C 219 7.34 55.18 15.62
N LEU C 220 6.52 54.39 16.30
CA LEU C 220 6.12 54.72 17.65
C LEU C 220 7.35 54.98 18.49
N TYR C 221 7.18 55.80 19.51
CA TYR C 221 8.27 56.22 20.37
C TYR C 221 8.53 55.12 21.40
N ILE C 222 9.65 54.43 21.24
CA ILE C 222 10.07 53.42 22.19
C ILE C 222 11.41 53.87 22.78
N ASP C 223 11.56 53.72 24.11
CA ASP C 223 12.84 53.86 24.78
C ASP C 223 13.03 52.67 25.74
N ILE C 224 13.50 51.56 25.17
CA ILE C 224 13.79 50.36 26.00
C ILE C 224 15.31 50.28 26.17
N ASP C 225 15.80 50.14 27.41
CA ASP C 225 17.25 50.04 27.71
C ASP C 225 18.03 51.17 27.03
N GLY C 226 17.38 52.30 26.74
CA GLY C 226 18.06 53.40 26.05
C GLY C 226 17.85 53.35 24.54
N VAL C 227 17.74 52.15 23.96
CA VAL C 227 17.42 52.05 22.51
C VAL C 227 16.25 53.00 22.23
N SER C 228 16.54 54.22 21.78
CA SER C 228 15.52 55.22 21.50
C SER C 228 15.26 55.33 20.01
N GLN C 229 13.98 55.31 19.62
CA GLN C 229 13.56 55.50 18.24
C GLN C 229 13.96 56.91 17.77
N ALA C 230 14.07 57.85 18.72
CA ALA C 230 14.53 59.19 18.43
C ALA C 230 15.89 59.14 17.74
N ASP C 231 16.73 58.16 18.15
CA ASP C 231 18.09 57.98 17.66
C ASP C 231 18.14 57.12 16.39
N ILE C 232 17.04 56.44 16.03
CA ILE C 232 17.03 55.65 14.80
C ILE C 232 16.40 56.45 13.67
N GLN C 233 15.11 56.81 13.81
CA GLN C 233 14.32 57.34 12.71
C GLN C 233 13.03 57.96 13.26
N LEU C 234 12.57 58.99 12.57
CA LEU C 234 11.36 59.71 12.96
C LEU C 234 10.21 59.18 12.12
N PRO C 235 8.95 59.30 12.62
CA PRO C 235 7.76 58.86 11.88
C PRO C 235 7.64 59.45 10.49
N ILE C 236 7.48 58.61 9.47
CA ILE C 236 7.06 59.01 8.14
C ILE C 236 6.30 60.34 8.27
N SER C 237 6.57 61.28 7.35
CA SER C 237 5.90 62.57 7.40
C SER C 237 4.88 62.66 6.27
N SER C 238 3.60 62.76 6.68
CA SER C 238 2.52 63.01 5.76
C SER C 238 2.54 64.48 5.37
N ASN C 239 2.75 64.73 4.09
CA ASN C 239 2.87 66.10 3.58
C ASN C 239 1.67 66.31 2.69
N VAL C 240 0.63 66.91 3.29
CA VAL C 240 -0.71 67.02 2.71
C VAL C 240 -1.02 68.51 2.51
N ASP C 241 -1.56 68.86 1.35
CA ASP C 241 -2.02 70.23 1.11
C ASP C 241 -3.27 70.52 1.94
N ASP C 242 -3.78 71.77 1.84
CA ASP C 242 -4.90 72.22 2.64
C ASP C 242 -6.20 71.64 2.06
N LEU C 243 -6.33 71.67 0.73
CA LEU C 243 -7.54 71.25 0.02
C LEU C 243 -7.82 69.76 0.24
N THR C 244 -6.78 68.93 0.08
CA THR C 244 -6.83 67.49 0.27
C THR C 244 -7.27 67.15 1.69
N MET C 245 -6.54 67.69 2.66
CA MET C 245 -6.79 67.47 4.08
C MET C 245 -8.23 67.79 4.46
N HIS C 246 -8.90 68.71 3.76
CA HIS C 246 -10.26 69.11 4.09
C HIS C 246 -11.26 68.21 3.37
N GLU C 247 -11.01 67.97 2.07
CA GLU C 247 -11.95 67.29 1.19
C GLU C 247 -11.91 65.77 1.41
N LEU C 248 -10.70 65.24 1.70
CA LEU C 248 -10.47 63.80 1.83
C LEU C 248 -10.40 63.38 3.30
N TYR C 249 -9.32 63.72 4.01
CA TYR C 249 -9.00 63.06 5.28
C TYR C 249 -9.95 63.50 6.41
N MET C 250 -10.20 64.80 6.54
CA MET C 250 -10.99 65.36 7.65
C MET C 250 -12.46 64.91 7.56
N TRP C 251 -12.97 64.69 6.34
CA TRP C 251 -14.39 64.51 6.10
C TRP C 251 -14.99 63.55 7.11
N SER C 252 -14.42 62.35 7.21
CA SER C 252 -14.96 61.27 8.01
C SER C 252 -14.86 61.62 9.50
N PHE C 253 -13.80 62.35 9.84
CA PHE C 253 -13.60 62.81 11.21
C PHE C 253 -14.65 63.87 11.58
N ALA C 254 -15.11 64.65 10.59
CA ALA C 254 -16.21 65.56 10.81
C ALA C 254 -17.38 64.78 11.39
N GLU C 255 -17.70 63.67 10.69
CA GLU C 255 -18.82 62.80 11.01
C GLU C 255 -18.62 62.20 12.40
N ALA C 256 -17.44 61.64 12.65
CA ALA C 256 -17.15 61.15 14.00
C ALA C 256 -17.48 62.22 15.05
N VAL C 257 -17.09 63.47 14.75
CA VAL C 257 -17.26 64.55 15.71
C VAL C 257 -18.73 64.85 15.88
N ARG C 258 -19.46 64.93 14.76
CA ARG C 258 -20.88 65.22 14.78
C ARG C 258 -21.67 64.10 15.46
N ALA C 259 -21.34 62.84 15.18
CA ALA C 259 -22.05 61.71 15.78
C ALA C 259 -21.81 61.73 17.27
N GLY C 260 -20.69 62.31 17.70
CA GLY C 260 -20.50 62.63 19.11
C GLY C 260 -19.32 61.91 19.73
N THR C 261 -18.28 61.65 18.94
CA THR C 261 -17.18 60.88 19.46
C THR C 261 -16.58 61.64 20.64
N ASN C 262 -16.42 60.97 21.77
CA ASN C 262 -16.06 61.59 23.03
C ASN C 262 -14.57 61.93 23.09
N HIS C 263 -13.78 61.17 22.36
CA HIS C 263 -12.35 61.42 22.29
C HIS C 263 -11.92 61.14 20.85
N ILE C 264 -10.68 61.53 20.57
CA ILE C 264 -10.03 61.30 19.29
C ILE C 264 -8.60 60.88 19.65
N MET C 265 -8.00 59.98 18.87
CA MET C 265 -6.64 59.53 19.14
C MET C 265 -5.74 60.06 18.05
N CYS C 266 -4.64 60.71 18.46
CA CYS C 266 -3.72 61.27 17.47
C CYS C 266 -2.73 60.18 17.01
N SER C 267 -2.33 60.28 15.74
CA SER C 267 -1.68 59.22 15.00
C SER C 267 -0.16 59.23 15.16
N TYR C 268 0.46 58.10 14.81
CA TYR C 268 1.89 57.86 15.01
C TYR C 268 2.75 58.75 14.11
N ASN C 269 2.21 59.07 12.92
CA ASN C 269 2.94 59.75 11.87
C ASN C 269 3.13 61.21 12.26
N ARG C 270 3.87 61.91 11.40
CA ARG C 270 3.97 63.35 11.44
C ARG C 270 3.22 63.88 10.24
N ILE C 271 2.70 65.11 10.38
CA ILE C 271 2.22 65.91 9.27
C ILE C 271 3.17 67.11 9.15
N ASN C 272 3.56 67.45 7.91
CA ASN C 272 4.68 68.32 7.61
C ASN C 272 5.73 68.32 8.71
N ASN C 273 6.37 67.17 8.89
CA ASN C 273 7.49 67.02 9.80
C ASN C 273 7.14 67.47 11.22
N THR C 274 5.85 67.59 11.57
CA THR C 274 5.45 67.75 12.96
C THR C 274 4.57 66.56 13.35
N HIS C 275 4.94 65.92 14.47
CA HIS C 275 4.17 64.83 15.08
C HIS C 275 2.69 65.21 15.13
N SER C 276 1.80 64.23 14.88
CA SER C 276 0.38 64.53 14.84
C SER C 276 -0.13 64.83 16.24
N CYS C 277 0.53 64.28 17.25
CA CYS C 277 0.10 64.40 18.63
C CYS C 277 0.56 65.72 19.25
N SER C 278 1.50 66.41 18.58
CA SER C 278 1.87 67.76 18.97
C SER C 278 1.91 68.65 17.72
N ASN C 279 0.85 68.56 16.90
CA ASN C 279 0.69 69.42 15.75
C ASN C 279 -0.49 70.35 16.03
N ALA C 280 -0.15 71.60 16.36
CA ALA C 280 -1.12 72.58 16.83
C ALA C 280 -2.07 73.04 15.72
N LYS C 281 -1.58 73.08 14.47
CA LYS C 281 -2.41 73.32 13.31
C LYS C 281 -3.52 72.25 13.21
N GLY C 282 -3.11 70.98 13.33
CA GLY C 282 -4.04 69.86 13.25
C GLY C 282 -4.96 69.78 14.48
N LEU C 283 -4.34 69.76 15.67
CA LEU C 283 -5.08 69.59 16.91
C LEU C 283 -5.86 70.85 17.25
N ASN C 284 -5.15 71.91 17.67
CA ASN C 284 -5.77 73.09 18.28
C ASN C 284 -6.62 73.85 17.27
N GLN C 285 -6.20 73.89 16.00
CA GLN C 285 -6.93 74.66 15.00
C GLN C 285 -7.93 73.75 14.29
N LEU C 286 -7.46 72.88 13.37
CA LEU C 286 -8.33 72.13 12.46
C LEU C 286 -9.39 71.33 13.21
N LEU C 287 -8.97 70.70 14.31
CA LEU C 287 -9.88 69.83 15.05
C LEU C 287 -10.65 70.63 16.09
N LYS C 288 -9.92 71.22 17.04
CA LYS C 288 -10.56 71.79 18.23
C LYS C 288 -11.32 73.08 17.89
N THR C 289 -10.94 73.75 16.80
CA THR C 289 -11.54 75.03 16.45
C THR C 289 -12.51 74.85 15.29
N GLU C 290 -12.00 74.48 14.10
CA GLU C 290 -12.85 74.37 12.91
C GLU C 290 -13.88 73.26 13.04
N LEU C 291 -13.48 72.06 13.53
CA LEU C 291 -14.41 70.95 13.79
C LEU C 291 -15.04 71.10 15.18
N ASN C 292 -14.66 72.14 15.91
CA ASN C 292 -15.30 72.52 17.16
C ASN C 292 -15.34 71.33 18.13
N PHE C 293 -14.28 70.53 18.09
CA PHE C 293 -14.30 69.31 18.87
C PHE C 293 -14.20 69.67 20.35
N GLN C 294 -15.20 69.24 21.15
CA GLN C 294 -15.30 69.50 22.58
C GLN C 294 -14.75 68.40 23.48
N GLY C 295 -14.18 67.34 22.88
CA GLY C 295 -13.71 66.19 23.64
C GLY C 295 -12.18 66.08 23.74
N GLY C 296 -11.73 64.97 24.34
CA GLY C 296 -10.32 64.74 24.59
C GLY C 296 -9.56 64.27 23.35
N VAL C 297 -8.23 64.47 23.39
CA VAL C 297 -7.30 63.93 22.41
C VAL C 297 -6.30 63.03 23.13
N VAL C 298 -6.30 61.75 22.73
CA VAL C 298 -5.49 60.72 23.34
C VAL C 298 -4.31 60.44 22.41
N SER C 299 -3.15 60.18 23.02
CA SER C 299 -1.99 59.71 22.26
C SER C 299 -2.20 58.25 21.84
N ASP C 300 -1.89 57.93 20.58
CA ASP C 300 -1.59 56.54 20.25
C ASP C 300 -0.48 56.09 21.18
N TRP C 301 -0.25 54.78 21.22
CA TRP C 301 0.66 54.23 22.20
C TRP C 301 2.08 54.46 21.70
N GLY C 302 2.72 55.50 22.25
CA GLY C 302 3.97 56.02 21.73
C GLY C 302 3.74 57.04 20.60
N GLY C 303 2.66 57.81 20.73
CA GLY C 303 2.34 58.88 19.77
C GLY C 303 2.89 60.23 20.21
N GLN C 304 3.26 60.31 21.49
CA GLN C 304 3.79 61.51 22.14
C GLN C 304 5.30 61.37 22.38
N TRP C 305 6.06 62.38 21.93
CA TRP C 305 7.50 62.36 21.92
C TRP C 305 8.11 63.34 22.93
N ASP C 306 7.38 64.42 23.25
CA ASP C 306 7.90 65.55 23.98
C ASP C 306 6.83 66.00 24.96
N SER C 307 7.24 66.66 26.04
CA SER C 307 6.28 67.03 27.08
C SER C 307 5.63 68.38 26.76
N VAL C 308 6.43 69.43 26.65
CA VAL C 308 5.86 70.78 26.66
C VAL C 308 5.13 71.01 25.33
N PRO C 309 5.74 70.72 24.16
CA PRO C 309 5.05 70.98 22.90
C PRO C 309 3.66 70.33 22.81
N ALA C 310 3.55 69.07 23.28
CA ALA C 310 2.30 68.33 23.25
C ALA C 310 1.26 68.94 24.19
N ALA C 311 1.72 69.37 25.38
CA ALA C 311 0.87 70.08 26.32
C ALA C 311 0.30 71.33 25.65
N GLU C 312 1.13 72.04 24.88
CA GLU C 312 0.74 73.29 24.25
C GLU C 312 -0.11 73.00 23.01
N ASN C 313 0.32 72.05 22.17
CA ASN C 313 -0.19 71.94 20.81
C ASN C 313 -1.50 71.14 20.73
N GLY C 314 -2.02 70.61 21.86
CA GLY C 314 -3.41 70.21 21.92
C GLY C 314 -3.66 68.73 22.21
N LEU C 315 -2.74 68.07 22.92
CA LEU C 315 -2.94 66.73 23.42
C LEU C 315 -3.61 66.83 24.77
N ASP C 316 -4.53 65.90 25.09
CA ASP C 316 -5.23 65.95 26.37
C ASP C 316 -4.90 64.77 27.28
N VAL C 317 -4.48 63.61 26.72
CA VAL C 317 -4.13 62.45 27.53
C VAL C 317 -2.88 61.76 26.98
N ALA C 318 -1.97 61.39 27.91
CA ALA C 318 -0.73 60.71 27.59
C ALA C 318 -0.86 59.23 27.89
N MET C 319 -0.53 58.40 26.90
CA MET C 319 -0.85 56.99 26.92
C MET C 319 0.24 56.27 26.15
N PRO C 320 0.81 55.16 26.68
CA PRO C 320 0.32 54.50 27.89
C PRO C 320 0.80 54.98 29.25
N GLY C 321 1.59 56.05 29.29
CA GLY C 321 2.15 56.53 30.54
C GLY C 321 3.01 55.46 31.22
N LYS C 322 2.76 55.23 32.52
CA LYS C 322 3.57 54.33 33.34
C LYS C 322 3.32 52.88 32.96
N GLY C 323 2.34 52.65 32.09
CA GLY C 323 2.09 51.32 31.57
C GLY C 323 3.21 50.86 30.65
N PHE C 324 3.21 49.56 30.34
CA PHE C 324 4.14 48.96 29.40
C PHE C 324 5.59 49.29 29.79
N LEU C 325 5.89 49.11 31.09
CA LEU C 325 7.22 49.35 31.63
C LEU C 325 7.59 50.84 31.49
N GLY C 326 6.57 51.68 31.33
CA GLY C 326 6.73 53.10 31.02
C GLY C 326 7.47 53.37 29.72
N ALA C 327 7.73 52.32 28.93
CA ALA C 327 8.81 52.36 27.96
C ALA C 327 8.34 52.84 26.59
N LEU C 328 7.18 53.49 26.52
CA LEU C 328 6.73 54.12 25.27
C LEU C 328 6.64 55.65 25.40
N GLY C 329 7.14 56.18 26.51
CA GLY C 329 6.95 57.59 26.82
C GLY C 329 6.22 57.74 28.15
N ASP C 330 6.81 58.53 29.05
CA ASP C 330 6.17 58.96 30.27
C ASP C 330 6.55 60.42 30.49
N PHE C 331 6.13 61.26 29.54
CA PHE C 331 6.55 62.65 29.44
C PHE C 331 5.87 63.52 30.49
N TRP C 332 4.54 63.44 30.59
CA TRP C 332 3.82 64.17 31.63
C TRP C 332 3.96 63.42 32.95
N GLY C 333 2.86 63.28 33.72
CA GLY C 333 2.95 62.58 34.98
C GLY C 333 3.70 63.43 35.99
N ALA C 334 4.59 62.82 36.77
CA ALA C 334 5.33 63.55 37.79
C ALA C 334 6.12 64.70 37.15
N THR C 335 6.47 64.56 35.86
CA THR C 335 7.22 65.59 35.13
C THR C 335 6.29 66.72 34.67
N LEU C 336 4.97 66.49 34.65
CA LEU C 336 4.04 67.56 34.28
C LEU C 336 3.64 68.38 35.50
N VAL C 337 3.62 67.76 36.70
CA VAL C 337 3.50 68.51 37.94
C VAL C 337 4.51 69.65 37.90
N GLU C 338 5.78 69.29 37.61
CA GLU C 338 6.92 70.18 37.65
C GLU C 338 6.71 71.33 36.65
N LEU C 339 6.41 70.99 35.40
CA LEU C 339 6.22 71.95 34.32
C LEU C 339 5.18 73.02 34.69
N ILE C 340 4.09 72.63 35.36
CA ILE C 340 3.09 73.58 35.80
C ILE C 340 3.66 74.37 36.97
N ASN C 341 4.04 73.67 38.05
CA ASN C 341 4.51 74.25 39.30
C ASN C 341 5.55 75.34 39.11
N ASN C 342 6.40 75.23 38.07
CA ASN C 342 7.49 76.18 37.88
C ASN C 342 7.17 77.14 36.73
N GLY C 343 5.92 77.17 36.25
CA GLY C 343 5.51 78.22 35.33
C GLY C 343 5.61 77.85 33.85
N THR C 344 6.43 76.85 33.47
CA THR C 344 6.64 76.50 32.07
C THR C 344 5.33 76.17 31.35
N VAL C 345 4.38 75.54 32.07
CA VAL C 345 3.09 75.15 31.52
C VAL C 345 1.97 75.73 32.40
N SER C 346 0.97 76.32 31.72
CA SER C 346 -0.16 77.01 32.35
C SER C 346 -1.14 76.02 32.96
N GLU C 347 -1.43 76.20 34.25
CA GLU C 347 -2.32 75.31 34.97
C GLU C 347 -3.71 75.29 34.33
N ASP C 348 -4.10 76.35 33.63
CA ASP C 348 -5.41 76.43 32.97
C ASP C 348 -5.42 75.65 31.67
N LEU C 349 -4.24 75.45 31.08
CA LEU C 349 -4.18 74.70 29.84
C LEU C 349 -4.42 73.23 30.14
N VAL C 350 -4.02 72.80 31.34
CA VAL C 350 -4.13 71.42 31.78
C VAL C 350 -5.54 71.14 32.29
N ARG C 351 -6.15 72.12 32.96
CA ARG C 351 -7.53 72.00 33.42
C ARG C 351 -8.44 71.61 32.25
N ASP C 352 -8.21 72.26 31.10
CA ASP C 352 -9.02 72.06 29.90
C ASP C 352 -8.86 70.63 29.41
N LYS C 353 -7.64 70.09 29.56
CA LYS C 353 -7.37 68.70 29.24
C LYS C 353 -8.29 67.82 30.08
N ALA C 354 -8.21 68.01 31.39
CA ALA C 354 -8.92 67.19 32.37
C ALA C 354 -10.42 67.40 32.25
N VAL C 355 -10.83 68.50 31.62
CA VAL C 355 -12.25 68.76 31.44
C VAL C 355 -12.75 67.99 30.22
N ARG C 356 -11.95 67.92 29.15
CA ARG C 356 -12.34 67.23 27.93
C ARG C 356 -12.42 65.72 28.17
N ILE C 357 -11.56 65.23 29.07
CA ILE C 357 -11.61 63.89 29.63
C ILE C 357 -12.97 63.67 30.29
N LEU C 358 -13.15 64.26 31.49
CA LEU C 358 -14.33 64.06 32.34
C LEU C 358 -15.66 64.40 31.65
N THR C 359 -15.66 65.03 30.47
CA THR C 359 -16.90 65.38 29.79
C THR C 359 -17.63 64.12 29.33
N GLY C 360 -16.95 63.28 28.54
CA GLY C 360 -17.40 61.91 28.23
C GLY C 360 -17.98 61.19 29.45
N TYR C 361 -17.18 61.07 30.52
CA TYR C 361 -17.57 60.39 31.75
C TYR C 361 -18.96 60.77 32.26
N TYR C 362 -19.27 62.07 32.34
CA TYR C 362 -20.55 62.54 32.89
C TYR C 362 -21.67 62.42 31.86
N TYR C 363 -21.34 62.62 30.57
CA TYR C 363 -22.32 62.54 29.49
C TYR C 363 -22.88 61.12 29.38
N LEU C 364 -22.00 60.11 29.44
CA LEU C 364 -22.36 58.70 29.31
C LEU C 364 -22.83 58.10 30.63
N GLY C 365 -22.82 58.91 31.69
CA GLY C 365 -23.49 58.55 32.91
C GLY C 365 -22.69 57.54 33.71
N GLN C 366 -21.39 57.44 33.41
CA GLN C 366 -20.51 56.50 34.07
C GLN C 366 -20.31 56.90 35.54
N ASP C 367 -20.87 58.05 35.93
CA ASP C 367 -20.86 58.54 37.29
C ASP C 367 -21.89 57.78 38.12
N THR C 368 -23.14 57.73 37.63
CA THR C 368 -24.26 57.18 38.36
C THR C 368 -24.47 55.69 38.05
N ASN C 369 -23.98 55.27 36.89
CA ASN C 369 -24.00 53.87 36.51
C ASN C 369 -22.59 53.45 36.11
N PRO C 370 -21.67 53.11 37.05
CA PRO C 370 -20.32 52.73 36.67
C PRO C 370 -20.40 51.47 35.82
N PRO C 371 -19.50 51.26 34.83
CA PRO C 371 -19.35 49.94 34.25
C PRO C 371 -18.89 49.00 35.36
N PRO C 372 -18.98 47.66 35.17
CA PRO C 372 -18.52 46.71 36.19
C PRO C 372 -17.00 46.58 36.13
N PRO C 373 -16.36 45.97 37.16
CA PRO C 373 -14.91 45.74 37.13
C PRO C 373 -14.49 45.06 35.85
N PHE C 374 -13.35 45.51 35.31
CA PHE C 374 -12.73 44.86 34.18
C PHE C 374 -11.81 43.78 34.72
N VAL C 375 -11.84 42.61 34.09
CA VAL C 375 -11.47 41.41 34.81
C VAL C 375 -10.25 40.71 34.19
N TYR C 376 -9.91 41.04 32.93
CA TYR C 376 -8.86 40.34 32.20
C TYR C 376 -7.57 41.17 32.10
N ASN C 377 -6.46 40.49 32.36
CA ASN C 377 -5.12 40.99 32.07
C ASN C 377 -4.91 40.99 30.57
N THR C 378 -5.16 42.12 29.88
CA THR C 378 -5.07 42.18 28.43
C THR C 378 -3.72 42.68 27.94
N ILE C 379 -2.80 42.88 28.89
CA ILE C 379 -1.45 43.34 28.60
C ILE C 379 -0.57 42.13 28.32
N GLY C 380 -0.41 41.28 29.34
CA GLY C 380 0.13 39.96 29.15
C GLY C 380 1.54 39.86 29.70
N ALA C 381 1.80 38.79 30.46
CA ALA C 381 3.09 38.52 31.05
C ALA C 381 4.17 38.54 29.97
N PRO C 382 5.45 38.84 30.31
CA PRO C 382 5.83 39.27 31.67
C PRO C 382 5.69 40.78 31.94
N THR C 383 5.36 41.55 30.89
CA THR C 383 5.07 42.97 31.01
C THR C 383 4.16 43.25 32.20
N LEU C 384 3.00 42.58 32.27
CA LEU C 384 2.12 42.68 33.42
C LEU C 384 1.85 41.28 33.98
N ASN C 385 2.18 41.10 35.27
CA ASN C 385 2.00 39.84 35.98
C ASN C 385 0.75 39.94 36.83
N ALA C 386 -0.42 39.74 36.20
CA ALA C 386 -1.70 39.88 36.86
C ALA C 386 -2.63 38.76 36.42
N THR C 387 -3.31 38.11 37.38
CA THR C 387 -4.23 37.04 37.05
C THR C 387 -5.40 37.60 36.25
N SER C 388 -6.29 36.72 35.79
CA SER C 388 -7.55 37.15 35.20
C SER C 388 -8.67 36.45 35.94
N GLY C 389 -9.84 37.10 35.99
CA GLY C 389 -11.06 36.41 36.35
C GLY C 389 -11.77 35.96 35.07
N TYR C 390 -13.10 35.80 35.14
CA TYR C 390 -13.86 35.32 33.99
C TYR C 390 -15.21 35.99 34.00
N ARG C 391 -15.60 36.53 32.85
CA ARG C 391 -16.96 37.00 32.71
C ARG C 391 -17.45 36.67 31.31
N ASN C 392 -18.69 36.16 31.26
CA ASN C 392 -19.36 35.91 30.00
C ASN C 392 -20.35 37.04 29.77
N VAL C 393 -20.33 37.55 28.55
CA VAL C 393 -20.98 38.77 28.13
C VAL C 393 -21.60 38.54 26.75
N ARG C 394 -21.50 37.33 26.23
CA ARG C 394 -22.17 36.97 24.99
C ARG C 394 -23.68 36.91 25.28
N LYS C 395 -24.47 37.57 24.43
CA LYS C 395 -25.90 37.66 24.60
C LYS C 395 -26.62 37.10 23.37
N PRO C 396 -27.87 36.65 23.54
CA PRO C 396 -28.63 36.09 22.42
C PRO C 396 -28.74 37.18 21.36
N GLY C 397 -28.68 36.78 20.09
CA GLY C 397 -28.82 37.75 19.01
C GLY C 397 -27.45 38.15 18.41
N THR C 398 -26.39 38.13 19.23
CA THR C 398 -25.08 38.58 18.74
C THR C 398 -24.58 37.68 17.61
N ALA C 399 -24.58 36.36 17.84
CA ALA C 399 -24.17 35.38 16.83
C ALA C 399 -24.96 35.60 15.54
N GLU C 400 -26.29 35.75 15.68
CA GLU C 400 -27.15 35.95 14.53
C GLU C 400 -26.71 37.20 13.78
N LEU C 401 -26.43 38.27 14.54
CA LEU C 401 -26.06 39.53 13.91
C LEU C 401 -24.75 39.39 13.16
N ILE C 402 -23.75 38.79 13.83
CA ILE C 402 -22.45 38.59 13.20
C ILE C 402 -22.59 37.77 11.91
N LYS C 403 -23.50 36.80 11.93
CA LYS C 403 -23.72 35.98 10.75
C LYS C 403 -24.34 36.82 9.64
N GLU C 404 -25.39 37.56 9.98
CA GLU C 404 -26.13 38.33 8.99
C GLU C 404 -25.19 39.38 8.35
N ILE C 405 -24.22 39.91 9.13
CA ILE C 405 -23.21 40.79 8.57
C ILE C 405 -22.42 40.05 7.49
N GLY C 406 -21.94 38.84 7.79
CA GLY C 406 -21.21 38.05 6.81
C GLY C 406 -22.04 37.85 5.53
N SER C 407 -23.34 37.58 5.68
CA SER C 407 -24.18 37.17 4.57
C SER C 407 -24.53 38.35 3.69
N ALA C 408 -24.57 39.55 4.31
CA ALA C 408 -24.83 40.81 3.64
C ALA C 408 -23.56 41.38 2.99
N SER C 409 -22.38 41.00 3.50
CA SER C 409 -21.10 41.51 3.00
C SER C 409 -20.59 40.72 1.82
N VAL C 410 -20.68 39.39 1.90
CA VAL C 410 -19.93 38.56 0.97
C VAL C 410 -20.31 38.97 -0.45
N THR C 411 -19.27 39.18 -1.26
CA THR C 411 -19.41 39.87 -2.54
C THR C 411 -19.07 38.90 -3.67
N LEU C 412 -19.95 38.87 -4.67
CA LEU C 412 -19.79 38.04 -5.84
C LEU C 412 -19.13 38.84 -6.98
N LEU C 413 -17.89 38.48 -7.34
CA LEU C 413 -17.11 39.13 -8.39
C LEU C 413 -17.26 38.42 -9.74
N LYS C 414 -17.45 37.09 -9.73
CA LYS C 414 -17.56 36.34 -10.98
C LYS C 414 -18.49 35.13 -10.82
N ASN C 415 -19.22 34.83 -11.88
CA ASN C 415 -20.21 33.77 -11.87
C ASN C 415 -20.65 33.46 -13.28
N THR C 416 -20.06 32.42 -13.88
CA THR C 416 -20.32 32.04 -15.25
C THR C 416 -21.51 31.11 -15.35
N GLY C 417 -22.18 30.83 -14.22
CA GLY C 417 -23.34 29.93 -14.21
C GLY C 417 -23.35 28.95 -13.05
N SER C 418 -22.28 28.85 -12.26
CA SER C 418 -22.15 27.75 -11.31
C SER C 418 -22.90 28.03 -10.02
N LEU C 419 -23.10 29.30 -9.66
CA LEU C 419 -23.84 29.62 -8.46
C LEU C 419 -25.24 30.16 -8.82
N PRO C 420 -26.28 29.93 -7.99
CA PRO C 420 -26.14 29.24 -6.70
C PRO C 420 -26.11 27.74 -6.95
N LEU C 421 -25.56 27.00 -5.99
CA LEU C 421 -25.56 25.54 -6.08
C LEU C 421 -26.99 25.03 -5.93
N LYS C 422 -27.32 24.01 -6.73
CA LYS C 422 -28.53 23.23 -6.52
C LYS C 422 -28.28 22.28 -5.34
N HIS C 423 -27.93 21.02 -5.64
CA HIS C 423 -27.76 19.99 -4.63
C HIS C 423 -26.58 19.10 -5.03
N PRO C 424 -25.36 19.62 -5.18
CA PRO C 424 -24.25 18.81 -5.67
C PRO C 424 -24.04 17.59 -4.77
N GLN C 425 -23.71 16.45 -5.40
CA GLN C 425 -23.57 15.18 -4.73
C GLN C 425 -22.14 14.93 -4.26
N ARG C 426 -21.17 15.46 -5.02
CA ARG C 426 -19.75 15.25 -4.71
C ARG C 426 -19.03 16.59 -4.64
N ILE C 427 -18.56 16.94 -3.43
CA ILE C 427 -18.04 18.27 -3.18
C ILE C 427 -16.59 18.13 -2.75
N ALA C 428 -15.70 18.94 -3.33
CA ALA C 428 -14.30 18.97 -2.96
C ALA C 428 -13.97 20.33 -2.37
N VAL C 429 -13.18 20.34 -1.30
CA VAL C 429 -12.74 21.56 -0.62
C VAL C 429 -11.22 21.60 -0.55
N LEU C 430 -10.62 22.79 -0.81
CA LEU C 430 -9.18 23.00 -0.79
C LEU C 430 -8.85 24.18 0.12
N GLY C 431 -7.85 24.03 0.98
CA GLY C 431 -7.24 25.18 1.61
C GLY C 431 -7.43 25.17 3.12
N ASN C 432 -6.36 25.49 3.87
CA ASN C 432 -6.46 25.48 5.31
C ASN C 432 -7.42 26.60 5.73
N ASP C 433 -7.72 27.54 4.82
CA ASP C 433 -8.65 28.60 5.12
C ASP C 433 -10.05 28.03 5.38
N ALA C 434 -10.29 26.82 4.87
CA ALA C 434 -11.60 26.19 5.01
C ALA C 434 -11.80 25.62 6.41
N THR C 435 -10.77 25.52 7.26
CA THR C 435 -10.91 24.87 8.55
C THR C 435 -10.17 25.64 9.62
N TYR C 436 -10.00 25.02 10.81
CA TYR C 436 -9.46 25.69 11.97
C TYR C 436 -7.96 25.96 11.79
N ASN C 437 -7.50 27.02 12.45
CA ASN C 437 -6.13 27.14 12.90
C ASN C 437 -5.71 25.84 13.60
N VAL C 438 -4.63 25.22 13.11
CA VAL C 438 -4.18 23.94 13.64
C VAL C 438 -3.73 24.09 15.11
N LEU C 439 -3.49 25.33 15.57
CA LEU C 439 -2.99 25.47 16.93
C LEU C 439 -4.12 26.00 17.80
N GLY C 440 -5.29 26.23 17.20
CA GLY C 440 -6.41 26.79 17.96
C GLY C 440 -6.77 28.19 17.45
N PRO C 441 -8.05 28.61 17.55
CA PRO C 441 -8.47 29.90 16.99
C PRO C 441 -7.71 31.10 17.58
N ASN C 442 -7.28 30.98 18.84
CA ASN C 442 -6.65 32.09 19.54
C ASN C 442 -5.15 31.80 19.73
N ALA C 443 -4.58 30.95 18.87
CA ALA C 443 -3.24 30.46 19.14
C ALA C 443 -2.25 31.61 19.04
N CYS C 444 -2.56 32.56 18.15
CA CYS C 444 -1.69 33.69 17.83
C CYS C 444 -1.66 34.78 18.91
N GLY C 445 -2.54 34.70 19.91
CA GLY C 445 -2.37 35.46 21.15
C GLY C 445 -3.18 36.76 21.20
N LEU C 446 -2.84 37.62 22.18
CA LEU C 446 -3.62 38.83 22.49
C LEU C 446 -3.84 39.73 21.27
N ALA C 447 -2.99 39.62 20.24
CA ALA C 447 -3.04 40.54 19.11
C ALA C 447 -3.11 39.80 17.77
N ASN C 448 -3.27 38.48 17.84
CA ASN C 448 -3.43 37.68 16.64
C ASN C 448 -2.24 37.93 15.71
N SER C 449 -1.03 37.99 16.29
CA SER C 449 0.18 38.18 15.51
C SER C 449 1.38 37.32 15.97
N ALA C 450 1.20 36.40 16.93
CA ALA C 450 2.33 35.67 17.49
C ALA C 450 2.56 34.31 16.84
N CYS C 451 1.74 33.89 15.86
CA CYS C 451 1.97 32.57 15.28
C CYS C 451 3.10 32.67 14.27
N ASP C 452 3.80 31.56 14.05
CA ASP C 452 4.89 31.47 13.08
C ASP C 452 4.39 31.89 11.71
N ILE C 453 5.32 32.36 10.89
CA ILE C 453 5.03 32.92 9.58
C ILE C 453 4.45 31.87 8.65
N ASP C 454 4.76 30.58 8.86
CA ASP C 454 4.27 29.51 7.99
C ASP C 454 3.07 28.76 8.59
N ASN C 455 2.65 29.14 9.80
CA ASN C 455 1.60 28.42 10.50
C ASN C 455 0.32 28.39 9.66
N LEU C 456 -0.43 27.29 9.73
CA LEU C 456 -1.74 27.22 9.11
C LEU C 456 -2.79 27.80 10.06
N ASN C 457 -3.20 29.06 9.85
CA ASN C 457 -3.98 29.79 10.84
C ASN C 457 -5.46 29.56 10.63
N GLY C 458 -5.80 28.98 9.49
CA GLY C 458 -7.18 28.57 9.27
C GLY C 458 -7.96 29.68 8.59
N THR C 459 -9.28 29.66 8.80
CA THR C 459 -10.15 30.69 8.26
C THR C 459 -9.67 32.05 8.74
N LEU C 460 -9.50 33.01 7.83
CA LEU C 460 -9.08 34.34 8.23
C LEU C 460 -10.30 35.15 8.62
N THR C 461 -10.56 35.23 9.94
CA THR C 461 -11.79 35.83 10.42
C THR C 461 -11.56 37.27 10.88
N THR C 462 -10.32 37.60 11.33
CA THR C 462 -9.89 38.96 11.62
C THR C 462 -8.42 39.16 11.22
N GLY C 463 -7.96 40.41 11.24
CA GLY C 463 -6.59 40.72 10.87
C GLY C 463 -5.67 40.66 12.08
N GLY C 464 -4.38 40.95 11.86
CA GLY C 464 -3.40 41.02 12.94
C GLY C 464 -3.37 42.41 13.59
N GLY C 465 -3.18 42.42 14.92
CA GLY C 465 -2.82 43.64 15.62
C GLY C 465 -3.87 44.04 16.64
N SER C 466 -3.90 45.35 16.95
CA SER C 466 -4.65 45.87 18.10
C SER C 466 -6.13 45.88 17.79
N GLY C 467 -6.48 45.84 16.49
CA GLY C 467 -7.88 45.75 16.11
C GLY C 467 -8.38 44.31 15.89
N SER C 468 -7.69 43.32 16.47
CA SER C 468 -8.15 41.95 16.49
C SER C 468 -8.83 41.69 17.85
N ALA C 469 -9.46 40.51 17.98
CA ALA C 469 -10.05 40.06 19.24
C ALA C 469 -10.11 38.53 19.29
N LEU C 470 -10.14 37.97 20.50
CA LEU C 470 -10.32 36.53 20.70
C LEU C 470 -11.70 36.06 20.20
N SER C 471 -11.76 34.74 19.97
CA SER C 471 -12.87 34.02 19.39
C SER C 471 -13.34 32.92 20.34
N PRO C 472 -14.65 32.78 20.62
CA PRO C 472 -15.15 31.65 21.42
C PRO C 472 -15.07 30.32 20.65
N TYR C 473 -15.08 30.42 19.32
CA TYR C 473 -15.05 29.27 18.42
C TYR C 473 -14.89 29.83 17.01
N THR C 474 -14.61 28.98 16.02
CA THR C 474 -14.81 29.41 14.64
C THR C 474 -15.72 28.43 13.91
N ILE C 475 -16.70 29.00 13.21
CA ILE C 475 -17.59 28.22 12.39
C ILE C 475 -16.93 28.13 11.02
N THR C 476 -16.19 27.04 10.82
CA THR C 476 -15.35 26.88 9.66
C THR C 476 -16.19 26.70 8.41
N PRO C 477 -15.75 27.18 7.24
CA PRO C 477 -16.50 26.90 6.01
C PRO C 477 -16.77 25.42 5.77
N LEU C 478 -15.80 24.58 6.15
CA LEU C 478 -15.89 23.14 5.88
C LEU C 478 -17.05 22.58 6.70
N GLU C 479 -17.11 22.93 7.98
CA GLU C 479 -18.15 22.37 8.83
C GLU C 479 -19.50 22.83 8.28
N ALA C 480 -19.60 24.09 7.86
CA ALA C 480 -20.88 24.56 7.36
C ALA C 480 -21.17 23.91 6.00
N LEU C 481 -20.15 23.70 5.16
CA LEU C 481 -20.40 23.08 3.85
C LEU C 481 -20.86 21.63 4.05
N GLN C 482 -20.35 21.01 5.14
CA GLN C 482 -20.61 19.62 5.45
C GLN C 482 -22.04 19.47 5.91
N LYS C 483 -22.48 20.32 6.85
CA LYS C 483 -23.88 20.32 7.28
C LYS C 483 -24.79 20.22 6.07
N ARG C 484 -24.49 21.05 5.07
CA ARG C 484 -25.34 21.15 3.90
C ARG C 484 -25.21 19.92 3.00
N ALA C 485 -24.01 19.37 2.87
CA ALA C 485 -23.82 18.15 2.09
C ALA C 485 -24.64 17.01 2.70
N ILE C 486 -24.57 16.84 4.03
CA ILE C 486 -25.26 15.79 4.75
C ILE C 486 -26.78 15.90 4.54
N GLU C 487 -27.34 17.11 4.64
CA GLU C 487 -28.74 17.36 4.29
C GLU C 487 -29.03 16.89 2.87
N ASP C 488 -28.09 17.02 1.94
CA ASP C 488 -28.34 16.63 0.56
C ASP C 488 -27.97 15.17 0.30
N ASN C 489 -27.58 14.45 1.36
CA ASN C 489 -27.11 13.07 1.28
C ASN C 489 -25.95 12.92 0.28
N ALA C 490 -24.96 13.81 0.43
CA ALA C 490 -23.85 13.91 -0.50
C ALA C 490 -22.56 13.59 0.24
N GLU C 491 -21.45 13.53 -0.49
CA GLU C 491 -20.17 13.38 0.15
C GLU C 491 -19.36 14.67 -0.02
N ILE C 492 -18.49 14.92 0.95
CA ILE C 492 -17.63 16.08 0.94
C ILE C 492 -16.27 15.69 1.52
N ALA C 493 -15.20 16.15 0.85
CA ALA C 493 -13.82 15.92 1.27
C ALA C 493 -12.97 17.17 1.08
N ALA C 494 -12.10 17.44 2.09
CA ALA C 494 -11.25 18.63 2.13
C ALA C 494 -9.78 18.24 2.28
N VAL C 495 -8.95 18.82 1.41
CA VAL C 495 -7.50 18.92 1.61
C VAL C 495 -7.16 20.28 2.24
N VAL C 496 -6.63 20.28 3.46
CA VAL C 496 -6.49 21.49 4.21
C VAL C 496 -5.05 21.63 4.71
N ALA C 497 -4.16 20.77 4.22
CA ALA C 497 -2.75 20.89 4.58
C ALA C 497 -2.09 21.94 3.70
N ASN C 498 -0.85 22.28 4.03
CA ASN C 498 -0.03 23.03 3.10
C ASN C 498 0.24 22.14 1.88
N SER C 499 -0.23 22.59 0.70
CA SER C 499 -0.15 21.78 -0.50
C SER C 499 1.27 21.64 -1.03
N ASN C 500 2.13 22.62 -0.78
CA ASN C 500 3.51 22.61 -1.27
C ASN C 500 4.37 21.74 -0.34
N THR C 501 4.13 21.71 0.98
CA THR C 501 5.09 21.15 1.92
C THR C 501 4.62 19.84 2.58
N THR C 502 3.42 19.33 2.27
CA THR C 502 2.91 18.20 3.02
C THR C 502 2.94 16.99 2.10
N THR C 503 3.51 15.89 2.62
CA THR C 503 3.78 14.80 1.71
C THR C 503 2.42 14.20 1.30
N GLY C 504 2.19 14.13 -0.03
CA GLY C 504 1.02 13.49 -0.61
C GLY C 504 -0.15 14.46 -0.84
N ALA C 505 0.02 15.71 -0.39
CA ALA C 505 -1.03 16.70 -0.56
C ALA C 505 -1.42 16.79 -2.02
N GLU C 506 -0.41 16.89 -2.87
CA GLU C 506 -0.66 17.15 -4.27
C GLU C 506 -1.29 15.93 -4.92
N ASP C 507 -0.81 14.76 -4.50
CA ASP C 507 -1.38 13.49 -4.97
C ASP C 507 -2.87 13.44 -4.58
N ALA C 508 -3.17 13.79 -3.33
CA ALA C 508 -4.53 13.75 -2.81
C ALA C 508 -5.48 14.65 -3.64
N ILE C 509 -5.05 15.87 -3.92
CA ILE C 509 -5.86 16.80 -4.68
C ILE C 509 -6.09 16.26 -6.09
N ALA C 510 -5.01 15.77 -6.71
CA ALA C 510 -5.09 15.23 -8.06
C ALA C 510 -6.16 14.12 -8.12
N ALA C 511 -6.25 13.31 -7.07
CA ALA C 511 -7.17 12.18 -7.04
C ALA C 511 -8.58 12.66 -6.68
N LEU C 512 -8.71 13.58 -5.72
CA LEU C 512 -10.01 14.02 -5.23
C LEU C 512 -10.80 14.85 -6.26
N LEU C 513 -10.16 15.73 -7.01
CA LEU C 513 -10.89 16.78 -7.68
C LEU C 513 -11.61 16.30 -8.96
N PRO C 514 -11.06 15.47 -9.86
CA PRO C 514 -11.72 15.22 -11.14
C PRO C 514 -13.15 14.68 -11.07
N ASP C 515 -13.51 14.02 -9.96
CA ASP C 515 -14.84 13.42 -9.82
C ASP C 515 -15.79 14.32 -9.02
N ALA C 516 -15.35 15.51 -8.61
CA ALA C 516 -16.19 16.37 -7.79
C ALA C 516 -17.14 17.13 -8.71
N ASP C 517 -18.37 17.34 -8.26
CA ASP C 517 -19.33 18.12 -9.02
C ASP C 517 -18.95 19.60 -8.94
N VAL C 518 -18.38 20.01 -7.78
CA VAL C 518 -17.88 21.35 -7.60
C VAL C 518 -16.68 21.30 -6.66
N THR C 519 -15.72 22.20 -6.88
CA THR C 519 -14.55 22.32 -6.03
C THR C 519 -14.50 23.72 -5.42
N PHE C 520 -14.54 23.82 -4.10
CA PHE C 520 -14.31 25.08 -3.43
C PHE C 520 -12.83 25.25 -3.18
N VAL C 521 -12.31 26.46 -3.42
CA VAL C 521 -10.98 26.78 -2.93
C VAL C 521 -11.08 27.99 -2.05
N PHE C 522 -10.60 27.83 -0.83
CA PHE C 522 -10.57 28.87 0.16
C PHE C 522 -9.13 29.41 0.21
N LEU C 523 -9.00 30.73 0.03
CA LEU C 523 -7.72 31.44 0.03
C LEU C 523 -7.76 32.48 1.12
N ASN C 524 -6.60 32.79 1.69
CA ASN C 524 -6.57 33.92 2.59
C ASN C 524 -5.28 34.74 2.38
N ARG C 525 -5.30 35.93 2.98
CA ARG C 525 -4.17 36.89 2.91
C ARG C 525 -4.16 37.69 4.21
N TYR C 526 -3.48 37.19 5.23
CA TYR C 526 -3.32 37.89 6.49
C TYR C 526 -2.46 39.13 6.30
N SER C 527 -2.74 40.14 7.11
CA SER C 527 -1.87 41.30 7.24
C SER C 527 -2.07 41.85 8.65
N GLU C 528 -1.36 42.91 9.01
CA GLU C 528 -1.46 43.37 10.38
C GLU C 528 -1.01 44.82 10.54
N GLU C 529 -1.39 45.38 11.69
CA GLU C 529 -0.71 46.49 12.33
C GLU C 529 0.78 46.19 12.39
N GLY C 530 1.58 47.22 12.08
CA GLY C 530 3.02 47.18 12.31
C GLY C 530 3.80 47.03 11.01
N ALA C 531 3.11 46.71 9.91
CA ALA C 531 3.79 46.50 8.63
C ALA C 531 2.77 46.61 7.53
N ASP C 532 3.24 46.77 6.28
CA ASP C 532 2.36 46.88 5.14
C ASP C 532 2.53 45.64 4.27
N ALA C 533 1.49 45.27 3.53
CA ALA C 533 1.63 44.15 2.61
C ALA C 533 2.71 44.51 1.60
N PRO C 534 3.62 43.58 1.27
CA PRO C 534 4.66 43.83 0.27
C PRO C 534 4.18 43.73 -1.18
N ASP C 535 2.98 43.18 -1.39
CA ASP C 535 2.32 43.24 -2.70
C ASP C 535 0.94 42.59 -2.59
N PHE C 536 0.36 42.18 -3.72
CA PHE C 536 -0.98 41.60 -3.77
C PHE C 536 -0.98 40.07 -3.63
N SER C 537 0.04 39.56 -2.93
CA SER C 537 0.42 38.16 -2.87
C SER C 537 -0.57 37.39 -2.00
N LEU C 538 -1.06 36.23 -2.47
CA LEU C 538 -1.90 35.39 -1.65
C LEU C 538 -1.08 34.87 -0.49
N GLY C 539 -1.69 34.73 0.69
CA GLY C 539 -1.06 34.09 1.83
C GLY C 539 -0.79 32.60 1.59
N GLY C 540 0.05 32.02 2.48
CA GLY C 540 0.53 30.65 2.37
C GLY C 540 0.55 30.12 0.95
N ASP C 541 -0.14 29.01 0.72
CA ASP C 541 0.08 28.16 -0.44
C ASP C 541 -0.95 28.45 -1.51
N GLY C 542 -1.62 29.60 -1.37
CA GLY C 542 -2.80 29.93 -2.18
C GLY C 542 -2.52 29.94 -3.68
N ASP C 543 -1.32 30.35 -4.10
CA ASP C 543 -0.99 30.36 -5.51
C ASP C 543 -0.96 28.92 -6.04
N ASN C 544 -0.37 28.05 -5.23
CA ASN C 544 -0.30 26.64 -5.56
C ASN C 544 -1.71 26.02 -5.62
N LEU C 545 -2.49 26.14 -4.53
CA LEU C 545 -3.86 25.66 -4.46
C LEU C 545 -4.60 25.96 -5.77
N MET C 546 -4.47 27.21 -6.23
CA MET C 546 -5.20 27.67 -7.39
C MET C 546 -4.69 27.01 -8.65
N ASP C 547 -3.37 26.79 -8.75
CA ASP C 547 -2.80 26.16 -9.94
C ASP C 547 -3.31 24.72 -10.08
N LEU C 548 -3.26 23.98 -8.96
CA LEU C 548 -3.72 22.61 -8.90
C LEU C 548 -5.21 22.55 -9.22
N ALA C 549 -5.99 23.39 -8.52
CA ALA C 549 -7.43 23.36 -8.63
C ALA C 549 -7.89 23.46 -10.10
N VAL C 550 -7.29 24.35 -10.90
CA VAL C 550 -7.77 24.57 -12.26
C VAL C 550 -7.23 23.51 -13.20
N THR C 551 -6.25 22.71 -12.71
CA THR C 551 -5.69 21.63 -13.49
C THR C 551 -6.67 20.45 -13.52
N TYR C 552 -7.33 20.19 -12.40
CA TYR C 552 -8.06 18.93 -12.24
C TYR C 552 -9.58 19.13 -12.13
N SER C 553 -10.07 20.38 -12.22
CA SER C 553 -11.49 20.66 -12.09
C SER C 553 -11.90 21.84 -12.97
N SER C 554 -13.08 21.71 -13.57
CA SER C 554 -13.69 22.71 -14.42
C SER C 554 -14.84 23.42 -13.69
N ASN C 555 -14.86 23.35 -12.36
CA ASN C 555 -15.92 24.01 -11.63
C ASN C 555 -15.40 24.43 -10.26
N VAL C 556 -14.47 25.39 -10.33
CA VAL C 556 -13.81 25.92 -9.15
C VAL C 556 -14.56 27.17 -8.72
N VAL C 557 -14.86 27.21 -7.41
CA VAL C 557 -15.50 28.34 -6.79
C VAL C 557 -14.52 28.83 -5.74
N VAL C 558 -14.05 30.07 -5.91
CA VAL C 558 -13.00 30.60 -5.09
C VAL C 558 -13.65 31.50 -4.06
N VAL C 559 -13.21 31.37 -2.81
CA VAL C 559 -13.71 32.20 -1.74
C VAL C 559 -12.49 32.76 -0.99
N ILE C 560 -12.45 34.09 -0.85
CA ILE C 560 -11.26 34.76 -0.35
C ILE C 560 -11.58 35.37 0.99
N HIS C 561 -10.80 35.03 2.03
CA HIS C 561 -10.81 35.78 3.28
C HIS C 561 -9.55 36.63 3.33
N THR C 562 -9.69 37.95 3.23
CA THR C 562 -8.53 38.82 3.09
C THR C 562 -8.73 40.15 3.80
N THR C 563 -7.60 40.77 4.17
CA THR C 563 -7.58 42.12 4.69
C THR C 563 -7.54 43.17 3.59
N GLY C 564 -7.25 42.77 2.35
CA GLY C 564 -7.39 43.69 1.23
C GLY C 564 -7.34 43.00 -0.13
N VAL C 565 -7.14 43.83 -1.17
CA VAL C 565 -7.07 43.32 -2.51
C VAL C 565 -5.89 42.35 -2.61
N VAL C 566 -6.11 41.27 -3.38
CA VAL C 566 -5.08 40.29 -3.62
C VAL C 566 -4.96 40.09 -5.13
N ASP C 567 -3.84 39.52 -5.54
CA ASP C 567 -3.59 39.27 -6.95
C ASP C 567 -4.18 37.91 -7.35
N ILE C 568 -5.17 37.91 -8.24
CA ILE C 568 -5.77 36.68 -8.76
C ILE C 568 -5.79 36.75 -10.29
N GLU C 569 -4.78 37.41 -10.85
CA GLU C 569 -4.74 37.68 -12.28
C GLU C 569 -4.53 36.37 -13.04
N LYS C 570 -3.76 35.46 -12.43
CA LYS C 570 -3.36 34.25 -13.12
C LYS C 570 -4.58 33.43 -13.53
N TRP C 571 -5.65 33.42 -12.70
CA TRP C 571 -6.75 32.47 -12.82
C TRP C 571 -8.11 33.12 -13.05
N ALA C 572 -8.27 34.41 -12.71
CA ALA C 572 -9.57 35.07 -12.72
C ALA C 572 -10.27 34.96 -14.08
N ASP C 573 -9.53 34.79 -15.18
CA ASP C 573 -10.14 34.64 -16.49
C ASP C 573 -10.05 33.20 -16.98
N ASN C 574 -9.60 32.29 -16.12
CA ASN C 574 -9.68 30.87 -16.42
C ASN C 574 -11.15 30.41 -16.47
N PRO C 575 -11.62 29.85 -17.60
CA PRO C 575 -13.01 29.41 -17.70
C PRO C 575 -13.35 28.32 -16.66
N ASN C 576 -12.34 27.60 -16.18
CA ASN C 576 -12.53 26.62 -15.13
C ASN C 576 -12.89 27.27 -13.80
N VAL C 577 -12.50 28.53 -13.57
CA VAL C 577 -12.94 29.21 -12.36
C VAL C 577 -14.32 29.79 -12.67
N THR C 578 -15.36 29.15 -12.15
CA THR C 578 -16.73 29.48 -12.51
C THR C 578 -17.33 30.54 -11.59
N ALA C 579 -16.71 30.76 -10.42
CA ALA C 579 -17.18 31.80 -9.51
C ALA C 579 -16.07 32.19 -8.53
N ILE C 580 -16.13 33.47 -8.11
CA ILE C 580 -15.15 34.06 -7.22
C ILE C 580 -15.91 34.93 -6.25
N LEU C 581 -15.62 34.81 -4.97
CA LEU C 581 -16.27 35.66 -3.98
C LEU C 581 -15.21 36.11 -2.99
N VAL C 582 -15.33 37.36 -2.54
CA VAL C 582 -14.56 37.76 -1.37
C VAL C 582 -15.52 37.94 -0.20
N ALA C 583 -15.03 37.59 0.99
CA ALA C 583 -15.83 37.62 2.20
C ALA C 583 -15.08 38.27 3.36
N TYR C 584 -13.94 38.93 3.05
CA TYR C 584 -13.38 39.94 3.94
C TYR C 584 -12.99 39.23 5.23
N LEU C 585 -13.41 39.78 6.37
CA LEU C 585 -13.01 39.27 7.69
C LEU C 585 -14.28 39.07 8.50
N PRO C 586 -14.95 37.90 8.40
CA PRO C 586 -16.36 37.76 8.78
C PRO C 586 -16.56 37.43 10.24
N GLY C 587 -15.49 37.51 11.03
CA GLY C 587 -15.58 37.11 12.42
C GLY C 587 -15.98 35.63 12.60
N GLN C 588 -16.45 35.30 13.81
CA GLN C 588 -16.62 33.93 14.25
C GLN C 588 -17.62 33.15 13.39
N GLU C 589 -18.65 33.81 12.82
CA GLU C 589 -19.67 33.09 12.10
C GLU C 589 -19.30 32.98 10.62
N ALA C 590 -18.04 32.56 10.37
CA ALA C 590 -17.43 32.62 9.06
C ALA C 590 -18.15 31.74 8.05
N GLY C 591 -18.33 30.45 8.41
CA GLY C 591 -18.85 29.44 7.51
C GLY C 591 -20.38 29.50 7.37
N ASN C 592 -21.10 29.71 8.46
CA ASN C 592 -22.55 29.69 8.37
C ASN C 592 -23.09 30.99 7.78
N SER C 593 -22.26 32.06 7.66
CA SER C 593 -22.67 33.27 6.93
C SER C 593 -22.54 33.07 5.41
N LEU C 594 -21.65 32.17 4.98
CA LEU C 594 -21.30 32.00 3.57
C LEU C 594 -22.18 30.96 2.85
N VAL C 595 -22.46 29.82 3.51
CA VAL C 595 -23.04 28.70 2.77
C VAL C 595 -24.45 29.06 2.29
N PRO C 596 -25.27 29.76 3.10
CA PRO C 596 -26.58 30.19 2.61
C PRO C 596 -26.47 30.89 1.27
N VAL C 597 -25.42 31.69 1.10
CA VAL C 597 -25.26 32.48 -0.11
C VAL C 597 -24.94 31.55 -1.27
N LEU C 598 -24.02 30.62 -1.02
CA LEU C 598 -23.59 29.70 -2.06
C LEU C 598 -24.75 28.81 -2.50
N TYR C 599 -25.58 28.38 -1.55
CA TYR C 599 -26.60 27.41 -1.88
C TYR C 599 -27.86 28.12 -2.37
N GLY C 600 -27.89 29.44 -2.22
CA GLY C 600 -28.90 30.29 -2.84
C GLY C 600 -30.11 30.54 -1.95
N ASP C 601 -29.96 30.33 -0.64
CA ASP C 601 -30.98 30.69 0.33
C ASP C 601 -31.16 32.20 0.36
N VAL C 602 -30.05 32.93 0.24
CA VAL C 602 -30.06 34.38 0.13
C VAL C 602 -29.05 34.77 -0.93
N ALA C 603 -29.47 35.59 -1.91
CA ALA C 603 -28.58 36.04 -2.96
C ALA C 603 -27.54 37.01 -2.37
N PRO C 604 -26.28 37.00 -2.88
CA PRO C 604 -25.24 37.88 -2.35
C PRO C 604 -25.59 39.34 -2.70
N SER C 605 -25.27 40.24 -1.76
CA SER C 605 -25.75 41.62 -1.84
CA SER C 605 -25.76 41.61 -1.80
C SER C 605 -24.64 42.64 -1.53
N GLY C 606 -23.42 42.13 -1.35
CA GLY C 606 -22.31 42.96 -0.90
C GLY C 606 -21.53 43.50 -2.09
N LYS C 607 -20.91 44.67 -1.91
CA LYS C 607 -20.12 45.24 -3.00
C LYS C 607 -18.82 45.78 -2.44
N LEU C 608 -17.83 45.88 -3.33
CA LEU C 608 -16.46 46.19 -2.96
C LEU C 608 -16.38 47.59 -2.36
N PRO C 609 -15.78 47.74 -1.14
CA PRO C 609 -15.64 49.05 -0.52
C PRO C 609 -14.35 49.76 -0.92
N TRP C 610 -13.70 49.26 -1.98
CA TRP C 610 -12.50 49.85 -2.56
C TRP C 610 -12.29 49.30 -3.97
N THR C 611 -11.22 49.72 -4.66
CA THR C 611 -11.06 49.34 -6.07
C THR C 611 -10.18 48.08 -6.10
N TRP C 612 -10.53 47.14 -6.98
CA TRP C 612 -9.74 45.94 -7.21
C TRP C 612 -8.98 46.12 -8.52
N GLY C 613 -7.78 46.65 -8.42
CA GLY C 613 -6.99 46.91 -9.62
C GLY C 613 -6.30 45.64 -10.07
N LYS C 614 -6.13 45.51 -11.39
CA LYS C 614 -5.37 44.41 -11.98
C LYS C 614 -3.92 44.38 -11.50
N SER C 615 -3.42 45.47 -10.92
CA SER C 615 -1.98 45.57 -10.60
C SER C 615 -1.69 46.63 -9.56
N ILE C 616 -0.75 46.33 -8.66
CA ILE C 616 -0.37 47.29 -7.64
C ILE C 616 0.15 48.58 -8.31
N ASP C 617 0.63 48.46 -9.56
CA ASP C 617 1.21 49.58 -10.31
C ASP C 617 0.15 50.57 -10.77
N ASP C 618 -1.14 50.25 -10.59
CA ASP C 618 -2.20 51.13 -11.03
C ASP C 618 -2.71 52.05 -9.92
N TYR C 619 -2.13 51.94 -8.71
CA TYR C 619 -2.57 52.70 -7.54
C TYR C 619 -1.72 53.96 -7.33
N VAL C 620 -2.17 54.81 -6.43
CA VAL C 620 -1.52 56.08 -6.19
C VAL C 620 -0.03 55.82 -5.98
N PRO C 621 0.85 56.41 -6.81
CA PRO C 621 2.30 56.23 -6.69
C PRO C 621 2.79 56.48 -5.27
N ASN C 622 3.84 55.75 -4.90
CA ASN C 622 4.51 55.93 -3.61
C ASN C 622 3.54 55.69 -2.46
N GLY C 623 2.66 54.68 -2.61
CA GLY C 623 1.73 54.32 -1.56
C GLY C 623 2.42 54.02 -0.23
N VAL C 624 3.58 53.35 -0.30
CA VAL C 624 4.36 53.10 0.89
C VAL C 624 5.75 53.62 0.56
N VAL C 625 6.34 54.46 1.42
CA VAL C 625 7.70 54.88 1.16
C VAL C 625 8.61 54.10 2.10
N TYR C 626 9.65 53.53 1.50
CA TYR C 626 10.70 52.85 2.21
C TYR C 626 11.98 53.68 2.11
N THR C 627 12.50 54.11 3.26
CA THR C 627 13.77 54.82 3.29
C THR C 627 14.40 54.69 4.66
N ASP C 628 15.74 54.64 4.66
CA ASP C 628 16.55 54.61 5.87
C ASP C 628 16.71 56.02 6.42
N ALA C 629 16.27 57.02 5.63
CA ALA C 629 16.44 58.44 5.92
C ALA C 629 15.87 58.79 7.30
N TYR C 630 16.62 59.58 8.06
CA TYR C 630 16.26 59.88 9.44
C TYR C 630 14.90 60.58 9.48
N SER C 631 14.57 61.30 8.40
CA SER C 631 13.31 62.02 8.32
C SER C 631 12.54 61.63 7.06
N PRO C 632 11.78 60.50 7.12
CA PRO C 632 11.13 59.93 5.93
C PRO C 632 9.96 60.77 5.46
N GLN C 633 9.69 60.75 4.16
CA GLN C 633 8.84 61.76 3.55
C GLN C 633 7.87 61.08 2.60
N SER C 634 6.58 61.20 2.90
CA SER C 634 5.54 60.93 1.91
C SER C 634 4.81 62.23 1.60
N ASN C 635 4.78 62.58 0.30
CA ASN C 635 4.07 63.76 -0.16
C ASN C 635 2.82 63.35 -0.95
N PHE C 636 1.66 63.82 -0.50
CA PHE C 636 0.40 63.34 -1.04
C PHE C 636 0.09 64.06 -2.37
N THR C 637 1.06 64.04 -3.30
CA THR C 637 0.99 64.92 -4.47
C THR C 637 -0.18 64.56 -5.38
N GLU C 638 -0.80 63.42 -5.10
CA GLU C 638 -1.97 62.96 -5.85
C GLU C 638 -3.21 63.72 -5.37
N GLY C 639 -3.13 64.31 -4.18
CA GLY C 639 -4.22 65.11 -3.62
C GLY C 639 -5.40 64.24 -3.18
N VAL C 640 -6.59 64.60 -3.71
CA VAL C 640 -7.83 63.97 -3.31
C VAL C 640 -7.98 62.68 -4.08
N PHE C 641 -7.02 62.38 -4.97
CA PHE C 641 -7.21 61.29 -5.91
C PHE C 641 -6.63 59.99 -5.36
N ILE C 642 -7.38 59.35 -4.45
CA ILE C 642 -7.09 58.00 -4.01
C ILE C 642 -8.22 57.07 -4.45
N ASP C 643 -7.90 55.77 -4.45
CA ASP C 643 -8.75 54.70 -4.92
C ASP C 643 -9.34 55.07 -6.29
N TYR C 644 -10.66 54.93 -6.42
CA TYR C 644 -11.35 55.01 -7.71
C TYR C 644 -11.26 56.41 -8.32
N ARG C 645 -11.00 57.43 -7.48
CA ARG C 645 -10.79 58.78 -7.97
C ARG C 645 -9.53 58.81 -8.84
N TRP C 646 -8.44 58.24 -8.31
CA TRP C 646 -7.22 58.05 -9.08
C TRP C 646 -7.48 57.22 -10.33
N PHE C 647 -8.19 56.09 -10.16
CA PHE C 647 -8.37 55.15 -11.25
C PHE C 647 -9.15 55.84 -12.37
N ASP C 648 -10.19 56.59 -11.96
CA ASP C 648 -11.09 57.31 -12.85
C ASP C 648 -10.35 58.41 -13.60
N LYS C 649 -9.55 59.22 -12.88
CA LYS C 649 -8.89 60.36 -13.50
C LYS C 649 -7.84 59.85 -14.49
N MET C 650 -7.06 58.82 -14.12
CA MET C 650 -5.98 58.37 -14.99
C MET C 650 -6.52 57.56 -16.16
N GLY C 651 -7.82 57.25 -16.19
CA GLY C 651 -8.37 56.40 -17.24
C GLY C 651 -7.98 54.92 -17.11
N ILE C 652 -7.74 54.44 -15.89
CA ILE C 652 -7.33 53.06 -15.64
C ILE C 652 -8.54 52.18 -15.32
N THR C 653 -8.81 51.21 -16.22
CA THR C 653 -9.75 50.13 -15.95
C THR C 653 -9.21 49.17 -14.89
N PRO C 654 -9.92 49.00 -13.75
CA PRO C 654 -9.49 48.01 -12.77
C PRO C 654 -10.11 46.66 -13.13
N ARG C 655 -9.77 45.62 -12.35
CA ARG C 655 -10.43 44.33 -12.46
C ARG C 655 -11.90 44.51 -12.09
N TYR C 656 -12.12 44.98 -10.84
CA TYR C 656 -13.44 45.15 -10.25
C TYR C 656 -13.47 46.52 -9.59
N GLU C 657 -14.44 47.36 -10.03
CA GLU C 657 -14.51 48.76 -9.67
C GLU C 657 -15.03 48.90 -8.25
N PHE C 658 -14.76 50.04 -7.62
CA PHE C 658 -15.39 50.44 -6.37
C PHE C 658 -16.90 50.32 -6.48
N GLY C 659 -17.54 49.79 -5.42
CA GLY C 659 -18.97 49.56 -5.34
C GLY C 659 -19.51 48.53 -6.34
N PHE C 660 -18.65 47.59 -6.78
CA PHE C 660 -19.10 46.49 -7.63
C PHE C 660 -19.36 45.26 -6.80
N GLY C 661 -20.32 44.46 -7.26
CA GLY C 661 -20.66 43.18 -6.67
C GLY C 661 -21.94 42.61 -7.29
N LEU C 662 -21.86 41.40 -7.85
CA LEU C 662 -22.99 40.77 -8.53
C LEU C 662 -24.02 40.24 -7.54
N SER C 663 -25.20 39.94 -8.09
CA SER C 663 -26.30 39.26 -7.41
C SER C 663 -26.56 37.93 -8.12
N TYR C 664 -27.72 37.30 -7.88
CA TYR C 664 -28.18 36.19 -8.71
C TYR C 664 -29.31 36.64 -9.65
N THR C 665 -29.55 37.96 -9.68
CA THR C 665 -30.55 38.56 -10.54
C THR C 665 -30.02 39.92 -11.00
N THR C 666 -30.70 40.51 -12.00
CA THR C 666 -30.31 41.79 -12.58
C THR C 666 -31.29 42.89 -12.16
N PHE C 667 -30.80 44.13 -12.00
CA PHE C 667 -31.65 45.27 -11.72
C PHE C 667 -31.51 46.36 -12.79
N THR C 668 -32.66 46.77 -13.34
CA THR C 668 -32.77 47.83 -14.32
C THR C 668 -33.11 49.15 -13.61
N TYR C 669 -32.30 50.20 -13.84
CA TYR C 669 -32.52 51.52 -13.24
C TYR C 669 -33.39 52.39 -14.15
N SER C 670 -34.21 53.24 -13.53
CA SER C 670 -35.13 54.10 -14.25
C SER C 670 -35.58 55.30 -13.41
N ASN C 671 -36.23 56.25 -14.11
CA ASN C 671 -36.92 57.41 -13.55
C ASN C 671 -36.02 58.16 -12.56
N LEU C 672 -34.91 58.72 -13.09
CA LEU C 672 -34.08 59.65 -12.33
C LEU C 672 -34.90 60.91 -12.04
N ILE C 673 -34.75 61.41 -10.81
CA ILE C 673 -35.49 62.56 -10.32
C ILE C 673 -34.65 63.30 -9.29
N VAL C 674 -34.41 64.60 -9.55
CA VAL C 674 -33.86 65.54 -8.58
C VAL C 674 -35.01 66.44 -8.09
N ASP C 675 -35.20 66.48 -6.78
CA ASP C 675 -36.33 67.20 -6.19
C ASP C 675 -35.78 68.34 -5.34
N HIS C 676 -35.86 69.54 -5.90
CA HIS C 676 -35.28 70.72 -5.27
C HIS C 676 -36.11 71.13 -4.05
N GLY C 677 -37.38 70.72 -4.01
CA GLY C 677 -38.28 71.04 -2.89
C GLY C 677 -38.11 70.14 -1.66
N ARG C 678 -37.32 69.07 -1.81
CA ARG C 678 -37.15 68.09 -0.75
C ARG C 678 -35.88 68.43 0.02
N TRP C 679 -35.99 69.43 0.89
CA TRP C 679 -34.85 69.95 1.62
C TRP C 679 -35.20 69.92 3.09
N ALA C 680 -34.21 69.96 3.99
CA ALA C 680 -34.52 70.10 5.42
C ALA C 680 -33.27 70.52 6.18
N LYS C 681 -33.49 71.09 7.37
CA LYS C 681 -32.42 71.59 8.21
C LYS C 681 -31.85 70.43 9.03
N ASP C 682 -30.52 70.42 9.20
CA ASP C 682 -29.86 69.45 10.05
C ASP C 682 -30.21 69.80 11.49
N TYR C 683 -31.02 68.96 12.15
CA TYR C 683 -31.42 69.20 13.54
C TYR C 683 -31.07 68.01 14.43
N SER C 684 -30.55 66.92 13.84
CA SER C 684 -30.45 65.64 14.52
C SER C 684 -29.07 65.39 15.10
N SER C 685 -27.99 65.83 14.42
CA SER C 685 -26.63 65.45 14.80
C SER C 685 -26.26 65.91 16.21
N VAL C 686 -25.44 65.09 16.91
CA VAL C 686 -25.22 65.16 18.35
C VAL C 686 -24.41 66.40 18.73
N MET C 687 -23.33 66.62 17.98
CA MET C 687 -22.43 67.74 18.16
C MET C 687 -22.29 68.44 16.81
N GLU C 688 -21.91 69.72 16.85
CA GLU C 688 -21.77 70.53 15.65
C GLU C 688 -20.31 70.97 15.51
N THR C 689 -19.88 71.08 14.26
CA THR C 689 -18.54 71.58 13.94
C THR C 689 -18.60 73.11 13.94
N ALA C 690 -17.43 73.79 13.85
CA ALA C 690 -17.37 75.22 13.54
C ALA C 690 -16.91 75.43 12.10
N GLU C 691 -17.40 74.59 11.18
CA GLU C 691 -16.92 74.59 9.81
C GLU C 691 -17.49 75.78 9.04
N PRO C 692 -16.63 76.61 8.42
CA PRO C 692 -17.07 77.84 7.76
C PRO C 692 -17.52 77.65 6.32
N PHE C 693 -18.57 78.36 5.93
CA PHE C 693 -19.03 78.29 4.56
C PHE C 693 -19.73 79.58 4.13
N ALA C 694 -19.57 79.88 2.84
CA ALA C 694 -20.18 81.01 2.15
C ALA C 694 -21.62 81.24 2.63
N GLU C 695 -22.52 80.35 2.20
CA GLU C 695 -23.95 80.64 2.23
C GLU C 695 -24.45 80.73 3.66
N TRP C 696 -23.55 80.64 4.67
CA TRP C 696 -23.92 80.75 6.07
C TRP C 696 -24.66 82.06 6.34
N ASP C 697 -25.71 81.98 7.16
CA ASP C 697 -26.51 83.16 7.50
C ASP C 697 -26.96 83.07 8.97
N GLY C 698 -26.20 82.40 9.82
CA GLY C 698 -26.45 82.42 11.25
C GLY C 698 -27.60 81.51 11.69
N THR C 699 -28.47 81.06 10.76
CA THR C 699 -29.50 80.09 11.09
C THR C 699 -29.10 78.66 10.70
N ASN C 700 -28.41 78.54 9.55
CA ASN C 700 -28.37 77.34 8.72
C ASN C 700 -27.12 76.49 9.01
N SER C 701 -26.81 75.52 8.13
CA SER C 701 -25.73 74.56 8.36
C SER C 701 -25.13 74.05 7.05
N LEU C 702 -23.90 73.54 7.15
CA LEU C 702 -23.23 72.85 6.05
C LEU C 702 -23.94 71.52 5.74
N TYR C 703 -24.64 70.99 6.75
CA TYR C 703 -25.22 69.65 6.72
C TYR C 703 -26.74 69.67 6.52
N ASP C 704 -27.31 70.84 6.24
CA ASP C 704 -28.70 70.95 5.80
C ASP C 704 -28.83 70.15 4.50
N VAL C 705 -29.93 69.42 4.33
CA VAL C 705 -30.08 68.68 3.09
C VAL C 705 -30.74 69.66 2.15
N ILE C 706 -30.03 69.99 1.08
CA ILE C 706 -30.43 71.08 0.22
C ILE C 706 -31.43 70.55 -0.80
N PHE C 707 -31.12 69.45 -1.46
CA PHE C 707 -32.15 68.79 -2.26
C PHE C 707 -32.14 67.29 -1.94
N THR C 708 -32.94 66.51 -2.70
CA THR C 708 -33.01 65.06 -2.52
C THR C 708 -33.30 64.45 -3.87
N VAL C 709 -32.71 63.27 -4.14
CA VAL C 709 -32.78 62.69 -5.46
C VAL C 709 -33.31 61.26 -5.37
N PHE C 710 -34.10 60.87 -6.38
CA PHE C 710 -34.84 59.64 -6.38
C PHE C 710 -34.57 58.87 -7.66
N ALA C 711 -34.72 57.55 -7.59
CA ALA C 711 -34.66 56.68 -8.74
C ALA C 711 -35.41 55.38 -8.42
N THR C 712 -35.61 54.59 -9.47
CA THR C 712 -36.41 53.37 -9.43
C THR C 712 -35.55 52.19 -9.92
N ILE C 713 -35.49 51.10 -9.12
CA ILE C 713 -34.89 49.85 -9.55
C ILE C 713 -35.98 48.82 -9.80
N THR C 714 -35.78 47.99 -10.81
CA THR C 714 -36.68 46.90 -11.15
C THR C 714 -35.90 45.60 -11.27
N ASN C 715 -36.24 44.63 -10.41
CA ASN C 715 -35.72 43.28 -10.53
C ASN C 715 -36.15 42.70 -11.87
N THR C 716 -35.24 42.71 -12.85
CA THR C 716 -35.52 42.24 -14.19
C THR C 716 -34.97 40.82 -14.37
N GLY C 717 -34.59 40.17 -13.27
CA GLY C 717 -34.00 38.84 -13.33
C GLY C 717 -35.03 37.73 -13.12
N ASN C 718 -34.58 36.64 -12.47
CA ASN C 718 -35.33 35.40 -12.30
C ASN C 718 -35.39 35.00 -10.81
N LEU C 719 -34.81 35.82 -9.94
CA LEU C 719 -34.71 35.49 -8.53
C LEU C 719 -34.79 36.76 -7.71
N THR C 720 -35.33 36.65 -6.50
CA THR C 720 -35.30 37.67 -5.47
C THR C 720 -33.85 38.07 -5.18
N GLY C 721 -33.63 39.33 -4.84
CA GLY C 721 -32.29 39.81 -4.53
C GLY C 721 -32.28 41.26 -4.05
N SER C 722 -31.30 41.57 -3.22
CA SER C 722 -31.06 42.92 -2.72
C SER C 722 -30.12 43.67 -3.69
N GLU C 723 -30.22 45.01 -3.70
CA GLU C 723 -29.46 45.85 -4.62
C GLU C 723 -29.00 47.12 -3.89
N VAL C 724 -27.68 47.33 -3.86
CA VAL C 724 -27.09 48.54 -3.32
C VAL C 724 -27.02 49.55 -4.48
N ALA C 725 -27.90 50.56 -4.42
CA ALA C 725 -27.93 51.68 -5.35
C ALA C 725 -26.93 52.75 -4.89
N GLN C 726 -26.14 53.23 -5.84
CA GLN C 726 -25.12 54.23 -5.56
C GLN C 726 -25.48 55.53 -6.29
N LEU C 727 -25.12 56.67 -5.67
CA LEU C 727 -25.20 57.97 -6.34
C LEU C 727 -23.86 58.70 -6.31
N TYR C 728 -23.40 59.09 -7.51
CA TYR C 728 -22.16 59.82 -7.66
C TYR C 728 -22.46 61.22 -8.23
N ILE C 729 -21.62 62.18 -7.86
CA ILE C 729 -21.76 63.55 -8.31
C ILE C 729 -20.43 64.02 -8.88
N SER C 730 -20.46 64.68 -10.05
CA SER C 730 -19.33 65.42 -10.58
C SER C 730 -19.41 66.91 -10.21
N ILE C 731 -18.71 67.31 -9.14
CA ILE C 731 -18.58 68.71 -8.79
C ILE C 731 -17.69 69.36 -9.85
N PRO C 732 -18.08 70.51 -10.45
CA PRO C 732 -17.24 71.22 -11.42
C PRO C 732 -16.16 72.03 -10.70
N GLY C 733 -15.12 72.38 -11.45
CA GLY C 733 -13.88 72.97 -10.92
C GLY C 733 -12.69 72.41 -11.70
N ASP C 734 -11.48 72.84 -11.33
CA ASP C 734 -10.28 72.39 -12.02
C ASP C 734 -9.63 71.31 -11.17
N ASN C 735 -9.20 70.23 -11.83
CA ASN C 735 -8.59 69.09 -11.15
C ASN C 735 -9.57 68.56 -10.07
N GLN C 736 -10.81 68.34 -10.51
CA GLN C 736 -11.90 67.90 -9.64
C GLN C 736 -12.22 66.45 -10.03
N PRO C 737 -12.38 65.52 -9.07
CA PRO C 737 -12.54 64.11 -9.40
C PRO C 737 -13.62 63.90 -10.47
N VAL C 738 -13.48 62.82 -11.26
CA VAL C 738 -14.44 62.56 -12.32
C VAL C 738 -15.81 62.35 -11.70
N ARG C 739 -15.83 61.71 -10.51
CA ARG C 739 -17.04 61.63 -9.70
C ARG C 739 -16.71 61.22 -8.26
N GLN C 740 -17.63 61.56 -7.37
CA GLN C 740 -17.51 61.27 -5.95
C GLN C 740 -18.86 60.73 -5.46
N LEU C 741 -18.80 59.67 -4.65
CA LEU C 741 -19.98 59.03 -4.10
C LEU C 741 -20.59 59.94 -3.05
N ARG C 742 -21.87 60.25 -3.22
CA ARG C 742 -22.57 61.15 -2.33
C ARG C 742 -23.90 60.55 -1.88
N GLY C 743 -24.10 59.24 -2.11
CA GLY C 743 -25.27 58.54 -1.59
C GLY C 743 -25.26 57.04 -1.91
N PHE C 744 -25.81 56.23 -0.97
CA PHE C 744 -26.12 54.84 -1.21
C PHE C 744 -27.35 54.40 -0.42
N ASP C 745 -28.12 53.50 -1.03
CA ASP C 745 -29.39 53.03 -0.50
C ASP C 745 -29.55 51.55 -0.88
N LYS C 746 -29.51 50.65 0.10
CA LYS C 746 -29.66 49.22 -0.14
C LYS C 746 -31.12 48.79 0.03
N ILE C 747 -31.75 48.40 -1.09
CA ILE C 747 -33.05 47.75 -1.13
C ILE C 747 -32.92 46.26 -0.77
N LYS C 748 -33.83 45.78 0.07
CA LYS C 748 -33.74 44.47 0.67
C LYS C 748 -34.77 43.56 0.01
N ASP C 749 -34.28 42.57 -0.73
CA ASP C 749 -35.05 41.40 -1.13
C ASP C 749 -36.19 41.82 -2.05
N LEU C 750 -35.85 42.24 -3.27
CA LEU C 750 -36.82 42.78 -4.21
C LEU C 750 -37.32 41.62 -5.07
N PRO C 751 -38.62 41.26 -4.96
CA PRO C 751 -39.19 40.18 -5.74
C PRO C 751 -39.02 40.36 -7.24
N VAL C 752 -39.03 39.25 -7.99
CA VAL C 752 -38.94 39.32 -9.44
C VAL C 752 -40.06 40.21 -9.96
N GLY C 753 -39.74 41.11 -10.90
CA GLY C 753 -40.72 42.01 -11.51
C GLY C 753 -41.06 43.27 -10.69
N ASP C 754 -40.77 43.25 -9.38
CA ASP C 754 -41.16 44.32 -8.47
C ASP C 754 -40.20 45.49 -8.61
N SER C 755 -40.67 46.68 -8.20
CA SER C 755 -39.89 47.90 -8.27
C SER C 755 -39.88 48.57 -6.91
N ALA C 756 -38.84 49.36 -6.65
CA ALA C 756 -38.73 50.09 -5.40
C ALA C 756 -38.00 51.42 -5.64
N VAL C 757 -38.32 52.42 -4.84
CA VAL C 757 -37.74 53.72 -5.05
C VAL C 757 -36.55 53.89 -4.13
N VAL C 758 -35.48 54.39 -4.74
CA VAL C 758 -34.23 54.70 -4.08
C VAL C 758 -34.19 56.19 -3.80
N THR C 759 -33.82 56.58 -2.57
CA THR C 759 -33.81 57.97 -2.18
C THR C 759 -32.46 58.38 -1.58
N PHE C 760 -31.98 59.58 -1.97
CA PHE C 760 -30.67 60.08 -1.57
C PHE C 760 -30.73 61.53 -1.10
N PRO C 761 -30.67 61.79 0.22
CA PRO C 761 -30.54 63.15 0.74
C PRO C 761 -29.13 63.73 0.52
N ILE C 762 -29.05 64.75 -0.35
CA ILE C 762 -27.84 65.51 -0.65
C ILE C 762 -27.74 66.72 0.29
N ARG C 763 -26.78 66.71 1.21
CA ARG C 763 -26.55 67.88 2.04
C ARG C 763 -25.77 68.91 1.21
N ARG C 764 -25.64 70.12 1.80
CA ARG C 764 -24.89 71.21 1.20
C ARG C 764 -23.44 70.78 1.03
N LYS C 765 -22.80 70.34 2.12
CA LYS C 765 -21.40 69.93 2.07
C LYS C 765 -21.14 68.93 0.94
N ASP C 766 -22.17 68.18 0.55
CA ASP C 766 -22.07 67.10 -0.43
C ASP C 766 -21.82 67.63 -1.84
N VAL C 767 -21.88 68.95 -2.00
CA VAL C 767 -21.82 69.54 -3.31
C VAL C 767 -20.91 70.78 -3.28
N SER C 768 -20.07 70.86 -2.23
CA SER C 768 -19.20 71.99 -1.94
C SER C 768 -17.72 71.65 -2.20
N SER C 769 -16.89 72.70 -2.36
CA SER C 769 -15.42 72.60 -2.42
C SER C 769 -14.82 73.41 -1.28
N TRP C 770 -13.55 73.11 -0.97
CA TRP C 770 -12.85 73.93 0.00
C TRP C 770 -12.20 75.08 -0.75
N SER C 771 -12.48 76.31 -0.31
CA SER C 771 -11.73 77.48 -0.74
C SER C 771 -10.38 77.50 -0.02
N VAL C 772 -9.33 77.27 -0.81
CA VAL C 772 -7.98 77.28 -0.27
C VAL C 772 -7.67 78.73 0.14
N VAL C 773 -8.05 79.65 -0.76
CA VAL C 773 -7.82 81.09 -0.63
C VAL C 773 -8.63 81.68 0.53
N ASP C 774 -9.96 81.48 0.50
CA ASP C 774 -10.86 82.11 1.46
C ASP C 774 -11.01 81.29 2.74
N GLN C 775 -10.55 80.03 2.73
CA GLN C 775 -10.54 79.16 3.92
C GLN C 775 -11.97 78.90 4.42
N LEU C 776 -12.87 78.58 3.48
CA LEU C 776 -14.22 78.18 3.80
C LEU C 776 -14.73 77.12 2.81
N TRP C 777 -15.82 76.47 3.19
CA TRP C 777 -16.55 75.60 2.29
C TRP C 777 -17.52 76.48 1.50
N TYR C 778 -17.57 76.29 0.18
CA TYR C 778 -18.47 77.05 -0.67
C TYR C 778 -19.02 76.10 -1.73
N VAL C 779 -20.25 76.32 -2.19
CA VAL C 779 -20.80 75.55 -3.29
C VAL C 779 -20.29 76.14 -4.60
N PRO C 780 -19.45 75.45 -5.40
CA PRO C 780 -19.07 75.98 -6.72
C PRO C 780 -20.23 76.24 -7.67
N ASN C 781 -19.98 77.05 -8.70
CA ASN C 781 -20.88 77.21 -9.84
C ASN C 781 -20.32 76.33 -10.97
N GLY C 782 -21.19 76.01 -11.92
CA GLY C 782 -20.86 75.09 -13.00
C GLY C 782 -21.98 74.09 -13.25
N ASP C 783 -21.65 73.02 -13.99
CA ASP C 783 -22.59 71.95 -14.29
C ASP C 783 -22.24 70.74 -13.42
N PHE C 784 -23.10 70.45 -12.42
CA PHE C 784 -22.96 69.24 -11.61
C PHE C 784 -23.58 68.05 -12.35
N LEU C 785 -22.80 66.99 -12.60
CA LEU C 785 -23.39 65.74 -13.05
C LEU C 785 -23.86 64.93 -11.84
N ILE C 786 -25.09 64.40 -11.95
CA ILE C 786 -25.60 63.42 -11.00
C ILE C 786 -25.81 62.09 -11.74
N SER C 787 -25.18 61.04 -11.19
CA SER C 787 -25.27 59.71 -11.77
C SER C 787 -25.68 58.68 -10.71
N VAL C 788 -26.59 57.79 -11.10
CA VAL C 788 -27.10 56.76 -10.22
C VAL C 788 -27.00 55.42 -10.94
N GLY C 789 -26.67 54.38 -10.18
CA GLY C 789 -26.59 53.03 -10.72
C GLY C 789 -26.00 52.05 -9.71
N GLY C 790 -25.47 50.94 -10.24
CA GLY C 790 -25.07 49.76 -9.48
C GLY C 790 -23.63 49.80 -8.97
N SER C 791 -22.74 50.49 -9.70
CA SER C 791 -21.34 50.62 -9.29
C SER C 791 -20.76 51.93 -9.78
N SER C 792 -19.52 52.22 -9.36
CA SER C 792 -18.78 53.41 -9.78
C SER C 792 -18.55 53.44 -11.29
N ARG C 793 -18.82 52.34 -12.02
CA ARG C 793 -18.73 52.37 -13.47
C ARG C 793 -19.96 51.75 -14.15
N ASP C 794 -21.03 51.57 -13.38
CA ASP C 794 -22.29 51.11 -13.96
C ASP C 794 -23.35 52.11 -13.53
N LEU C 795 -23.59 53.09 -14.39
CA LEU C 795 -24.36 54.27 -14.02
C LEU C 795 -25.25 54.58 -15.20
N PRO C 796 -26.42 53.93 -15.32
CA PRO C 796 -27.22 54.06 -16.52
C PRO C 796 -28.05 55.35 -16.50
N LEU C 797 -28.07 56.06 -15.36
CA LEU C 797 -28.85 57.29 -15.25
C LEU C 797 -27.96 58.48 -14.86
N ASN C 798 -27.87 59.50 -15.74
CA ASN C 798 -27.22 60.77 -15.45
C ASN C 798 -28.25 61.90 -15.54
N THR C 799 -28.08 62.96 -14.73
CA THR C 799 -28.69 64.26 -15.01
C THR C 799 -27.70 65.37 -14.69
N THR C 800 -28.07 66.62 -15.01
CA THR C 800 -27.23 67.77 -14.71
C THR C 800 -27.98 68.81 -13.88
N TRP C 801 -27.25 69.43 -12.94
CA TRP C 801 -27.79 70.45 -12.06
C TRP C 801 -26.81 71.63 -12.09
N THR C 802 -27.37 72.85 -12.11
CA THR C 802 -26.59 74.08 -12.14
C THR C 802 -27.22 75.11 -11.21
N PRO C 803 -26.67 75.43 -10.01
CA PRO C 803 -27.31 76.37 -9.10
C PRO C 803 -27.10 77.84 -9.49
N GLN D 48 34.72 31.57 28.81
CA GLN D 48 33.53 31.61 27.91
C GLN D 48 33.47 30.33 27.07
N TRP D 49 34.61 30.00 26.42
CA TRP D 49 34.76 28.76 25.65
C TRP D 49 35.80 27.86 26.31
N PRO D 50 35.40 26.90 27.19
CA PRO D 50 36.36 26.22 28.05
C PRO D 50 37.36 25.41 27.23
N ALA D 51 38.48 25.05 27.89
CA ALA D 51 39.57 24.28 27.32
C ALA D 51 39.41 22.84 27.76
N PRO D 52 38.95 21.91 26.88
CA PRO D 52 38.71 20.52 27.27
C PRO D 52 40.01 19.80 27.57
N LEU D 53 40.03 18.98 28.64
CA LEU D 53 41.22 18.21 28.99
C LEU D 53 41.41 17.13 27.92
N ALA D 54 42.62 17.04 27.38
CA ALA D 54 43.03 15.87 26.62
C ALA D 54 42.75 14.61 27.45
N ASN D 55 42.49 13.48 26.77
CA ASN D 55 42.22 12.20 27.41
C ASN D 55 42.75 11.01 26.60
N GLY D 56 43.38 11.27 25.44
CA GLY D 56 44.02 10.23 24.65
C GLY D 56 43.33 9.96 23.31
N GLY D 57 42.00 10.16 23.22
CA GLY D 57 41.27 9.77 22.03
C GLY D 57 41.38 8.26 21.81
N LYS D 58 41.37 7.84 20.53
CA LYS D 58 41.26 6.43 20.17
C LYS D 58 42.61 5.71 20.29
N SER D 59 43.56 6.10 19.43
CA SER D 59 44.82 5.39 19.25
C SER D 59 45.88 5.80 20.28
N TRP D 60 45.80 7.00 20.86
CA TRP D 60 46.86 7.45 21.75
C TRP D 60 46.53 7.16 23.22
N ALA D 61 45.67 6.19 23.48
CA ALA D 61 45.24 5.89 24.84
C ALA D 61 46.44 5.74 25.78
N SER D 62 47.29 4.72 25.53
CA SER D 62 48.28 4.34 26.52
C SER D 62 49.40 5.37 26.56
N ALA D 63 49.55 6.09 25.44
CA ALA D 63 50.50 7.18 25.32
C ALA D 63 50.09 8.32 26.25
N PHE D 64 48.79 8.67 26.24
CA PHE D 64 48.23 9.68 27.11
C PHE D 64 48.51 9.33 28.59
N LYS D 65 48.28 8.08 28.97
CA LYS D 65 48.42 7.72 30.37
C LYS D 65 49.86 7.82 30.84
N LYS D 66 50.84 7.59 29.94
CA LYS D 66 52.25 7.76 30.27
C LYS D 66 52.53 9.27 30.38
N ALA D 67 52.03 10.03 29.40
CA ALA D 67 52.25 11.47 29.30
C ALA D 67 51.78 12.21 30.55
N LYS D 68 50.57 11.91 31.01
CA LYS D 68 49.97 12.51 32.19
C LYS D 68 50.67 12.01 33.47
N ALA D 69 51.23 10.80 33.47
CA ALA D 69 51.97 10.30 34.62
C ALA D 69 53.28 11.07 34.77
N THR D 70 53.88 11.46 33.64
CA THR D 70 55.08 12.28 33.61
C THR D 70 54.74 13.71 34.02
N VAL D 71 53.64 14.23 33.47
CA VAL D 71 53.24 15.61 33.67
C VAL D 71 52.81 15.81 35.13
N THR D 72 52.27 14.79 35.77
CA THR D 72 52.07 14.85 37.20
C THR D 72 53.33 15.39 37.86
N GLU D 73 54.43 14.66 37.68
CA GLU D 73 55.63 14.80 38.49
C GLU D 73 56.32 16.15 38.30
N MET D 74 55.92 16.91 37.28
CA MET D 74 56.65 18.09 36.85
C MET D 74 56.43 19.28 37.79
N THR D 75 57.51 20.03 38.04
CA THR D 75 57.47 21.35 38.67
C THR D 75 56.92 22.37 37.68
N VAL D 76 56.72 23.60 38.16
CA VAL D 76 56.21 24.71 37.35
C VAL D 76 57.30 25.19 36.40
N GLU D 77 58.55 25.15 36.89
CA GLU D 77 59.72 25.38 36.06
C GLU D 77 59.68 24.46 34.83
N GLU D 78 59.52 23.17 35.12
CA GLU D 78 59.53 22.13 34.12
C GLU D 78 58.42 22.35 33.10
N LEU D 79 57.19 22.49 33.57
CA LEU D 79 56.03 22.73 32.68
C LEU D 79 56.33 23.87 31.70
N ALA D 80 57.02 24.93 32.14
CA ALA D 80 57.20 26.11 31.25
C ALA D 80 58.41 25.89 30.36
N ASN D 81 59.29 25.00 30.78
CA ASN D 81 60.45 24.64 29.95
C ASN D 81 59.94 23.89 28.73
N ILE D 82 59.05 22.92 28.95
CA ILE D 82 58.52 22.07 27.83
C ILE D 82 57.50 22.85 27.00
N THR D 83 57.00 23.98 27.49
CA THR D 83 55.95 24.62 26.70
C THR D 83 56.44 25.81 25.90
N SER D 84 57.75 26.08 25.95
CA SER D 84 58.29 27.23 25.23
C SER D 84 59.65 26.87 24.63
N GLY D 85 59.95 27.51 23.49
CA GLY D 85 61.06 27.11 22.65
C GLY D 85 62.39 27.72 23.09
N VAL D 86 63.39 26.85 23.24
CA VAL D 86 64.73 27.26 23.61
C VAL D 86 65.62 27.27 22.36
N ILE D 87 66.92 27.53 22.56
CA ILE D 87 67.87 27.68 21.46
C ILE D 87 68.46 26.31 21.14
N GLY D 88 68.67 26.09 19.83
CA GLY D 88 69.15 24.82 19.33
C GLY D 88 69.28 24.84 17.80
N LEU D 89 69.70 23.69 17.25
CA LEU D 89 70.12 23.63 15.86
C LEU D 89 68.91 23.63 14.91
N CYS D 90 67.74 23.26 15.45
CA CYS D 90 66.50 23.06 14.69
C CYS D 90 65.65 24.34 14.70
N SER D 91 64.84 24.53 13.65
CA SER D 91 63.75 25.50 13.61
C SER D 91 63.24 25.89 15.01
N GLY D 92 62.84 24.90 15.80
CA GLY D 92 62.51 25.13 17.19
C GLY D 92 62.85 23.90 18.02
N VAL D 93 62.85 24.07 19.36
CA VAL D 93 63.35 23.05 20.28
C VAL D 93 62.67 23.23 21.63
N THR D 94 62.06 22.17 22.18
CA THR D 94 61.44 22.31 23.48
C THR D 94 62.52 22.13 24.54
N GLY D 95 62.33 22.82 25.65
CA GLY D 95 63.16 22.59 26.82
C GLY D 95 63.05 21.15 27.27
N ALA D 96 64.21 20.57 27.57
CA ALA D 96 64.27 19.29 28.27
C ALA D 96 63.40 19.36 29.50
N VAL D 97 63.11 18.20 30.06
CA VAL D 97 62.67 18.08 31.43
C VAL D 97 63.63 17.10 32.09
N THR D 98 64.82 17.63 32.37
CA THR D 98 66.02 16.81 32.51
C THR D 98 66.00 16.00 33.80
N ARG D 99 65.19 16.41 34.80
CA ARG D 99 65.16 15.66 36.06
C ARG D 99 64.53 14.29 35.82
N LEU D 100 63.56 14.22 34.89
CA LEU D 100 62.74 13.03 34.70
C LEU D 100 63.26 12.16 33.55
N GLY D 101 63.99 12.76 32.60
CA GLY D 101 64.57 12.01 31.49
C GLY D 101 64.14 12.60 30.15
N ILE D 102 63.21 13.54 30.17
CA ILE D 102 62.72 14.03 28.90
C ILE D 102 63.82 14.89 28.30
N PRO D 103 64.16 14.66 27.02
CA PRO D 103 65.02 15.57 26.27
C PRO D 103 64.32 16.70 25.51
N GLU D 104 65.18 17.57 24.96
CA GLU D 104 64.79 18.56 23.98
C GLU D 104 64.13 17.84 22.81
N PHE D 105 63.19 18.51 22.15
CA PHE D 105 62.57 17.96 20.96
C PHE D 105 62.95 18.84 19.78
N CYS D 106 63.43 18.21 18.71
CA CYS D 106 63.72 18.93 17.48
C CYS D 106 62.41 19.18 16.74
N LEU D 107 62.01 20.45 16.60
CA LEU D 107 60.97 20.80 15.67
C LEU D 107 61.65 21.29 14.40
N GLN D 108 61.26 20.79 13.23
CA GLN D 108 62.01 21.15 12.02
C GLN D 108 61.08 21.25 10.83
N ASP D 109 61.26 22.28 10.00
CA ASP D 109 60.69 22.33 8.66
C ASP D 109 61.35 21.26 7.79
N GLY D 110 60.79 20.96 6.61
CA GLY D 110 59.59 21.60 6.08
C GLY D 110 58.64 20.58 5.47
N PRO D 111 57.56 21.04 4.82
CA PRO D 111 56.69 20.17 4.03
C PRO D 111 57.23 19.53 2.75
N ILE D 112 58.51 19.72 2.40
CA ILE D 112 59.05 18.88 1.33
C ILE D 112 60.21 18.02 1.81
N GLY D 113 60.36 17.91 3.14
CA GLY D 113 61.48 17.22 3.76
C GLY D 113 62.23 18.11 4.74
N PRO D 114 63.24 17.57 5.47
CA PRO D 114 64.06 18.38 6.36
C PRO D 114 64.76 19.53 5.60
N ARG D 115 64.59 20.75 6.12
CA ARG D 115 65.06 21.97 5.47
C ARG D 115 66.43 22.35 6.02
N GLY D 116 67.28 22.90 5.14
CA GLY D 116 68.64 23.30 5.50
C GLY D 116 69.44 22.17 6.15
N VAL D 117 69.28 20.97 5.59
CA VAL D 117 70.01 19.81 6.03
C VAL D 117 70.73 19.28 4.80
N HIS D 118 71.96 18.79 4.99
CA HIS D 118 72.64 18.06 3.92
C HIS D 118 72.43 16.56 4.14
N GLY D 119 72.79 15.79 3.12
CA GLY D 119 72.68 14.34 3.20
C GLY D 119 71.23 13.87 3.08
N SER D 120 70.36 14.72 2.50
CA SER D 120 68.96 14.39 2.26
C SER D 120 68.64 14.64 0.79
N SER D 121 67.38 14.38 0.41
CA SER D 121 66.92 14.55 -0.95
C SER D 121 65.93 15.70 -1.00
N GLN D 122 65.77 16.29 -2.20
CA GLN D 122 64.81 17.35 -2.43
C GLN D 122 63.60 16.76 -3.14
N PHE D 123 62.58 16.47 -2.31
CA PHE D 123 61.30 15.98 -2.77
C PHE D 123 60.47 17.06 -3.46
N PRO D 124 59.50 16.65 -4.31
CA PRO D 124 58.63 17.59 -5.00
C PRO D 124 57.62 18.15 -4.00
N ALA D 125 57.04 19.31 -4.32
CA ALA D 125 56.18 19.98 -3.36
C ALA D 125 54.78 19.36 -3.35
N GLY D 126 54.07 19.51 -2.22
CA GLY D 126 52.68 19.10 -2.10
C GLY D 126 51.94 19.36 -3.40
N LEU D 127 52.18 20.54 -3.97
CA LEU D 127 51.56 20.91 -5.21
C LEU D 127 51.80 19.84 -6.27
N THR D 128 52.99 19.25 -6.28
CA THR D 128 53.35 18.30 -7.33
C THR D 128 52.71 16.92 -7.10
N VAL D 129 52.76 16.38 -5.86
CA VAL D 129 51.97 15.18 -5.54
C VAL D 129 50.51 15.40 -5.91
N ALA D 130 49.97 16.58 -5.59
CA ALA D 130 48.56 16.84 -5.83
C ALA D 130 48.23 16.56 -7.29
N ALA D 131 49.12 16.95 -8.21
CA ALA D 131 48.76 16.90 -9.61
C ALA D 131 48.88 15.48 -10.16
N THR D 132 49.38 14.54 -9.33
CA THR D 132 49.38 13.12 -9.72
C THR D 132 47.98 12.51 -9.57
N TRP D 133 47.22 13.02 -8.59
CA TRP D 133 45.92 12.49 -8.20
C TRP D 133 46.07 11.02 -7.76
N ASP D 134 47.26 10.69 -7.25
CA ASP D 134 47.63 9.32 -6.93
C ASP D 134 47.87 9.18 -5.43
N ARG D 135 46.89 8.58 -4.73
CA ARG D 135 46.96 8.35 -3.30
C ARG D 135 48.23 7.57 -2.91
N THR D 136 48.71 6.73 -3.83
CA THR D 136 49.89 5.90 -3.60
C THR D 136 51.11 6.79 -3.40
N LEU D 137 51.39 7.64 -4.39
CA LEU D 137 52.52 8.54 -4.36
C LEU D 137 52.42 9.51 -3.18
N MET D 138 51.21 10.03 -2.92
CA MET D 138 50.98 10.92 -1.79
C MET D 138 51.48 10.29 -0.51
N TYR D 139 51.07 9.05 -0.24
CA TYR D 139 51.50 8.39 0.98
C TYR D 139 53.00 8.08 0.89
N ALA D 140 53.50 7.69 -0.29
CA ALA D 140 54.88 7.26 -0.38
C ALA D 140 55.83 8.45 -0.20
N ARG D 141 55.53 9.53 -0.94
CA ARG D 141 56.22 10.81 -0.78
C ARG D 141 56.40 11.12 0.71
N ALA D 142 55.29 11.13 1.44
CA ALA D 142 55.33 11.51 2.84
C ALA D 142 56.15 10.52 3.64
N ARG D 143 56.07 9.22 3.26
CA ARG D 143 56.72 8.17 4.01
C ARG D 143 58.24 8.34 3.90
N GLY D 144 58.68 8.66 2.68
CA GLY D 144 60.09 8.91 2.39
C GLY D 144 60.62 10.17 3.08
N MET D 145 59.86 11.28 2.97
CA MET D 145 60.11 12.48 3.75
C MET D 145 60.31 12.14 5.22
N GLY D 146 59.42 11.29 5.72
CA GLY D 146 59.47 10.90 7.12
C GLY D 146 60.69 10.08 7.49
N GLN D 147 61.23 9.24 6.58
CA GLN D 147 62.38 8.45 6.98
C GLN D 147 63.55 9.42 7.14
N GLU D 148 63.64 10.39 6.23
CA GLU D 148 64.71 11.39 6.25
C GLU D 148 64.58 12.26 7.49
N PHE D 149 63.35 12.69 7.85
CA PHE D 149 63.14 13.47 9.06
C PHE D 149 63.67 12.69 10.26
N HIS D 150 63.15 11.48 10.48
CA HIS D 150 63.53 10.68 11.63
C HIS D 150 65.04 10.48 11.62
N ASP D 151 65.61 10.28 10.43
CA ASP D 151 66.98 9.80 10.33
C ASP D 151 67.96 10.96 10.62
N GLN D 152 67.51 12.21 10.40
CA GLN D 152 68.26 13.40 10.77
C GLN D 152 68.03 13.81 12.24
N GLY D 153 67.16 13.11 12.96
CA GLY D 153 66.99 13.36 14.39
C GLY D 153 65.85 14.33 14.72
N VAL D 154 64.96 14.58 13.74
CA VAL D 154 63.78 15.42 13.92
C VAL D 154 62.71 14.67 14.73
N HIS D 155 62.29 15.19 15.88
CA HIS D 155 61.19 14.60 16.64
C HIS D 155 59.83 15.07 16.14
N LEU D 156 59.71 16.32 15.67
CA LEU D 156 58.46 16.87 15.16
C LEU D 156 58.69 17.51 13.80
N ALA D 157 57.80 17.25 12.85
CA ALA D 157 57.88 17.83 11.53
C ALA D 157 56.86 18.95 11.38
N LEU D 158 57.35 20.13 11.00
CA LEU D 158 56.49 21.25 10.62
C LEU D 158 55.93 20.98 9.23
N ALA D 159 55.05 19.99 9.22
CA ALA D 159 54.45 19.43 8.02
C ALA D 159 53.33 18.46 8.45
N PRO D 160 52.37 18.15 7.56
CA PRO D 160 52.27 18.79 6.25
C PRO D 160 51.39 20.03 6.27
N VAL D 161 51.18 20.61 5.08
CA VAL D 161 50.28 21.73 4.93
C VAL D 161 48.91 21.16 4.56
N THR D 162 47.99 21.20 5.56
CA THR D 162 46.72 20.51 5.54
C THR D 162 45.53 21.47 5.52
N GLY D 163 45.52 22.45 4.60
CA GLY D 163 44.36 23.30 4.39
C GLY D 163 44.55 24.79 4.69
N GLY D 164 45.75 25.19 5.15
CA GLY D 164 46.07 26.59 5.38
C GLY D 164 47.46 27.00 4.89
N PRO D 165 47.64 27.60 3.68
CA PRO D 165 46.56 28.00 2.76
C PRO D 165 45.96 26.93 1.86
N LEU D 166 44.68 27.10 1.54
CA LEU D 166 43.95 26.14 0.74
C LEU D 166 43.86 26.63 -0.70
N GLY D 167 43.75 27.95 -0.89
CA GLY D 167 43.73 28.51 -2.24
C GLY D 167 42.61 29.53 -2.53
N ARG D 168 42.23 30.32 -1.51
CA ARG D 168 41.29 31.42 -1.71
C ARG D 168 41.82 32.29 -2.85
N THR D 169 43.12 32.58 -2.81
CA THR D 169 43.80 33.28 -3.89
C THR D 169 44.83 32.35 -4.55
N PRO D 170 44.94 32.38 -5.90
CA PRO D 170 46.03 31.72 -6.63
C PRO D 170 47.28 32.57 -6.81
N LEU D 171 47.52 33.49 -5.86
CA LEU D 171 48.79 34.20 -5.77
C LEU D 171 49.40 33.97 -4.39
N ASN D 172 48.69 33.29 -3.47
CA ASN D 172 49.27 33.06 -2.16
C ASN D 172 50.67 32.49 -2.40
N GLY D 173 51.70 33.22 -1.96
CA GLY D 173 53.06 32.95 -2.40
C GLY D 173 53.58 31.58 -1.98
N ARG D 174 53.00 31.03 -0.91
CA ARG D 174 53.34 29.69 -0.47
C ARG D 174 52.17 28.71 -0.70
N GLY D 175 51.44 28.89 -1.81
CA GLY D 175 50.34 27.99 -2.13
C GLY D 175 50.88 26.59 -2.46
N TRP D 176 51.94 26.57 -3.28
CA TRP D 176 52.65 25.36 -3.63
C TRP D 176 52.91 24.46 -2.42
N GLU D 177 52.99 25.01 -1.20
CA GLU D 177 53.38 24.20 -0.05
C GLU D 177 52.26 23.21 0.28
N GLY D 178 51.01 23.57 -0.04
CA GLY D 178 49.88 22.68 0.14
C GLY D 178 49.63 21.82 -1.11
N THR D 179 48.38 21.40 -1.31
CA THR D 179 48.03 20.36 -2.25
C THR D 179 47.02 20.90 -3.27
N PHE D 180 45.73 20.71 -3.00
CA PHE D 180 44.68 21.04 -3.95
C PHE D 180 43.90 22.28 -3.52
N ALA D 181 43.27 22.97 -4.48
CA ALA D 181 42.38 24.10 -4.17
C ALA D 181 40.92 23.64 -4.08
N ASP D 182 40.70 22.63 -3.25
CA ASP D 182 39.41 21.97 -3.07
C ASP D 182 39.50 21.29 -1.73
N PRO D 183 38.48 21.43 -0.85
CA PRO D 183 38.55 20.84 0.50
C PRO D 183 38.60 19.31 0.55
N TYR D 184 37.99 18.65 -0.44
CA TYR D 184 37.89 17.20 -0.44
C TYR D 184 39.26 16.59 -0.80
N ALA D 185 39.75 16.96 -1.99
CA ALA D 185 41.01 16.47 -2.53
C ALA D 185 42.18 16.76 -1.59
N CYS D 186 42.15 17.93 -0.93
CA CYS D 186 43.24 18.35 -0.05
C CYS D 186 43.13 17.60 1.28
N GLY D 187 41.92 17.28 1.72
CA GLY D 187 41.74 16.45 2.91
C GLY D 187 42.23 15.01 2.71
N GLU D 188 42.09 14.49 1.49
CA GLU D 188 42.64 13.17 1.15
C GLU D 188 44.16 13.23 1.22
N ALA D 189 44.76 14.15 0.42
CA ALA D 189 46.19 14.40 0.44
C ALA D 189 46.68 14.62 1.86
N SER D 190 45.88 15.33 2.65
CA SER D 190 46.24 15.65 4.01
C SER D 190 46.32 14.40 4.86
N TYR D 191 45.30 13.55 4.75
CA TYR D 191 45.23 12.33 5.55
C TYR D 191 46.46 11.46 5.27
N LEU D 192 46.72 11.25 3.96
CA LEU D 192 47.79 10.38 3.50
C LEU D 192 49.16 10.96 3.90
N SER D 193 49.35 12.28 3.77
CA SER D 193 50.61 12.92 4.13
C SER D 193 50.91 12.80 5.61
N VAL D 194 49.86 12.84 6.42
CA VAL D 194 50.07 12.78 7.84
C VAL D 194 50.45 11.36 8.21
N LYS D 195 49.69 10.39 7.68
CA LYS D 195 49.95 8.98 7.99
C LYS D 195 51.38 8.64 7.59
N GLY D 196 51.74 9.05 6.36
CA GLY D 196 53.09 8.90 5.85
C GLY D 196 54.13 9.24 6.90
N LEU D 197 54.08 10.48 7.41
CA LEU D 197 55.11 11.01 8.30
C LEU D 197 55.05 10.26 9.63
N THR D 198 53.85 10.01 10.13
CA THR D 198 53.71 9.34 11.42
C THR D 198 54.14 7.88 11.31
N ASP D 199 53.84 7.26 10.15
CA ASP D 199 54.21 5.88 9.88
C ASP D 199 55.73 5.77 9.97
N ALA D 200 56.45 6.86 9.65
CA ALA D 200 57.91 6.86 9.68
C ALA D 200 58.46 7.21 11.05
N GLY D 201 57.62 7.30 12.09
CA GLY D 201 58.13 7.57 13.44
C GLY D 201 58.29 9.06 13.79
N VAL D 202 57.85 9.98 12.89
CA VAL D 202 57.99 11.41 13.13
CA VAL D 202 57.98 11.42 13.07
C VAL D 202 56.63 12.04 13.38
N ALA D 203 56.52 12.72 14.54
CA ALA D 203 55.34 13.48 14.94
C ALA D 203 55.09 14.58 13.90
N THR D 204 53.83 14.82 13.54
CA THR D 204 53.49 15.90 12.63
C THR D 204 52.94 17.10 13.36
N VAL D 205 53.11 18.26 12.71
CA VAL D 205 52.52 19.52 13.10
C VAL D 205 51.83 20.05 11.85
N SER D 206 50.53 19.72 11.68
CA SER D 206 49.85 20.10 10.45
C SER D 206 49.58 21.59 10.50
N LYS D 207 49.57 22.25 9.35
CA LYS D 207 49.60 23.69 9.34
C LYS D 207 48.96 24.21 8.04
N HIS D 208 48.50 25.49 8.03
CA HIS D 208 48.40 26.33 9.21
C HIS D 208 46.93 26.59 9.53
N TRP D 209 46.57 26.44 10.81
CA TRP D 209 45.19 26.63 11.24
C TRP D 209 44.93 28.09 11.63
N ILE D 210 44.15 28.89 10.87
CA ILE D 210 43.20 28.44 9.87
C ILE D 210 42.75 29.68 9.11
N ALA D 211 42.21 29.51 7.90
CA ALA D 211 41.90 30.61 7.00
C ALA D 211 43.10 31.55 6.81
N TYR D 212 44.26 30.93 6.58
CA TYR D 212 45.52 31.62 6.33
C TYR D 212 45.68 31.72 4.82
N GLU D 213 45.03 32.73 4.20
CA GLU D 213 44.79 32.72 2.76
C GLU D 213 45.48 33.88 2.04
N GLN D 214 46.30 34.67 2.72
CA GLN D 214 47.29 35.48 1.99
C GLN D 214 48.52 35.69 2.85
N GLU D 215 49.61 36.15 2.20
CA GLU D 215 50.88 36.34 2.86
C GLU D 215 51.03 37.81 3.26
N THR D 216 50.83 38.70 2.28
CA THR D 216 50.70 40.13 2.49
C THR D 216 49.92 40.45 3.75
N SER D 217 50.60 41.06 4.73
CA SER D 217 50.01 41.54 5.98
C SER D 217 49.76 40.41 6.97
N ARG D 218 50.39 39.26 6.76
CA ARG D 218 50.37 38.22 7.78
C ARG D 218 51.04 38.73 9.05
N ASN D 219 51.99 39.68 8.89
CA ASN D 219 52.54 40.48 9.97
C ASN D 219 52.78 39.63 11.22
N LEU D 220 53.80 38.79 11.12
CA LEU D 220 54.19 38.01 12.28
C LEU D 220 54.67 39.00 13.34
N TYR D 221 54.39 38.65 14.60
CA TYR D 221 54.92 39.41 15.71
C TYR D 221 56.43 39.30 15.71
N ILE D 222 57.09 40.46 15.79
CA ILE D 222 58.53 40.56 15.92
C ILE D 222 58.86 41.83 16.72
N ASP D 223 59.60 41.67 17.83
CA ASP D 223 60.00 42.77 18.70
C ASP D 223 61.52 42.91 18.67
N ILE D 224 62.02 43.41 17.53
CA ILE D 224 63.44 43.52 17.26
C ILE D 224 63.89 44.93 17.67
N ASP D 225 64.86 45.53 16.95
CA ASP D 225 65.62 46.68 17.42
C ASP D 225 64.74 47.94 17.57
N GLY D 226 64.03 48.01 18.69
CA GLY D 226 63.19 49.16 19.00
C GLY D 226 61.76 49.02 18.47
N VAL D 227 61.62 48.79 17.15
CA VAL D 227 60.30 48.66 16.54
C VAL D 227 59.70 47.28 16.85
N SER D 228 58.38 47.28 17.13
CA SER D 228 57.52 46.11 17.23
C SER D 228 56.51 46.16 16.09
N GLN D 229 56.01 44.98 15.67
CA GLN D 229 54.98 44.90 14.64
C GLN D 229 53.65 45.30 15.29
N ALA D 230 53.56 45.13 16.62
CA ALA D 230 52.40 45.53 17.39
C ALA D 230 52.04 46.99 17.13
N ASP D 231 53.07 47.80 16.85
CA ASP D 231 52.86 49.21 16.57
C ASP D 231 52.50 49.37 15.10
N ILE D 232 53.25 48.73 14.18
CA ILE D 232 53.09 49.06 12.77
C ILE D 232 51.70 48.65 12.28
N GLN D 233 51.37 47.34 12.41
CA GLN D 233 50.17 46.79 11.79
C GLN D 233 49.87 45.42 12.35
N LEU D 234 48.62 45.23 12.76
CA LEU D 234 48.15 43.95 13.25
C LEU D 234 48.02 42.99 12.07
N PRO D 235 47.94 41.66 12.29
CA PRO D 235 47.85 40.70 11.20
C PRO D 235 46.51 40.73 10.47
N ILE D 236 46.54 40.62 9.13
CA ILE D 236 45.35 40.45 8.31
C ILE D 236 44.31 39.60 9.05
N SER D 237 43.08 40.13 9.17
CA SER D 237 42.00 39.42 9.83
C SER D 237 41.08 38.81 8.79
N SER D 238 41.09 37.47 8.77
CA SER D 238 40.13 36.70 8.01
C SER D 238 38.85 36.61 8.84
N ASN D 239 37.76 37.07 8.23
CA ASN D 239 36.44 37.11 8.86
C ASN D 239 35.51 36.23 8.05
N VAL D 240 35.02 35.19 8.72
CA VAL D 240 34.61 33.95 8.08
C VAL D 240 33.34 33.40 8.74
N ASP D 241 32.26 33.26 7.95
CA ASP D 241 31.00 32.79 8.50
C ASP D 241 31.17 31.34 8.96
N ASP D 242 30.21 30.80 9.72
CA ASP D 242 30.36 29.48 10.31
C ASP D 242 30.23 28.40 9.23
N LEU D 243 29.43 28.67 8.19
CA LEU D 243 29.24 27.68 7.14
C LEU D 243 30.51 27.54 6.31
N THR D 244 31.19 28.66 6.02
CA THR D 244 32.43 28.62 5.26
C THR D 244 33.50 27.95 6.12
N MET D 245 33.56 28.31 7.40
CA MET D 245 34.55 27.73 8.28
C MET D 245 34.43 26.20 8.23
N HIS D 246 33.19 25.69 8.25
CA HIS D 246 32.93 24.26 8.45
C HIS D 246 33.10 23.46 7.16
N GLU D 247 32.52 23.96 6.05
CA GLU D 247 32.41 23.22 4.81
C GLU D 247 33.67 23.39 3.94
N LEU D 248 34.52 24.41 4.21
CA LEU D 248 35.66 24.73 3.35
C LEU D 248 37.00 24.57 4.09
N TYR D 249 37.26 25.41 5.10
CA TYR D 249 38.60 25.57 5.65
C TYR D 249 38.91 24.44 6.64
N MET D 250 37.88 24.01 7.38
CA MET D 250 37.98 22.99 8.42
C MET D 250 37.99 21.56 7.85
N TRP D 251 37.63 21.38 6.57
CA TRP D 251 37.50 20.03 6.04
C TRP D 251 38.85 19.31 6.16
N SER D 252 39.88 19.91 5.53
CA SER D 252 41.21 19.32 5.47
C SER D 252 41.74 19.05 6.86
N PHE D 253 41.42 19.89 7.85
CA PHE D 253 42.05 19.72 9.15
C PHE D 253 41.41 18.59 9.92
N ALA D 254 40.16 18.27 9.60
CA ALA D 254 39.50 17.15 10.25
C ALA D 254 40.13 15.83 9.77
N GLU D 255 40.34 15.74 8.45
CA GLU D 255 41.12 14.65 7.88
C GLU D 255 42.46 14.53 8.63
N ALA D 256 43.21 15.62 8.79
CA ALA D 256 44.51 15.55 9.45
C ALA D 256 44.38 15.09 10.90
N VAL D 257 43.30 15.47 11.58
CA VAL D 257 43.10 15.05 12.95
C VAL D 257 42.79 13.55 12.94
N ARG D 258 42.05 13.10 11.92
CA ARG D 258 41.62 11.70 11.86
C ARG D 258 42.81 10.81 11.51
N ALA D 259 43.67 11.32 10.61
CA ALA D 259 44.90 10.68 10.20
C ALA D 259 45.90 10.57 11.35
N GLY D 260 45.61 11.29 12.44
CA GLY D 260 46.36 11.18 13.68
C GLY D 260 47.45 12.25 13.87
N THR D 261 47.37 13.40 13.17
CA THR D 261 48.38 14.45 13.34
C THR D 261 48.54 14.72 14.83
N ASN D 262 49.78 14.84 15.31
CA ASN D 262 50.02 14.86 16.76
C ASN D 262 49.95 16.30 17.28
N HIS D 263 50.04 17.25 16.34
CA HIS D 263 50.10 18.67 16.64
C HIS D 263 49.60 19.43 15.42
N ILE D 264 49.02 20.61 15.71
CA ILE D 264 48.55 21.56 14.71
C ILE D 264 49.27 22.88 14.98
N MET D 265 49.53 23.63 13.91
CA MET D 265 50.22 24.90 13.99
C MET D 265 49.19 26.00 13.76
N CYS D 266 49.02 26.86 14.77
CA CYS D 266 48.10 27.99 14.65
C CYS D 266 48.73 29.09 13.82
N SER D 267 47.95 29.67 12.89
CA SER D 267 48.49 30.54 11.85
C SER D 267 48.76 31.97 12.37
N TYR D 268 49.33 32.79 11.47
CA TYR D 268 49.70 34.17 11.74
C TYR D 268 48.47 35.08 11.79
N ASN D 269 47.58 34.90 10.81
CA ASN D 269 46.44 35.75 10.57
C ASN D 269 45.56 35.79 11.82
N ARG D 270 44.71 36.82 11.86
CA ARG D 270 43.65 36.95 12.84
C ARG D 270 42.39 36.33 12.25
N ILE D 271 41.53 35.76 13.10
CA ILE D 271 40.22 35.33 12.61
C ILE D 271 39.19 36.13 13.38
N ASN D 272 38.39 36.93 12.66
CA ASN D 272 37.45 37.85 13.28
C ASN D 272 38.20 38.77 14.25
N ASN D 273 39.28 39.40 13.76
CA ASN D 273 40.08 40.31 14.58
C ASN D 273 40.46 39.70 15.94
N THR D 274 40.71 38.38 15.99
CA THR D 274 41.47 37.77 17.08
C THR D 274 42.59 36.92 16.49
N HIS D 275 43.75 36.97 17.16
CA HIS D 275 44.92 36.22 16.73
C HIS D 275 44.56 34.75 16.71
N SER D 276 44.77 34.11 15.54
CA SER D 276 44.46 32.70 15.38
C SER D 276 45.02 31.89 16.56
N CYS D 277 46.17 32.33 17.08
CA CYS D 277 46.89 31.58 18.10
C CYS D 277 46.36 31.86 19.50
N SER D 278 45.43 32.81 19.63
CA SER D 278 44.87 33.17 20.91
C SER D 278 43.35 33.17 20.85
N ASN D 279 42.80 32.56 19.79
CA ASN D 279 41.38 32.58 19.48
C ASN D 279 40.70 31.35 20.09
N ALA D 280 39.87 31.55 21.11
CA ALA D 280 39.28 30.44 21.85
C ALA D 280 38.17 29.76 21.04
N LYS D 281 37.50 30.49 20.13
CA LYS D 281 36.52 29.89 19.25
C LYS D 281 37.23 28.95 18.29
N GLY D 282 38.32 29.45 17.67
CA GLY D 282 39.21 28.65 16.84
C GLY D 282 39.78 27.43 17.57
N LEU D 283 40.54 27.65 18.64
CA LEU D 283 41.40 26.60 19.15
C LEU D 283 40.66 25.71 20.14
N ASN D 284 39.78 26.31 20.94
CA ASN D 284 39.24 25.59 22.08
C ASN D 284 37.91 24.91 21.76
N GLN D 285 37.14 25.41 20.79
CA GLN D 285 35.88 24.73 20.54
C GLN D 285 35.96 24.08 19.17
N LEU D 286 36.19 24.84 18.09
CA LEU D 286 36.17 24.28 16.76
C LEU D 286 37.13 23.07 16.64
N LEU D 287 38.34 23.20 17.17
CA LEU D 287 39.40 22.21 17.00
C LEU D 287 39.40 21.21 18.16
N LYS D 288 39.58 21.73 19.38
CA LYS D 288 39.81 20.86 20.52
C LYS D 288 38.52 20.29 21.09
N THR D 289 37.33 20.75 20.63
CA THR D 289 36.09 20.16 21.11
C THR D 289 35.29 19.54 19.97
N GLU D 290 35.02 20.29 18.89
CA GLU D 290 34.25 19.79 17.77
C GLU D 290 35.07 18.73 17.03
N LEU D 291 36.32 19.04 16.62
CA LEU D 291 37.19 18.06 15.97
C LEU D 291 37.88 17.16 16.98
N ASN D 292 37.62 17.38 18.28
CA ASN D 292 38.03 16.50 19.36
C ASN D 292 39.54 16.29 19.35
N PHE D 293 40.30 17.27 18.87
CA PHE D 293 41.74 17.15 18.71
C PHE D 293 42.45 16.97 20.06
N GLN D 294 43.13 15.83 20.24
CA GLN D 294 43.74 15.47 21.51
C GLN D 294 45.20 15.93 21.57
N GLY D 295 45.71 16.52 20.48
CA GLY D 295 47.11 16.88 20.38
C GLY D 295 47.37 18.34 20.74
N GLY D 296 48.62 18.79 20.49
CA GLY D 296 49.08 20.12 20.87
C GLY D 296 48.94 21.15 19.76
N VAL D 297 48.55 22.40 20.14
CA VAL D 297 48.65 23.53 19.23
C VAL D 297 49.99 24.21 19.49
N VAL D 298 50.65 24.53 18.36
CA VAL D 298 52.01 25.03 18.36
C VAL D 298 51.97 26.32 17.59
N SER D 299 52.55 27.37 18.20
CA SER D 299 52.58 28.71 17.62
C SER D 299 53.36 28.64 16.32
N ASP D 300 52.86 29.29 15.28
CA ASP D 300 53.77 29.60 14.19
C ASP D 300 54.81 30.54 14.79
N TRP D 301 55.82 30.88 14.00
CA TRP D 301 57.03 31.49 14.51
C TRP D 301 56.74 32.98 14.73
N GLY D 302 56.31 33.30 15.96
CA GLY D 302 55.89 34.65 16.29
C GLY D 302 54.49 34.94 15.77
N GLY D 303 53.59 33.99 16.04
CA GLY D 303 52.17 34.19 15.84
C GLY D 303 51.43 34.19 17.17
N GLN D 304 52.16 33.88 18.25
CA GLN D 304 51.75 34.20 19.61
C GLN D 304 52.08 35.67 19.91
N TRP D 305 51.04 36.45 20.31
CA TRP D 305 51.13 37.88 20.53
C TRP D 305 50.97 38.25 22.01
N ASP D 306 50.71 37.28 22.88
CA ASP D 306 50.25 37.61 24.21
C ASP D 306 50.43 36.39 25.08
N SER D 307 50.34 36.59 26.40
CA SER D 307 50.67 35.55 27.34
C SER D 307 49.42 34.86 27.85
N VAL D 308 48.44 35.66 28.27
CA VAL D 308 47.32 35.11 29.01
C VAL D 308 46.18 34.72 28.07
N PRO D 309 45.85 35.50 27.01
CA PRO D 309 44.84 35.05 26.04
C PRO D 309 45.28 33.72 25.40
N ALA D 310 46.38 33.74 24.62
CA ALA D 310 46.95 32.52 24.09
C ALA D 310 46.84 31.37 25.10
N ALA D 311 47.30 31.58 26.34
CA ALA D 311 47.37 30.49 27.33
C ALA D 311 46.01 29.97 27.76
N GLU D 312 44.96 30.79 27.63
CA GLU D 312 43.68 30.40 28.16
C GLU D 312 42.80 29.88 27.00
N ASN D 313 43.11 30.36 25.80
CA ASN D 313 42.28 30.12 24.62
C ASN D 313 42.85 29.00 23.74
N GLY D 314 43.67 28.11 24.32
CA GLY D 314 44.08 26.87 23.67
C GLY D 314 45.36 26.96 22.83
N LEU D 315 46.46 27.42 23.45
CA LEU D 315 47.80 27.24 22.92
C LEU D 315 48.56 26.33 23.88
N ASP D 316 49.39 25.42 23.33
CA ASP D 316 50.15 24.49 24.14
C ASP D 316 51.65 24.74 23.98
N VAL D 317 52.11 25.34 22.87
CA VAL D 317 53.54 25.47 22.66
C VAL D 317 53.93 26.78 21.99
N ALA D 318 54.86 27.50 22.64
CA ALA D 318 55.30 28.82 22.19
C ALA D 318 56.65 28.72 21.48
N MET D 319 56.68 29.08 20.19
CA MET D 319 57.84 28.89 19.35
C MET D 319 58.15 30.17 18.56
N PRO D 320 59.44 30.58 18.48
CA PRO D 320 60.59 29.80 18.95
C PRO D 320 61.00 29.95 20.40
N GLY D 321 60.33 30.85 21.13
CA GLY D 321 60.81 31.32 22.43
C GLY D 321 62.16 32.05 22.30
N LYS D 322 63.14 31.56 23.08
CA LYS D 322 64.49 32.11 23.14
C LYS D 322 65.25 31.98 21.82
N GLY D 323 64.79 31.07 20.95
CA GLY D 323 65.32 30.97 19.60
C GLY D 323 65.16 32.28 18.87
N PHE D 324 66.03 32.51 17.88
CA PHE D 324 65.98 33.69 17.06
C PHE D 324 66.10 34.95 17.92
N LEU D 325 66.77 34.79 19.07
CA LEU D 325 67.25 35.87 19.92
C LEU D 325 66.17 36.32 20.89
N GLY D 326 64.92 35.90 20.65
CA GLY D 326 63.77 36.40 21.37
C GLY D 326 62.94 37.31 20.49
N ALA D 327 63.47 37.59 19.28
CA ALA D 327 62.99 38.65 18.42
C ALA D 327 61.56 38.42 17.96
N LEU D 328 61.04 37.20 18.11
CA LEU D 328 59.70 36.87 17.64
C LEU D 328 58.74 36.63 18.81
N GLY D 329 59.11 37.14 19.98
CA GLY D 329 58.27 37.08 21.16
C GLY D 329 58.76 35.98 22.07
N ASP D 330 58.49 36.13 23.37
CA ASP D 330 58.85 35.09 24.31
C ASP D 330 57.94 35.23 25.52
N PHE D 331 56.64 35.25 25.24
CA PHE D 331 55.62 35.59 26.21
C PHE D 331 55.45 34.51 27.27
N TRP D 332 56.11 33.36 27.11
CA TRP D 332 56.02 32.32 28.13
C TRP D 332 57.40 32.15 28.77
N GLY D 333 57.75 30.93 29.17
CA GLY D 333 58.97 30.70 29.91
C GLY D 333 58.80 31.17 31.35
N ALA D 334 59.79 31.94 31.85
CA ALA D 334 59.74 32.46 33.21
C ALA D 334 58.49 33.31 33.42
N THR D 335 58.11 34.13 32.41
CA THR D 335 56.86 34.87 32.47
C THR D 335 55.74 33.95 32.96
N LEU D 336 55.55 32.84 32.23
CA LEU D 336 54.47 31.91 32.51
C LEU D 336 54.67 31.30 33.89
N VAL D 337 55.91 31.15 34.34
CA VAL D 337 56.16 30.64 35.69
C VAL D 337 55.67 31.66 36.72
N GLU D 338 55.78 32.96 36.41
CA GLU D 338 55.21 33.98 37.28
C GLU D 338 53.70 33.80 37.28
N LEU D 339 53.12 34.02 36.09
CA LEU D 339 51.68 33.93 35.84
C LEU D 339 51.07 32.74 36.55
N ILE D 340 51.81 31.64 36.71
CA ILE D 340 51.29 30.49 37.41
C ILE D 340 51.34 30.78 38.91
N ASN D 341 52.55 30.99 39.45
CA ASN D 341 52.75 31.12 40.90
C ASN D 341 51.96 32.29 41.45
N ASN D 342 51.78 33.36 40.64
CA ASN D 342 51.04 34.54 41.07
C ASN D 342 49.58 34.42 40.62
N GLY D 343 49.08 33.19 40.49
CA GLY D 343 47.64 32.91 40.44
C GLY D 343 46.90 33.36 39.19
N THR D 344 47.56 34.08 38.26
CA THR D 344 46.89 34.61 37.07
C THR D 344 46.48 33.49 36.10
N VAL D 345 47.29 32.42 36.02
CA VAL D 345 47.01 31.28 35.14
C VAL D 345 46.96 30.01 35.97
N SER D 346 45.91 29.20 35.74
CA SER D 346 45.72 27.98 36.47
C SER D 346 46.80 26.99 36.07
N GLU D 347 47.34 26.26 37.05
CA GLU D 347 48.40 25.31 36.82
C GLU D 347 47.90 24.21 35.89
N ASP D 348 46.76 23.59 36.26
CA ASP D 348 46.19 22.49 35.52
C ASP D 348 46.00 22.86 34.05
N LEU D 349 45.76 24.15 33.73
CA LEU D 349 45.63 24.57 32.34
C LEU D 349 46.93 24.33 31.58
N VAL D 350 48.05 24.47 32.29
CA VAL D 350 49.38 24.36 31.72
C VAL D 350 49.81 22.90 31.66
N ARG D 351 49.53 22.13 32.71
CA ARG D 351 49.78 20.71 32.71
C ARG D 351 49.17 20.06 31.45
N ASP D 352 48.00 20.52 31.02
CA ASP D 352 47.32 19.92 29.88
C ASP D 352 48.09 20.19 28.59
N LYS D 353 48.85 21.28 28.54
CA LYS D 353 49.68 21.60 27.39
C LYS D 353 50.92 20.71 27.34
N ALA D 354 51.39 20.26 28.51
CA ALA D 354 52.51 19.34 28.60
C ALA D 354 52.08 17.95 28.13
N VAL D 355 50.91 17.53 28.59
CA VAL D 355 50.33 16.24 28.21
C VAL D 355 50.15 16.18 26.69
N ARG D 356 49.64 17.23 26.07
CA ARG D 356 49.39 17.19 24.64
C ARG D 356 50.70 17.00 23.88
N ILE D 357 51.78 17.59 24.40
CA ILE D 357 53.07 17.56 23.74
C ILE D 357 53.67 16.16 23.89
N LEU D 358 53.71 15.71 25.15
CA LEU D 358 54.32 14.46 25.56
C LEU D 358 53.51 13.26 25.07
N THR D 359 52.26 13.49 24.64
CA THR D 359 51.44 12.42 24.09
C THR D 359 52.04 11.97 22.78
N GLY D 360 52.25 12.91 21.85
CA GLY D 360 52.92 12.63 20.59
C GLY D 360 54.25 11.86 20.74
N TYR D 361 54.94 12.00 21.90
CA TYR D 361 56.30 11.51 22.06
C TYR D 361 56.26 10.05 22.51
N TYR D 362 55.33 9.71 23.40
CA TYR D 362 55.24 8.35 23.92
C TYR D 362 54.61 7.41 22.89
N TYR D 363 53.76 8.00 22.03
CA TYR D 363 52.97 7.26 21.08
C TYR D 363 53.87 6.80 19.95
N LEU D 364 54.67 7.73 19.41
CA LEU D 364 55.65 7.40 18.37
C LEU D 364 56.88 6.71 18.92
N GLY D 365 56.88 6.35 20.22
CA GLY D 365 57.89 5.50 20.80
C GLY D 365 59.27 6.16 20.93
N GLN D 366 59.30 7.51 20.87
CA GLN D 366 60.54 8.27 20.93
C GLN D 366 61.23 8.15 22.28
N ASP D 367 60.55 7.58 23.27
CA ASP D 367 61.17 7.29 24.56
C ASP D 367 62.05 6.05 24.43
N THR D 368 61.46 4.93 24.01
CA THR D 368 62.14 3.64 23.99
C THR D 368 63.02 3.49 22.77
N ASN D 369 62.78 4.33 21.76
CA ASN D 369 63.54 4.26 20.53
C ASN D 369 63.85 5.68 20.09
N PRO D 370 64.70 6.40 20.84
CA PRO D 370 64.97 7.81 20.56
C PRO D 370 65.52 8.04 19.17
N PRO D 371 65.13 9.10 18.43
CA PRO D 371 65.76 9.42 17.15
C PRO D 371 67.24 9.72 17.34
N PRO D 372 68.04 9.73 16.26
CA PRO D 372 69.44 10.11 16.36
C PRO D 372 69.59 11.60 16.67
N PRO D 373 70.76 12.04 17.17
CA PRO D 373 71.03 13.48 17.32
C PRO D 373 70.87 14.22 16.00
N PHE D 374 70.20 15.38 16.07
CA PHE D 374 70.21 16.38 15.01
C PHE D 374 71.52 17.14 15.06
N VAL D 375 72.05 17.53 13.89
CA VAL D 375 73.48 17.68 13.70
C VAL D 375 73.81 18.91 12.84
N TYR D 376 72.84 19.45 12.11
CA TYR D 376 73.09 20.60 11.25
C TYR D 376 72.71 21.91 11.95
N ASN D 377 73.21 23.01 11.37
CA ASN D 377 72.81 24.36 11.76
C ASN D 377 71.79 24.86 10.73
N THR D 378 70.51 24.78 11.09
CA THR D 378 69.43 25.22 10.20
C THR D 378 68.97 26.65 10.50
N ILE D 379 69.47 27.27 11.59
CA ILE D 379 69.22 28.67 11.88
C ILE D 379 70.08 29.54 10.97
N GLY D 380 71.41 29.43 11.09
CA GLY D 380 72.33 30.24 10.32
C GLY D 380 72.97 31.34 11.16
N ALA D 381 74.30 31.40 11.14
CA ALA D 381 75.04 32.54 11.66
C ALA D 381 74.63 33.78 10.88
N PRO D 382 74.67 34.99 11.49
CA PRO D 382 75.12 35.19 12.88
C PRO D 382 74.15 34.84 14.02
N THR D 383 72.89 34.53 13.65
CA THR D 383 71.79 34.31 14.57
C THR D 383 72.04 33.14 15.52
N LEU D 384 72.60 32.05 14.98
CA LEU D 384 73.22 31.00 15.78
C LEU D 384 74.56 30.64 15.12
N ASN D 385 75.64 30.76 15.90
CA ASN D 385 76.94 30.29 15.47
C ASN D 385 77.15 28.94 16.16
N ALA D 386 77.11 27.89 15.35
CA ALA D 386 77.43 26.55 15.78
C ALA D 386 77.77 25.75 14.55
N THR D 387 78.71 24.83 14.72
CA THR D 387 79.24 24.02 13.65
C THR D 387 78.22 22.95 13.28
N SER D 388 78.27 22.51 12.02
CA SER D 388 77.41 21.46 11.51
C SER D 388 78.23 20.20 11.24
N GLY D 389 77.81 19.07 11.84
CA GLY D 389 78.32 17.76 11.48
C GLY D 389 77.85 17.35 10.08
N TYR D 390 77.69 16.03 9.87
CA TYR D 390 77.24 15.48 8.59
C TYR D 390 76.59 14.12 8.79
N ARG D 391 75.60 13.83 7.93
CA ARG D 391 74.92 12.54 7.94
C ARG D 391 74.25 12.38 6.58
N ASN D 392 74.57 11.27 5.91
CA ASN D 392 73.89 10.90 4.70
C ASN D 392 72.74 10.00 5.13
N VAL D 393 71.58 10.24 4.50
CA VAL D 393 70.31 9.72 4.99
C VAL D 393 69.48 9.28 3.79
N ARG D 394 69.93 9.66 2.58
CA ARG D 394 69.38 9.23 1.31
C ARG D 394 69.51 7.72 1.15
N LYS D 395 68.36 7.05 0.96
CA LYS D 395 68.30 5.61 0.77
C LYS D 395 67.94 5.26 -0.67
N PRO D 396 68.27 4.04 -1.14
CA PRO D 396 67.85 3.64 -2.49
C PRO D 396 66.33 3.61 -2.57
N GLY D 397 65.78 4.00 -3.72
CA GLY D 397 64.34 4.12 -3.86
C GLY D 397 63.85 5.57 -3.90
N THR D 398 64.35 6.40 -2.97
CA THR D 398 63.96 7.79 -2.84
C THR D 398 64.07 8.51 -4.20
N ALA D 399 65.22 8.37 -4.84
CA ALA D 399 65.44 9.08 -6.08
C ALA D 399 64.40 8.66 -7.10
N GLU D 400 64.08 7.36 -7.15
CA GLU D 400 63.20 6.86 -8.20
C GLU D 400 61.77 7.23 -7.81
N LEU D 401 61.51 7.33 -6.49
CA LEU D 401 60.21 7.79 -6.03
C LEU D 401 60.00 9.23 -6.50
N ILE D 402 60.95 10.12 -6.18
CA ILE D 402 60.85 11.52 -6.55
C ILE D 402 60.64 11.63 -8.05
N LYS D 403 61.38 10.83 -8.80
CA LYS D 403 61.30 10.92 -10.25
C LYS D 403 59.89 10.52 -10.70
N GLU D 404 59.38 9.42 -10.14
CA GLU D 404 58.08 8.88 -10.52
C GLU D 404 56.98 9.91 -10.24
N ILE D 405 57.07 10.55 -9.07
CA ILE D 405 56.15 11.62 -8.72
C ILE D 405 56.16 12.68 -9.82
N GLY D 406 57.36 13.07 -10.27
CA GLY D 406 57.48 13.98 -11.38
C GLY D 406 56.76 13.42 -12.61
N SER D 407 57.03 12.15 -12.93
CA SER D 407 56.51 11.54 -14.15
C SER D 407 54.98 11.46 -14.13
N ALA D 408 54.42 11.32 -12.92
CA ALA D 408 52.99 11.11 -12.76
C ALA D 408 52.22 12.43 -12.72
N SER D 409 52.95 13.56 -12.60
CA SER D 409 52.36 14.85 -12.28
C SER D 409 52.42 15.81 -13.45
N VAL D 410 53.52 15.81 -14.23
CA VAL D 410 53.59 16.66 -15.41
C VAL D 410 52.24 16.58 -16.13
N THR D 411 51.68 17.77 -16.40
CA THR D 411 50.32 17.88 -16.91
C THR D 411 50.32 18.47 -18.32
N LEU D 412 49.81 17.72 -19.30
CA LEU D 412 49.77 18.18 -20.68
C LEU D 412 48.51 19.05 -20.85
N LEU D 413 48.71 20.34 -21.20
CA LEU D 413 47.61 21.29 -21.26
C LEU D 413 47.20 21.54 -22.71
N LYS D 414 48.14 21.41 -23.63
CA LYS D 414 47.86 21.59 -25.04
C LYS D 414 48.75 20.63 -25.83
N ASN D 415 48.28 20.19 -27.01
CA ASN D 415 49.08 19.35 -27.89
C ASN D 415 48.42 19.24 -29.26
N THR D 416 48.94 20.00 -30.21
CA THR D 416 48.45 20.02 -31.57
C THR D 416 48.89 18.79 -32.32
N GLY D 417 49.78 18.01 -31.69
CA GLY D 417 50.25 16.74 -32.22
C GLY D 417 51.76 16.70 -32.38
N SER D 418 52.48 17.42 -31.52
CA SER D 418 53.93 17.44 -31.61
C SER D 418 54.49 16.36 -30.67
N LEU D 419 53.71 16.07 -29.63
CA LEU D 419 54.09 15.10 -28.61
C LEU D 419 53.25 13.84 -28.82
N PRO D 420 53.80 12.64 -28.58
CA PRO D 420 55.20 12.47 -28.19
C PRO D 420 56.19 12.67 -29.34
N LEU D 421 57.44 13.00 -28.96
CA LEU D 421 58.53 13.08 -29.91
C LEU D 421 58.91 11.69 -30.38
N LYS D 422 59.16 11.58 -31.69
CA LYS D 422 59.75 10.38 -32.28
C LYS D 422 61.26 10.38 -32.01
N HIS D 423 62.03 10.73 -33.05
CA HIS D 423 63.49 10.77 -33.00
C HIS D 423 63.94 12.05 -33.72
N PRO D 424 63.75 13.23 -33.11
CA PRO D 424 64.11 14.49 -33.76
C PRO D 424 65.62 14.62 -33.73
N GLN D 425 66.18 15.02 -34.88
CA GLN D 425 67.63 15.10 -35.12
C GLN D 425 68.28 16.44 -34.72
N ARG D 426 67.49 17.53 -34.61
CA ARG D 426 67.99 18.87 -34.33
C ARG D 426 67.15 19.56 -33.27
N ILE D 427 67.71 19.73 -32.07
CA ILE D 427 66.88 20.14 -30.96
C ILE D 427 67.39 21.46 -30.42
N ALA D 428 66.46 22.41 -30.21
CA ALA D 428 66.77 23.70 -29.62
C ALA D 428 66.17 23.76 -28.23
N VAL D 429 66.87 24.39 -27.29
CA VAL D 429 66.34 24.59 -25.95
C VAL D 429 66.52 26.06 -25.55
N LEU D 430 65.48 26.66 -24.92
CA LEU D 430 65.52 28.04 -24.44
C LEU D 430 65.22 28.03 -22.94
N GLY D 431 65.93 28.84 -22.17
CA GLY D 431 65.53 29.13 -20.80
C GLY D 431 66.55 28.68 -19.77
N ASN D 432 66.92 29.58 -18.85
CA ASN D 432 67.81 29.19 -17.77
C ASN D 432 67.15 28.13 -16.90
N ASP D 433 65.81 28.04 -16.98
CA ASP D 433 65.05 26.99 -16.30
C ASP D 433 65.50 25.61 -16.78
N ALA D 434 66.08 25.52 -17.98
CA ALA D 434 66.61 24.29 -18.55
C ALA D 434 67.90 23.83 -17.87
N THR D 435 68.55 24.62 -17.00
CA THR D 435 69.88 24.23 -16.51
C THR D 435 70.06 24.62 -15.04
N TYR D 436 71.31 24.54 -14.55
CA TYR D 436 71.57 24.73 -13.13
C TYR D 436 71.39 26.18 -12.72
N ASN D 437 71.22 26.39 -11.42
CA ASN D 437 71.48 27.68 -10.82
C ASN D 437 72.96 28.02 -11.02
N VAL D 438 73.23 29.20 -11.61
CA VAL D 438 74.59 29.59 -11.97
C VAL D 438 75.43 29.87 -10.73
N LEU D 439 74.83 29.90 -9.52
CA LEU D 439 75.58 30.05 -8.28
C LEU D 439 75.61 28.74 -7.51
N GLY D 440 75.02 27.69 -8.08
CA GLY D 440 74.85 26.45 -7.34
C GLY D 440 73.39 26.23 -6.96
N PRO D 441 72.92 24.97 -7.02
CA PRO D 441 71.54 24.68 -6.69
C PRO D 441 71.14 25.16 -5.30
N ASN D 442 72.12 25.32 -4.39
CA ASN D 442 71.77 25.73 -3.04
C ASN D 442 72.26 27.15 -2.71
N ALA D 443 72.58 27.91 -3.76
CA ALA D 443 73.04 29.29 -3.63
C ALA D 443 72.09 30.09 -2.73
N CYS D 444 70.78 29.98 -2.98
CA CYS D 444 69.79 30.89 -2.41
C CYS D 444 69.58 30.63 -0.93
N GLY D 445 70.32 29.67 -0.34
CA GLY D 445 70.46 29.59 1.11
C GLY D 445 69.57 28.53 1.77
N LEU D 446 69.60 28.53 3.12
CA LEU D 446 68.83 27.64 3.97
C LEU D 446 67.32 27.73 3.74
N ALA D 447 66.86 28.63 2.85
CA ALA D 447 65.44 28.77 2.56
C ALA D 447 65.19 29.26 1.13
N ASN D 448 66.15 29.06 0.26
CA ASN D 448 65.93 29.24 -1.15
C ASN D 448 65.28 30.59 -1.41
N SER D 449 65.71 31.64 -0.69
CA SER D 449 65.10 32.97 -0.83
C SER D 449 66.14 34.09 -0.95
N ALA D 450 67.42 33.74 -0.88
CA ALA D 450 68.47 34.72 -0.67
C ALA D 450 69.21 35.07 -1.97
N CYS D 451 68.92 34.44 -3.10
CA CYS D 451 69.54 34.90 -4.34
C CYS D 451 68.93 36.24 -4.76
N ASP D 452 69.62 36.91 -5.69
CA ASP D 452 69.24 38.20 -6.23
C ASP D 452 68.05 38.08 -7.17
N ILE D 453 67.22 39.12 -7.20
CA ILE D 453 65.98 39.19 -7.97
C ILE D 453 66.23 38.98 -9.47
N ASP D 454 67.46 39.17 -9.95
CA ASP D 454 67.74 38.99 -11.37
C ASP D 454 68.57 37.71 -11.62
N ASN D 455 68.82 36.94 -10.56
CA ASN D 455 69.75 35.82 -10.67
C ASN D 455 69.12 34.70 -11.49
N LEU D 456 69.89 34.10 -12.40
CA LEU D 456 69.41 32.94 -13.13
C LEU D 456 69.46 31.72 -12.21
N ASN D 457 68.33 31.40 -11.53
CA ASN D 457 68.31 30.33 -10.52
C ASN D 457 68.10 28.95 -11.17
N GLY D 458 68.00 28.88 -12.50
CA GLY D 458 67.92 27.62 -13.20
C GLY D 458 66.56 26.93 -13.07
N THR D 459 66.52 25.59 -12.97
CA THR D 459 65.25 24.88 -12.91
C THR D 459 64.58 25.17 -11.57
N LEU D 460 63.30 25.56 -11.64
CA LEU D 460 62.55 25.77 -10.41
C LEU D 460 62.03 24.43 -9.93
N THR D 461 62.64 23.92 -8.86
CA THR D 461 62.42 22.57 -8.38
C THR D 461 61.70 22.57 -7.04
N THR D 462 61.87 23.66 -6.30
CA THR D 462 60.97 23.99 -5.21
C THR D 462 60.75 25.51 -5.24
N GLY D 463 59.92 26.00 -4.31
CA GLY D 463 59.73 27.43 -4.15
C GLY D 463 60.47 27.96 -2.92
N GLY D 464 60.34 29.28 -2.70
CA GLY D 464 61.00 29.95 -1.61
C GLY D 464 60.21 29.79 -0.32
N GLY D 465 60.91 29.78 0.81
CA GLY D 465 60.24 29.83 2.09
C GLY D 465 60.86 28.83 3.07
N SER D 466 60.19 28.65 4.21
CA SER D 466 60.50 27.62 5.18
C SER D 466 60.08 26.23 4.67
N GLY D 467 59.59 26.16 3.41
CA GLY D 467 59.09 24.92 2.84
C GLY D 467 59.93 24.39 1.67
N SER D 468 61.08 25.02 1.46
CA SER D 468 62.09 24.54 0.55
C SER D 468 62.95 23.51 1.30
N ALA D 469 63.99 23.02 0.63
CA ALA D 469 64.97 22.13 1.24
C ALA D 469 66.17 22.08 0.31
N LEU D 470 67.30 21.64 0.88
CA LEU D 470 68.50 21.51 0.08
C LEU D 470 68.36 20.33 -0.89
N SER D 471 68.99 20.55 -2.05
CA SER D 471 69.05 19.68 -3.20
C SER D 471 70.47 19.11 -3.31
N PRO D 472 70.72 17.78 -3.41
CA PRO D 472 72.09 17.26 -3.54
C PRO D 472 72.63 17.39 -4.95
N TYR D 473 71.73 17.64 -5.90
CA TYR D 473 72.07 17.90 -7.29
C TYR D 473 70.79 18.35 -7.96
N THR D 474 70.84 18.64 -9.26
CA THR D 474 69.62 18.81 -10.04
C THR D 474 69.84 18.17 -11.40
N ILE D 475 69.01 17.16 -11.70
CA ILE D 475 69.00 16.60 -13.04
C ILE D 475 68.24 17.62 -13.88
N THR D 476 68.98 18.32 -14.71
CA THR D 476 68.39 19.43 -15.43
C THR D 476 67.71 18.89 -16.67
N PRO D 477 66.61 19.51 -17.14
CA PRO D 477 66.02 19.13 -18.42
C PRO D 477 67.03 19.07 -19.56
N LEU D 478 67.95 20.02 -19.56
CA LEU D 478 68.96 20.06 -20.61
C LEU D 478 69.75 18.74 -20.61
N GLU D 479 70.28 18.34 -19.47
CA GLU D 479 70.97 17.07 -19.30
C GLU D 479 70.13 15.92 -19.87
N ALA D 480 68.92 15.74 -19.29
CA ALA D 480 68.04 14.65 -19.67
C ALA D 480 67.78 14.63 -21.17
N LEU D 481 67.56 15.81 -21.76
CA LEU D 481 67.21 15.89 -23.18
C LEU D 481 68.41 15.54 -24.04
N GLN D 482 69.62 15.80 -23.53
CA GLN D 482 70.87 15.57 -24.26
C GLN D 482 71.11 14.07 -24.33
N LYS D 483 71.07 13.42 -23.15
CA LYS D 483 71.12 11.97 -23.05
C LYS D 483 70.26 11.34 -24.14
N ARG D 484 69.04 11.81 -24.29
CA ARG D 484 68.17 11.26 -25.30
C ARG D 484 68.70 11.62 -26.70
N ALA D 485 69.09 12.89 -26.85
CA ALA D 485 69.61 13.39 -28.11
C ALA D 485 70.78 12.53 -28.56
N ILE D 486 71.66 12.22 -27.60
CA ILE D 486 72.81 11.41 -27.90
C ILE D 486 72.36 10.03 -28.39
N GLU D 487 71.36 9.42 -27.72
CA GLU D 487 70.95 8.07 -28.10
C GLU D 487 70.34 8.09 -29.49
N ASP D 488 69.77 9.23 -29.93
CA ASP D 488 69.17 9.30 -31.25
C ASP D 488 70.21 9.70 -32.31
N ASN D 489 71.45 9.91 -31.87
CA ASN D 489 72.52 10.45 -32.72
C ASN D 489 72.10 11.82 -33.27
N ALA D 490 71.59 12.67 -32.36
CA ALA D 490 71.04 13.96 -32.70
C ALA D 490 71.97 15.07 -32.18
N GLU D 491 71.61 16.34 -32.49
CA GLU D 491 72.30 17.49 -31.92
C GLU D 491 71.35 18.35 -31.10
N ILE D 492 71.94 18.99 -30.09
CA ILE D 492 71.18 19.74 -29.11
C ILE D 492 72.04 20.89 -28.57
N ALA D 493 71.47 22.10 -28.70
CA ALA D 493 72.06 23.35 -28.25
C ALA D 493 71.02 24.12 -27.45
N ALA D 494 71.41 24.58 -26.26
CA ALA D 494 70.56 25.44 -25.47
C ALA D 494 71.14 26.86 -25.42
N VAL D 495 70.23 27.86 -25.34
CA VAL D 495 70.51 29.21 -24.87
C VAL D 495 69.92 29.38 -23.48
N VAL D 496 70.76 29.44 -22.44
CA VAL D 496 70.28 29.37 -21.06
C VAL D 496 70.49 30.70 -20.33
N ALA D 497 71.05 31.69 -21.03
CA ALA D 497 71.30 33.00 -20.45
C ALA D 497 70.02 33.83 -20.55
N ASN D 498 70.04 35.02 -19.92
CA ASN D 498 68.99 36.01 -20.07
C ASN D 498 68.94 36.55 -21.50
N SER D 499 67.77 36.46 -22.14
CA SER D 499 67.65 36.79 -23.56
C SER D 499 67.49 38.29 -23.78
N ASN D 500 67.40 39.09 -22.69
CA ASN D 500 67.33 40.54 -22.81
C ASN D 500 68.71 41.11 -22.49
N THR D 501 69.22 40.85 -21.28
CA THR D 501 70.38 41.54 -20.73
C THR D 501 71.72 40.85 -20.99
N THR D 502 71.82 39.86 -21.91
CA THR D 502 73.10 39.23 -22.24
C THR D 502 73.36 39.44 -23.72
N THR D 503 74.52 40.03 -24.06
CA THR D 503 74.75 40.47 -25.43
C THR D 503 74.97 39.23 -26.28
N GLY D 504 74.47 39.26 -27.52
CA GLY D 504 74.47 38.11 -28.41
C GLY D 504 73.24 37.21 -28.24
N ALA D 505 72.67 37.16 -27.01
CA ALA D 505 71.68 36.14 -26.66
C ALA D 505 70.54 36.09 -27.67
N GLU D 506 70.01 37.26 -28.01
CA GLU D 506 68.91 37.37 -28.97
C GLU D 506 69.29 36.82 -30.34
N ASP D 507 70.52 37.06 -30.79
CA ASP D 507 70.92 36.65 -32.14
C ASP D 507 71.31 35.18 -32.18
N ALA D 508 71.72 34.67 -31.01
CA ALA D 508 71.92 33.24 -30.81
C ALA D 508 70.62 32.51 -31.12
N ILE D 509 69.53 32.99 -30.48
CA ILE D 509 68.20 32.41 -30.58
C ILE D 509 67.70 32.56 -32.01
N ALA D 510 68.04 33.68 -32.65
CA ALA D 510 67.58 33.93 -34.01
C ALA D 510 68.22 32.93 -34.97
N ALA D 511 69.49 32.57 -34.71
CA ALA D 511 70.29 31.79 -35.65
C ALA D 511 70.07 30.28 -35.47
N LEU D 512 69.75 29.86 -34.24
CA LEU D 512 69.48 28.47 -33.88
C LEU D 512 68.10 27.97 -34.34
N LEU D 513 67.01 28.61 -33.85
CA LEU D 513 65.66 28.07 -33.90
C LEU D 513 65.18 27.76 -35.32
N PRO D 514 65.36 28.61 -36.33
CA PRO D 514 64.83 28.27 -37.66
C PRO D 514 65.17 26.87 -38.17
N ASP D 515 66.25 26.25 -37.67
CA ASP D 515 66.64 24.97 -38.23
C ASP D 515 66.32 23.77 -37.33
N ALA D 516 65.98 24.00 -36.05
CA ALA D 516 65.60 22.92 -35.15
C ALA D 516 64.32 22.23 -35.62
N ASP D 517 64.29 20.90 -35.51
CA ASP D 517 63.13 20.07 -35.77
C ASP D 517 62.08 20.33 -34.68
N VAL D 518 62.54 20.60 -33.45
CA VAL D 518 61.69 20.97 -32.32
C VAL D 518 62.42 21.98 -31.44
N THR D 519 61.66 22.87 -30.79
CA THR D 519 62.19 23.91 -29.93
C THR D 519 61.52 23.83 -28.57
N PHE D 520 62.28 23.62 -27.50
CA PHE D 520 61.73 23.63 -26.16
C PHE D 520 61.94 24.99 -25.51
N VAL D 521 60.97 25.43 -24.71
CA VAL D 521 61.11 26.66 -23.95
C VAL D 521 60.78 26.40 -22.49
N PHE D 522 61.78 26.49 -21.62
CA PHE D 522 61.54 26.26 -20.21
C PHE D 522 61.34 27.60 -19.53
N LEU D 523 60.19 27.71 -18.85
CA LEU D 523 59.79 28.92 -18.16
C LEU D 523 59.63 28.55 -16.70
N ASN D 524 59.82 29.54 -15.84
CA ASN D 524 59.49 29.36 -14.45
C ASN D 524 58.86 30.62 -13.87
N ARG D 525 58.46 30.51 -12.59
CA ARG D 525 57.81 31.57 -11.85
C ARG D 525 58.05 31.31 -10.37
N TYR D 526 59.22 31.74 -9.88
CA TYR D 526 59.52 31.60 -8.46
C TYR D 526 58.44 32.38 -7.71
N SER D 527 58.17 31.93 -6.48
CA SER D 527 57.39 32.70 -5.52
C SER D 527 57.78 32.17 -4.16
N GLU D 528 57.30 32.77 -3.07
CA GLU D 528 57.86 32.41 -1.77
C GLU D 528 56.96 32.80 -0.63
N GLU D 529 57.21 32.15 0.51
CA GLU D 529 56.64 32.52 1.79
C GLU D 529 56.89 34.02 2.01
N GLY D 530 55.94 34.66 2.68
CA GLY D 530 56.09 36.01 3.17
C GLY D 530 55.67 37.08 2.15
N ALA D 531 55.05 36.69 1.03
CA ALA D 531 54.78 37.63 -0.06
C ALA D 531 54.02 36.94 -1.18
N ASP D 532 53.03 37.62 -1.73
CA ASP D 532 52.17 37.05 -2.75
C ASP D 532 52.70 37.45 -4.12
N ALA D 533 52.46 36.62 -5.12
CA ALA D 533 52.74 37.02 -6.48
C ALA D 533 51.93 38.27 -6.76
N PRO D 534 52.51 39.33 -7.36
CA PRO D 534 51.74 40.52 -7.71
C PRO D 534 50.75 40.24 -8.84
N ASP D 535 51.14 39.40 -9.79
CA ASP D 535 50.30 39.07 -10.93
C ASP D 535 50.69 37.68 -11.42
N PHE D 536 50.13 37.29 -12.58
CA PHE D 536 50.31 35.98 -13.18
C PHE D 536 51.53 35.98 -14.11
N SER D 537 52.51 36.80 -13.73
CA SER D 537 53.60 37.17 -14.59
C SER D 537 54.63 36.04 -14.54
N LEU D 538 55.12 35.62 -15.73
CA LEU D 538 56.29 34.75 -15.84
C LEU D 538 57.54 35.43 -15.25
N GLY D 539 58.25 34.75 -14.34
CA GLY D 539 59.54 35.20 -13.81
C GLY D 539 60.64 35.35 -14.87
N GLY D 540 61.73 36.06 -14.48
CA GLY D 540 62.83 36.36 -15.39
C GLY D 540 62.32 36.71 -16.79
N ASP D 541 63.07 36.36 -17.83
CA ASP D 541 62.76 36.76 -19.19
C ASP D 541 61.70 35.88 -19.83
N GLY D 542 60.87 35.22 -19.00
CA GLY D 542 59.81 34.39 -19.53
C GLY D 542 59.22 34.92 -20.83
N ASP D 543 58.61 36.12 -20.76
CA ASP D 543 57.78 36.65 -21.83
C ASP D 543 58.66 36.87 -23.05
N ASN D 544 59.91 37.26 -22.81
CA ASN D 544 60.81 37.54 -23.91
C ASN D 544 61.08 36.24 -24.66
N LEU D 545 61.48 35.20 -23.90
CA LEU D 545 61.79 33.90 -24.50
C LEU D 545 60.64 33.48 -25.40
N MET D 546 59.41 33.63 -24.89
CA MET D 546 58.26 33.13 -25.60
C MET D 546 58.05 33.89 -26.93
N ASP D 547 58.30 35.21 -26.94
CA ASP D 547 58.09 36.00 -28.14
C ASP D 547 59.08 35.57 -29.21
N LEU D 548 60.34 35.49 -28.81
CA LEU D 548 61.39 35.04 -29.72
C LEU D 548 61.03 33.67 -30.27
N ALA D 549 60.69 32.74 -29.35
CA ALA D 549 60.49 31.34 -29.73
C ALA D 549 59.48 31.27 -30.87
N VAL D 550 58.30 31.90 -30.70
CA VAL D 550 57.22 31.83 -31.68
C VAL D 550 57.56 32.59 -32.95
N THR D 551 58.54 33.50 -32.86
CA THR D 551 59.03 34.22 -34.03
C THR D 551 59.81 33.31 -34.97
N TYR D 552 60.64 32.42 -34.40
CA TYR D 552 61.66 31.74 -35.18
C TYR D 552 61.43 30.23 -35.29
N SER D 553 60.39 29.71 -34.63
CA SER D 553 60.11 28.28 -34.69
C SER D 553 58.61 28.03 -34.67
N SER D 554 58.12 27.18 -35.58
CA SER D 554 56.71 26.82 -35.59
C SER D 554 56.48 25.45 -34.94
N ASN D 555 57.35 25.07 -34.00
CA ASN D 555 57.15 23.84 -33.27
C ASN D 555 57.75 23.98 -31.87
N VAL D 556 57.07 24.80 -31.07
CA VAL D 556 57.56 25.20 -29.77
C VAL D 556 56.80 24.42 -28.72
N VAL D 557 57.56 23.77 -27.83
CA VAL D 557 57.01 22.99 -26.75
C VAL D 557 57.42 23.66 -25.47
N VAL D 558 56.42 24.10 -24.72
CA VAL D 558 56.67 24.92 -23.56
C VAL D 558 56.55 24.01 -22.37
N VAL D 559 57.44 24.21 -21.40
CA VAL D 559 57.35 23.48 -20.16
C VAL D 559 57.58 24.46 -19.04
N ILE D 560 56.66 24.46 -18.08
CA ILE D 560 56.61 25.48 -17.06
C ILE D 560 56.85 24.83 -15.71
N HIS D 561 57.83 25.33 -14.97
CA HIS D 561 57.97 25.00 -13.54
C HIS D 561 57.47 26.22 -12.79
N THR D 562 56.60 26.04 -11.79
CA THR D 562 55.91 27.17 -11.19
C THR D 562 55.38 26.85 -9.80
N THR D 563 55.16 27.88 -8.97
CA THR D 563 54.47 27.70 -7.70
C THR D 563 52.95 27.87 -7.85
N GLY D 564 52.49 28.18 -9.07
CA GLY D 564 51.09 28.49 -9.28
C GLY D 564 50.79 28.92 -10.73
N VAL D 565 49.61 29.49 -10.93
CA VAL D 565 49.11 29.80 -12.26
C VAL D 565 49.92 30.96 -12.84
N VAL D 566 50.07 30.95 -14.16
CA VAL D 566 50.79 32.00 -14.86
C VAL D 566 50.05 32.30 -16.17
N ASP D 567 50.38 33.45 -16.77
CA ASP D 567 49.66 34.03 -17.88
C ASP D 567 50.33 33.62 -19.19
N ILE D 568 49.71 32.75 -19.97
CA ILE D 568 50.33 32.42 -21.25
C ILE D 568 49.44 32.91 -22.39
N GLU D 569 48.59 33.91 -22.09
CA GLU D 569 47.52 34.29 -22.99
C GLU D 569 48.08 34.68 -24.34
N LYS D 570 49.26 35.32 -24.32
CA LYS D 570 49.82 35.90 -25.53
C LYS D 570 50.30 34.84 -26.53
N TRP D 571 50.49 33.58 -26.09
CA TRP D 571 51.05 32.54 -26.94
C TRP D 571 50.20 31.26 -26.95
N ALA D 572 49.45 31.00 -25.85
CA ALA D 572 48.69 29.77 -25.68
C ALA D 572 48.01 29.32 -26.98
N ASP D 573 47.35 30.24 -27.68
CA ASP D 573 46.67 29.93 -28.94
C ASP D 573 47.52 30.25 -30.17
N ASN D 574 48.79 30.55 -29.99
CA ASN D 574 49.68 30.62 -31.13
C ASN D 574 49.85 29.21 -31.70
N PRO D 575 49.62 28.95 -33.01
CA PRO D 575 49.93 27.63 -33.60
C PRO D 575 51.41 27.20 -33.63
N ASN D 576 52.35 28.16 -33.52
CA ASN D 576 53.76 27.81 -33.43
C ASN D 576 54.01 27.15 -32.07
N VAL D 577 53.16 27.45 -31.07
CA VAL D 577 53.19 26.69 -29.84
C VAL D 577 52.32 25.44 -30.00
N THR D 578 53.03 24.30 -30.17
CA THR D 578 52.40 23.01 -30.43
C THR D 578 52.03 22.28 -29.15
N ALA D 579 52.74 22.53 -28.03
CA ALA D 579 52.36 21.89 -26.80
C ALA D 579 52.86 22.66 -25.60
N ILE D 580 52.20 22.38 -24.48
CA ILE D 580 52.40 23.12 -23.26
C ILE D 580 52.19 22.15 -22.11
N LEU D 581 53.11 22.16 -21.14
CA LEU D 581 53.04 21.27 -20.01
C LEU D 581 53.50 22.01 -18.77
N VAL D 582 52.93 21.69 -17.64
CA VAL D 582 53.33 22.34 -16.41
C VAL D 582 53.78 21.23 -15.48
N ALA D 583 55.03 21.29 -15.03
CA ALA D 583 55.64 20.22 -14.27
C ALA D 583 55.78 20.64 -12.81
N TYR D 584 55.14 21.76 -12.46
CA TYR D 584 55.00 22.19 -11.07
C TYR D 584 56.38 22.34 -10.47
N LEU D 585 56.60 21.80 -9.25
CA LEU D 585 57.89 21.82 -8.56
C LEU D 585 58.41 20.39 -8.35
N PRO D 586 59.13 19.81 -9.35
CA PRO D 586 59.42 18.36 -9.37
C PRO D 586 60.53 17.85 -8.47
N GLY D 587 61.16 18.71 -7.67
CA GLY D 587 62.28 18.30 -6.84
C GLY D 587 63.53 17.98 -7.67
N GLN D 588 64.49 17.29 -7.04
CA GLN D 588 65.81 17.11 -7.64
C GLN D 588 65.76 16.39 -8.99
N GLU D 589 64.74 15.54 -9.22
CA GLU D 589 64.76 14.67 -10.40
C GLU D 589 63.94 15.29 -11.53
N ALA D 590 64.19 16.57 -11.78
CA ALA D 590 63.31 17.38 -12.61
C ALA D 590 63.37 16.95 -14.07
N GLY D 591 64.60 16.76 -14.57
CA GLY D 591 64.83 16.49 -15.99
C GLY D 591 64.44 15.07 -16.41
N ASN D 592 64.75 14.08 -15.56
CA ASN D 592 64.62 12.67 -15.92
C ASN D 592 63.18 12.21 -15.67
N SER D 593 62.44 12.94 -14.81
CA SER D 593 61.00 12.74 -14.66
C SER D 593 60.23 13.16 -15.91
N LEU D 594 60.72 14.16 -16.65
CA LEU D 594 59.98 14.84 -17.70
C LEU D 594 60.24 14.24 -19.09
N VAL D 595 61.50 13.92 -19.41
CA VAL D 595 61.84 13.54 -20.76
C VAL D 595 61.16 12.23 -21.18
N PRO D 596 61.01 11.22 -20.27
CA PRO D 596 60.26 10.01 -20.64
C PRO D 596 58.86 10.36 -21.12
N VAL D 597 58.27 11.45 -20.59
CA VAL D 597 56.92 11.86 -20.97
C VAL D 597 56.96 12.48 -22.36
N LEU D 598 57.97 13.34 -22.65
CA LEU D 598 58.01 14.10 -23.89
C LEU D 598 58.29 13.16 -25.06
N TYR D 599 59.07 12.11 -24.79
CA TYR D 599 59.48 11.16 -25.81
C TYR D 599 58.53 9.94 -25.85
N GLY D 600 57.58 9.88 -24.90
CA GLY D 600 56.44 8.98 -24.99
C GLY D 600 56.73 7.59 -24.41
N ASP D 601 57.74 7.50 -23.54
CA ASP D 601 58.00 6.29 -22.79
C ASP D 601 56.86 6.02 -21.82
N VAL D 602 56.18 7.06 -21.39
CA VAL D 602 55.00 6.94 -20.54
C VAL D 602 54.15 8.18 -20.78
N ALA D 603 52.87 7.95 -21.10
CA ALA D 603 51.93 9.03 -21.40
C ALA D 603 51.72 9.91 -20.17
N PRO D 604 51.52 11.23 -20.37
CA PRO D 604 51.24 12.13 -19.25
C PRO D 604 49.90 11.77 -18.62
N SER D 605 49.83 11.85 -17.29
CA SER D 605 48.62 11.49 -16.57
CA SER D 605 48.62 11.49 -16.57
C SER D 605 48.32 12.48 -15.43
N GLY D 606 49.14 13.52 -15.27
CA GLY D 606 48.84 14.53 -14.26
C GLY D 606 47.65 15.41 -14.64
N LYS D 607 46.97 15.96 -13.64
CA LYS D 607 45.86 16.89 -13.87
C LYS D 607 45.91 18.04 -12.86
N LEU D 608 45.44 19.22 -13.33
CA LEU D 608 45.53 20.48 -12.57
C LEU D 608 44.84 20.35 -11.22
N PRO D 609 45.51 20.70 -10.10
CA PRO D 609 44.89 20.70 -8.77
C PRO D 609 44.28 22.06 -8.39
N TRP D 610 44.14 22.90 -9.42
CA TRP D 610 43.45 24.19 -9.32
C TRP D 610 43.03 24.67 -10.71
N THR D 611 42.28 25.79 -10.73
CA THR D 611 41.75 26.37 -11.96
C THR D 611 42.78 27.32 -12.58
N TRP D 612 42.79 27.33 -13.92
CA TRP D 612 43.70 28.17 -14.67
C TRP D 612 42.88 29.21 -15.42
N GLY D 613 42.65 30.35 -14.73
CA GLY D 613 41.94 31.47 -15.33
C GLY D 613 42.74 32.15 -16.44
N LYS D 614 42.04 32.59 -17.49
CA LYS D 614 42.62 33.43 -18.52
C LYS D 614 43.16 34.74 -17.92
N SER D 615 42.51 35.24 -16.87
CA SER D 615 42.94 36.45 -16.19
C SER D 615 42.78 36.28 -14.69
N ILE D 616 43.56 37.05 -13.92
CA ILE D 616 43.46 37.14 -12.46
C ILE D 616 42.18 37.88 -12.07
N ASP D 617 41.55 38.55 -13.05
CA ASP D 617 40.27 39.19 -12.79
C ASP D 617 39.18 38.14 -12.55
N ASP D 618 39.36 36.90 -13.07
CA ASP D 618 38.30 35.90 -13.09
C ASP D 618 38.16 35.16 -11.76
N TYR D 619 39.05 35.40 -10.80
CA TYR D 619 39.04 34.60 -9.57
C TYR D 619 38.14 35.26 -8.54
N VAL D 620 38.24 34.80 -7.29
CA VAL D 620 37.55 35.42 -6.16
C VAL D 620 38.03 36.86 -5.99
N PRO D 621 37.13 37.86 -5.76
CA PRO D 621 37.54 39.25 -5.55
C PRO D 621 38.17 39.42 -4.15
N ASN D 622 39.06 40.41 -4.07
CA ASN D 622 39.82 40.70 -2.85
C ASN D 622 40.65 39.49 -2.49
N GLY D 623 41.22 38.83 -3.52
CA GLY D 623 42.25 37.83 -3.38
C GLY D 623 43.32 38.27 -2.39
N VAL D 624 43.93 39.44 -2.63
CA VAL D 624 44.95 40.00 -1.75
C VAL D 624 44.57 41.40 -1.28
N VAL D 625 44.49 41.59 0.05
CA VAL D 625 44.23 42.90 0.63
C VAL D 625 45.54 43.66 0.79
N TYR D 626 45.70 44.68 -0.05
CA TYR D 626 46.77 45.65 0.12
C TYR D 626 46.20 46.89 0.80
N THR D 627 46.57 47.10 2.08
CA THR D 627 46.09 48.24 2.85
C THR D 627 47.01 48.59 4.02
N ASP D 628 46.85 49.83 4.50
CA ASP D 628 47.70 50.44 5.51
C ASP D 628 47.12 50.36 6.92
N ALA D 629 45.79 50.15 7.01
CA ALA D 629 45.10 50.24 8.29
C ALA D 629 45.76 49.38 9.34
N TYR D 630 45.80 49.89 10.58
CA TYR D 630 46.42 49.19 11.69
C TYR D 630 45.73 47.85 11.95
N SER D 631 44.44 47.76 11.59
CA SER D 631 43.69 46.52 11.66
C SER D 631 43.13 46.18 10.28
N PRO D 632 43.93 45.52 9.39
CA PRO D 632 43.47 45.23 8.03
C PRO D 632 42.46 44.07 8.13
N GLN D 633 41.54 44.02 7.16
CA GLN D 633 40.42 43.09 7.20
C GLN D 633 40.31 42.38 5.85
N SER D 634 40.06 41.05 5.91
CA SER D 634 39.66 40.26 4.74
C SER D 634 38.35 39.56 5.05
N ASN D 635 37.37 39.80 4.17
CA ASN D 635 36.00 39.37 4.39
C ASN D 635 35.66 38.19 3.49
N PHE D 636 35.37 37.03 4.09
CA PHE D 636 35.24 35.80 3.31
C PHE D 636 33.79 35.63 2.85
N THR D 637 33.37 36.56 1.96
CA THR D 637 31.99 36.72 1.57
C THR D 637 31.73 36.05 0.23
N GLU D 638 32.80 35.55 -0.43
CA GLU D 638 32.62 34.53 -1.45
C GLU D 638 32.16 33.24 -0.76
N GLY D 639 32.22 33.19 0.58
CA GLY D 639 31.81 32.02 1.33
C GLY D 639 32.69 30.82 0.97
N VAL D 640 32.03 29.75 0.50
CA VAL D 640 32.72 28.53 0.14
C VAL D 640 33.11 28.56 -1.33
N PHE D 641 32.84 29.65 -2.07
CA PHE D 641 33.00 29.61 -3.52
C PHE D 641 34.40 30.05 -3.96
N ILE D 642 35.41 29.22 -3.65
CA ILE D 642 36.79 29.43 -4.08
C ILE D 642 37.14 28.50 -5.25
N ASP D 643 38.09 28.95 -6.07
CA ASP D 643 38.62 28.23 -7.22
C ASP D 643 37.50 27.90 -8.20
N TYR D 644 37.32 26.61 -8.54
CA TYR D 644 36.44 26.19 -9.61
C TYR D 644 34.99 26.42 -9.19
N ARG D 645 34.71 26.44 -7.87
CA ARG D 645 33.38 26.73 -7.36
C ARG D 645 32.96 28.15 -7.75
N TRP D 646 33.85 29.12 -7.48
CA TRP D 646 33.69 30.47 -8.02
C TRP D 646 33.39 30.40 -9.52
N PHE D 647 34.30 29.84 -10.32
CA PHE D 647 34.17 29.95 -11.76
C PHE D 647 32.89 29.29 -12.26
N ASP D 648 32.54 28.13 -11.66
CA ASP D 648 31.33 27.39 -12.01
C ASP D 648 30.11 28.27 -11.72
N LYS D 649 30.04 28.80 -10.49
CA LYS D 649 28.84 29.45 -10.00
C LYS D 649 28.65 30.83 -10.64
N MET D 650 29.67 31.35 -11.35
CA MET D 650 29.61 32.66 -11.99
C MET D 650 29.68 32.59 -13.51
N GLY D 651 29.72 31.40 -14.12
CA GLY D 651 29.63 31.29 -15.56
C GLY D 651 30.91 31.66 -16.32
N ILE D 652 32.07 31.55 -15.65
CA ILE D 652 33.37 31.93 -16.23
C ILE D 652 34.11 30.69 -16.72
N THR D 653 34.44 30.69 -18.01
CA THR D 653 35.15 29.59 -18.65
C THR D 653 36.66 29.74 -18.45
N PRO D 654 37.32 29.01 -17.52
CA PRO D 654 38.75 29.18 -17.29
C PRO D 654 39.51 28.72 -18.53
N ARG D 655 40.81 28.99 -18.55
CA ARG D 655 41.67 28.51 -19.63
C ARG D 655 41.66 26.99 -19.61
N TYR D 656 41.94 26.46 -18.42
CA TYR D 656 42.04 25.04 -18.15
C TYR D 656 41.37 24.84 -16.79
N GLU D 657 40.34 23.95 -16.77
CA GLU D 657 39.51 23.71 -15.60
C GLU D 657 40.32 22.97 -14.56
N PHE D 658 39.85 22.97 -13.31
CA PHE D 658 40.42 22.12 -12.27
C PHE D 658 40.13 20.66 -12.64
N GLY D 659 41.16 19.80 -12.44
CA GLY D 659 41.15 18.39 -12.80
C GLY D 659 41.25 18.17 -14.31
N PHE D 660 41.87 19.10 -15.04
CA PHE D 660 42.14 18.92 -16.46
C PHE D 660 43.61 18.58 -16.66
N GLY D 661 43.86 17.84 -17.75
CA GLY D 661 45.16 17.29 -18.12
C GLY D 661 44.98 16.28 -19.25
N LEU D 662 45.67 16.50 -20.37
CA LEU D 662 45.61 15.58 -21.50
C LEU D 662 46.51 14.36 -21.26
N SER D 663 46.21 13.31 -22.05
CA SER D 663 47.03 12.12 -22.23
C SER D 663 47.40 12.05 -23.71
N TYR D 664 48.06 10.96 -24.13
CA TYR D 664 48.33 10.70 -25.53
C TYR D 664 47.29 9.73 -26.10
N THR D 665 46.28 9.40 -25.29
CA THR D 665 45.15 8.59 -25.72
C THR D 665 43.88 9.23 -25.15
N THR D 666 42.72 8.64 -25.44
CA THR D 666 41.45 9.20 -24.99
C THR D 666 40.70 8.14 -24.19
N PHE D 667 39.77 8.62 -23.38
CA PHE D 667 39.06 7.77 -22.45
C PHE D 667 37.57 8.04 -22.61
N THR D 668 36.80 6.98 -22.91
CA THR D 668 35.36 7.07 -23.02
C THR D 668 34.75 6.51 -21.75
N TYR D 669 33.81 7.26 -21.15
CA TYR D 669 33.19 6.86 -19.89
C TYR D 669 31.84 6.19 -20.18
N SER D 670 31.41 5.29 -19.28
CA SER D 670 30.17 4.53 -19.45
C SER D 670 29.76 3.87 -18.14
N ASN D 671 28.49 3.47 -18.13
CA ASN D 671 27.90 2.58 -17.14
C ASN D 671 28.03 3.10 -15.71
N LEU D 672 27.38 4.24 -15.40
CA LEU D 672 27.37 4.83 -14.07
C LEU D 672 26.48 3.98 -13.17
N ILE D 673 26.89 3.76 -11.92
CA ILE D 673 26.17 2.87 -11.03
C ILE D 673 26.30 3.40 -9.61
N VAL D 674 25.17 3.50 -8.92
CA VAL D 674 25.12 3.98 -7.55
C VAL D 674 24.63 2.83 -6.69
N ASP D 675 25.55 2.20 -5.95
CA ASP D 675 25.25 1.00 -5.22
C ASP D 675 24.99 1.38 -3.77
N HIS D 676 23.71 1.45 -3.39
CA HIS D 676 23.33 1.76 -2.02
C HIS D 676 23.56 0.57 -1.09
N GLY D 677 23.74 -0.63 -1.64
CA GLY D 677 24.04 -1.79 -0.80
C GLY D 677 25.47 -1.80 -0.31
N ARG D 678 26.32 -1.11 -1.08
CA ARG D 678 27.78 -1.04 -0.80
C ARG D 678 28.05 0.05 0.24
N TRP D 679 27.94 -0.29 1.51
CA TRP D 679 28.22 0.65 2.58
C TRP D 679 29.07 -0.04 3.63
N ALA D 680 29.59 0.76 4.57
CA ALA D 680 30.56 0.25 5.55
C ALA D 680 30.69 1.20 6.73
N LYS D 681 30.69 0.65 7.96
CA LYS D 681 31.03 1.45 9.12
C LYS D 681 32.48 1.90 8.92
N ASP D 682 32.84 3.02 9.54
CA ASP D 682 34.20 3.50 9.47
C ASP D 682 34.96 3.06 10.73
N TYR D 683 35.99 2.24 10.54
CA TYR D 683 36.73 1.68 11.66
C TYR D 683 38.21 2.02 11.52
N SER D 684 38.56 2.72 10.45
CA SER D 684 39.92 2.71 9.97
C SER D 684 40.66 4.02 10.25
N SER D 685 39.99 5.06 10.81
CA SER D 685 40.67 6.30 11.16
C SER D 685 41.46 6.13 12.47
N VAL D 686 42.56 6.87 12.57
CA VAL D 686 43.45 6.76 13.73
C VAL D 686 42.81 7.47 14.92
N MET D 687 42.30 8.68 14.66
CA MET D 687 41.60 9.45 15.67
C MET D 687 40.21 9.86 15.17
N GLU D 688 39.25 9.93 16.11
CA GLU D 688 37.87 10.32 15.84
C GLU D 688 37.62 11.77 16.26
N THR D 689 36.88 12.51 15.43
CA THR D 689 36.42 13.84 15.77
C THR D 689 35.21 13.71 16.72
N ALA D 690 34.60 14.84 17.11
CA ALA D 690 33.33 14.80 17.83
C ALA D 690 32.31 15.65 17.10
N GLU D 691 32.45 15.71 15.77
CA GLU D 691 31.63 16.59 14.93
C GLU D 691 30.18 16.14 14.99
N PRO D 692 29.24 17.02 15.37
CA PRO D 692 27.83 16.64 15.50
C PRO D 692 27.21 16.49 14.12
N PHE D 693 26.28 15.53 14.02
CA PHE D 693 25.48 15.36 12.81
C PHE D 693 24.12 14.81 13.22
N ALA D 694 23.13 15.12 12.38
CA ALA D 694 21.73 14.91 12.72
C ALA D 694 21.41 13.43 12.90
N GLU D 695 22.06 12.55 12.12
CA GLU D 695 21.66 11.15 12.06
C GLU D 695 22.39 10.33 13.11
N TRP D 696 23.17 10.99 13.96
CA TRP D 696 23.89 10.28 15.00
C TRP D 696 22.95 9.43 15.83
N ASP D 697 23.14 8.11 15.82
CA ASP D 697 22.30 7.21 16.60
C ASP D 697 23.08 6.61 17.78
N GLY D 698 24.35 6.99 17.94
CA GLY D 698 25.14 6.49 19.05
C GLY D 698 26.12 5.38 18.65
N THR D 699 25.90 4.74 17.50
CA THR D 699 26.78 3.71 16.98
C THR D 699 27.52 4.14 15.71
N ASN D 700 26.88 4.99 14.90
CA ASN D 700 27.35 5.33 13.57
C ASN D 700 28.27 6.56 13.62
N SER D 701 28.57 7.10 12.42
CA SER D 701 29.61 8.10 12.27
C SER D 701 29.43 8.89 10.97
N LEU D 702 30.02 10.09 10.99
CA LEU D 702 29.92 11.05 9.91
C LEU D 702 30.77 10.59 8.73
N TYR D 703 31.70 9.66 9.01
CA TYR D 703 32.62 9.16 8.00
C TYR D 703 32.32 7.71 7.62
N ASP D 704 31.30 7.05 8.20
CA ASP D 704 30.75 5.84 7.63
C ASP D 704 30.49 6.06 6.13
N VAL D 705 30.70 5.04 5.30
CA VAL D 705 30.35 5.19 3.88
C VAL D 705 28.97 4.58 3.66
N ILE D 706 28.16 5.30 2.89
CA ILE D 706 26.73 5.04 2.85
C ILE D 706 26.37 4.54 1.47
N PHE D 707 27.12 4.91 0.46
CA PHE D 707 27.06 4.21 -0.81
C PHE D 707 28.40 4.32 -1.51
N THR D 708 28.51 3.69 -2.68
CA THR D 708 29.74 3.69 -3.45
C THR D 708 29.27 3.88 -4.87
N VAL D 709 30.01 4.60 -5.72
CA VAL D 709 29.58 4.62 -7.12
C VAL D 709 30.72 4.12 -8.02
N PHE D 710 30.32 3.67 -9.19
CA PHE D 710 31.21 3.03 -10.12
C PHE D 710 30.91 3.55 -11.52
N ALA D 711 31.94 3.60 -12.35
CA ALA D 711 31.75 3.78 -13.77
C ALA D 711 32.83 2.95 -14.49
N THR D 712 32.75 2.94 -15.81
CA THR D 712 33.73 2.26 -16.63
C THR D 712 34.44 3.25 -17.54
N ILE D 713 35.77 3.10 -17.68
CA ILE D 713 36.51 3.85 -18.67
C ILE D 713 37.03 2.91 -19.74
N THR D 714 37.01 3.34 -20.99
CA THR D 714 37.58 2.52 -22.03
C THR D 714 38.59 3.34 -22.81
N ASN D 715 39.73 2.73 -23.13
CA ASN D 715 40.79 3.43 -23.82
C ASN D 715 40.49 3.42 -25.31
N THR D 716 40.02 4.56 -25.81
CA THR D 716 39.46 4.64 -27.14
C THR D 716 40.46 5.26 -28.10
N GLY D 717 41.69 5.53 -27.61
CA GLY D 717 42.76 6.07 -28.43
C GLY D 717 43.67 4.97 -28.97
N ASN D 718 44.98 5.24 -29.09
CA ASN D 718 45.91 4.30 -29.71
C ASN D 718 47.20 4.13 -28.93
N LEU D 719 47.22 4.53 -27.67
CA LEU D 719 48.40 4.34 -26.86
C LEU D 719 47.95 4.03 -25.44
N THR D 720 48.76 3.27 -24.70
CA THR D 720 48.48 3.02 -23.30
C THR D 720 48.45 4.38 -22.62
N GLY D 721 47.56 4.58 -21.65
CA GLY D 721 47.56 5.78 -20.84
C GLY D 721 46.97 5.53 -19.46
N SER D 722 47.40 6.29 -18.46
CA SER D 722 46.65 6.41 -17.22
C SER D 722 45.57 7.49 -17.32
N GLU D 723 44.56 7.39 -16.45
CA GLU D 723 43.40 8.27 -16.46
C GLU D 723 42.95 8.51 -15.01
N VAL D 724 42.82 9.79 -14.63
CA VAL D 724 42.26 10.17 -13.36
C VAL D 724 40.78 10.46 -13.53
N ALA D 725 39.92 9.55 -13.04
CA ALA D 725 38.49 9.77 -13.10
C ALA D 725 38.09 10.51 -11.84
N GLN D 726 37.18 11.48 -12.02
CA GLN D 726 36.70 12.36 -10.96
C GLN D 726 35.19 12.16 -10.79
N LEU D 727 34.73 12.23 -9.53
CA LEU D 727 33.30 12.30 -9.25
C LEU D 727 32.94 13.56 -8.46
N TYR D 728 31.87 14.24 -8.92
CA TYR D 728 31.35 15.45 -8.29
C TYR D 728 29.87 15.24 -7.94
N ILE D 729 29.49 15.75 -6.76
CA ILE D 729 28.12 15.80 -6.29
C ILE D 729 27.66 17.26 -6.29
N SER D 730 26.48 17.53 -6.87
CA SER D 730 25.71 18.74 -6.58
C SER D 730 24.86 18.52 -5.35
N ILE D 731 25.33 18.92 -4.16
CA ILE D 731 24.49 18.89 -2.98
C ILE D 731 23.42 19.97 -3.15
N PRO D 732 22.14 19.68 -2.81
CA PRO D 732 21.06 20.65 -3.00
C PRO D 732 20.93 21.60 -1.82
N GLY D 733 20.17 22.69 -2.03
CA GLY D 733 19.95 23.71 -1.01
C GLY D 733 20.31 25.10 -1.52
N ASP D 734 20.29 26.07 -0.61
CA ASP D 734 20.37 27.49 -0.94
C ASP D 734 21.82 27.90 -1.17
N ASN D 735 22.11 28.45 -2.37
CA ASN D 735 23.39 29.09 -2.63
C ASN D 735 24.51 28.08 -2.39
N GLN D 736 24.38 26.90 -3.00
CA GLN D 736 25.23 25.75 -2.71
C GLN D 736 26.04 25.55 -3.98
N PRO D 737 27.37 25.22 -3.92
CA PRO D 737 28.19 25.15 -5.15
C PRO D 737 27.56 24.34 -6.29
N VAL D 738 27.88 24.65 -7.55
CA VAL D 738 27.29 23.94 -8.68
C VAL D 738 27.63 22.46 -8.58
N ARG D 739 28.91 22.17 -8.28
CA ARG D 739 29.42 20.82 -8.09
C ARG D 739 30.61 20.85 -7.14
N GLN D 740 30.74 19.80 -6.31
CA GLN D 740 31.84 19.65 -5.38
C GLN D 740 32.52 18.28 -5.58
N LEU D 741 33.85 18.27 -5.72
CA LEU D 741 34.57 17.02 -5.93
C LEU D 741 34.35 16.12 -4.72
N ARG D 742 33.94 14.87 -5.00
CA ARG D 742 33.68 13.93 -3.91
C ARG D 742 34.35 12.56 -4.16
N GLY D 743 35.23 12.48 -5.16
CA GLY D 743 36.04 11.29 -5.35
C GLY D 743 36.95 11.40 -6.57
N PHE D 744 38.06 10.65 -6.52
CA PHE D 744 38.94 10.48 -7.67
C PHE D 744 39.61 9.10 -7.65
N ASP D 745 39.93 8.60 -8.83
CA ASP D 745 40.48 7.25 -8.95
C ASP D 745 41.30 7.17 -10.23
N LYS D 746 42.60 6.92 -10.06
CA LYS D 746 43.53 6.89 -11.19
C LYS D 746 43.75 5.45 -11.67
N ILE D 747 43.24 5.11 -12.85
CA ILE D 747 43.55 3.84 -13.48
C ILE D 747 44.91 3.95 -14.18
N LYS D 748 45.80 2.98 -13.90
CA LYS D 748 47.17 3.00 -14.39
C LYS D 748 47.34 2.16 -15.66
N ASP D 749 47.85 2.76 -16.75
CA ASP D 749 48.39 2.06 -17.90
C ASP D 749 47.34 1.14 -18.51
N LEU D 750 46.22 1.75 -18.89
CA LEU D 750 45.11 1.03 -19.46
C LEU D 750 45.46 0.81 -20.92
N PRO D 751 45.62 -0.46 -21.37
CA PRO D 751 45.93 -0.73 -22.77
C PRO D 751 44.81 -0.26 -23.71
N VAL D 752 45.19 0.00 -24.95
CA VAL D 752 44.23 0.30 -25.99
C VAL D 752 43.12 -0.73 -25.87
N GLY D 753 41.87 -0.29 -25.99
CA GLY D 753 40.77 -1.22 -26.22
C GLY D 753 40.23 -1.80 -24.92
N ASP D 754 41.01 -1.74 -23.84
CA ASP D 754 40.62 -2.34 -22.58
C ASP D 754 39.78 -1.36 -21.79
N SER D 755 39.04 -1.90 -20.81
CA SER D 755 38.20 -1.12 -19.92
C SER D 755 38.60 -1.39 -18.49
N ALA D 756 38.28 -0.48 -17.57
CA ALA D 756 38.48 -0.74 -16.17
C ALA D 756 37.38 -0.05 -15.39
N VAL D 757 37.09 -0.61 -14.22
CA VAL D 757 36.06 -0.05 -13.38
C VAL D 757 36.74 0.96 -12.48
N VAL D 758 36.04 2.07 -12.23
CA VAL D 758 36.52 3.10 -11.36
C VAL D 758 35.52 3.20 -10.21
N THR D 759 36.02 3.34 -8.98
CA THR D 759 35.15 3.20 -7.80
C THR D 759 35.38 4.34 -6.80
N PHE D 760 34.27 4.78 -6.18
CA PHE D 760 34.21 6.05 -5.47
C PHE D 760 33.33 5.87 -4.24
N PRO D 761 33.88 5.52 -3.08
CA PRO D 761 33.08 5.43 -1.86
C PRO D 761 32.65 6.83 -1.46
N ILE D 762 31.37 6.97 -1.08
CA ILE D 762 30.78 8.24 -0.66
C ILE D 762 30.43 8.15 0.81
N ARG D 763 31.03 9.00 1.65
CA ARG D 763 30.71 9.00 3.07
C ARG D 763 29.54 9.95 3.31
N ARG D 764 28.98 9.85 4.52
CA ARG D 764 27.87 10.68 4.94
C ARG D 764 28.26 12.16 4.81
N LYS D 765 29.39 12.53 5.42
CA LYS D 765 29.85 13.91 5.38
C LYS D 765 29.94 14.41 3.94
N ASP D 766 30.32 13.51 3.04
CA ASP D 766 30.54 13.85 1.64
C ASP D 766 29.26 14.34 0.97
N VAL D 767 28.15 14.18 1.70
CA VAL D 767 26.86 14.40 1.10
C VAL D 767 26.07 15.36 1.99
N SER D 768 26.74 15.83 3.05
CA SER D 768 26.13 16.62 4.11
C SER D 768 26.35 18.14 3.90
N SER D 769 25.63 18.91 4.73
CA SER D 769 25.76 20.36 4.83
C SER D 769 25.88 20.70 6.30
N TRP D 770 26.38 21.91 6.60
CA TRP D 770 26.44 22.41 7.97
C TRP D 770 25.23 23.31 8.28
N SER D 771 24.55 23.02 9.39
CA SER D 771 23.38 23.79 9.81
C SER D 771 23.84 24.82 10.83
N VAL D 772 24.04 26.05 10.32
CA VAL D 772 24.37 27.16 11.18
C VAL D 772 23.41 27.12 12.36
N VAL D 773 22.11 27.07 12.05
CA VAL D 773 21.07 27.21 13.05
C VAL D 773 21.22 26.13 14.12
N ASP D 774 21.27 24.84 13.72
CA ASP D 774 21.35 23.74 14.67
C ASP D 774 22.78 23.39 15.07
N GLN D 775 23.79 23.94 14.37
CA GLN D 775 25.17 23.69 14.77
C GLN D 775 25.49 22.19 14.66
N LEU D 776 25.23 21.61 13.47
CA LEU D 776 25.55 20.23 13.18
C LEU D 776 25.45 19.95 11.69
N TRP D 777 26.09 18.84 11.29
CA TRP D 777 26.09 18.33 9.93
C TRP D 777 24.79 17.57 9.67
N TYR D 778 24.26 17.68 8.44
CA TYR D 778 22.98 17.08 8.11
C TYR D 778 22.98 16.82 6.61
N VAL D 779 22.26 15.77 6.20
CA VAL D 779 22.07 15.52 4.78
C VAL D 779 20.84 16.30 4.32
N PRO D 780 20.96 17.27 3.39
CA PRO D 780 19.79 18.00 2.90
C PRO D 780 18.80 17.11 2.18
N ASN D 781 17.54 17.55 2.09
CA ASN D 781 16.57 16.96 1.18
C ASN D 781 16.74 17.60 -0.19
N GLY D 782 16.39 16.86 -1.24
CA GLY D 782 16.44 17.40 -2.58
C GLY D 782 17.15 16.42 -3.50
N ASP D 783 17.35 16.83 -4.74
CA ASP D 783 18.06 16.06 -5.74
C ASP D 783 19.57 16.33 -5.60
N PHE D 784 20.37 15.24 -5.61
CA PHE D 784 21.81 15.33 -5.72
C PHE D 784 22.20 14.88 -7.12
N LEU D 785 22.84 15.74 -7.91
CA LEU D 785 23.43 15.27 -9.16
C LEU D 785 24.84 14.77 -8.85
N ILE D 786 25.06 13.49 -9.17
CA ILE D 786 26.34 12.80 -9.16
C ILE D 786 26.84 12.73 -10.59
N SER D 787 28.06 13.24 -10.81
CA SER D 787 28.64 13.33 -12.14
C SER D 787 30.03 12.71 -12.15
N VAL D 788 30.39 12.01 -13.24
CA VAL D 788 31.69 11.39 -13.32
C VAL D 788 32.31 11.69 -14.67
N GLY D 789 33.63 11.97 -14.65
CA GLY D 789 34.38 12.20 -15.88
C GLY D 789 35.83 12.61 -15.64
N GLY D 790 36.48 13.05 -16.73
CA GLY D 790 37.90 13.36 -16.75
C GLY D 790 38.26 14.74 -16.21
N SER D 791 37.29 15.66 -16.04
CA SER D 791 37.57 16.95 -15.40
C SER D 791 36.31 17.53 -14.75
N SER D 792 36.53 18.63 -14.01
CA SER D 792 35.46 19.45 -13.46
C SER D 792 34.46 19.86 -14.53
N ARG D 793 34.83 19.77 -15.82
CA ARG D 793 33.92 20.17 -16.87
C ARG D 793 33.85 19.19 -18.02
N ASP D 794 34.47 18.02 -17.89
CA ASP D 794 34.23 16.93 -18.83
C ASP D 794 33.59 15.84 -17.98
N LEU D 795 32.26 15.75 -18.05
CA LEU D 795 31.51 14.88 -17.17
C LEU D 795 30.43 14.15 -17.96
N PRO D 796 30.80 13.16 -18.81
CA PRO D 796 29.82 12.49 -19.67
C PRO D 796 28.71 11.75 -18.92
N LEU D 797 28.89 11.46 -17.62
CA LEU D 797 27.94 10.61 -16.91
C LEU D 797 27.38 11.35 -15.71
N ASN D 798 26.05 11.35 -15.59
CA ASN D 798 25.39 11.95 -14.45
C ASN D 798 24.21 11.06 -14.07
N THR D 799 23.87 11.06 -12.78
CA THR D 799 22.61 10.51 -12.35
C THR D 799 22.17 11.28 -11.12
N THR D 800 20.88 11.23 -10.80
CA THR D 800 20.33 11.94 -9.67
C THR D 800 20.03 10.96 -8.53
N TRP D 801 20.42 11.31 -7.30
CA TRP D 801 20.04 10.56 -6.11
C TRP D 801 19.16 11.46 -5.25
N THR D 802 18.08 10.89 -4.69
CA THR D 802 17.08 11.65 -3.93
C THR D 802 16.62 10.86 -2.71
N PRO D 803 17.18 11.03 -1.51
CA PRO D 803 16.62 10.37 -0.32
C PRO D 803 15.25 10.95 0.10
C1 NAG E . -16.04 -17.79 -19.15
C2 NAG E . -17.08 -17.52 -20.27
C3 NAG E . -16.86 -16.21 -21.02
C4 NAG E . -16.77 -15.00 -20.11
C5 NAG E . -15.78 -15.32 -19.02
C6 NAG E . -15.78 -14.22 -17.97
C7 NAG E . -18.06 -19.49 -21.40
C8 NAG E . -17.74 -20.62 -22.32
N2 NAG E . -17.14 -18.52 -21.31
O3 NAG E . -17.94 -15.99 -21.93
O4 NAG E . -17.03 -13.84 -20.92
O5 NAG E . -16.12 -16.58 -18.37
O6 NAG E . -17.07 -13.66 -17.81
O7 NAG E . -19.09 -19.47 -20.74
C1 NAG E . -17.86 -12.71 -20.83
C2 NAG E . -17.42 -11.54 -21.73
C3 NAG E . -18.47 -10.42 -21.75
C4 NAG E . -19.91 -10.89 -21.81
C5 NAG E . -20.12 -12.04 -20.83
C6 NAG E . -21.50 -12.66 -20.89
C7 NAG E . -15.00 -11.08 -22.00
C8 NAG E . -13.75 -10.77 -21.24
N2 NAG E . -16.15 -10.96 -21.33
O3 NAG E . -18.20 -9.60 -22.88
O4 NAG E . -20.76 -9.78 -21.48
O5 NAG E . -19.17 -13.07 -21.18
O6 NAG E . -21.67 -13.71 -19.92
O7 NAG E . -14.94 -11.40 -23.18
C1 NAG F . -2.58 -30.82 13.54
C2 NAG F . -3.88 -31.51 13.12
C3 NAG F . -4.55 -32.11 14.35
C4 NAG F . -3.54 -32.87 15.21
C5 NAG F . -2.36 -31.98 15.54
C6 NAG F . -1.30 -32.59 16.41
C7 NAG F . -4.86 -30.55 11.11
C8 NAG F . -5.72 -29.47 10.53
N2 NAG F . -4.72 -30.57 12.43
O3 NAG F . -5.56 -32.98 13.86
O4 NAG F . -4.17 -33.25 16.42
O5 NAG F . -1.75 -31.69 14.27
O6 NAG F . -0.98 -33.88 15.94
O7 NAG F . -4.30 -31.35 10.39
C1 NAG F . -4.43 -34.86 16.30
C2 NAG F . -4.61 -35.38 17.72
C3 NAG F . -4.92 -36.87 17.63
C4 NAG F . -6.18 -37.06 16.79
C5 NAG F . -6.05 -36.36 15.44
C6 NAG F . -7.38 -36.36 14.71
C7 NAG F . -3.36 -34.06 19.34
C8 NAG F . -2.09 -33.94 20.14
N2 NAG F . -3.43 -35.07 18.48
O3 NAG F . -5.05 -37.37 18.97
O4 NAG F . -6.46 -38.41 16.47
O5 NAG F . -5.69 -34.99 15.66
O6 NAG F . -7.30 -35.99 13.35
O7 NAG F . -4.29 -33.26 19.46
C1 BMA F . -6.74 -39.28 17.84
C2 BMA F . -7.73 -40.18 17.12
C3 BMA F . -8.47 -41.12 18.03
C4 BMA F . -7.58 -41.65 19.10
C5 BMA F . -6.99 -40.52 19.85
C6 BMA F . -6.15 -40.96 21.02
O2 BMA F . -7.07 -40.96 16.12
O3 BMA F . -9.00 -42.16 17.24
O4 BMA F . -8.36 -42.35 20.02
O5 BMA F . -6.13 -39.80 19.02
O6 BMA F . -5.51 -39.82 21.55
C1 MAN F . -10.28 -42.44 16.95
C2 MAN F . -10.67 -43.89 16.68
C3 MAN F . -10.20 -44.29 15.29
C4 MAN F . -10.72 -43.33 14.24
C5 MAN F . -10.25 -41.94 14.54
C6 MAN F . -10.86 -40.92 13.58
O2 MAN F . -12.08 -43.98 16.89
O3 MAN F . -10.67 -45.58 14.95
O4 MAN F . -10.24 -43.74 12.98
O5 MAN F . -10.64 -41.58 15.86
O6 MAN F . -12.32 -40.97 13.52
C1 MAN F . -12.79 -45.08 17.38
C2 MAN F . -14.23 -44.84 16.95
C3 MAN F . -14.80 -43.64 17.73
C4 MAN F . -14.80 -43.98 19.21
C5 MAN F . -13.35 -44.25 19.65
C6 MAN F . -13.28 -44.78 21.06
O2 MAN F . -14.95 -46.09 17.08
O3 MAN F . -16.08 -43.21 17.26
O4 MAN F . -15.34 -42.90 19.98
O5 MAN F . -12.69 -45.25 18.80
O6 MAN F . -11.94 -44.82 21.52
C1 MAN G . 6.69 -6.63 11.93
C2 MAN G . 6.98 -5.19 11.52
C3 MAN G . 6.02 -4.69 10.43
C4 MAN G . 5.97 -5.68 9.27
C5 MAN G . 5.61 -7.08 9.78
C6 MAN G . 5.63 -8.12 8.69
O1 MAN G . 5.57 -6.72 12.76
O2 MAN G . 8.33 -5.07 11.11
O3 MAN G . 6.45 -3.41 9.96
O4 MAN G . 4.99 -5.25 8.32
O5 MAN G . 6.57 -7.48 10.79
O6 MAN G . 5.38 -9.43 9.21
C1 BMA G . 6.19 -2.15 9.35
C2 BMA G . 7.38 -1.52 8.64
C3 BMA G . 6.91 -0.51 7.65
C4 BMA G . 5.66 -0.93 6.91
C5 BMA G . 4.68 -1.93 7.60
C6 BMA G . 3.82 -2.70 6.61
O2 BMA G . 8.21 -2.45 7.95
O3 BMA G . 7.96 -0.33 6.68
O4 BMA G . 4.97 0.28 6.73
O5 BMA G . 5.39 -2.87 8.40
O6 BMA G . 4.03 -2.30 5.22
C1 NAG H . -1.83 7.34 8.74
C2 NAG H . -0.96 6.82 9.89
C3 NAG H . 0.29 6.23 9.26
C4 NAG H . -0.09 5.18 8.22
C5 NAG H . -1.06 5.73 7.17
C6 NAG H . -1.58 4.63 6.26
C7 NAG H . -0.27 7.75 12.09
C8 NAG H . 0.34 8.98 12.74
N2 NAG H . -0.64 7.91 10.81
O3 NAG H . 1.16 5.65 10.22
O4 NAG H . 1.14 4.82 7.61
O5 NAG H . -2.21 6.33 7.80
O6 NAG H . -2.40 5.11 5.18
O7 NAG H . -0.42 6.70 12.71
C1 NAG H . 1.34 3.30 7.60
C2 NAG H . 2.55 3.25 6.67
C3 NAG H . 3.06 1.83 6.69
C4 NAG H . 3.36 1.36 8.10
C5 NAG H . 2.17 1.60 9.02
C6 NAG H . 2.47 1.37 10.48
C7 NAG H . 2.91 4.29 4.45
C8 NAG H . 2.44 4.24 3.02
N2 NAG H . 2.17 3.61 5.32
O3 NAG H . 4.22 1.90 5.85
O4 NAG H . 3.63 -0.05 8.16
O5 NAG H . 1.71 2.96 8.92
O6 NAG H . 1.23 1.16 11.15
O7 NAG H . 3.86 4.98 4.81
C1 NAG I . -7.44 -58.58 -52.34
C2 NAG I . -7.20 -59.31 -53.69
C3 NAG I . -8.23 -59.07 -54.79
C4 NAG I . -9.66 -59.16 -54.26
C5 NAG I . -9.79 -58.32 -53.00
C6 NAG I . -11.18 -58.47 -52.40
C7 NAG I . -4.93 -60.01 -54.31
C8 NAG I . -3.59 -59.53 -54.78
N2 NAG I . -5.89 -59.09 -54.28
O3 NAG I . -8.06 -60.05 -55.83
O4 NAG I . -10.67 -59.06 -55.27
O5 NAG I . -8.83 -58.71 -52.00
O6 NAG I . -11.51 -59.85 -52.15
O7 NAG I . -5.13 -61.19 -54.01
C1 NAG I . -11.75 -59.93 -55.51
C2 NAG I . -12.69 -59.39 -56.60
C3 NAG I . -13.78 -60.41 -56.90
C4 NAG I . -13.22 -61.80 -57.15
C5 NAG I . -12.22 -62.21 -56.07
C6 NAG I . -11.47 -63.47 -56.47
C7 NAG I . -12.90 -56.93 -56.50
C8 NAG I . -13.11 -55.84 -55.49
N2 NAG I . -13.29 -58.15 -56.15
O3 NAG I . -14.50 -59.99 -58.05
O4 NAG I . -14.27 -62.76 -57.12
O5 NAG I . -11.22 -61.18 -55.90
O6 NAG I . -10.72 -63.99 -55.39
O7 NAG I . -12.42 -56.68 -57.60
C1 NAG I . -15.03 -63.45 -58.59
C2 NAG I . -15.88 -64.67 -58.89
C3 NAG I . -15.70 -64.94 -60.37
C4 NAG I . -16.26 -63.77 -61.17
C5 NAG I . -15.69 -62.44 -60.71
C6 NAG I . -16.54 -61.28 -61.19
C7 NAG I . -16.51 -66.39 -57.21
C8 NAG I . -16.91 -65.48 -56.09
N2 NAG I . -15.65 -65.87 -58.11
O3 NAG I . -16.33 -66.20 -60.64
O4 NAG I . -15.93 -63.84 -62.56
O5 NAG I . -15.63 -62.35 -59.26
O6 NAG I . -15.74 -60.35 -61.88
O7 NAG I . -16.92 -67.55 -57.30
C1 NAG J . -2.81 -51.94 -15.74
C2 NAG J . -2.00 -53.19 -16.11
C3 NAG J . -1.66 -54.00 -14.86
C4 NAG J . -1.10 -53.05 -13.80
C5 NAG J . -2.11 -51.97 -13.50
C6 NAG J . -1.71 -51.09 -12.37
C7 NAG J . -2.56 -53.76 -18.40
C8 NAG J . -3.45 -54.55 -19.32
N2 NAG J . -2.77 -53.90 -17.10
O3 NAG J . -0.75 -55.05 -15.14
O4 NAG J . -0.92 -53.73 -12.57
O5 NAG J . -2.23 -51.17 -14.69
O6 NAG J . -0.31 -51.01 -12.33
O7 NAG J . -1.67 -53.04 -18.84
C1 NAG J . 0.45 -54.26 -12.24
C2 NAG J . 0.61 -54.70 -10.79
C3 NAG J . 2.07 -55.05 -10.57
C4 NAG J . 2.40 -56.19 -11.53
C5 NAG J . 2.14 -55.75 -12.96
C6 NAG J . 2.41 -56.84 -13.96
C7 NAG J . -1.15 -53.72 -9.41
C8 NAG J . -1.64 -52.42 -8.85
N2 NAG J . 0.11 -53.74 -9.83
O3 NAG J . 2.27 -55.40 -9.21
O4 NAG J . 3.77 -56.54 -11.46
O5 NAG J . 0.75 -55.37 -13.06
O6 NAG J . 2.59 -56.26 -15.23
O7 NAG J . -1.87 -54.72 -9.48
O3 AH2 J . 7.31 -59.35 -10.46
C4 AH2 J . 6.46 -58.03 -8.72
C5 AH2 J . 5.17 -57.41 -8.23
O4 AH2 J . 6.92 -59.05 -7.85
C6 AH2 J . 5.20 -56.87 -6.84
O5 AH2 J . 4.90 -56.30 -9.06
O6 AH2 J . 3.87 -56.60 -6.43
C3 AH2 J . 6.15 -58.66 -10.04
C2 AH2 J . 5.63 -57.61 -11.05
O2 AH2 J . 6.62 -56.83 -11.71
C1 AH2 J . 4.68 -56.61 -10.43
C1 BMA J . 8.00 -59.90 -11.34
C2 BMA J . 9.39 -60.50 -11.35
C3 BMA J . 10.03 -59.98 -12.61
C4 BMA J . 9.19 -60.40 -13.83
C5 BMA J . 7.72 -59.96 -13.69
C6 BMA J . 6.79 -60.48 -14.76
O2 BMA J . 9.26 -61.92 -11.26
O3 BMA J . 11.37 -60.46 -12.69
O4 BMA J . 9.75 -59.79 -14.98
O5 BMA J . 7.25 -60.44 -12.43
O6 BMA J . 6.91 -61.89 -14.95
C1 MAN J . 10.30 -62.78 -10.86
C2 MAN J . 10.16 -64.03 -11.75
C3 MAN J . 8.95 -64.84 -11.29
C4 MAN J . 9.09 -65.19 -9.80
C5 MAN J . 9.21 -63.94 -8.98
C6 MAN J . 9.48 -64.26 -7.53
O2 MAN J . 11.40 -64.79 -11.79
O3 MAN J . 8.80 -66.00 -12.10
O4 MAN J . 7.97 -65.88 -9.33
O5 MAN J . 10.31 -63.12 -9.45
O6 MAN J . 9.81 -63.09 -6.81
C1 NAG K . -38.79 -49.69 -29.17
C2 NAG K . -38.61 -48.98 -27.82
C3 NAG K . -37.83 -47.68 -27.99
C4 NAG K . -36.56 -47.89 -28.83
C5 NAG K . -36.84 -48.70 -30.11
C6 NAG K . -35.58 -49.11 -30.87
C7 NAG K . -40.18 -48.85 -25.95
C8 NAG K . -41.58 -48.51 -25.56
N2 NAG K . -39.92 -48.77 -27.25
O3 NAG K . -37.50 -47.16 -26.70
O4 NAG K . -36.04 -46.61 -29.19
O5 NAG K . -37.50 -49.93 -29.76
O6 NAG K . -35.87 -49.64 -32.15
O7 NAG K . -39.33 -49.20 -25.14
C1 NAG K . -34.79 -46.23 -28.69
C2 NAG K . -34.37 -44.87 -29.23
C3 NAG K . -33.02 -44.49 -28.64
C4 NAG K . -33.03 -44.60 -27.12
C5 NAG K . -33.50 -45.99 -26.71
C6 NAG K . -33.64 -46.17 -25.22
C7 NAG K . -34.89 -44.21 -31.61
C8 NAG K . -34.57 -44.56 -33.03
N2 NAG K . -34.23 -44.90 -30.68
O3 NAG K . -32.74 -43.15 -29.00
O4 NAG K . -31.72 -44.30 -26.58
O5 NAG K . -34.81 -46.21 -27.26
O6 NAG K . -33.04 -47.40 -24.82
O7 NAG K . -35.73 -43.36 -31.34
C1 MAN K . -31.03 -43.11 -26.84
C2 MAN K . -29.75 -43.15 -26.00
C3 MAN K . -29.41 -41.81 -25.34
C4 MAN K . -29.66 -40.63 -26.28
C5 MAN K . -31.07 -40.63 -26.89
C6 MAN K . -31.07 -40.47 -28.41
O2 MAN K . -28.70 -43.54 -26.87
O3 MAN K . -28.03 -41.77 -24.95
O4 MAN K . -29.49 -39.43 -25.52
O5 MAN K . -31.75 -41.90 -26.56
O6 MAN K . -31.00 -39.10 -28.87
C1 NAG L . -3.60 58.79 41.16
C2 NAG L . -4.23 58.82 42.56
C3 NAG L . -3.80 57.59 43.38
C4 NAG L . -3.97 56.26 42.62
C5 NAG L . -3.37 56.38 41.22
C6 NAG L . -3.76 55.23 40.33
C7 NAG L . -4.71 61.01 43.74
C8 NAG L . -4.10 61.92 44.75
N2 NAG L . -3.88 60.07 43.22
O3 NAG L . -4.57 57.60 44.56
O4 NAG L . -4.10 54.90 43.18
O5 NAG L . -3.88 57.55 40.54
O6 NAG L . -5.19 55.17 40.23
O7 NAG L . -5.88 61.13 43.40
C1 NAG L . -5.04 53.86 43.39
C2 NAG L . -4.53 52.71 44.29
C3 NAG L . -5.64 51.72 44.65
C4 NAG L . -6.98 52.34 45.03
C5 NAG L . -7.32 53.47 44.05
C6 NAG L . -8.52 54.30 44.46
C7 NAG L . -2.20 52.04 43.78
C8 NAG L . -1.54 50.99 44.63
N2 NAG L . -3.52 51.93 43.62
O3 NAG L . -5.14 50.96 45.75
O4 NAG L . -8.00 51.34 45.05
O5 NAG L . -6.21 54.39 43.98
O6 NAG L . -8.55 55.58 43.83
O7 NAG L . -1.56 52.89 43.18
C1 NAG M . -0.45 33.09 10.32
C2 NAG M . 0.19 33.54 9.02
C3 NAG M . 1.60 34.08 9.30
C4 NAG M . 1.56 35.16 10.38
C5 NAG M . 0.81 34.67 11.61
C6 NAG M . 0.58 35.74 12.65
C7 NAG M . -0.11 32.55 6.77
C8 NAG M . 0.18 31.35 5.93
N2 NAG M . 0.19 32.45 8.07
O3 NAG M . 2.18 34.57 8.10
O4 NAG M . 2.91 35.49 10.72
O5 NAG M . -0.49 34.18 11.24
O6 NAG M . 0.34 35.17 13.94
O7 NAG M . -0.58 33.57 6.28
C1 NAG M . 3.35 36.81 10.49
C2 NAG M . 4.76 36.91 11.03
C3 NAG M . 5.38 38.27 10.70
C4 NAG M . 5.26 38.60 9.22
C5 NAG M . 3.82 38.44 8.79
C6 NAG M . 3.64 38.60 7.32
C7 NAG M . 5.62 35.78 13.04
C8 NAG M . 5.63 35.75 14.53
N2 NAG M . 4.81 36.67 12.46
O3 NAG M . 6.73 38.17 11.13
O4 NAG M . 5.67 39.95 8.90
O5 NAG M . 3.34 37.11 9.09
O6 NAG M . 2.31 38.86 7.06
O7 NAG M . 6.33 35.02 12.38
C1 MAN M . 6.95 40.49 9.01
C2 MAN M . 6.93 41.94 8.53
C3 MAN M . 8.12 42.33 7.63
C4 MAN M . 9.45 41.69 8.08
C5 MAN M . 9.31 40.19 8.53
C6 MAN M . 9.65 39.92 9.99
O2 MAN M . 6.83 42.78 9.67
O3 MAN M . 8.31 43.76 7.54
O4 MAN M . 10.35 41.78 6.98
O5 MAN M . 7.95 39.74 8.30
O6 MAN M . 11.01 39.53 10.22
C1 NAG N . 65.83 33.80 -8.09
C2 NAG N . 64.73 34.62 -8.76
C3 NAG N . 64.58 35.95 -8.03
C4 NAG N . 64.29 35.71 -6.56
C5 NAG N . 65.39 34.82 -5.95
C6 NAG N . 65.10 34.41 -4.52
C7 NAG N . 64.14 34.87 -11.15
C8 NAG N . 64.63 35.15 -12.53
N2 NAG N . 65.05 34.77 -10.17
O3 NAG N . 63.57 36.80 -8.58
O4 NAG N . 64.25 36.99 -5.92
O5 NAG N . 65.50 33.60 -6.71
O6 NAG N . 66.20 33.75 -3.91
O7 NAG N . 62.95 34.71 -10.94
C1 NAG N . 63.30 37.32 -4.96
C2 NAG N . 63.72 38.49 -4.07
C3 NAG N . 62.57 38.96 -3.18
C4 NAG N . 61.30 39.21 -4.01
C5 NAG N . 60.99 37.94 -4.78
C6 NAG N . 59.77 38.00 -5.66
C7 NAG N . 65.99 38.92 -3.26
C8 NAG N . 66.76 38.98 -1.97
N2 NAG N . 64.86 38.19 -3.23
O3 NAG N . 63.00 40.13 -2.50
O4 NAG N . 60.21 39.53 -3.14
O5 NAG N . 62.10 37.67 -5.67
O6 NAG N . 60.03 37.42 -6.93
O7 NAG N . 66.37 39.47 -4.30
C1 MAN N . 60.07 40.81 -2.58
C2 MAN N . 58.66 40.94 -2.01
C3 MAN N . 57.89 42.17 -2.58
C4 MAN N . 58.76 43.44 -2.60
C5 MAN N . 60.23 43.21 -3.04
C6 MAN N . 61.25 43.41 -1.93
O2 MAN N . 58.75 40.94 -0.60
O3 MAN N . 56.69 42.41 -1.82
O4 MAN N . 58.17 44.36 -3.53
O5 MAN N . 60.35 41.84 -3.55
O6 MAN N . 62.00 44.63 -2.05
C1 NAG O . 65.11 23.32 30.99
C2 NAG O . 65.91 22.36 31.86
C3 NAG O . 67.40 22.53 31.58
C4 NAG O . 67.70 22.44 30.09
C5 NAG O . 66.83 23.44 29.33
C6 NAG O . 66.99 23.36 27.83
C7 NAG O . 64.98 21.68 34.07
C8 NAG O . 64.83 22.06 35.51
N2 NAG O . 65.65 22.53 33.28
O3 NAG O . 68.13 21.55 32.31
O4 NAG O . 69.08 22.73 29.86
O5 NAG O . 65.43 23.18 29.61
O6 NAG O . 66.62 22.08 27.33
O7 NAG O . 64.53 20.62 33.65
C1 NAG O . 69.37 21.50 28.83
C2 NAG O . 70.76 22.08 28.46
C3 NAG O . 71.80 21.02 28.10
C4 NAG O . 71.65 19.68 28.83
C5 NAG O . 70.18 19.27 28.86
C6 NAG O . 69.92 17.99 29.61
C7 NAG O . 70.94 24.24 27.23
C8 NAG O . 70.55 24.95 25.95
N2 NAG O . 70.60 22.94 27.31
O3 NAG O . 73.08 21.57 28.42
O4 NAG O . 72.42 18.70 28.13
O5 NAG O . 69.44 20.28 29.56
O6 NAG O . 68.52 17.83 29.80
O7 NAG O . 71.53 24.82 28.14
C1 NAG P . 33.76 34.34 12.63
C2 NAG P . 33.31 33.32 13.68
C3 NAG P . 31.95 32.76 13.36
C4 NAG P . 30.99 33.88 12.96
C5 NAG P . 31.60 34.67 11.81
C6 NAG P . 30.72 35.72 11.16
C7 NAG P . 35.23 32.39 14.81
C8 NAG P . 36.57 31.76 14.53
N2 NAG P . 34.32 32.30 13.84
O3 NAG P . 31.52 32.05 14.52
O4 NAG P . 29.77 33.30 12.53
O5 NAG P . 32.78 35.32 12.32
O6 NAG P . 29.85 36.33 12.11
O7 NAG P . 35.01 32.97 15.86
C1 NAG P . 28.61 32.52 13.66
C2 NAG P . 27.19 32.24 13.15
C3 NAG P . 26.22 32.09 14.32
C4 NAG P . 26.83 31.18 15.39
C5 NAG P . 28.18 31.74 15.82
C6 NAG P . 28.85 31.06 16.99
C7 NAG P . 27.39 33.46 11.03
C8 NAG P . 26.56 33.98 9.89
N2 NAG P . 26.79 33.27 12.20
O3 NAG P . 24.95 31.62 13.89
O4 NAG P . 25.95 31.13 16.52
O5 NAG P . 29.04 31.62 14.68
O6 NAG P . 29.10 29.73 16.68
O7 NAG P . 28.58 33.20 10.86
O14 BKR Q . 5.59 -6.40 -2.66
C30 BKR Q . 5.27 -7.47 -2.14
C31 BKR Q . 6.10 -8.70 -2.47
C36 BKR Q . 6.48 -8.87 -3.80
C35 BKR Q . 7.21 -10.00 -4.20
C34 BKR Q . 7.56 -10.95 -3.27
C33 BKR Q . 7.18 -10.80 -1.95
C32 BKR Q . 6.42 -9.71 -1.56
N1 BKR Q . 4.20 -7.54 -1.29
C29 BKR Q . 3.24 -6.44 -1.10
C37 BKR Q . 2.70 -5.87 -2.40
C42 BKR Q . 2.37 -6.69 -3.49
C41 BKR Q . 1.90 -6.15 -4.67
C40 BKR Q . 1.76 -4.78 -4.80
C39 BKR Q . 2.08 -3.95 -3.75
C38 BKR Q . 2.54 -4.49 -2.55
C28 BKR Q . 2.07 -6.82 -0.17
O13 BKR Q . 2.57 -7.35 1.03
C27 BKR Q . 1.17 -5.61 0.12
O12 BKR Q . 1.45 -4.73 0.91
O11 BKR Q . 0.04 -5.66 -0.64
C26 BKR Q . -0.95 -4.56 -0.68
C43 BKR Q . -1.36 -4.44 -2.16
C25 BKR Q . -2.12 -4.82 0.26
C44 BKR Q . -1.83 -5.70 1.47
C24 BKR Q . -3.34 -4.35 -0.05
C45 BKR Q . -3.46 -3.28 -1.16
C47 BKR Q . -4.87 -2.77 -1.51
C46 BKR Q . -2.69 -2.01 -0.70
C1 BKR Q . -2.80 -3.93 -2.42
O1 BKR Q . -2.76 -2.95 -3.47
C21 BKR Q . -4.59 -4.92 0.61
O9 BKR Q . -5.13 -4.05 1.62
C20 BKR Q . -5.70 -5.26 -0.37
O8 BKR Q . -6.76 -4.68 -0.28
C18 BKR Q . -5.47 -6.35 -1.46
C19 BKR Q . -6.70 -6.12 -2.37
C17 BKR Q . -5.58 -7.77 -0.73
O7 BKR Q . -6.57 -7.89 0.30
C16 BKR Q . -5.78 -8.91 -1.72
C15 BKR Q . -4.85 -8.86 -2.90
O6 BKR Q . -5.55 -8.56 -4.14
C14 BKR Q . -4.54 -7.62 -4.53
C11 BKR Q . -3.93 -7.63 -3.12
O4 BKR Q . -2.53 -8.02 -3.28
C12 BKR Q . -1.86 -8.45 -2.20
C13 BKR Q . -0.41 -8.59 -2.50
O5 BKR Q . -2.39 -8.61 -1.13
C10 BKR Q . -4.07 -6.35 -2.25
C2 BKR Q . -3.69 -5.05 -3.09
O2 BKR Q . -2.89 -5.46 -4.25
C3 BKR Q . -3.01 -4.86 -5.45
O3 BKR Q . -3.78 -3.95 -5.66
C4 BKR Q . -2.15 -5.48 -6.51
C9 BKR Q . -1.39 -6.63 -6.28
C8 BKR Q . -0.64 -7.20 -7.29
C7 BKR Q . -0.62 -6.63 -8.56
C6 BKR Q . -1.36 -5.49 -8.80
C5 BKR Q . -2.11 -4.91 -7.79
C1 XLS R . -6.94 -9.10 0.88
C2 XLS R . -7.61 -10.02 1.91
C3 XLS R . -8.91 -10.74 1.57
C4 XLS R . -9.88 -9.98 0.71
C5 XLS R . -9.52 -9.95 -0.76
O2 XLS R . -6.78 -11.10 2.30
O3 XLS R . -9.63 -11.00 2.78
O4 XLS R . -11.15 -10.57 0.97
O5 XLS R . -9.45 -8.61 -1.25
C1 MAN S . -22.29 -8.32 -21.07
C2 MAN S . -22.53 -7.35 -22.20
C3 MAN S . -24.02 -7.21 -22.52
C4 MAN S . -24.92 -7.83 -21.44
C5 MAN S . -24.39 -7.53 -20.02
C6 MAN S . -25.15 -8.27 -18.93
O2 MAN S . -21.78 -7.76 -23.34
O3 MAN S . -24.25 -7.85 -23.78
O4 MAN S . -26.26 -7.34 -21.53
O5 MAN S . -22.96 -7.88 -19.88
O6 MAN S . -26.05 -7.41 -18.25
C1 MAN T . -4.19 -40.37 22.20
C2 MAN T . -4.26 -39.05 22.91
C3 MAN T . -3.30 -37.99 22.30
C4 MAN T . -2.03 -38.56 21.69
C5 MAN T . -2.27 -39.83 20.87
C6 MAN T . -1.55 -41.02 21.42
O2 MAN T . -4.05 -39.30 24.28
O3 MAN T . -2.91 -37.09 23.33
O4 MAN T . -1.44 -37.57 20.85
O5 MAN T . -3.66 -40.17 20.88
O6 MAN T . -0.33 -41.22 20.74
C1 MAN U . -3.69 -35.51 23.14
C2 MAN U . -2.78 -34.56 23.85
C3 MAN U . -2.70 -34.81 25.33
C4 MAN U . -4.06 -34.95 25.95
C5 MAN U . -4.91 -35.95 25.21
C6 MAN U . -6.34 -35.96 25.69
O2 MAN U . -3.22 -33.24 23.64
O3 MAN U . -2.10 -33.67 25.92
O4 MAN U . -3.88 -35.37 27.28
O5 MAN U . -4.96 -35.60 23.79
O6 MAN U . -6.93 -34.66 25.58
C1 MAN V . 1.26 -41.56 21.25
C2 MAN V . 1.31 -41.90 22.73
C3 MAN V . 1.52 -40.74 23.63
C4 MAN V . 2.57 -39.83 23.04
C5 MAN V . 2.06 -39.37 21.70
C6 MAN V . 2.87 -38.29 21.05
O2 MAN V . 2.40 -42.77 22.98
O3 MAN V . 1.90 -41.26 24.91
O4 MAN V . 2.81 -38.68 23.85
O5 MAN V . 2.14 -40.51 20.86
O6 MAN V . 2.64 -38.31 19.63
C1 MAN W . 2.70 -44.18 21.98
C2 MAN W . 4.12 -44.18 21.43
C3 MAN W . 4.25 -45.40 20.59
C4 MAN W . 3.24 -45.35 19.44
C5 MAN W . 1.80 -45.18 19.94
C6 MAN W . 1.23 -46.40 20.65
O2 MAN W . 5.08 -44.13 22.48
O3 MAN W . 4.01 -46.51 21.44
O4 MAN W . 3.55 -44.25 18.58
O5 MAN W . 1.75 -44.09 20.90
O6 MAN W . 0.29 -47.10 19.84
C1 NAG X . -2.26 -32.92 -17.34
C2 NAG X . -0.84 -33.51 -17.31
C3 NAG X . -0.03 -32.83 -16.21
C4 NAG X . -0.01 -31.33 -16.44
C5 NAG X . -1.46 -30.83 -16.41
C6 NAG X . -1.57 -29.35 -16.65
C7 NAG X . -0.85 -35.85 -18.17
C8 NAG X . -0.91 -37.29 -17.76
N2 NAG X . -0.80 -34.95 -17.17
O3 NAG X . 1.28 -33.34 -16.15
O4 NAG X . 0.70 -30.70 -15.38
O5 NAG X . -2.22 -31.51 -17.44
O6 NAG X . -1.72 -29.02 -18.02
O7 NAG X . -0.86 -35.52 -19.35
C1 NAG Y . -3.11 0.74 -17.49
C2 NAG Y . -2.35 -0.51 -17.91
C3 NAG Y . -0.83 -0.36 -17.76
C4 NAG Y . -0.36 0.97 -18.30
C5 NAG Y . -1.10 2.07 -17.55
C6 NAG Y . -0.64 3.48 -17.89
C7 NAG Y . -3.23 -2.74 -17.70
C8 NAG Y . -3.49 -3.89 -16.78
N2 NAG Y . -2.85 -1.62 -17.12
O3 NAG Y . -0.20 -1.42 -18.44
O4 NAG Y . 1.04 1.10 -18.09
O5 NAG Y . -2.50 1.95 -17.90
O6 NAG Y . -1.45 4.06 -18.90
O7 NAG Y . -3.36 -2.83 -18.91
C1 MAN Z . 8.56 -7.86 8.52
C2 MAN Z . 9.09 -9.10 9.19
C3 MAN Z . 10.15 -8.68 10.22
C4 MAN Z . 11.21 -7.81 9.60
C5 MAN Z . 10.60 -6.64 8.87
C6 MAN Z . 11.58 -5.80 8.08
O1 MAN Z . 7.88 -7.03 9.44
O2 MAN Z . 9.46 -10.07 8.20
O3 MAN Z . 10.70 -9.82 10.86
O4 MAN Z . 12.01 -7.31 10.65
O5 MAN Z . 9.65 -7.16 7.92
O6 MAN Z . 11.75 -6.35 6.77
C1 NAG AA . 9.09 -11.58 6.05
C2 NAG AA . 10.38 -11.76 5.26
C3 NAG AA . 11.20 -10.47 5.30
C4 NAG AA . 10.36 -9.30 4.82
C5 NAG AA . 9.05 -9.23 5.61
C6 NAG AA . 8.11 -8.19 5.06
C7 NAG AA . 11.68 -13.76 4.90
C8 NAG AA . 13.10 -14.17 5.19
N2 NAG AA . 11.15 -12.88 5.75
O1 NAG AA . 8.35 -12.76 5.93
O3 NAG AA . 12.37 -10.61 4.51
O4 NAG AA . 11.08 -8.09 5.02
O5 NAG AA . 8.35 -10.49 5.52
O6 NAG AA . 8.23 -8.11 3.65
O7 NAG AA . 11.06 -14.20 3.94
C1 MAN BA . 8.24 -4.60 13.69
C2 MAN BA . 9.34 -3.53 13.56
C3 MAN BA . 10.49 -3.93 14.43
C4 MAN BA . 11.03 -5.27 13.94
C5 MAN BA . 10.02 -6.32 14.24
C6 MAN BA . 10.44 -7.10 15.47
O2 MAN BA . 8.92 -2.20 13.88
O3 MAN BA . 10.05 -3.99 15.80
O4 MAN BA . 11.29 -5.28 12.53
O5 MAN BA . 8.68 -5.71 14.51
O6 MAN BA . 10.59 -6.24 16.61
C1 NAG CA . -1.53 18.10 37.36
C2 NAG CA . -0.02 17.86 37.57
C3 NAG CA . 0.61 19.03 38.30
C4 NAG CA . 0.32 20.33 37.57
C5 NAG CA . -1.19 20.53 37.57
C6 NAG CA . -1.60 21.77 36.82
C7 NAG CA . 0.60 15.46 37.66
C8 NAG CA . 0.74 14.28 38.56
N2 NAG CA . 0.23 16.61 38.25
O3 NAG CA . 2.01 18.82 38.38
O4 NAG CA . 0.98 21.44 38.20
O5 NAG CA . -1.81 19.42 36.88
O6 NAG CA . -3.00 21.77 36.55
O7 NAG CA . 0.80 15.39 36.45
C1 NAG DA . 7.19 -26.61 17.54
C2 NAG DA . 8.59 -26.64 18.16
C3 NAG DA . 9.46 -27.66 17.43
C4 NAG DA . 8.78 -29.02 17.49
C5 NAG DA . 7.40 -28.91 16.85
C6 NAG DA . 6.62 -30.20 16.94
C7 NAG DA . 9.65 -24.85 19.45
C8 NAG DA . 10.27 -25.78 20.47
N2 NAG DA . 9.29 -25.38 18.28
O3 NAG DA . 10.74 -27.68 18.03
O4 NAG DA . 9.55 -30.01 16.81
O5 NAG DA . 6.63 -27.91 17.55
O6 NAG DA . 6.39 -30.49 18.29
O7 NAG DA . 9.48 -23.66 19.70
C1 NAG EA . 7.89 -0.29 2.54
C2 NAG EA . 8.03 -1.54 1.67
C3 NAG EA . 8.58 -2.70 2.49
C4 NAG EA . 9.85 -2.30 3.24
C5 NAG EA . 9.58 -1.04 4.07
C6 NAG EA . 10.81 -0.52 4.77
C7 NAG EA . 6.50 -1.82 -0.27
C8 NAG EA . 5.14 -2.29 -0.71
N2 NAG EA . 6.79 -1.91 1.03
O1 NAG EA . 7.51 0.79 1.75
O3 NAG EA . 8.83 -3.81 1.64
O4 NAG EA . 10.26 -3.36 4.08
O5 NAG EA . 9.10 0.02 3.21
O6 NAG EA . 11.84 -0.15 3.86
O7 NAG EA . 7.31 -1.38 -1.08
C1 NAG FA . -18.94 -16.90 45.16
C2 NAG FA . -17.43 -17.06 45.01
C3 NAG FA . -16.71 -16.32 46.14
C4 NAG FA . -17.19 -14.87 46.24
C5 NAG FA . -18.71 -14.85 46.37
C6 NAG FA . -19.29 -13.45 46.39
C7 NAG FA . -16.54 -19.12 43.93
C8 NAG FA . -16.17 -20.55 44.14
N2 NAG FA . -17.02 -18.45 44.99
O3 NAG FA . -15.31 -16.37 45.91
O4 NAG FA . -16.59 -14.26 47.37
O5 NAG FA . -19.31 -15.54 45.25
O6 NAG FA . -19.01 -12.74 45.18
O7 NAG FA . -16.41 -18.58 42.83
C1 MAN GA . 4.05 -55.49 -4.87
C2 MAN GA . 2.60 -55.24 -4.54
C3 MAN GA . 1.89 -54.35 -5.55
C4 MAN GA . 2.72 -53.18 -5.99
C5 MAN GA . 4.02 -53.73 -6.54
C6 MAN GA . 4.93 -52.65 -7.06
O2 MAN GA . 2.51 -54.74 -3.22
O3 MAN GA . 0.70 -53.85 -4.97
O4 MAN GA . 2.02 -52.42 -7.00
O5 MAN GA . 4.73 -54.40 -5.49
O6 MAN GA . 5.27 -51.81 -5.96
C1 MAN HA . -0.64 -55.21 -5.70
C2 MAN HA . -1.68 -54.24 -5.10
C3 MAN HA . -1.71 -54.33 -3.59
C4 MAN HA . -1.88 -55.77 -3.16
C5 MAN HA . -0.69 -56.60 -3.66
C6 MAN HA . -0.83 -58.05 -3.29
O2 MAN HA . -2.95 -54.50 -5.67
O3 MAN HA . -2.77 -53.55 -3.07
O4 MAN HA . -1.94 -55.85 -1.75
O5 MAN HA . -0.60 -56.52 -5.11
O6 MAN HA . -1.95 -58.66 -3.96
C1 MAN IA . 4.27 -49.82 -6.08
C2 MAN IA . 5.14 -49.99 -4.85
C3 MAN IA . 4.31 -50.19 -3.63
C4 MAN IA . 3.42 -48.98 -3.42
C5 MAN IA . 2.65 -48.59 -4.70
C6 MAN IA . 2.17 -47.15 -4.60
O2 MAN IA . 5.94 -48.82 -4.67
O3 MAN IA . 5.13 -50.38 -2.47
O4 MAN IA . 2.48 -49.26 -2.38
O5 MAN IA . 3.44 -48.67 -5.93
O6 MAN IA . 1.16 -46.81 -5.55
C1 MAN JA . 7.85 -47.41 -3.95
C2 MAN JA . 8.37 -48.03 -5.21
C3 MAN JA . 9.57 -48.87 -4.90
C4 MAN JA . 9.26 -49.96 -3.88
C5 MAN JA . 8.47 -49.42 -2.66
C6 MAN JA . 9.33 -48.74 -1.63
O2 MAN JA . 8.62 -47.01 -6.18
O3 MAN JA . 10.61 -48.04 -4.39
O4 MAN JA . 8.55 -51.03 -4.50
O5 MAN JA . 7.44 -48.46 -3.05
O6 MAN JA . 10.68 -49.18 -1.69
C1 NAG KA . 6.57 -45.74 -44.14
C2 NAG KA . 7.01 -44.33 -43.73
C3 NAG KA . 5.97 -43.65 -42.84
C4 NAG KA . 4.54 -43.80 -43.34
C5 NAG KA . 4.26 -45.22 -43.78
C6 NAG KA . 2.96 -45.35 -44.53
C7 NAG KA . 9.46 -44.15 -43.54
C8 NAG KA . 10.61 -44.32 -42.60
N2 NAG KA . 8.25 -44.26 -42.99
O3 NAG KA . 6.35 -42.29 -42.82
O4 NAG KA . 3.67 -43.45 -42.25
O5 NAG KA . 5.27 -45.65 -44.70
O6 NAG KA . 3.02 -44.68 -45.77
O7 NAG KA . 9.62 -43.98 -44.75
C1 NAG LA . -25.68 -46.09 -52.69
C2 NAG LA . -24.38 -45.28 -52.73
C3 NAG LA . -24.63 -43.84 -52.27
C4 NAG LA . -25.84 -43.22 -52.94
C5 NAG LA . -27.05 -44.12 -52.62
C6 NAG LA . -28.33 -43.58 -53.18
C7 NAG LA . -22.13 -46.26 -52.25
C8 NAG LA . -21.21 -46.60 -51.11
N2 NAG LA . -23.40 -45.96 -51.90
O3 NAG LA . -23.48 -43.04 -52.50
O4 NAG LA . -26.14 -41.93 -52.43
O5 NAG LA . -26.80 -45.40 -53.22
O6 NAG LA . -28.18 -43.49 -54.60
O7 NAG LA . -21.73 -46.28 -53.42
C1 MAN MA . -27.67 -42.49 -22.30
C2 MAN MA . -26.38 -42.96 -21.60
C3 MAN MA . -25.21 -43.10 -22.55
C4 MAN MA . -25.46 -42.27 -23.79
C5 MAN MA . -26.07 -40.96 -23.29
C6 MAN MA . -25.90 -39.80 -24.23
O1 MAN MA . -28.53 -42.35 -21.24
O2 MAN MA . -26.59 -44.17 -20.89
O3 MAN MA . -25.01 -44.46 -22.89
O4 MAN MA . -24.26 -42.05 -24.49
O5 MAN MA . -27.50 -41.26 -23.07
O6 MAN MA . -24.90 -38.92 -23.74
C1 MAN NA . -28.23 -40.50 -19.73
C2 MAN NA . -27.08 -39.64 -19.22
C3 MAN NA . -26.92 -39.75 -17.69
C4 MAN NA . -28.25 -39.71 -16.92
C5 MAN NA . -29.39 -40.49 -17.63
C6 MAN NA . -30.77 -40.20 -17.05
O2 MAN NA . -27.23 -38.30 -19.66
O3 MAN NA . -26.08 -38.68 -17.22
O4 MAN NA . -28.02 -40.32 -15.65
O5 MAN NA . -29.45 -40.20 -19.05
O6 MAN NA . -31.22 -38.84 -17.20
C1 NAG OA . -56.12 -54.66 -4.44
C2 NAG OA . -55.98 -53.24 -3.87
C3 NAG OA . -57.34 -52.69 -3.45
C4 NAG OA . -58.32 -52.81 -4.61
C5 NAG OA . -58.45 -54.29 -4.98
C6 NAG OA . -59.42 -54.50 -6.13
C7 NAG OA . -53.72 -52.85 -2.96
C8 NAG OA . -52.80 -53.02 -1.79
N2 NAG OA . -54.99 -53.24 -2.80
O3 NAG OA . -57.22 -51.32 -3.10
O4 NAG OA . -59.59 -52.28 -4.24
O5 NAG OA . -57.17 -54.82 -5.38
O6 NAG OA . -59.44 -55.88 -6.46
O7 NAG OA . -53.31 -52.36 -4.01
C1 NAG PA . -7.71 -43.24 -10.62
C2 NAG PA . -8.52 -41.94 -10.59
C3 NAG PA . -7.71 -40.82 -11.24
C4 NAG PA . -6.44 -40.61 -10.44
C5 NAG PA . -5.71 -41.93 -10.21
C6 NAG PA . -4.64 -41.81 -9.15
C7 NAG PA . -10.94 -41.81 -10.42
C8 NAG PA . -11.16 -42.69 -9.22
N2 NAG PA . -9.85 -42.05 -11.14
O3 NAG PA . -8.48 -39.64 -11.33
O4 NAG PA . -5.60 -39.68 -11.15
O5 NAG PA . -6.60 -43.00 -9.78
O6 NAG PA . -4.00 -43.05 -8.99
O7 NAG PA . -11.71 -40.90 -10.72
O14 BKR QA . -22.94 -40.40 -35.35
C30 BKR QA . -22.02 -40.82 -34.67
C31 BKR QA . -20.77 -39.97 -34.51
C36 BKR QA . -20.29 -39.34 -35.67
C35 BKR QA . -19.14 -38.57 -35.64
C34 BKR QA . -18.44 -38.41 -34.46
C33 BKR QA . -18.89 -39.04 -33.32
C32 BKR QA . -20.01 -39.84 -33.35
N1 BKR QA . -22.11 -42.04 -34.04
C29 BKR QA . -23.20 -42.99 -34.30
C37 BKR QA . -23.43 -43.27 -35.79
C42 BKR QA . -22.36 -43.40 -36.67
C41 BKR QA . -22.59 -43.63 -38.03
C40 BKR QA . -23.88 -43.72 -38.51
C39 BKR QA . -24.95 -43.59 -37.65
C38 BKR QA . -24.72 -43.38 -36.29
C28 BKR QA . -23.03 -44.33 -33.55
O13 BKR QA . -22.81 -44.07 -32.18
C27 BKR QA . -24.24 -45.25 -33.73
O12 BKR QA . -25.28 -45.11 -33.14
O11 BKR QA . -23.96 -46.21 -34.66
C26 BKR QA . -25.00 -47.16 -35.15
C43 BKR QA . -24.75 -47.28 -36.66
C25 BKR QA . -24.92 -48.49 -34.41
C44 BKR QA . -24.37 -48.45 -33.00
C24 BKR QA . -25.27 -49.62 -35.05
C45 BKR QA . -26.05 -49.51 -36.38
C47 BKR QA . -26.41 -50.83 -37.11
C46 BKR QA . -27.41 -48.83 -36.12
C1 BKR QA . -25.13 -48.63 -37.31
O1 BKR QA . -25.83 -48.38 -38.54
C21 BKR QA . -24.84 -50.98 -34.52
O9 BKR QA . -25.91 -51.69 -33.88
C20 BKR QA . -24.24 -51.90 -35.59
O8 BKR QA . -24.79 -52.94 -35.84
C18 BKR QA . -22.92 -51.48 -36.31
C19 BKR QA . -22.89 -52.50 -37.47
C17 BKR QA . -21.72 -51.75 -35.30
O7 BKR QA . -21.81 -52.92 -34.48
C16 BKR QA . -20.37 -51.77 -36.00
C15 BKR QA . -20.17 -50.63 -36.96
O6 BKR QA . -20.13 -51.08 -38.35
C14 BKR QA . -21.00 -50.00 -38.76
C11 BKR QA . -21.33 -49.66 -37.30
O4 BKR QA . -20.97 -48.27 -37.09
C12 BKR QA . -20.83 -47.82 -35.83
C13 BKR QA . -20.66 -46.34 -35.80
O5 BKR QA . -20.91 -48.55 -34.88
C10 BKR QA . -22.79 -49.95 -36.81
C2 BKR QA . -23.86 -49.39 -37.85
O2 BKR QA . -23.21 -48.39 -38.70
C3 BKR QA . -23.49 -48.28 -40.01
O3 BKR QA . -24.30 -48.97 -40.57
C4 BKR QA . -22.67 -47.23 -40.70
C9 BKR QA . -21.64 -46.55 -40.06
C8 BKR QA . -20.86 -45.63 -40.74
C7 BKR QA . -21.11 -45.36 -42.07
C6 BKR QA . -22.14 -46.02 -42.73
C5 BKR QA . -22.91 -46.94 -42.05
C1 XLS RA . -20.77 -53.40 -33.71
C2 XLS RA . -20.11 -54.27 -32.62
C3 XLS RA . -19.29 -55.50 -33.03
C4 XLS RA . -19.79 -56.28 -34.20
C5 XLS RA . -19.46 -55.65 -35.54
O2 XLS RA . -19.17 -53.55 -31.84
O3 XLS RA . -19.29 -56.44 -31.95
O4 XLS RA . -19.22 -57.58 -34.07
O5 XLS RA . -20.66 -55.46 -36.32
C1 NAG SA . 0.75 71.21 5.91
C2 NAG SA . -0.19 72.23 6.56
C3 NAG SA . -1.01 72.95 5.49
C4 NAG SA . -0.21 73.32 4.25
C5 NAG SA . 0.62 72.12 3.76
C6 NAG SA . 1.50 72.35 2.55
C7 NAG SA . -0.70 71.12 8.69
C8 NAG SA . -1.50 69.97 9.25
N2 NAG SA . -1.06 71.54 7.48
O3 NAG SA . -1.54 74.10 6.13
O4 NAG SA . -1.14 73.70 3.23
O5 NAG SA . 1.49 71.72 4.84
O6 NAG SA . 2.07 73.64 2.53
O7 NAG SA . 0.19 71.65 9.33
C1 NAG TA . -1.50 75.57 3.28
C2 NAG TA . -2.09 76.14 2.00
C3 NAG TA . -2.32 77.64 2.18
C4 NAG TA . -3.12 77.94 3.44
C5 NAG TA . -2.60 77.18 4.66
C6 NAG TA . -3.56 77.23 5.84
C7 NAG TA . -1.28 74.68 0.22
C8 NAG TA . 0.03 74.04 -0.14
N2 NAG TA . -1.21 75.83 0.89
O3 NAG TA . -2.96 78.16 1.01
O4 NAG TA . -3.01 79.34 3.71
O5 NAG TA . -2.41 75.80 4.35
O6 NAG TA . -2.93 77.06 7.13
O7 NAG TA . -2.35 74.17 -0.09
C1 MAN UA . -2.86 81.49 3.01
C2 MAN UA . -4.08 81.39 3.92
C3 MAN UA . -5.29 82.20 3.34
C4 MAN UA . -4.93 82.67 1.95
C5 MAN UA . -4.39 81.50 1.14
C6 MAN UA . -4.16 81.82 -0.31
O2 MAN UA . -3.70 81.69 5.25
O3 MAN UA . -5.74 83.30 4.13
O4 MAN UA . -6.11 83.18 1.36
O5 MAN UA . -3.12 81.06 1.66
O6 MAN UA . -3.53 80.75 -0.98
C1 MAN VA . -1.78 81.17 -1.99
C2 MAN VA . -2.31 79.91 -2.61
C3 MAN VA . -1.28 78.78 -2.62
C4 MAN VA . 0.12 79.05 -2.02
C5 MAN VA . 0.29 80.29 -1.09
C6 MAN VA . 1.24 81.40 -1.61
O2 MAN VA . -2.88 80.22 -3.89
O3 MAN VA . -1.11 78.36 -3.98
O4 MAN VA . 0.43 77.91 -1.22
O5 MAN VA . -1.02 80.86 -0.81
O6 MAN VA . 2.35 80.99 -2.46
C1 MAN WA . -2.92 76.54 -3.12
C2 MAN WA . -2.10 75.67 -4.07
C3 MAN WA . -2.43 75.88 -5.54
C4 MAN WA . -3.91 75.99 -5.76
C5 MAN WA . -4.46 77.09 -4.88
C6 MAN WA . -5.94 77.35 -5.09
O2 MAN WA . -2.29 74.31 -3.71
O3 MAN WA . -1.94 74.78 -6.30
O4 MAN WA . -4.17 76.25 -7.14
O5 MAN WA . -4.28 76.70 -3.50
O6 MAN WA . -6.70 76.12 -5.13
C1 MAN XA . -6.08 81.73 7.09
C2 MAN XA . -5.67 83.17 6.93
C3 MAN XA . -5.77 83.93 8.24
C4 MAN XA . -6.89 83.46 9.20
C5 MAN XA . -7.44 82.03 8.98
C6 MAN XA . -8.88 81.86 9.42
O2 MAN XA . -6.44 83.77 5.89
O3 MAN XA . -5.96 85.30 7.88
O4 MAN XA . -6.39 83.45 10.53
O5 MAN XA . -7.41 81.67 7.61
O6 MAN XA . -9.00 82.01 10.82
C1 MAN YA . -7.78 85.63 5.09
C2 MAN YA . -8.91 85.64 6.15
C3 MAN YA . -10.25 85.17 5.57
C4 MAN YA . -10.56 85.89 4.29
C5 MAN YA . -9.43 85.61 3.29
C6 MAN YA . -9.66 86.26 1.96
O2 MAN YA . -9.03 86.93 6.72
O3 MAN YA . -11.34 85.37 6.47
O4 MAN YA . -11.79 85.38 3.80
O5 MAN YA . -8.18 86.14 3.81
O6 MAN YA . -10.89 85.84 1.41
C1 NAG ZA . 10.62 73.24 35.17
C2 NAG ZA . 11.90 73.73 34.45
C3 NAG ZA . 12.37 72.76 33.36
C4 NAG ZA . 12.27 71.31 33.80
C5 NAG ZA . 10.82 71.06 34.19
C6 NAG ZA . 10.51 69.61 34.50
C7 NAG ZA . 12.54 76.08 34.13
C8 NAG ZA . 12.44 77.27 33.22
N2 NAG ZA . 11.74 75.04 33.85
O3 NAG ZA . 13.71 73.09 33.03
O4 NAG ZA . 12.62 70.44 32.73
O5 NAG ZA . 10.59 71.83 35.39
O6 NAG ZA . 11.55 68.98 35.25
O7 NAG ZA . 13.30 76.05 35.09
C1 NAG AB . 6.86 39.53 36.17
C2 NAG AB . 7.84 40.72 36.12
C3 NAG AB . 9.02 40.39 35.21
C4 NAG AB . 9.58 39.01 35.53
C5 NAG AB . 8.47 37.98 35.31
C6 NAG AB . 8.91 36.56 35.48
C7 NAG AB . 7.26 43.11 36.31
C8 NAG AB . 7.23 44.32 35.43
N2 NAG AB . 7.17 41.93 35.69
O3 NAG AB . 10.01 41.39 35.33
O4 NAG AB . 10.68 38.72 34.68
O5 NAG AB . 7.45 38.24 36.31
O6 NAG AB . 9.65 36.42 36.68
O7 NAG AB . 7.33 43.21 37.53
C1 NAG BB . -9.55 23.04 -16.86
C2 NAG BB . -8.16 23.11 -17.50
C3 NAG BB . -7.86 21.86 -18.30
C4 NAG BB . -8.18 20.59 -17.54
C5 NAG BB . -9.61 20.64 -17.00
C6 NAG BB . -9.98 19.44 -16.14
C7 NAG BB . -7.52 25.46 -17.92
C8 NAG BB . -7.66 26.62 -18.87
N2 NAG BB . -7.99 24.28 -18.35
O3 NAG BB . -6.47 21.90 -18.59
O4 NAG BB . -8.05 19.47 -18.41
O5 NAG BB . -9.75 21.82 -16.17
O6 NAG BB . -11.38 19.46 -15.77
O7 NAG BB . -7.00 25.59 -16.82
C1 NAG CB . 8.57 65.59 -1.44
C2 NAG CB . 8.71 66.83 -2.33
C3 NAG CB . 10.21 67.13 -2.51
C4 NAG CB . 10.81 67.37 -1.13
C5 NAG CB . 10.61 66.13 -0.27
C6 NAG CB . 11.12 66.31 1.15
C7 NAG CB . 6.68 67.09 -3.78
C8 NAG CB . 5.95 67.82 -2.68
N2 NAG CB . 7.97 66.76 -3.59
O3 NAG CB . 10.44 68.25 -3.35
O4 NAG CB . 12.19 67.67 -1.27
O5 NAG CB . 9.21 65.81 -0.19
O6 NAG CB . 11.12 67.68 1.57
O7 NAG CB . 6.10 66.81 -4.83
O14 BKR DB . 11.69 45.57 19.34
C30 BKR DB . 11.12 46.64 19.09
C31 BKR DB . 11.91 47.86 18.68
C36 BKR DB . 13.24 48.03 19.05
C35 BKR DB . 13.94 49.16 18.64
C34 BKR DB . 13.34 50.07 17.80
C33 BKR DB . 12.04 49.88 17.37
C32 BKR DB . 11.34 48.76 17.79
N1 BKR DB . 9.79 46.79 19.17
C29 BKR DB . 8.82 45.70 19.04
C37 BKR DB . 8.48 44.96 20.34
C42 BKR DB . 8.37 45.63 21.55
C41 BKR DB . 8.05 44.94 22.71
C40 BKR DB . 7.84 43.59 22.68
C39 BKR DB . 7.92 42.91 21.49
C38 BKR DB . 8.24 43.59 20.33
C28 BKR DB . 7.56 46.28 18.38
O13 BKR DB . 7.92 46.93 17.18
C27 BKR DB . 6.50 45.22 18.17
O12 BKR DB . 6.73 44.05 17.96
O11 BKR DB . 5.27 45.71 18.40
C26 BKR DB . 4.23 44.74 18.78
C43 BKR DB . 4.30 44.63 20.32
C25 BKR DB . 2.87 45.17 18.25
C44 BKR DB . 2.86 46.08 17.03
C24 BKR DB . 1.78 44.76 18.92
C45 BKR DB . 1.94 43.64 19.98
C47 BKR DB . 0.67 43.15 20.72
C46 BKR DB . 2.48 42.34 19.30
C1 BKR DB . 2.98 44.22 21.01
O1 BKR DB . 3.32 43.17 21.93
C21 BKR DB . 0.44 45.42 18.67
O9 BKR DB . -0.33 44.55 17.84
C20 BKR DB . -0.32 45.85 19.93
O8 BKR DB . -1.44 45.42 20.13
C18 BKR DB . 0.33 46.89 20.89
C19 BKR DB . -0.57 46.82 22.15
C17 BKR DB . 0.06 48.27 20.16
O7 BKR DB . -1.31 48.45 19.82
C16 BKR DB . 0.48 49.52 20.93
C15 BKR DB . 1.61 49.35 21.91
O6 BKR DB . 1.15 49.15 23.28
C14 BKR DB . 2.13 48.12 23.50
C11 BKR DB . 2.40 47.99 21.99
O4 BKR DB . 3.84 48.15 21.84
C12 BKR DB . 4.43 48.41 20.65
C13 BKR DB . 5.92 48.45 20.81
O5 BKR DB . 3.83 48.60 19.63
C10 BKR DB . 1.89 46.74 21.22
C2 BKR DB . 2.42 45.40 21.90
O2 BKR DB . 3.54 45.75 22.79
C3 BKR DB . 3.71 45.14 23.97
O3 BKR DB . 3.01 44.25 24.37
C4 BKR DB . 4.87 45.69 24.75
C9 BKR DB . 5.19 45.11 25.98
C8 BKR DB . 6.25 45.59 26.74
C7 BKR DB . 6.99 46.66 26.29
C6 BKR DB . 6.68 47.24 25.08
C5 BKR DB . 5.62 46.77 24.32
C1 BMA EB . 24.50 29.89 16.02
C2 BMA EB . 24.03 29.31 17.32
C3 BMA EB . 22.68 28.68 17.14
C4 BMA EB . 21.74 29.67 16.49
C5 BMA EB . 22.33 30.22 15.22
C6 BMA EB . 21.44 31.22 14.52
O2 BMA EB . 24.06 30.32 18.30
O3 BMA EB . 22.17 28.23 18.40
O4 BMA EB . 20.56 29.02 16.14
O5 BMA EB . 23.58 30.86 15.56
O6 BMA EB . 22.02 31.58 13.26
C1 MAN FB . 20.68 32.35 12.18
C2 MAN FB . 21.30 32.60 10.84
C3 MAN FB . 22.54 33.41 11.00
C4 MAN FB . 22.27 34.75 11.67
C5 MAN FB . 21.40 34.68 12.95
C6 MAN FB . 20.52 35.93 13.11
O2 MAN FB . 20.39 33.27 9.96
O3 MAN FB . 23.04 33.67 9.69
O4 MAN FB . 23.52 35.31 12.02
O5 MAN FB . 20.44 33.55 12.94
O6 MAN FB . 21.00 36.97 13.99
C1 MAN GB . 23.47 32.88 8.38
C2 MAN GB . 23.69 33.74 7.17
C3 MAN GB . 22.63 33.59 6.12
C4 MAN GB . 22.46 32.13 5.80
C5 MAN GB . 21.95 31.42 7.07
C6 MAN GB . 21.83 29.94 6.88
O2 MAN GB . 24.97 33.45 6.63
O3 MAN GB . 22.99 34.27 4.92
O4 MAN GB . 21.55 31.98 4.69
O5 MAN GB . 22.88 31.58 8.17
O6 MAN GB . 22.80 29.27 7.69
C1 MAN HB . 23.48 27.10 19.29
C2 MAN HB . 22.43 27.30 20.35
C3 MAN HB . 22.97 27.25 21.76
C4 MAN HB . 24.23 26.42 21.96
C5 MAN HB . 25.26 26.48 20.81
C6 MAN HB . 25.50 25.13 20.14
O2 MAN HB . 21.37 26.35 20.15
O3 MAN HB . 21.95 26.70 22.60
O4 MAN HB . 24.86 26.92 23.15
O5 MAN HB . 24.77 27.42 19.81
O6 MAN HB . 26.50 24.29 20.78
C1 MAN IB . 19.53 24.92 21.67
C2 MAN IB . 20.55 23.81 21.63
C3 MAN IB . 20.99 23.50 20.17
C4 MAN IB . 19.79 23.29 19.27
C5 MAN IB . 18.79 24.44 19.41
C6 MAN IB . 17.51 24.19 18.63
O2 MAN IB . 20.03 22.70 22.35
O3 MAN IB . 21.84 22.35 20.10
O4 MAN IB . 20.22 23.21 17.91
O5 MAN IB . 18.43 24.62 20.81
O6 MAN IB . 17.49 24.87 17.37
C1 NAG JB . 52.07 38.16 37.63
C2 NAG JB . 51.29 39.47 37.77
C3 NAG JB . 50.96 40.03 36.39
C4 NAG JB . 52.24 40.21 35.58
C5 NAG JB . 52.94 38.87 35.47
C6 NAG JB . 54.25 38.99 34.73
C7 NAG JB . 50.04 39.36 39.92
C8 NAG JB . 48.81 38.76 40.53
N2 NAG JB . 50.08 39.40 38.58
O3 NAG JB . 50.25 41.25 36.50
O4 NAG JB . 51.94 40.69 34.26
O5 NAG JB . 53.22 38.35 36.80
O6 NAG JB . 55.02 37.80 34.80
O7 NAG JB . 50.95 39.80 40.62
C1 NAG KB . 77.45 34.89 16.62
C2 NAG KB . 76.73 35.64 17.74
C3 NAG KB . 76.62 37.11 17.38
C4 NAG KB . 77.99 37.72 17.10
C5 NAG KB . 78.80 36.81 16.18
C6 NAG KB . 80.25 37.19 16.11
C7 NAG KB . 74.93 35.19 19.35
C8 NAG KB . 73.43 35.24 19.48
N2 NAG KB . 75.42 35.13 18.11
O3 NAG KB . 75.97 37.82 18.42
O4 NAG KB . 77.82 38.94 16.40
O5 NAG KB . 78.75 35.45 16.65
O6 NAG KB . 80.72 37.08 14.77
O7 NAG KB . 75.66 35.21 20.34
C1 NAG LB . 55.16 31.10 -36.80
C2 NAG LB . 55.14 32.63 -36.81
C3 NAG LB . 55.84 33.14 -38.07
C4 NAG LB . 57.18 32.46 -38.31
C5 NAG LB . 57.24 31.03 -37.74
C6 NAG LB . 58.68 30.60 -37.46
C7 NAG LB . 53.21 33.21 -35.46
C8 NAG LB . 51.75 32.90 -35.43
N2 NAG LB . 53.79 33.12 -36.65
O3 NAG LB . 56.03 34.53 -37.89
O4 NAG LB . 57.35 32.43 -39.73
O5 NAG LB . 56.50 30.86 -36.51
O6 NAG LB . 59.26 29.90 -38.56
O7 NAG LB . 53.85 33.51 -34.44
C1 NAG MB . 33.66 43.37 6.13
C2 NAG MB . 33.47 44.84 5.74
C3 NAG MB . 33.08 45.62 6.99
C4 NAG MB . 31.73 45.14 7.52
C5 NAG MB . 31.54 43.64 7.33
C6 NAG MB . 30.71 43.28 6.12
C7 NAG MB . 34.70 45.40 3.67
C8 NAG MB . 36.04 45.76 3.08
N2 NAG MB . 34.61 45.39 5.01
O3 NAG MB . 33.05 47.01 6.73
O4 NAG MB . 31.65 45.43 8.91
O5 NAG MB . 32.81 42.94 7.20
O6 NAG MB . 29.33 43.10 6.47
O7 NAG MB . 33.74 45.14 2.94
O14 BKR NB . 62.21 43.49 6.44
C30 BKR NB . 61.25 43.12 7.12
C31 BKR NB . 59.91 43.79 6.98
C36 BKR NB . 58.84 43.56 7.84
C35 BKR NB . 57.62 44.17 7.64
C34 BKR NB . 57.43 45.02 6.57
C33 BKR NB . 58.47 45.24 5.69
C32 BKR NB . 59.69 44.63 5.89
N1 BKR NB . 61.27 41.94 7.79
C29 BKR NB . 62.05 40.77 7.34
C37 BKR NB . 63.13 40.30 8.31
C42 BKR NB . 62.88 40.12 9.66
C41 BKR NB . 63.88 39.68 10.52
C40 BKR NB . 65.13 39.41 10.03
C39 BKR NB . 65.40 39.57 8.69
C38 BKR NB . 64.40 40.00 7.83
C28 BKR NB . 61.10 39.59 7.02
O13 BKR NB . 59.98 40.04 6.29
C27 BKR NB . 61.82 38.50 6.24
O12 BKR NB . 62.37 38.68 5.18
O11 BKR NB . 61.83 37.34 6.91
C26 BKR NB . 62.67 36.24 6.40
C43 BKR NB . 63.74 35.96 7.48
C25 BKR NB . 61.83 35.03 6.06
C44 BKR NB . 60.36 35.26 5.81
C24 BKR NB . 62.45 33.82 6.07
C45 BKR NB . 64.00 33.80 6.11
C47 BKR NB . 64.70 32.41 6.04
C46 BKR NB . 64.61 34.53 4.88
C1 BKR NB . 64.34 34.54 7.44
O1 BKR NB . 65.76 34.69 7.50
C21 BKR NB . 61.64 32.55 6.08
O9 BKR NB . 61.65 32.06 4.74
C20 BKR NB . 62.09 31.48 7.11
O8 BKR NB . 62.43 30.39 6.72
C18 BKR NB . 62.06 31.79 8.64
C19 BKR NB . 63.02 30.71 9.19
C17 BKR NB . 60.59 31.45 9.12
O7 BKR NB . 60.14 30.17 8.70
C16 BKR NB . 60.42 31.50 10.63
C15 BKR NB . 60.94 32.76 11.26
O6 BKR NB . 61.82 32.50 12.41
C14 BKR NB . 62.96 32.99 11.70
C11 BKR NB . 62.09 33.54 10.57
O4 BKR NB . 61.96 34.97 10.83
C12 BKR NB . 61.04 35.73 10.20
C13 BKR NB . 61.14 37.16 10.60
O5 BKR NB . 60.26 35.29 9.40
C10 BKR NB . 62.47 33.27 9.08
C2 BKR NB . 63.96 33.72 8.75
O2 BKR NB . 64.41 34.61 9.83
C3 BKR NB . 65.62 34.47 10.39
O3 BKR NB . 66.42 33.63 10.05
C4 BKR NB . 65.86 35.45 11.50
C9 BKR NB . 67.08 35.46 12.17
C8 BKR NB . 67.30 36.35 13.20
C7 BKR NB . 66.31 37.23 13.59
C6 BKR NB . 65.10 37.23 12.94
C5 BKR NB . 64.86 36.34 11.90
#